data_6W6I
#
_entry.id   6W6I
#
loop_
_entity.id
_entity.type
_entity.pdbx_description
1 polymer 'Chaperone protein ClpB'
2 polymer Substrate
3 non-polymer 'PHOSPHOTHIOPHOSPHORIC ACID-ADENYLATE ESTER'
4 non-polymer "ADENOSINE-5'-DIPHOSPHATE"
#
loop_
_entity_poly.entity_id
_entity_poly.type
_entity_poly.pdbx_seq_one_letter_code
_entity_poly.pdbx_strand_id
1 'polypeptide(L)'
;MDSFNPTTKTQAALTAALQAASTAGNPEIRPAHLLMALLTQNDGIAAPLLEAVGVEPATVRAETQRLLDRLPQATGASTQ
PQLSRESLAAITTAQQLATELDDEYVSTEHVMVGLATGDSDVAKLLTGHGASPQALREAFVKVRGSARVTSPEPEATYQA
LQKYSTDLTARAREGKLDPVIGRDNEIRRVVQVLSRRTKNNPVLIGEPGVGKTAIVEGLAQRIVAGDVPESLRDKTIVAL
DLGSMVAGSKYRGEFEERLKAVLDDIKNSAGQIITFIDELHTIVGAGATGEGAMDAGNMIKPMLARGELRLVGATTLDEY
RKHIEKDAALERRFQQVYVGEPSVEDTIGILRGLKDRYEVHHGVRITDSALVAAATLSDRYITARFLPDKAIDLVDEAAS
RLRMEIDSRPVEIDEVERLVRRLEIEEMALSKEEDEASAERLAKLRSELADQKEKLAELTTRWQNEKNAIEIVRDLKEQL
EALRGESERAERDGDLAKAAELRYGRIPEVEKKLDAALPQAQAREQVMLKEEVGPDDIADVVSAWTGIPAGRLLEGETAK
LLRMEDELGKRVIGQKAAVTAVSDAVRRSRAGVSDPNRPTGAFMFLGPTGVGKTELAKALADFLFDDERAMVRIDMSEYG
EKHTVARLIGAPPGYVGYEAGGQLTEAVRRRPYTVVLFDEIEKAHPDVFDVLLQVLDEGRLTDGHGRTVDFRNTILILTS
NLGSGGSAEQVLAAVRATFKPEFINRLDDVLIFEGLNPEELVRIVDIQLAQLGKRLAQRRLQLQVSLPAKRWLAQRGFDP
VYGARPLRRLVQQAIGDQLAKMLLAGQVHDGDTVPVNVSPDADSLILG
;
A,B,C,D,E,F
2 'polypeptide(L)'
;(UNK)(UNK)(UNK)(UNK)(UNK)(UNK)(UNK)(UNK)(UNK)(UNK)(UNK)(UNK)(UNK)(UNK)(UNK)(UNK)
(UNK)(UNK)(UNK)(UNK)(UNK)(UNK)(UNK)(UNK)(UNK)(UNK)(UNK)(UNK)(UNK)
;
N
#
# COMPACT_ATOMS: atom_id res chain seq x y z
N GLN A 159 59.74 1.35 -3.21
CA GLN A 159 59.63 2.79 -3.48
C GLN A 159 58.17 3.17 -3.72
N ALA A 160 57.36 2.20 -4.10
CA ALA A 160 55.94 2.45 -4.29
C ALA A 160 55.29 2.93 -3.00
N LEU A 161 55.76 2.44 -1.85
CA LEU A 161 55.29 2.99 -0.58
C LEU A 161 55.63 4.46 -0.44
N GLN A 162 56.85 4.84 -0.82
CA GLN A 162 57.18 6.26 -0.86
C GLN A 162 56.27 7.01 -1.83
N LYS A 163 55.78 6.31 -2.86
CA LYS A 163 55.04 6.96 -3.92
C LYS A 163 53.61 7.25 -3.54
N TYR A 164 52.87 6.21 -3.13
CA TYR A 164 51.42 6.35 -2.98
C TYR A 164 51.01 6.70 -1.55
N SER A 165 51.34 5.85 -0.59
CA SER A 165 50.86 6.10 0.76
C SER A 165 51.66 7.20 1.43
N THR A 166 51.19 7.61 2.60
CA THR A 166 51.88 8.60 3.41
C THR A 166 52.09 8.05 4.82
N ASP A 167 53.27 8.34 5.37
CA ASP A 167 53.69 7.83 6.66
C ASP A 167 52.80 8.40 7.76
N LEU A 168 52.81 7.75 8.91
CA LEU A 168 52.12 8.25 10.09
C LEU A 168 53.06 8.46 11.27
N THR A 169 53.98 7.53 11.51
CA THR A 169 54.92 7.71 12.59
C THR A 169 55.84 8.89 12.34
N ALA A 170 56.23 9.12 11.09
CA ALA A 170 57.03 10.30 10.78
C ALA A 170 56.30 11.57 11.16
N ARG A 171 54.98 11.60 10.98
CA ARG A 171 54.20 12.74 11.43
C ARG A 171 54.14 12.81 12.94
N ALA A 172 54.04 11.66 13.60
CA ALA A 172 53.96 11.65 15.05
C ALA A 172 55.25 12.16 15.67
N ARG A 173 56.39 11.92 15.02
CA ARG A 173 57.67 12.33 15.57
C ARG A 173 57.79 13.84 15.62
N GLU A 174 57.13 14.55 14.70
CA GLU A 174 57.18 16.00 14.65
C GLU A 174 56.02 16.64 15.40
N GLY A 175 55.37 15.91 16.28
CA GLY A 175 54.29 16.47 17.08
C GLY A 175 53.17 17.09 16.29
N LYS A 176 52.89 16.60 15.09
CA LYS A 176 51.81 17.14 14.28
C LYS A 176 50.45 16.59 14.66
N LEU A 177 50.37 15.69 15.64
CA LEU A 177 49.12 15.08 16.05
C LEU A 177 48.76 15.51 17.46
N ASP A 178 47.51 15.32 17.81
CA ASP A 178 47.01 15.87 19.05
C ASP A 178 47.17 14.89 20.21
N PRO A 179 47.11 15.38 21.43
CA PRO A 179 47.03 14.47 22.58
C PRO A 179 45.81 13.58 22.50
N VAL A 180 45.94 12.38 23.06
CA VAL A 180 44.99 11.30 22.86
C VAL A 180 44.44 10.83 24.20
N ILE A 181 44.23 11.78 25.11
CA ILE A 181 43.84 11.51 26.49
C ILE A 181 42.82 10.38 26.58
N GLY A 182 43.08 9.44 27.47
CA GLY A 182 42.14 8.36 27.73
C GLY A 182 42.22 7.24 26.73
N ARG A 183 41.21 6.37 26.79
CA ARG A 183 41.03 5.27 25.85
C ARG A 183 42.24 4.33 25.83
N ASP A 184 42.62 3.88 27.02
CA ASP A 184 43.73 2.95 27.14
C ASP A 184 43.28 1.50 26.99
N ASN A 185 42.07 1.17 27.43
CA ASN A 185 41.56 -0.17 27.28
C ASN A 185 41.54 -0.59 25.81
N GLU A 186 40.99 0.27 24.95
CA GLU A 186 40.90 -0.10 23.54
C GLU A 186 42.27 -0.14 22.88
N ILE A 187 43.20 0.71 23.32
CA ILE A 187 44.53 0.65 22.73
C ILE A 187 45.23 -0.64 23.10
N ARG A 188 45.10 -1.07 24.36
CA ARG A 188 45.67 -2.34 24.75
C ARG A 188 45.02 -3.49 23.97
N ARG A 189 43.70 -3.44 23.82
CA ARG A 189 43.01 -4.46 23.05
C ARG A 189 43.50 -4.50 21.61
N VAL A 190 43.67 -3.34 21.00
CA VAL A 190 44.22 -3.26 19.65
C VAL A 190 45.58 -3.93 19.60
N VAL A 191 46.42 -3.67 20.61
CA VAL A 191 47.77 -4.22 20.57
C VAL A 191 47.75 -5.73 20.69
N GLN A 192 46.96 -6.26 21.63
CA GLN A 192 47.00 -7.70 21.85
C GLN A 192 46.32 -8.45 20.72
N VAL A 193 45.42 -7.78 19.99
CA VAL A 193 44.91 -8.38 18.76
C VAL A 193 45.96 -8.27 17.66
N LEU A 194 46.75 -7.21 17.68
CA LEU A 194 47.70 -6.97 16.61
C LEU A 194 48.91 -7.88 16.69
N SER A 195 49.26 -8.35 17.88
CA SER A 195 50.41 -9.23 18.05
C SER A 195 50.00 -10.68 18.30
N ARG A 196 48.93 -11.12 17.65
CA ARG A 196 48.46 -12.49 17.78
C ARG A 196 49.06 -13.35 16.68
N ARG A 197 48.95 -14.67 16.83
CA ARG A 197 49.55 -15.57 15.86
C ARG A 197 48.82 -15.50 14.52
N THR A 198 47.53 -15.82 14.52
CA THR A 198 46.71 -15.72 13.33
C THR A 198 45.54 -14.78 13.63
N LYS A 199 44.97 -14.21 12.57
CA LYS A 199 43.89 -13.22 12.71
C LYS A 199 44.37 -11.99 13.46
N ASN A 200 45.48 -11.41 13.01
CA ASN A 200 46.05 -10.22 13.63
C ASN A 200 45.59 -8.98 12.86
N ASN A 201 44.28 -8.85 12.73
CA ASN A 201 43.69 -7.75 11.96
C ASN A 201 42.54 -7.14 12.76
N PRO A 202 42.81 -6.14 13.59
CA PRO A 202 41.73 -5.46 14.30
C PRO A 202 41.03 -4.49 13.37
N VAL A 203 39.76 -4.24 13.69
CA VAL A 203 38.97 -3.28 12.95
C VAL A 203 38.15 -2.51 13.99
N LEU A 204 38.15 -1.20 13.88
CA LEU A 204 37.47 -0.36 14.85
C LEU A 204 36.06 -0.08 14.38
N ILE A 205 35.08 -0.34 15.24
CA ILE A 205 33.67 -0.23 14.90
C ILE A 205 32.98 0.66 15.91
N GLY A 206 32.23 1.63 15.43
CA GLY A 206 31.50 2.51 16.31
C GLY A 206 30.86 3.63 15.52
N GLU A 207 29.98 4.36 16.20
CA GLU A 207 29.26 5.44 15.55
C GLU A 207 30.18 6.64 15.35
N PRO A 208 29.91 7.48 14.35
CA PRO A 208 30.90 8.48 13.96
C PRO A 208 31.08 9.55 15.02
N GLY A 209 32.34 9.93 15.25
CA GLY A 209 32.68 10.97 16.20
C GLY A 209 33.24 10.48 17.50
N VAL A 210 33.16 9.17 17.79
CA VAL A 210 33.58 8.69 19.10
C VAL A 210 35.09 8.65 19.24
N GLY A 211 35.83 8.79 18.14
CA GLY A 211 37.27 8.73 18.18
C GLY A 211 37.78 7.39 17.70
N LYS A 212 38.11 7.30 16.44
CA LYS A 212 38.60 6.08 15.85
C LYS A 212 39.90 6.28 15.10
N THR A 213 40.07 7.42 14.45
CA THR A 213 41.40 7.82 14.01
C THR A 213 42.24 8.28 15.18
N ALA A 214 41.58 8.79 16.23
CA ALA A 214 42.31 9.21 17.41
C ALA A 214 43.04 8.05 18.04
N ILE A 215 42.48 6.84 17.98
CA ILE A 215 43.11 5.71 18.63
C ILE A 215 44.37 5.29 17.88
N VAL A 216 44.33 5.34 16.55
CA VAL A 216 45.53 5.02 15.79
C VAL A 216 46.58 6.12 15.96
N GLU A 217 46.15 7.37 16.06
CA GLU A 217 47.11 8.43 16.39
C GLU A 217 47.75 8.18 17.74
N GLY A 218 46.96 7.73 18.72
CA GLY A 218 47.51 7.44 20.03
C GLY A 218 48.49 6.29 20.00
N LEU A 219 48.17 5.24 19.25
CA LEU A 219 49.12 4.14 19.09
C LEU A 219 50.41 4.62 18.43
N ALA A 220 50.30 5.55 17.47
CA ALA A 220 51.50 6.10 16.86
C ALA A 220 52.35 6.83 17.88
N GLN A 221 51.74 7.72 18.66
CA GLN A 221 52.48 8.40 19.73
C GLN A 221 53.13 7.38 20.65
N ARG A 222 52.41 6.31 20.96
CA ARG A 222 52.91 5.31 21.90
C ARG A 222 54.14 4.61 21.35
N ILE A 223 54.10 4.18 20.09
CA ILE A 223 55.26 3.56 19.48
C ILE A 223 56.44 4.52 19.45
N VAL A 224 56.18 5.77 19.10
CA VAL A 224 57.30 6.72 18.98
C VAL A 224 57.94 6.96 20.34
N ALA A 225 57.13 7.07 21.39
CA ALA A 225 57.70 7.27 22.72
C ALA A 225 58.35 6.00 23.25
N GLY A 226 57.91 4.84 22.79
CA GLY A 226 58.47 3.59 23.22
C GLY A 226 57.74 2.90 24.35
N ASP A 227 56.41 2.96 24.38
CA ASP A 227 55.61 2.39 25.45
C ASP A 227 54.84 1.15 25.01
N VAL A 228 55.43 0.32 24.17
CA VAL A 228 54.74 -0.84 23.60
C VAL A 228 55.41 -2.12 24.06
N PRO A 229 54.74 -3.27 23.94
CA PRO A 229 55.43 -4.54 24.21
C PRO A 229 56.53 -4.82 23.21
N GLU A 230 57.16 -5.99 23.36
CA GLU A 230 58.46 -6.24 22.74
C GLU A 230 58.42 -6.08 21.23
N SER A 231 57.64 -6.91 20.55
CA SER A 231 57.68 -6.95 19.09
C SER A 231 56.84 -5.84 18.47
N LEU A 232 57.00 -4.62 18.96
CA LEU A 232 56.37 -3.46 18.34
C LEU A 232 57.28 -2.24 18.38
N ARG A 233 58.59 -2.45 18.39
CA ARG A 233 59.53 -1.34 18.44
C ARG A 233 59.90 -0.95 17.02
N ASP A 234 59.71 0.33 16.69
CA ASP A 234 60.11 0.89 15.40
C ASP A 234 59.42 0.15 14.25
N LYS A 235 58.10 0.32 14.19
CA LYS A 235 57.29 -0.35 13.19
C LYS A 235 56.92 0.53 12.01
N THR A 236 56.82 1.85 12.20
CA THR A 236 56.52 2.78 11.11
C THR A 236 55.16 2.47 10.46
N ILE A 237 54.11 2.72 11.24
CA ILE A 237 52.75 2.63 10.73
C ILE A 237 52.61 3.41 9.44
N VAL A 238 51.98 2.80 8.45
CA VAL A 238 51.78 3.41 7.14
C VAL A 238 50.30 3.37 6.81
N ALA A 239 49.83 4.41 6.11
CA ALA A 239 48.41 4.59 5.82
C ALA A 239 48.23 4.67 4.30
N LEU A 240 47.46 3.73 3.75
CA LEU A 240 47.27 3.62 2.31
C LEU A 240 46.50 4.83 1.76
N ASP A 241 46.44 4.91 0.43
CA ASP A 241 45.61 5.94 -0.22
C ASP A 241 45.12 5.37 -1.56
N LEU A 242 43.96 4.73 -1.51
CA LEU A 242 43.41 4.13 -2.72
C LEU A 242 43.04 5.17 -3.75
N GLY A 243 42.62 6.36 -3.30
CA GLY A 243 42.29 7.42 -4.24
C GLY A 243 43.45 7.75 -5.16
N SER A 244 44.60 8.07 -4.58
CA SER A 244 45.77 8.33 -5.40
C SER A 244 46.31 7.07 -6.05
N MET A 245 45.92 5.90 -5.56
CA MET A 245 46.37 4.68 -6.21
C MET A 245 45.69 4.48 -7.55
N VAL A 246 44.38 4.70 -7.61
CA VAL A 246 43.63 4.59 -8.88
C VAL A 246 43.41 6.01 -9.40
N ALA A 247 44.34 6.48 -10.22
CA ALA A 247 44.28 7.84 -10.74
C ALA A 247 45.27 7.95 -11.88
N GLY A 248 44.80 8.32 -13.06
CA GLY A 248 45.66 8.32 -14.21
C GLY A 248 46.08 6.94 -14.65
N SER A 249 45.45 5.90 -14.12
CA SER A 249 45.74 4.52 -14.50
C SER A 249 44.76 4.06 -15.58
N LYS A 250 44.73 4.80 -16.69
CA LYS A 250 43.73 4.61 -17.72
C LYS A 250 44.04 3.46 -18.67
N TYR A 251 44.94 2.56 -18.29
CA TYR A 251 45.22 1.38 -19.09
C TYR A 251 44.74 0.13 -18.37
N ARG A 252 44.77 -0.99 -19.09
CA ARG A 252 44.07 -2.19 -18.64
C ARG A 252 44.73 -2.89 -17.47
N GLY A 253 46.03 -2.72 -17.27
CA GLY A 253 46.69 -3.49 -16.24
C GLY A 253 47.52 -2.65 -15.27
N GLU A 254 47.04 -1.46 -14.94
CA GLU A 254 47.82 -0.53 -14.14
C GLU A 254 47.46 -0.52 -12.66
N PHE A 255 46.17 -0.49 -12.33
CA PHE A 255 45.82 -0.44 -10.92
C PHE A 255 46.27 -1.71 -10.20
N GLU A 256 46.00 -2.86 -10.79
CA GLU A 256 46.44 -4.10 -10.18
C GLU A 256 47.95 -4.18 -10.11
N GLU A 257 48.65 -3.61 -11.09
CA GLU A 257 50.11 -3.61 -11.04
C GLU A 257 50.63 -2.76 -9.89
N ARG A 258 50.09 -1.55 -9.74
CA ARG A 258 50.51 -0.72 -8.62
C ARG A 258 50.21 -1.38 -7.30
N LEU A 259 49.05 -2.04 -7.19
CA LEU A 259 48.74 -2.75 -5.96
C LEU A 259 49.71 -3.90 -5.74
N LYS A 260 50.14 -4.54 -6.81
CA LYS A 260 51.14 -5.60 -6.69
C LYS A 260 52.45 -5.05 -6.13
N ALA A 261 52.91 -3.92 -6.67
CA ALA A 261 54.16 -3.33 -6.18
C ALA A 261 54.05 -2.97 -4.71
N VAL A 262 52.93 -2.37 -4.32
CA VAL A 262 52.77 -2.00 -2.91
C VAL A 262 52.73 -3.23 -2.02
N LEU A 263 52.01 -4.27 -2.44
CA LEU A 263 51.92 -5.47 -1.63
C LEU A 263 53.26 -6.15 -1.50
N ASP A 264 54.05 -6.14 -2.57
CA ASP A 264 55.38 -6.73 -2.49
C ASP A 264 56.28 -5.94 -1.54
N ASP A 265 56.23 -4.61 -1.62
CA ASP A 265 57.06 -3.83 -0.72
C ASP A 265 56.64 -4.00 0.72
N ILE A 266 55.35 -4.26 0.97
CA ILE A 266 54.94 -4.54 2.34
C ILE A 266 55.39 -5.94 2.75
N LYS A 267 55.44 -6.86 1.79
CA LYS A 267 55.87 -8.22 2.10
C LYS A 267 57.35 -8.27 2.47
N ASN A 268 58.18 -7.50 1.76
CA ASN A 268 59.62 -7.59 1.96
C ASN A 268 60.03 -7.20 3.36
N SER A 269 59.51 -6.08 3.86
CA SER A 269 59.69 -5.76 5.27
C SER A 269 59.06 -6.84 6.12
N ALA A 270 59.89 -7.53 6.92
CA ALA A 270 59.45 -8.74 7.59
C ALA A 270 58.22 -8.49 8.45
N GLY A 271 58.36 -7.70 9.49
CA GLY A 271 57.24 -7.46 10.39
C GLY A 271 57.19 -6.03 10.87
N GLN A 272 57.74 -5.11 10.08
CA GLN A 272 57.76 -3.71 10.49
C GLN A 272 56.44 -3.01 10.14
N ILE A 273 56.10 -2.96 8.85
CA ILE A 273 55.02 -2.10 8.39
C ILE A 273 53.70 -2.53 9.00
N ILE A 274 52.86 -1.55 9.31
CA ILE A 274 51.49 -1.78 9.72
C ILE A 274 50.58 -1.02 8.76
N THR A 275 50.01 -1.71 7.79
CA THR A 275 49.08 -1.08 6.86
C THR A 275 47.86 -0.61 7.62
N PHE A 276 47.40 0.59 7.30
CA PHE A 276 46.30 1.21 8.02
C PHE A 276 45.38 1.86 7.01
N ILE A 277 44.14 1.37 6.93
CA ILE A 277 43.16 1.88 5.99
C ILE A 277 42.03 2.52 6.79
N ASP A 278 41.75 3.78 6.52
CA ASP A 278 40.57 4.44 7.07
C ASP A 278 39.47 4.43 6.03
N GLU A 279 38.23 4.28 6.49
CA GLU A 279 37.12 3.91 5.63
C GLU A 279 37.45 2.61 4.89
N LEU A 280 37.59 1.56 5.69
CA LEU A 280 37.97 0.27 5.17
C LEU A 280 37.04 -0.19 4.08
N HIS A 281 35.74 0.11 4.20
CA HIS A 281 34.74 -0.35 3.25
C HIS A 281 35.03 0.05 1.82
N THR A 282 35.83 1.09 1.59
CA THR A 282 36.13 1.53 0.24
C THR A 282 37.09 0.61 -0.50
N ILE A 283 37.38 -0.58 0.04
CA ILE A 283 38.21 -1.54 -0.69
C ILE A 283 37.38 -2.57 -1.43
N VAL A 284 36.09 -2.68 -1.13
CA VAL A 284 35.29 -3.77 -1.69
C VAL A 284 35.11 -3.59 -3.19
N GLY A 285 35.27 -2.37 -3.69
CA GLY A 285 35.21 -2.13 -5.11
C GLY A 285 36.57 -1.84 -5.69
N ALA A 286 36.81 -0.58 -6.04
CA ALA A 286 38.11 -0.03 -6.40
C ALA A 286 38.70 -0.65 -7.66
N GLY A 287 38.01 -1.58 -8.31
CA GLY A 287 38.61 -2.25 -9.44
C GLY A 287 38.31 -1.59 -10.77
N ALA A 288 37.03 -1.42 -11.07
CA ALA A 288 36.61 -0.81 -12.32
C ALA A 288 35.19 -0.29 -12.21
N ALA A 296 38.54 -6.29 -8.92
CA ALA A 296 39.77 -6.07 -8.18
C ALA A 296 39.48 -5.53 -6.80
N GLY A 297 40.53 -5.07 -6.10
CA GLY A 297 40.41 -4.71 -4.70
C GLY A 297 40.19 -5.94 -3.85
N ASN A 298 40.37 -7.10 -4.48
CA ASN A 298 40.20 -8.39 -3.83
C ASN A 298 41.49 -9.16 -3.74
N MET A 299 42.60 -8.62 -4.23
CA MET A 299 43.89 -9.28 -4.08
C MET A 299 44.45 -9.00 -2.70
N ILE A 300 43.62 -9.22 -1.68
CA ILE A 300 44.06 -9.13 -0.29
C ILE A 300 43.72 -10.37 0.51
N LYS A 301 42.70 -11.13 0.13
CA LYS A 301 42.40 -12.37 0.84
C LYS A 301 43.55 -13.36 0.84
N PRO A 302 44.28 -13.59 -0.27
CA PRO A 302 45.46 -14.45 -0.18
C PRO A 302 46.46 -13.97 0.87
N MET A 303 46.76 -12.67 0.90
CA MET A 303 47.73 -12.16 1.85
C MET A 303 47.25 -12.34 3.28
N LEU A 304 45.99 -11.97 3.56
CA LEU A 304 45.45 -12.15 4.89
C LEU A 304 45.45 -13.63 5.29
N ALA A 305 45.36 -14.53 4.31
CA ALA A 305 45.42 -15.95 4.62
C ALA A 305 46.83 -16.35 5.08
N ARG A 306 47.83 -15.55 4.76
CA ARG A 306 49.21 -15.84 5.13
C ARG A 306 49.70 -14.94 6.25
N GLY A 307 48.82 -14.17 6.88
CA GLY A 307 49.19 -13.34 8.00
C GLY A 307 50.25 -12.31 7.70
N GLU A 308 50.57 -12.09 6.42
CA GLU A 308 51.63 -11.14 6.08
C GLU A 308 51.20 -9.70 6.34
N LEU A 309 49.92 -9.41 6.23
CA LEU A 309 49.44 -8.05 6.43
C LEU A 309 48.88 -7.87 7.84
N ARG A 310 49.07 -6.68 8.39
CA ARG A 310 48.52 -6.37 9.70
C ARG A 310 47.17 -5.69 9.60
N LEU A 311 47.06 -4.68 8.73
CA LEU A 311 45.79 -4.11 8.28
C LEU A 311 44.89 -3.73 9.46
N VAL A 312 45.38 -2.76 10.22
CA VAL A 312 44.50 -2.10 11.19
C VAL A 312 43.52 -1.22 10.44
N GLY A 313 42.24 -1.39 10.72
CA GLY A 313 41.20 -0.73 9.95
C GLY A 313 40.20 -0.03 10.85
N ALA A 314 39.44 0.88 10.25
CA ALA A 314 38.44 1.66 10.96
C ALA A 314 37.30 2.00 10.02
N THR A 315 36.08 1.72 10.45
CA THR A 315 34.88 2.09 9.72
C THR A 315 33.80 2.40 10.72
N THR A 316 32.61 2.75 10.22
CA THR A 316 31.49 3.02 11.10
C THR A 316 30.64 1.78 11.25
N LEU A 317 29.59 1.90 12.04
CA LEU A 317 28.79 0.76 12.44
C LEU A 317 27.97 0.17 11.32
N ASP A 318 27.49 0.98 10.38
CA ASP A 318 26.55 0.50 9.38
C ASP A 318 27.17 0.32 8.00
N GLU A 319 28.16 1.14 7.63
CA GLU A 319 28.89 0.84 6.39
C GLU A 319 29.55 -0.53 6.47
N TYR A 320 29.80 -1.01 7.68
CA TYR A 320 30.25 -2.38 7.87
C TYR A 320 29.29 -3.38 7.24
N ARG A 321 28.05 -3.43 7.75
CA ARG A 321 27.10 -4.38 7.19
C ARG A 321 26.53 -3.93 5.85
N LYS A 322 26.91 -2.76 5.37
CA LYS A 322 26.48 -2.36 4.04
C LYS A 322 27.49 -2.73 2.95
N HIS A 323 28.77 -2.89 3.30
CA HIS A 323 29.76 -3.18 2.27
C HIS A 323 30.69 -4.35 2.56
N ILE A 324 30.77 -4.82 3.80
CA ILE A 324 31.70 -5.89 4.19
C ILE A 324 30.97 -7.18 4.53
N GLU A 325 29.94 -7.10 5.37
CA GLU A 325 29.22 -8.31 5.76
C GLU A 325 28.59 -9.02 4.56
N LYS A 326 28.43 -8.33 3.44
CA LYS A 326 27.95 -8.96 2.21
C LYS A 326 28.99 -9.87 1.57
N ASP A 327 30.18 -9.97 2.14
CA ASP A 327 31.31 -10.70 1.55
C ASP A 327 31.98 -11.57 2.60
N ALA A 328 31.18 -12.36 3.33
CA ALA A 328 31.61 -12.99 4.58
C ALA A 328 32.92 -13.75 4.48
N ALA A 329 33.44 -13.93 3.26
CA ALA A 329 34.81 -14.42 3.12
C ALA A 329 35.81 -13.41 3.66
N LEU A 330 35.48 -12.11 3.59
CA LEU A 330 36.34 -11.08 4.17
C LEU A 330 36.05 -10.90 5.65
N GLU A 331 34.78 -10.72 6.00
CA GLU A 331 34.37 -10.46 7.37
C GLU A 331 34.92 -11.51 8.35
N ARG A 332 35.34 -12.67 7.86
CA ARG A 332 35.98 -13.63 8.73
C ARG A 332 37.37 -13.20 9.15
N ARG A 333 38.10 -12.54 8.25
CA ARG A 333 39.52 -12.25 8.47
C ARG A 333 39.76 -11.07 9.39
N PHE A 334 38.72 -10.46 9.95
CA PHE A 334 38.88 -9.32 10.84
C PHE A 334 38.26 -9.64 12.18
N GLN A 335 38.80 -9.01 13.23
CA GLN A 335 38.27 -9.12 14.58
C GLN A 335 37.75 -7.75 14.98
N GLN A 336 36.47 -7.68 15.33
CA GLN A 336 35.83 -6.40 15.60
C GLN A 336 36.15 -5.92 16.99
N VAL A 337 36.49 -4.63 17.11
CA VAL A 337 36.69 -3.98 18.38
C VAL A 337 35.63 -2.90 18.51
N TYR A 338 34.91 -2.92 19.61
CA TYR A 338 33.78 -2.02 19.82
C TYR A 338 34.25 -0.74 20.49
N VAL A 339 33.85 0.40 19.94
CA VAL A 339 34.28 1.71 20.42
C VAL A 339 33.04 2.50 20.81
N GLY A 340 32.64 2.40 22.07
CA GLY A 340 31.48 3.12 22.55
C GLY A 340 31.82 4.54 22.92
N GLU A 341 30.85 5.43 22.76
CA GLU A 341 31.09 6.84 22.99
C GLU A 341 31.33 7.10 24.48
N PRO A 342 32.19 8.05 24.80
CA PRO A 342 32.54 8.33 26.19
C PRO A 342 31.37 8.99 26.91
N SER A 343 31.52 9.14 28.21
CA SER A 343 30.53 9.82 29.03
C SER A 343 30.95 11.26 29.21
N VAL A 344 30.17 12.00 30.01
CA VAL A 344 30.45 13.41 30.20
C VAL A 344 31.77 13.60 30.95
N GLU A 345 32.08 12.70 31.88
CA GLU A 345 33.34 12.81 32.61
C GLU A 345 34.52 12.64 31.68
N ASP A 346 34.51 11.59 30.87
CA ASP A 346 35.60 11.37 29.93
C ASP A 346 35.68 12.51 28.92
N THR A 347 34.54 13.12 28.59
CA THR A 347 34.56 14.27 27.72
C THR A 347 35.28 15.45 28.37
N ILE A 348 34.92 15.75 29.62
CA ILE A 348 35.66 16.77 30.37
C ILE A 348 37.15 16.46 30.33
N GLY A 349 37.49 15.18 30.51
CA GLY A 349 38.90 14.81 30.51
C GLY A 349 39.59 15.11 29.20
N ILE A 350 38.95 14.77 28.08
CA ILE A 350 39.57 14.99 26.78
C ILE A 350 39.70 16.48 26.51
N LEU A 351 38.73 17.27 26.95
CA LEU A 351 38.82 18.71 26.74
C LEU A 351 39.91 19.34 27.60
N ARG A 352 40.09 18.82 28.82
CA ARG A 352 41.12 19.38 29.68
C ARG A 352 42.51 19.14 29.11
N GLY A 353 42.64 18.24 28.16
CA GLY A 353 43.91 17.98 27.53
C GLY A 353 44.03 18.67 26.20
N LEU A 354 42.91 18.86 25.50
CA LEU A 354 42.97 19.53 24.22
C LEU A 354 42.87 21.05 24.32
N LYS A 355 42.60 21.60 25.50
CA LYS A 355 42.45 23.04 25.64
C LYS A 355 43.64 23.81 25.09
N ASP A 356 44.85 23.35 25.40
CA ASP A 356 46.07 24.08 25.13
C ASP A 356 46.28 24.46 23.68
N ARG A 357 45.84 23.61 22.75
CA ARG A 357 46.08 23.85 21.33
C ARG A 357 45.14 24.90 20.75
N TYR A 358 43.90 24.94 21.21
CA TYR A 358 43.02 26.03 20.80
C TYR A 358 43.38 27.34 21.49
N GLU A 359 43.86 27.29 22.74
CA GLU A 359 44.37 28.51 23.33
C GLU A 359 45.52 29.10 22.54
N VAL A 360 46.24 28.28 21.79
CA VAL A 360 47.37 28.73 21.00
C VAL A 360 46.96 29.17 19.61
N HIS A 361 46.05 28.44 18.96
CA HIS A 361 45.65 28.81 17.61
C HIS A 361 45.04 30.21 17.60
N HIS A 362 44.08 30.46 18.47
CA HIS A 362 43.64 31.83 18.74
C HIS A 362 44.51 32.40 19.85
N GLY A 363 44.10 33.54 20.40
CA GLY A 363 44.89 34.14 21.45
C GLY A 363 44.13 34.40 22.73
N VAL A 364 43.26 33.48 23.13
CA VAL A 364 42.34 33.73 24.24
C VAL A 364 42.61 32.74 25.37
N ARG A 365 41.89 32.95 26.47
CA ARG A 365 41.96 32.07 27.63
C ARG A 365 40.64 31.34 27.79
N ILE A 366 40.70 30.15 28.36
CA ILE A 366 39.55 29.25 28.47
C ILE A 366 39.48 28.78 29.91
N THR A 367 38.48 29.24 30.65
CA THR A 367 38.32 28.82 32.03
C THR A 367 38.01 27.34 32.07
N ASP A 368 37.96 26.80 33.29
CA ASP A 368 37.54 25.41 33.41
C ASP A 368 36.03 25.28 33.48
N SER A 369 35.34 26.33 33.94
CA SER A 369 33.89 26.32 33.87
C SER A 369 33.42 26.22 32.42
N ALA A 370 34.19 26.78 31.49
CA ALA A 370 33.84 26.64 30.08
C ALA A 370 34.01 25.21 29.62
N LEU A 371 35.09 24.54 30.02
CA LEU A 371 35.30 23.17 29.59
C LEU A 371 34.32 22.23 30.27
N VAL A 372 33.70 22.67 31.36
CA VAL A 372 32.63 21.89 31.94
C VAL A 372 31.32 22.12 31.20
N ALA A 373 31.01 23.37 30.89
CA ALA A 373 29.75 23.69 30.23
C ALA A 373 29.70 23.12 28.83
N ALA A 374 30.79 23.24 28.08
CA ALA A 374 30.80 22.76 26.70
C ALA A 374 30.61 21.26 26.60
N ALA A 375 30.58 20.55 27.72
CA ALA A 375 30.22 19.14 27.73
C ALA A 375 28.86 18.88 28.35
N THR A 376 28.54 19.53 29.46
CA THR A 376 27.26 19.26 30.09
C THR A 376 26.09 19.88 29.35
N LEU A 377 26.34 20.87 28.49
CA LEU A 377 25.29 21.53 27.73
C LEU A 377 25.04 20.87 26.39
N SER A 378 26.09 20.56 25.66
CA SER A 378 25.92 19.89 24.37
C SER A 378 25.48 18.45 24.53
N ASP A 379 25.06 18.05 25.72
CA ASP A 379 24.50 16.73 25.94
C ASP A 379 23.00 16.76 26.15
N ARG A 380 22.46 17.87 26.63
CA ARG A 380 21.04 18.00 26.87
C ARG A 380 20.30 18.56 25.66
N TYR A 381 21.01 19.25 24.77
CA TYR A 381 20.38 19.98 23.68
C TYR A 381 20.61 19.36 22.31
N ILE A 382 21.86 19.11 21.94
CA ILE A 382 22.17 18.64 20.58
C ILE A 382 22.08 17.12 20.63
N THR A 383 20.85 16.62 20.50
CA THR A 383 20.65 15.17 20.59
C THR A 383 20.69 14.50 19.22
N ALA A 384 21.71 14.81 18.44
CA ALA A 384 21.89 14.18 17.14
C ALA A 384 23.31 13.80 16.82
N ARG A 385 24.30 14.26 17.57
CA ARG A 385 25.70 13.94 17.35
C ARG A 385 26.26 13.28 18.60
N PHE A 386 27.57 13.04 18.60
CA PHE A 386 28.18 12.25 19.66
C PHE A 386 29.28 13.02 20.37
N LEU A 387 29.57 12.58 21.60
CA LEU A 387 30.15 13.44 22.62
C LEU A 387 31.46 14.10 22.22
N PRO A 388 32.51 13.37 21.86
CA PRO A 388 33.85 13.98 21.86
C PRO A 388 33.98 15.16 20.94
N ASP A 389 33.17 15.27 19.90
CA ASP A 389 33.23 16.45 19.04
C ASP A 389 32.00 17.33 19.09
N LYS A 390 30.82 16.78 19.37
CA LYS A 390 29.69 17.65 19.64
C LYS A 390 29.96 18.54 20.83
N ALA A 391 30.96 18.20 21.65
CA ALA A 391 31.37 19.05 22.76
C ALA A 391 32.59 19.90 22.46
N ILE A 392 33.39 19.54 21.45
CA ILE A 392 34.53 20.36 21.11
C ILE A 392 34.13 21.53 20.23
N ASP A 393 33.14 21.34 19.35
CA ASP A 393 32.81 22.37 18.40
C ASP A 393 32.34 23.65 19.07
N LEU A 394 31.66 23.55 20.20
CA LEU A 394 31.24 24.76 20.91
C LEU A 394 32.45 25.58 21.33
N VAL A 395 33.46 24.92 21.89
CA VAL A 395 34.65 25.64 22.32
C VAL A 395 35.37 26.25 21.12
N ASP A 396 35.51 25.48 20.05
CA ASP A 396 36.24 26.00 18.90
C ASP A 396 35.48 27.10 18.18
N GLU A 397 34.18 27.25 18.42
CA GLU A 397 33.50 28.43 17.90
C GLU A 397 33.61 29.61 18.86
N ALA A 398 33.43 29.36 20.15
CA ALA A 398 33.48 30.45 21.12
C ALA A 398 34.83 31.15 21.06
N ALA A 399 35.90 30.38 20.86
CA ALA A 399 37.22 31.00 20.76
C ALA A 399 37.27 31.99 19.60
N SER A 400 36.81 31.58 18.42
CA SER A 400 36.87 32.45 17.25
C SER A 400 35.97 33.67 17.43
N ARG A 401 34.81 33.49 18.03
CA ARG A 401 33.95 34.63 18.31
C ARG A 401 34.65 35.63 19.22
N LEU A 402 35.29 35.14 20.28
CA LEU A 402 35.98 36.05 21.18
C LEU A 402 37.13 36.74 20.49
N ARG A 403 37.81 36.05 19.58
CA ARG A 403 38.87 36.71 18.82
C ARG A 403 38.30 37.86 18.00
N MET A 404 37.22 37.60 17.26
CA MET A 404 36.56 38.65 16.51
C MET A 404 36.22 39.83 17.41
N GLU A 405 35.68 39.55 18.59
CA GLU A 405 35.30 40.65 19.48
C GLU A 405 36.50 41.46 19.93
N ILE A 406 37.58 40.79 20.36
CA ILE A 406 38.72 41.51 20.89
C ILE A 406 39.44 42.26 19.78
N ASP A 407 39.18 41.90 18.53
CA ASP A 407 39.53 42.76 17.41
C ASP A 407 38.51 43.88 17.32
N SER A 408 38.32 44.47 16.14
CA SER A 408 37.43 45.61 15.97
C SER A 408 36.06 45.37 16.62
N ARG A 409 35.29 46.45 16.78
CA ARG A 409 34.27 46.62 17.81
C ARG A 409 33.49 45.35 18.12
N PRO A 410 33.17 45.12 19.39
CA PRO A 410 32.41 43.93 19.77
C PRO A 410 31.05 43.88 19.13
N VAL A 411 30.40 42.71 19.18
CA VAL A 411 29.04 42.61 18.69
C VAL A 411 28.11 43.38 19.60
N GLU A 412 26.86 43.54 19.15
CA GLU A 412 25.83 44.37 19.78
C GLU A 412 26.16 45.85 19.68
N ILE A 413 27.30 46.15 19.07
CA ILE A 413 27.59 47.50 18.59
C ILE A 413 27.77 47.38 17.09
N ASP A 414 28.27 46.23 16.65
CA ASP A 414 28.39 45.91 15.24
C ASP A 414 27.05 45.59 14.59
N GLU A 415 25.99 45.55 15.39
CA GLU A 415 24.63 45.47 14.86
C GLU A 415 23.96 46.84 14.82
N VAL A 416 24.06 47.62 15.89
CA VAL A 416 23.38 48.91 15.90
C VAL A 416 24.06 49.87 14.94
N GLU A 417 25.38 49.73 14.74
CA GLU A 417 26.03 50.55 13.74
C GLU A 417 25.51 50.27 12.34
N ARG A 418 25.56 49.00 11.92
CA ARG A 418 25.09 48.61 10.59
C ARG A 418 23.60 48.77 10.41
N LEU A 419 22.85 48.91 11.50
CA LEU A 419 21.42 49.13 11.42
C LEU A 419 21.09 50.62 11.34
N VAL A 420 21.78 51.45 12.11
CA VAL A 420 21.59 52.89 12.02
C VAL A 420 22.04 53.40 10.66
N ARG A 421 23.16 52.88 10.14
CA ARG A 421 23.60 53.28 8.81
C ARG A 421 22.54 52.96 7.76
N ARG A 422 21.97 51.76 7.85
CA ARG A 422 21.00 51.34 6.84
C ARG A 422 19.72 52.15 6.93
N LEU A 423 19.25 52.41 8.16
CA LEU A 423 18.09 53.28 8.33
C LEU A 423 18.36 54.67 7.75
N GLU A 424 19.58 55.17 7.92
CA GLU A 424 19.93 56.46 7.33
C GLU A 424 19.85 56.41 5.81
N ILE A 425 20.46 55.39 5.21
CA ILE A 425 20.41 55.27 3.76
C ILE A 425 18.97 55.19 3.27
N GLU A 426 18.09 54.56 4.04
CA GLU A 426 16.67 54.55 3.70
C GLU A 426 16.09 55.96 3.74
N GLU A 427 16.21 56.63 4.88
CA GLU A 427 15.47 57.87 5.09
C GLU A 427 15.97 59.00 4.21
N MET A 428 17.25 58.99 3.82
CA MET A 428 17.78 60.05 2.98
C MET A 428 17.46 59.85 1.50
N ALA A 429 16.62 58.87 1.19
CA ALA A 429 16.18 58.70 -0.19
C ALA A 429 14.67 58.49 -0.24
N LEU A 430 14.06 58.18 0.91
CA LEU A 430 12.61 58.12 0.99
C LEU A 430 11.96 59.49 1.04
N SER A 431 12.64 60.49 1.60
CA SER A 431 12.05 61.81 1.74
C SER A 431 11.69 62.42 0.39
N LYS A 432 12.45 62.12 -0.65
CA LYS A 432 12.19 62.72 -1.97
C LYS A 432 11.20 61.88 -2.77
N GLU A 433 10.06 61.59 -2.15
CA GLU A 433 8.94 60.91 -2.80
C GLU A 433 7.83 61.92 -2.99
N GLU A 434 7.51 62.24 -4.24
CA GLU A 434 6.50 63.23 -4.54
C GLU A 434 5.10 62.66 -4.29
N ASP A 435 4.81 62.32 -3.04
CA ASP A 435 3.55 61.67 -2.71
C ASP A 435 3.11 62.08 -1.31
N GLU A 436 1.91 61.64 -0.94
CA GLU A 436 1.34 61.92 0.36
C GLU A 436 1.13 60.62 1.11
N ALA A 437 0.96 59.52 0.38
CA ALA A 437 0.78 58.23 1.03
C ALA A 437 1.99 57.86 1.87
N SER A 438 3.19 57.98 1.31
CA SER A 438 4.43 57.68 2.01
C SER A 438 4.81 58.76 3.02
N ALA A 439 4.11 59.89 3.02
CA ALA A 439 4.42 60.96 3.97
C ALA A 439 4.16 60.53 5.41
N GLU A 440 3.33 59.52 5.62
CA GLU A 440 3.18 58.94 6.94
C GLU A 440 4.08 57.73 7.15
N ARG A 441 4.65 57.19 6.08
CA ARG A 441 5.68 56.17 6.21
C ARG A 441 7.05 56.78 6.47
N LEU A 442 7.19 58.09 6.29
CA LEU A 442 8.39 58.81 6.66
C LEU A 442 8.31 59.38 8.06
N ALA A 443 7.11 59.64 8.56
CA ALA A 443 6.93 60.18 9.90
C ALA A 443 7.17 59.15 10.98
N LYS A 444 7.66 57.96 10.63
CA LYS A 444 8.04 56.94 11.61
C LYS A 444 9.48 56.48 11.44
N LEU A 445 9.96 56.43 10.19
CA LEU A 445 11.36 56.10 9.95
C LEU A 445 12.28 57.05 10.72
N ARG A 446 11.98 58.36 10.66
CA ARG A 446 12.77 59.33 11.41
C ARG A 446 12.72 59.03 12.90
N SER A 447 11.53 58.69 13.41
CA SER A 447 11.37 58.43 14.84
C SER A 447 12.23 57.26 15.28
N GLU A 448 12.16 56.14 14.55
CA GLU A 448 12.91 54.97 14.97
C GLU A 448 14.40 55.16 14.76
N LEU A 449 14.78 55.86 13.68
CA LEU A 449 16.19 56.17 13.47
C LEU A 449 16.77 56.97 14.63
N ALA A 450 16.01 57.96 15.11
CA ALA A 450 16.46 58.72 16.27
C ALA A 450 16.52 57.86 17.51
N ASP A 451 15.49 57.04 17.73
CA ASP A 451 15.42 56.24 18.95
C ASP A 451 16.51 55.17 18.97
N GLN A 452 17.10 54.88 17.81
CA GLN A 452 18.23 53.94 17.79
C GLN A 452 19.56 54.67 17.85
N LYS A 453 19.63 55.87 17.26
CA LYS A 453 20.81 56.70 17.45
C LYS A 453 21.07 56.92 18.94
N GLU A 454 20.00 57.15 19.70
CA GLU A 454 20.12 57.33 21.14
C GLU A 454 20.79 56.12 21.79
N LYS A 455 20.32 54.92 21.44
CA LYS A 455 20.84 53.71 22.06
C LYS A 455 22.29 53.46 21.68
N LEU A 456 22.63 53.70 20.41
CA LEU A 456 24.01 53.55 19.99
C LEU A 456 24.92 54.50 20.76
N ALA A 457 24.49 55.75 20.91
CA ALA A 457 25.28 56.70 21.69
C ALA A 457 25.48 56.20 23.11
N GLU A 458 24.39 55.80 23.77
CA GLU A 458 24.50 55.34 25.15
C GLU A 458 25.46 54.16 25.28
N LEU A 459 25.35 53.19 24.38
CA LEU A 459 26.17 51.99 24.51
C LEU A 459 27.63 52.28 24.21
N THR A 460 27.90 53.07 23.18
CA THR A 460 29.27 53.46 22.89
C THR A 460 29.87 54.24 24.05
N THR A 461 29.05 54.99 24.78
CA THR A 461 29.56 55.69 25.96
C THR A 461 29.88 54.71 27.07
N ARG A 462 28.98 53.76 27.34
CA ARG A 462 29.25 52.74 28.35
C ARG A 462 30.54 51.99 28.05
N TRP A 463 30.85 51.83 26.76
CA TRP A 463 32.11 51.19 26.38
C TRP A 463 33.29 51.92 27.00
N GLN A 464 33.20 53.25 27.11
CA GLN A 464 34.30 54.02 27.69
C GLN A 464 34.41 53.78 29.19
N ASN A 465 33.27 53.69 29.89
CA ASN A 465 33.29 53.37 31.30
C ASN A 465 33.95 52.01 31.54
N GLU A 466 33.55 51.00 30.76
CA GLU A 466 34.15 49.68 30.93
C GLU A 466 35.62 49.65 30.52
N LYS A 467 36.02 50.45 29.53
CA LYS A 467 37.40 50.49 29.09
C LYS A 467 38.31 51.24 30.05
N ASN A 468 37.77 52.20 30.81
CA ASN A 468 38.57 52.97 31.75
C ASN A 468 38.59 52.37 33.14
N ALA A 469 37.42 52.14 33.72
CA ALA A 469 37.33 51.64 35.10
C ALA A 469 37.94 50.25 35.24
N LYS A 530 35.56 41.35 27.42
CA LYS A 530 36.24 40.42 28.31
C LYS A 530 37.42 39.79 27.58
N GLU A 531 38.18 38.94 28.26
CA GLU A 531 39.37 38.36 27.65
C GLU A 531 39.44 36.84 27.82
N GLU A 532 38.35 36.16 28.13
CA GLU A 532 38.38 34.70 28.16
C GLU A 532 36.99 34.16 27.88
N VAL A 533 36.94 32.99 27.25
CA VAL A 533 35.66 32.38 26.95
C VAL A 533 35.06 31.79 28.22
N GLY A 534 34.12 32.51 28.81
CA GLY A 534 33.54 32.12 30.06
C GLY A 534 32.63 30.92 29.90
N PRO A 535 31.72 30.73 30.86
CA PRO A 535 30.79 29.61 30.77
C PRO A 535 29.56 29.91 29.93
N ASP A 536 29.22 31.18 29.72
CA ASP A 536 27.98 31.51 29.01
C ASP A 536 28.19 31.83 27.54
N ASP A 537 29.42 32.02 27.08
CA ASP A 537 29.61 32.09 25.64
C ASP A 537 29.30 30.76 24.99
N ILE A 538 29.60 29.66 25.66
CA ILE A 538 29.18 28.35 25.19
C ILE A 538 27.67 28.29 25.07
N ALA A 539 26.96 28.83 26.06
CA ALA A 539 25.50 28.84 26.00
C ALA A 539 25.00 29.71 24.85
N ASP A 540 25.68 30.84 24.61
CA ASP A 540 25.32 31.65 23.46
C ASP A 540 25.49 30.89 22.16
N VAL A 541 26.53 30.05 22.07
CA VAL A 541 26.70 29.27 20.85
C VAL A 541 25.62 28.20 20.74
N VAL A 542 25.29 27.56 21.86
CA VAL A 542 24.21 26.57 21.87
C VAL A 542 22.88 27.22 21.50
N SER A 543 22.74 28.51 21.73
CA SER A 543 21.50 29.18 21.35
C SER A 543 21.51 29.64 19.90
N ALA A 544 22.65 30.13 19.40
CA ALA A 544 22.75 30.48 17.99
C ALA A 544 22.52 29.25 17.13
N TRP A 545 23.18 28.16 17.46
CA TRP A 545 22.79 26.85 16.97
C TRP A 545 21.46 26.47 17.61
N THR A 546 20.68 25.66 16.91
CA THR A 546 19.52 25.00 17.50
C THR A 546 18.41 25.95 17.95
N GLY A 547 18.66 27.25 17.92
CA GLY A 547 17.62 28.21 18.23
C GLY A 547 17.11 28.22 19.65
N ILE A 548 17.43 27.22 20.46
CA ILE A 548 16.85 27.15 21.82
C ILE A 548 17.50 28.22 22.69
N PRO A 549 16.73 29.03 23.39
CA PRO A 549 17.34 30.04 24.26
C PRO A 549 17.75 29.42 25.58
N ALA A 550 19.06 29.26 25.78
CA ALA A 550 19.62 28.84 27.05
C ALA A 550 20.73 29.82 27.39
N GLY A 551 20.38 30.94 28.01
CA GLY A 551 21.32 32.00 28.28
C GLY A 551 21.35 32.34 29.75
N ARG A 552 21.29 33.63 30.05
CA ARG A 552 21.36 34.06 31.44
C ARG A 552 20.38 35.19 31.77
N LEU A 553 19.36 35.38 30.93
CA LEU A 553 18.29 36.34 31.23
C LEU A 553 18.85 37.76 31.41
N LEU A 554 19.30 38.34 30.30
CA LEU A 554 20.05 39.58 30.36
C LEU A 554 19.18 40.80 30.66
N GLU A 555 18.43 40.75 31.76
CA GLU A 555 17.86 41.91 32.45
C GLU A 555 16.85 42.70 31.64
N GLY A 556 16.61 42.32 30.39
CA GLY A 556 15.61 42.98 29.58
C GLY A 556 14.48 42.04 29.29
N GLU A 557 14.81 40.75 29.24
CA GLU A 557 13.81 39.71 29.14
C GLU A 557 13.05 39.49 30.42
N THR A 558 13.73 39.61 31.57
CA THR A 558 13.08 39.40 32.86
C THR A 558 11.98 40.42 33.13
N ALA A 559 11.96 41.54 32.40
CA ALA A 559 10.83 42.45 32.49
C ALA A 559 9.65 41.94 31.68
N LYS A 560 9.92 41.43 30.48
CA LYS A 560 8.87 40.80 29.69
C LYS A 560 8.26 39.62 30.43
N LEU A 561 9.09 38.86 31.15
CA LEU A 561 8.58 37.69 31.84
C LEU A 561 7.72 38.04 33.04
N LEU A 562 7.79 39.26 33.54
CA LEU A 562 6.88 39.71 34.57
C LEU A 562 5.68 40.46 34.02
N ARG A 563 5.81 41.04 32.82
CA ARG A 563 4.68 41.63 32.13
C ARG A 563 3.96 40.65 31.21
N MET A 564 4.33 39.37 31.25
CA MET A 564 3.72 38.39 30.35
C MET A 564 2.20 38.42 30.44
N GLU A 565 1.66 38.45 31.66
CA GLU A 565 0.22 38.37 31.79
C GLU A 565 -0.47 39.61 31.24
N ASP A 566 0.03 40.79 31.59
CA ASP A 566 -0.56 42.02 31.07
C ASP A 566 -0.28 42.21 29.59
N GLU A 567 0.66 41.47 29.02
CA GLU A 567 0.91 41.57 27.59
C GLU A 567 0.04 40.62 26.80
N LEU A 568 -0.24 39.45 27.37
CA LEU A 568 -1.26 38.57 26.79
C LEU A 568 -2.63 39.22 26.88
N GLY A 569 -2.95 39.85 28.00
CA GLY A 569 -4.23 40.50 28.18
C GLY A 569 -4.54 41.59 27.18
N LYS A 570 -3.58 41.96 26.34
CA LYS A 570 -3.84 42.89 25.24
C LYS A 570 -4.51 42.20 24.07
N ARG A 571 -4.64 40.88 24.11
CA ARG A 571 -5.25 40.12 23.04
C ARG A 571 -6.30 39.13 23.50
N VAL A 572 -6.19 38.60 24.70
CA VAL A 572 -7.21 37.75 25.30
C VAL A 572 -7.77 38.50 26.51
N ILE A 573 -9.00 38.19 26.89
CA ILE A 573 -9.68 38.90 27.97
C ILE A 573 -10.33 37.88 28.89
N GLY A 574 -10.14 38.05 30.18
CA GLY A 574 -10.62 37.06 31.12
C GLY A 574 -9.78 35.81 31.02
N GLN A 575 -10.33 34.72 31.57
CA GLN A 575 -9.65 33.43 31.61
C GLN A 575 -8.28 33.57 32.27
N LYS A 576 -8.19 34.45 33.27
CA LYS A 576 -6.92 34.67 33.93
C LYS A 576 -6.43 33.42 34.65
N ALA A 577 -7.36 32.58 35.10
CA ALA A 577 -6.97 31.30 35.67
C ALA A 577 -6.23 30.43 34.67
N ALA A 578 -6.40 30.68 33.38
CA ALA A 578 -5.64 29.98 32.35
C ALA A 578 -4.42 30.74 31.89
N VAL A 579 -4.49 32.08 31.87
CA VAL A 579 -3.33 32.87 31.50
C VAL A 579 -2.21 32.66 32.51
N THR A 580 -2.54 32.70 33.80
CA THR A 580 -1.54 32.48 34.83
C THR A 580 -0.89 31.12 34.69
N ALA A 581 -1.65 30.11 34.27
CA ALA A 581 -1.09 28.77 34.16
C ALA A 581 -0.23 28.61 32.92
N VAL A 582 -0.66 29.16 31.79
CA VAL A 582 0.19 29.12 30.60
C VAL A 582 1.49 29.84 30.86
N SER A 583 1.43 31.05 31.41
CA SER A 583 2.62 31.86 31.58
C SER A 583 3.57 31.32 32.63
N ASP A 584 3.06 30.80 33.75
CA ASP A 584 3.92 30.33 34.81
C ASP A 584 4.86 29.21 34.36
N ALA A 585 4.50 28.46 33.34
CA ALA A 585 5.34 27.37 32.87
C ALA A 585 6.44 27.83 31.94
N VAL A 586 6.57 29.14 31.71
CA VAL A 586 7.66 29.66 30.89
C VAL A 586 8.77 30.27 31.75
N ARG A 587 8.41 31.08 32.74
CA ARG A 587 9.42 31.51 33.70
C ARG A 587 9.97 30.31 34.46
N ARG A 588 9.15 29.29 34.70
CA ARG A 588 9.61 28.12 35.42
C ARG A 588 10.70 27.38 34.68
N SER A 589 10.80 27.57 33.36
CA SER A 589 11.87 26.98 32.59
C SER A 589 12.98 27.96 32.27
N ARG A 590 12.69 29.26 32.30
CA ARG A 590 13.77 30.24 32.14
C ARG A 590 14.64 30.29 33.39
N ALA A 591 14.05 30.10 34.56
CA ALA A 591 14.87 30.02 35.76
C ALA A 591 15.55 28.67 35.91
N GLY A 592 15.40 27.76 34.96
CA GLY A 592 16.03 26.45 35.05
C GLY A 592 15.54 25.62 36.22
N VAL A 593 14.24 25.53 36.42
CA VAL A 593 13.68 24.82 37.55
C VAL A 593 12.84 23.62 37.13
N SER A 594 12.29 23.60 35.93
CA SER A 594 11.46 22.48 35.49
C SER A 594 12.33 21.26 35.20
N ASP A 595 11.67 20.13 35.11
CA ASP A 595 12.38 18.87 34.87
C ASP A 595 13.00 18.88 33.49
N PRO A 596 14.24 18.42 33.33
CA PRO A 596 14.92 18.55 32.04
C PRO A 596 14.58 17.50 31.02
N ASN A 597 13.91 16.40 31.40
CA ASN A 597 13.51 15.38 30.43
C ASN A 597 12.00 15.18 30.55
N ARG A 598 11.26 16.06 29.88
CA ARG A 598 9.82 16.13 29.81
C ARG A 598 9.54 17.35 28.94
N PRO A 599 8.39 17.46 28.29
CA PRO A 599 8.08 18.70 27.58
C PRO A 599 8.16 19.90 28.50
N THR A 600 8.28 21.06 27.88
CA THR A 600 8.34 22.29 28.66
C THR A 600 7.05 22.63 29.30
N GLY A 601 6.03 21.79 29.13
CA GLY A 601 4.71 22.03 29.68
C GLY A 601 3.65 21.70 28.66
N ALA A 602 2.70 20.84 29.04
CA ALA A 602 1.71 20.38 28.07
C ALA A 602 0.39 20.19 28.80
N PHE A 603 -0.62 20.99 28.42
CA PHE A 603 -1.90 20.96 29.11
C PHE A 603 -3.01 21.25 28.13
N MET A 604 -4.24 20.91 28.53
CA MET A 604 -5.38 20.91 27.63
C MET A 604 -6.41 21.94 28.06
N PHE A 605 -6.90 22.71 27.09
CA PHE A 605 -7.98 23.66 27.33
C PHE A 605 -9.30 23.03 26.95
N LEU A 606 -10.35 23.34 27.70
CA LEU A 606 -11.67 22.85 27.34
C LEU A 606 -12.73 23.74 27.99
N GLY A 607 -13.77 24.03 27.22
CA GLY A 607 -14.84 24.90 27.67
C GLY A 607 -15.85 25.14 26.56
N PRO A 608 -16.85 25.97 26.80
CA PRO A 608 -17.88 26.21 25.78
C PRO A 608 -17.32 26.85 24.53
N THR A 609 -18.17 27.02 23.52
CA THR A 609 -17.71 27.45 22.20
C THR A 609 -17.46 28.94 22.16
N GLY A 610 -16.52 29.33 21.31
CA GLY A 610 -16.20 30.72 21.06
C GLY A 610 -15.86 31.52 22.29
N VAL A 611 -14.96 31.00 23.12
CA VAL A 611 -14.61 31.66 24.36
C VAL A 611 -13.18 32.19 24.37
N GLY A 612 -12.28 31.61 23.61
CA GLY A 612 -10.93 32.14 23.53
C GLY A 612 -9.88 31.06 23.50
N LYS A 613 -10.30 29.81 23.61
CA LYS A 613 -9.37 28.71 23.83
C LYS A 613 -8.55 28.36 22.62
N THR A 614 -8.73 29.02 21.48
CA THR A 614 -7.80 28.95 20.37
C THR A 614 -7.10 30.26 20.11
N GLU A 615 -7.73 31.38 20.49
CA GLU A 615 -7.05 32.66 20.40
C GLU A 615 -5.90 32.74 21.38
N LEU A 616 -6.02 32.08 22.54
CA LEU A 616 -4.96 32.14 23.52
C LEU A 616 -3.69 31.44 23.03
N ALA A 617 -3.84 30.30 22.36
CA ALA A 617 -2.66 29.62 21.83
C ALA A 617 -1.98 30.46 20.76
N LYS A 618 -2.76 31.15 19.93
CA LYS A 618 -2.15 32.00 18.90
C LYS A 618 -1.56 33.26 19.51
N ALA A 619 -2.12 33.74 20.61
CA ALA A 619 -1.54 34.89 21.29
C ALA A 619 -0.26 34.53 22.02
N LEU A 620 -0.14 33.28 22.47
CA LEU A 620 1.09 32.82 23.11
C LEU A 620 2.16 32.50 22.09
N ALA A 621 1.78 31.96 20.94
CA ALA A 621 2.78 31.68 19.92
C ALA A 621 3.27 32.94 19.22
N ASP A 622 2.64 34.09 19.46
CA ASP A 622 3.12 35.34 18.92
C ASP A 622 3.98 36.11 19.91
N PHE A 623 3.70 35.98 21.21
CA PHE A 623 4.52 36.62 22.22
C PHE A 623 5.93 36.06 22.28
N LEU A 624 6.14 34.86 21.77
CA LEU A 624 7.45 34.22 21.87
C LEU A 624 8.28 34.36 20.61
N PHE A 625 7.66 34.35 19.43
CA PHE A 625 8.40 34.43 18.18
C PHE A 625 8.10 35.67 17.35
N ASP A 626 7.13 36.50 17.75
CA ASP A 626 6.81 37.75 17.07
C ASP A 626 6.24 37.54 15.67
N ASP A 627 5.69 36.36 15.40
CA ASP A 627 4.95 36.12 14.16
C ASP A 627 4.00 34.96 14.36
N GLU A 628 2.70 35.23 14.24
CA GLU A 628 1.68 34.25 14.62
C GLU A 628 1.73 33.01 13.75
N ARG A 629 2.33 33.09 12.57
CA ARG A 629 2.30 31.99 11.61
C ARG A 629 3.34 30.92 11.90
N ALA A 630 4.16 31.07 12.93
CA ALA A 630 5.35 30.21 13.09
C ALA A 630 5.14 29.12 14.12
N MET A 631 3.95 28.55 14.21
CA MET A 631 3.70 27.43 15.11
C MET A 631 3.30 26.22 14.28
N VAL A 632 3.81 25.05 14.67
CA VAL A 632 3.36 23.81 14.06
C VAL A 632 1.96 23.51 14.59
N ARG A 633 1.00 23.46 13.69
CA ARG A 633 -0.41 23.28 14.05
C ARG A 633 -1.00 22.21 13.16
N ILE A 634 -1.66 21.24 13.76
CA ILE A 634 -2.34 20.19 13.02
C ILE A 634 -3.77 20.10 13.54
N ASP A 635 -4.71 19.90 12.63
CA ASP A 635 -6.13 19.88 12.96
C ASP A 635 -6.60 18.45 13.11
N MET A 636 -6.89 18.05 14.34
CA MET A 636 -7.19 16.65 14.62
C MET A 636 -8.57 16.22 14.16
N SER A 637 -9.26 17.03 13.37
CA SER A 637 -10.55 16.62 12.87
C SER A 637 -10.44 15.83 11.57
N GLU A 638 -9.23 15.53 11.12
CA GLU A 638 -9.03 14.69 9.96
C GLU A 638 -8.50 13.31 10.31
N TYR A 639 -7.82 13.16 11.44
CA TYR A 639 -7.29 11.88 11.87
C TYR A 639 -8.38 11.02 12.49
N GLY A 640 -9.30 10.55 11.64
CA GLY A 640 -10.45 9.80 12.10
C GLY A 640 -10.38 8.31 11.97
N GLU A 641 -9.28 7.77 11.43
CA GLU A 641 -9.13 6.34 11.30
C GLU A 641 -7.73 5.91 11.73
N LYS A 642 -7.58 4.60 11.93
CA LYS A 642 -6.29 4.04 12.34
C LYS A 642 -5.17 4.49 11.40
N HIS A 643 -5.33 4.21 10.12
CA HIS A 643 -4.21 4.35 9.19
C HIS A 643 -3.79 5.78 8.96
N THR A 644 -4.57 6.78 9.38
CA THR A 644 -4.15 8.16 9.22
C THR A 644 -3.17 8.59 10.30
N VAL A 645 -2.65 7.65 11.08
CA VAL A 645 -1.54 7.98 11.97
C VAL A 645 -0.26 8.07 11.17
N ALA A 646 -0.14 7.31 10.09
CA ALA A 646 1.04 7.39 9.24
C ALA A 646 1.12 8.75 8.56
N ARG A 647 0.20 9.64 8.88
CA ARG A 647 0.24 10.98 8.30
C ARG A 647 1.21 11.88 9.03
N LEU A 648 1.55 11.56 10.28
CA LEU A 648 2.44 12.39 11.07
C LEU A 648 3.64 11.62 11.59
N ILE A 649 3.93 10.46 11.03
CA ILE A 649 5.02 9.64 11.55
C ILE A 649 5.87 9.12 10.41
N GLY A 650 5.40 9.26 9.18
CA GLY A 650 6.10 8.73 8.03
C GLY A 650 5.56 7.39 7.57
N ALA A 651 6.33 6.76 6.70
CA ALA A 651 5.84 5.43 6.32
C ALA A 651 6.87 4.36 6.64
N PRO A 652 6.43 3.17 7.01
CA PRO A 652 7.37 2.09 7.34
C PRO A 652 8.24 1.74 6.16
N PRO A 653 9.37 1.07 6.39
CA PRO A 653 10.40 0.96 5.34
C PRO A 653 9.90 0.30 4.06
N GLY A 654 10.29 0.88 2.94
CA GLY A 654 10.07 0.27 1.65
C GLY A 654 8.76 0.57 0.95
N TYR A 655 8.06 1.63 1.34
CA TYR A 655 6.71 1.89 0.87
C TYR A 655 6.68 3.19 0.07
N VAL A 656 5.47 3.65 -0.25
CA VAL A 656 5.32 4.68 -1.29
C VAL A 656 5.94 6.00 -0.85
N GLY A 657 5.38 6.62 0.17
CA GLY A 657 5.95 7.87 0.63
C GLY A 657 6.91 7.61 1.76
N TYR A 658 8.18 7.45 1.41
CA TYR A 658 9.23 7.12 2.34
C TYR A 658 10.31 8.18 2.38
N GLU A 659 10.62 8.77 1.24
CA GLU A 659 11.54 9.89 1.17
C GLU A 659 10.94 11.17 1.73
N ALA A 660 9.66 11.16 2.08
CA ALA A 660 9.00 12.36 2.58
C ALA A 660 8.97 12.43 4.10
N GLY A 661 9.25 11.33 4.79
CA GLY A 661 9.26 11.34 6.23
C GLY A 661 7.92 11.72 6.83
N GLY A 662 7.92 12.06 8.12
CA GLY A 662 6.70 12.44 8.79
C GLY A 662 6.29 13.86 8.47
N GLN A 663 5.26 14.31 9.18
CA GLN A 663 4.68 15.63 9.03
C GLN A 663 4.71 16.44 10.30
N LEU A 664 4.50 15.79 11.45
CA LEU A 664 4.76 16.42 12.73
C LEU A 664 6.24 16.31 13.07
N THR A 665 6.87 15.22 12.66
CA THR A 665 8.28 15.00 12.96
C THR A 665 9.17 16.00 12.24
N GLU A 666 9.12 16.03 10.92
CA GLU A 666 10.08 16.81 10.14
C GLU A 666 9.97 18.30 10.37
N ALA A 667 9.04 18.79 11.20
CA ALA A 667 9.01 20.19 11.57
C ALA A 667 9.45 20.44 12.99
N VAL A 668 9.64 19.39 13.79
CA VAL A 668 10.19 19.49 15.12
C VAL A 668 11.54 18.80 15.22
N ARG A 669 12.03 18.22 14.14
CA ARG A 669 13.39 17.73 14.11
C ARG A 669 14.38 18.85 13.86
N ARG A 670 13.92 19.97 13.33
CA ARG A 670 14.75 21.15 13.13
C ARG A 670 14.07 22.34 13.78
N ARG A 671 14.85 23.14 14.49
CA ARG A 671 14.33 24.22 15.30
C ARG A 671 13.27 23.70 16.27
N PRO A 672 13.69 22.99 17.31
CA PRO A 672 12.76 22.40 18.29
C PRO A 672 12.38 23.35 19.41
N TYR A 673 12.06 24.59 19.06
CA TYR A 673 11.55 25.55 20.03
C TYR A 673 10.12 25.93 19.72
N THR A 674 9.50 25.29 18.74
CA THR A 674 8.17 25.69 18.28
C THR A 674 7.12 25.35 19.32
N VAL A 675 5.87 25.63 18.97
CA VAL A 675 4.70 25.37 19.80
C VAL A 675 3.76 24.47 19.02
N VAL A 676 3.33 23.38 19.65
CA VAL A 676 2.53 22.36 18.99
C VAL A 676 1.08 22.52 19.42
N LEU A 677 0.17 22.58 18.46
CA LEU A 677 -1.23 22.80 18.72
C LEU A 677 -2.09 21.73 18.06
N PHE A 678 -2.87 21.01 18.86
CA PHE A 678 -3.81 19.99 18.37
C PHE A 678 -5.22 20.52 18.61
N ASP A 679 -5.88 21.01 17.57
CA ASP A 679 -7.26 21.45 17.73
C ASP A 679 -8.20 20.26 17.70
N GLU A 680 -9.24 20.31 18.53
CA GLU A 680 -10.29 19.30 18.58
C GLU A 680 -9.70 17.90 18.68
N ILE A 681 -9.03 17.65 19.80
CA ILE A 681 -8.38 16.36 19.99
C ILE A 681 -9.40 15.24 20.07
N GLU A 682 -10.62 15.55 20.52
CA GLU A 682 -11.59 14.48 20.71
C GLU A 682 -12.26 14.06 19.41
N LYS A 683 -12.00 14.79 18.32
CA LYS A 683 -12.50 14.37 17.02
C LYS A 683 -11.70 13.22 16.43
N ALA A 684 -10.54 12.91 16.99
CA ALA A 684 -9.70 11.86 16.44
C ALA A 684 -10.29 10.50 16.78
N HIS A 685 -9.53 9.47 16.46
CA HIS A 685 -9.71 8.04 16.67
C HIS A 685 -8.87 7.60 17.85
N PRO A 686 -9.42 6.88 18.82
CA PRO A 686 -8.69 6.72 20.09
C PRO A 686 -7.51 5.78 19.97
N ASP A 687 -6.78 5.90 18.87
CA ASP A 687 -5.50 5.24 18.69
C ASP A 687 -4.40 6.24 18.34
N VAL A 688 -4.75 7.41 17.81
CA VAL A 688 -3.81 8.53 17.77
C VAL A 688 -3.46 9.00 19.17
N PHE A 689 -4.35 8.78 20.15
CA PHE A 689 -4.06 9.15 21.52
C PHE A 689 -2.85 8.43 22.06
N ASP A 690 -2.46 7.32 21.47
CA ASP A 690 -1.39 6.51 22.03
C ASP A 690 -0.04 6.78 21.39
N VAL A 691 0.05 7.74 20.50
CA VAL A 691 1.36 8.29 20.15
C VAL A 691 1.73 9.41 21.12
N LEU A 692 0.75 10.22 21.49
CA LEU A 692 1.00 11.24 22.49
C LEU A 692 1.27 10.65 23.88
N LEU A 693 1.09 9.35 24.07
CA LEU A 693 1.50 8.76 25.34
C LEU A 693 3.00 8.86 25.52
N GLN A 694 3.79 8.41 24.55
CA GLN A 694 5.22 8.58 24.66
C GLN A 694 5.68 9.95 24.22
N VAL A 695 4.83 10.74 23.57
CA VAL A 695 5.19 12.15 23.39
C VAL A 695 5.19 12.88 24.72
N LEU A 696 4.12 12.78 25.48
CA LEU A 696 4.05 13.38 26.80
C LEU A 696 4.86 12.56 27.80
N ASP A 697 5.40 13.27 28.79
CA ASP A 697 6.02 12.66 29.97
C ASP A 697 7.25 11.83 29.63
N GLU A 698 7.61 11.74 28.37
CA GLU A 698 8.94 11.25 28.05
C GLU A 698 9.62 12.10 27.00
N GLY A 699 8.87 12.78 26.16
CA GLY A 699 9.43 13.81 25.30
C GLY A 699 10.03 13.34 24.01
N ARG A 700 9.86 12.09 23.62
CA ARG A 700 10.44 11.65 22.36
C ARG A 700 9.50 10.67 21.68
N LEU A 701 9.59 10.61 20.34
CA LEU A 701 8.94 9.61 19.54
C LEU A 701 9.77 9.34 18.30
N THR A 702 9.57 8.16 17.71
CA THR A 702 10.41 7.69 16.62
C THR A 702 9.59 7.61 15.34
N ASP A 703 10.04 8.30 14.30
CA ASP A 703 9.32 8.28 13.03
C ASP A 703 9.61 6.97 12.31
N GLY A 704 9.19 6.88 11.05
CA GLY A 704 9.39 5.65 10.30
C GLY A 704 10.85 5.32 10.05
N HIS A 705 11.66 6.33 9.74
CA HIS A 705 13.07 6.16 9.46
C HIS A 705 13.86 5.61 10.64
N GLY A 706 13.26 5.53 11.82
CA GLY A 706 13.97 5.10 13.01
C GLY A 706 14.56 6.22 13.82
N ARG A 707 14.71 7.41 13.25
CA ARG A 707 15.23 8.55 13.98
C ARG A 707 14.30 8.88 15.15
N THR A 708 14.87 9.52 16.17
CA THR A 708 14.14 9.86 17.40
C THR A 708 14.22 11.37 17.58
N VAL A 709 13.10 12.05 17.33
CA VAL A 709 13.05 13.47 17.62
C VAL A 709 12.66 13.66 19.08
N ASP A 710 13.07 14.78 19.67
CA ASP A 710 12.86 15.03 21.08
C ASP A 710 11.99 16.27 21.25
N PHE A 711 10.98 16.16 22.11
CA PHE A 711 10.07 17.26 22.38
C PHE A 711 10.33 17.89 23.74
N ARG A 712 11.59 18.01 24.14
CA ARG A 712 11.93 18.49 25.46
C ARG A 712 12.01 20.01 25.53
N ASN A 713 11.57 20.70 24.48
CA ASN A 713 11.56 22.16 24.51
C ASN A 713 10.29 22.77 23.92
N THR A 714 9.34 21.96 23.48
CA THR A 714 8.11 22.46 22.92
C THR A 714 7.05 22.60 23.99
N ILE A 715 5.97 23.30 23.65
CA ILE A 715 4.85 23.52 24.54
C ILE A 715 3.62 22.98 23.82
N LEU A 716 3.13 21.83 24.26
CA LEU A 716 1.98 21.21 23.60
C LEU A 716 0.69 21.80 24.15
N ILE A 717 -0.29 21.98 23.27
CA ILE A 717 -1.57 22.54 23.68
C ILE A 717 -2.68 21.79 22.96
N LEU A 718 -3.67 21.32 23.72
CA LEU A 718 -4.78 20.57 23.18
C LEU A 718 -6.06 21.34 23.48
N THR A 719 -6.89 21.55 22.47
CA THR A 719 -8.17 22.20 22.67
C THR A 719 -9.29 21.18 22.43
N SER A 720 -10.46 21.49 22.95
CA SER A 720 -11.59 20.58 22.84
C SER A 720 -12.86 21.33 23.19
N ASN A 721 -13.98 20.61 23.16
CA ASN A 721 -15.28 21.18 23.47
C ASN A 721 -16.12 20.21 24.28
N LEU A 722 -15.49 19.40 25.12
CA LEU A 722 -16.21 18.34 25.81
C LEU A 722 -17.22 18.90 26.79
N GLY A 723 -18.40 18.28 26.83
CA GLY A 723 -19.45 18.68 27.73
C GLY A 723 -20.21 19.89 27.23
N SER A 724 -19.65 21.08 27.42
CA SER A 724 -20.17 22.33 26.89
C SER A 724 -21.56 22.68 27.42
N GLY A 725 -22.14 21.81 28.26
CA GLY A 725 -23.45 22.07 28.79
C GLY A 725 -23.54 21.94 30.29
N GLY A 726 -22.58 21.25 30.89
CA GLY A 726 -22.55 21.06 32.32
C GLY A 726 -21.74 22.15 33.01
N SER A 727 -22.04 22.38 34.28
CA SER A 727 -21.30 23.39 35.01
C SER A 727 -19.83 23.02 35.16
N ALA A 728 -19.54 22.03 35.99
CA ALA A 728 -18.18 21.56 36.19
C ALA A 728 -18.05 20.06 36.34
N GLU A 729 -19.13 19.33 36.58
CA GLU A 729 -19.08 17.89 36.71
C GLU A 729 -19.21 17.17 35.38
N GLN A 730 -20.03 17.69 34.47
CA GLN A 730 -20.19 17.03 33.18
C GLN A 730 -18.91 17.06 32.37
N VAL A 731 -18.18 18.16 32.41
CA VAL A 731 -16.94 18.23 31.64
C VAL A 731 -15.95 17.18 32.13
N LEU A 732 -15.77 17.08 33.44
CA LEU A 732 -14.85 16.08 33.97
C LEU A 732 -15.34 14.67 33.72
N ALA A 733 -16.64 14.43 33.84
CA ALA A 733 -17.17 13.10 33.58
C ALA A 733 -16.95 12.70 32.12
N ALA A 734 -17.23 13.62 31.20
CA ALA A 734 -17.03 13.33 29.79
C ALA A 734 -15.56 13.12 29.47
N VAL A 735 -14.67 13.87 30.14
CA VAL A 735 -13.24 13.69 29.91
C VAL A 735 -12.81 12.31 30.38
N ARG A 736 -13.24 11.92 31.57
CA ARG A 736 -12.90 10.59 32.09
C ARG A 736 -13.53 9.49 31.26
N ALA A 737 -14.64 9.76 30.58
CA ALA A 737 -15.26 8.74 29.75
C ALA A 737 -14.67 8.67 28.36
N THR A 738 -14.06 9.75 27.88
CA THR A 738 -13.51 9.76 26.53
C THR A 738 -12.02 9.52 26.46
N PHE A 739 -11.28 9.76 27.53
CA PHE A 739 -9.84 9.56 27.54
C PHE A 739 -9.47 8.45 28.52
N LYS A 740 -8.24 7.99 28.43
CA LYS A 740 -7.75 6.98 29.35
C LYS A 740 -7.21 7.64 30.61
N PRO A 741 -7.23 6.93 31.74
CA PRO A 741 -6.59 7.45 32.94
C PRO A 741 -5.10 7.72 32.75
N GLU A 742 -4.40 6.82 32.07
CA GLU A 742 -3.01 7.09 31.83
C GLU A 742 -2.79 8.13 30.84
N PHE A 743 -3.82 8.74 30.26
CA PHE A 743 -3.66 9.88 29.39
C PHE A 743 -4.02 11.19 30.08
N ILE A 744 -5.06 11.19 30.91
CA ILE A 744 -5.33 12.41 31.67
C ILE A 744 -4.34 12.56 32.81
N ASN A 745 -3.62 11.50 33.15
CA ASN A 745 -2.66 11.58 34.24
C ASN A 745 -1.32 12.16 33.80
N ARG A 746 -1.05 12.22 32.51
CA ARG A 746 0.22 12.72 32.01
C ARG A 746 0.28 14.23 31.93
N LEU A 747 -0.86 14.89 31.69
CA LEU A 747 -0.87 16.32 31.42
C LEU A 747 -0.60 17.11 32.69
N ASP A 748 -0.30 18.38 32.52
CA ASP A 748 -0.37 19.35 33.61
C ASP A 748 -1.85 19.70 33.79
N ASP A 749 -2.11 20.79 34.51
CA ASP A 749 -3.49 21.14 34.85
C ASP A 749 -4.37 21.18 33.61
N VAL A 750 -5.57 20.62 33.74
CA VAL A 750 -6.56 20.59 32.68
C VAL A 750 -7.48 21.79 32.90
N LEU A 751 -7.19 22.89 32.23
CA LEU A 751 -7.85 24.15 32.54
C LEU A 751 -9.27 24.16 32.00
N ILE A 752 -10.12 24.96 32.63
CA ILE A 752 -11.49 25.19 32.18
C ILE A 752 -11.64 26.67 31.88
N PHE A 753 -12.23 26.99 30.74
CA PHE A 753 -12.55 28.36 30.41
C PHE A 753 -13.98 28.66 30.86
N GLU A 754 -14.22 29.91 31.22
CA GLU A 754 -15.48 30.23 31.89
C GLU A 754 -16.60 30.54 30.92
N GLY A 755 -16.45 31.57 30.10
CA GLY A 755 -17.55 32.07 29.31
C GLY A 755 -17.75 33.54 29.57
N LEU A 756 -17.91 34.32 28.51
CA LEU A 756 -17.85 35.76 28.61
C LEU A 756 -19.08 36.32 29.31
N ASN A 757 -18.87 37.41 30.04
CA ASN A 757 -19.90 38.12 30.77
C ASN A 757 -20.28 39.40 30.04
N PRO A 758 -21.50 39.92 30.26
CA PRO A 758 -21.89 41.16 29.59
C PRO A 758 -20.90 42.29 29.80
N GLU A 759 -20.29 42.36 30.96
CA GLU A 759 -19.25 43.36 31.19
C GLU A 759 -18.03 43.12 30.31
N GLU A 760 -17.69 41.87 30.02
CA GLU A 760 -16.46 41.54 29.33
C GLU A 760 -16.55 41.66 27.83
N LEU A 761 -17.59 42.29 27.30
CA LEU A 761 -17.70 42.44 25.86
C LEU A 761 -17.37 43.83 25.35
N VAL A 762 -17.37 44.86 26.20
CA VAL A 762 -16.94 46.16 25.73
C VAL A 762 -15.44 46.14 25.42
N ARG A 763 -14.68 45.44 26.25
CA ARG A 763 -13.25 45.25 26.00
C ARG A 763 -12.98 44.38 24.79
N ILE A 764 -13.99 43.69 24.26
CA ILE A 764 -13.81 43.02 22.99
C ILE A 764 -14.28 43.89 21.84
N VAL A 765 -15.31 44.72 22.08
CA VAL A 765 -15.81 45.60 21.04
C VAL A 765 -14.74 46.58 20.60
N ASP A 766 -14.05 47.18 21.57
CA ASP A 766 -13.01 48.12 21.18
C ASP A 766 -11.85 47.43 20.48
N ILE A 767 -11.55 46.18 20.87
CA ILE A 767 -10.53 45.41 20.16
C ILE A 767 -10.93 45.21 18.71
N GLN A 768 -12.15 44.73 18.48
CA GLN A 768 -12.61 44.47 17.13
C GLN A 768 -12.61 45.75 16.29
N LEU A 769 -13.04 46.86 16.89
CA LEU A 769 -13.08 48.11 16.14
C LEU A 769 -11.68 48.59 15.80
N ALA A 770 -10.73 48.43 16.72
CA ALA A 770 -9.35 48.79 16.41
C ALA A 770 -8.80 47.93 15.28
N GLN A 771 -9.09 46.63 15.33
CA GLN A 771 -8.62 45.73 14.27
C GLN A 771 -9.22 46.13 12.93
N LEU A 772 -10.51 46.43 12.89
CA LEU A 772 -11.16 46.83 11.66
C LEU A 772 -10.59 48.13 11.14
N GLY A 773 -10.33 49.09 12.04
CA GLY A 773 -9.73 50.34 11.62
C GLY A 773 -8.35 50.13 11.03
N LYS A 774 -7.57 49.25 11.64
CA LYS A 774 -6.27 48.89 11.07
C LYS A 774 -6.42 48.26 9.70
N ARG A 775 -7.46 47.47 9.49
CA ARG A 775 -7.71 46.93 8.15
C ARG A 775 -8.00 48.03 7.15
N LEU A 776 -9.07 48.79 7.38
CA LEU A 776 -9.35 49.94 6.51
C LEU A 776 -8.54 51.16 6.93
N ALA A 777 -7.25 50.94 7.13
CA ALA A 777 -6.28 52.01 7.24
C ALA A 777 -5.33 52.02 6.05
N GLN A 778 -5.42 51.03 5.18
CA GLN A 778 -4.66 51.00 3.95
C GLN A 778 -5.22 51.96 2.93
N ARG A 779 -6.34 52.59 3.24
CA ARG A 779 -6.82 53.69 2.40
C ARG A 779 -7.07 54.95 3.21
N ARG A 780 -6.48 55.08 4.40
CA ARG A 780 -6.63 56.27 5.24
C ARG A 780 -8.09 56.61 5.45
N LEU A 781 -8.79 55.69 6.09
CA LEU A 781 -10.25 55.77 6.17
C LEU A 781 -10.67 55.45 7.60
N GLN A 782 -9.93 55.96 8.57
CA GLN A 782 -10.17 55.60 9.97
C GLN A 782 -11.55 56.04 10.42
N LEU A 783 -12.20 55.17 11.18
CA LEU A 783 -13.53 55.42 11.69
C LEU A 783 -13.49 56.44 12.82
N GLN A 784 -14.66 56.76 13.35
CA GLN A 784 -14.78 57.64 14.52
C GLN A 784 -16.06 57.25 15.24
N VAL A 785 -15.92 56.35 16.22
CA VAL A 785 -17.05 55.63 16.80
C VAL A 785 -17.49 56.34 18.06
N SER A 786 -18.80 56.46 18.25
CA SER A 786 -19.38 57.11 19.41
C SER A 786 -19.52 56.11 20.56
N LEU A 787 -19.54 56.65 21.78
CA LEU A 787 -19.63 55.78 22.96
C LEU A 787 -21.02 55.16 23.08
N PRO A 788 -22.12 55.87 22.82
CA PRO A 788 -23.40 55.16 22.70
C PRO A 788 -23.38 54.09 21.65
N ALA A 789 -22.66 54.31 20.55
CA ALA A 789 -22.57 53.28 19.51
C ALA A 789 -21.87 52.04 20.05
N LYS A 790 -20.75 52.22 20.73
CA LYS A 790 -20.06 51.06 21.30
C LYS A 790 -20.92 50.35 22.32
N ARG A 791 -21.66 51.09 23.13
CA ARG A 791 -22.51 50.43 24.11
C ARG A 791 -23.66 49.68 23.46
N TRP A 792 -24.28 50.24 22.42
CA TRP A 792 -25.29 49.49 21.69
C TRP A 792 -24.70 48.24 21.06
N LEU A 793 -23.51 48.37 20.48
CA LEU A 793 -22.89 47.25 19.80
C LEU A 793 -22.54 46.14 20.77
N ALA A 794 -22.18 46.49 21.99
CA ALA A 794 -21.89 45.48 23.01
C ALA A 794 -23.13 45.03 23.76
N GLN A 795 -24.31 45.53 23.40
CA GLN A 795 -25.55 45.07 24.00
C GLN A 795 -26.41 44.28 23.03
N ARG A 796 -26.25 44.49 21.73
CA ARG A 796 -27.08 43.78 20.76
C ARG A 796 -26.62 42.34 20.62
N GLY A 797 -25.35 42.12 20.31
CA GLY A 797 -24.84 40.77 20.16
C GLY A 797 -24.18 40.26 21.42
N PHE A 798 -24.91 39.46 22.19
CA PHE A 798 -24.37 38.97 23.45
C PHE A 798 -24.64 37.49 23.73
N ASP A 799 -25.66 36.88 23.13
CA ASP A 799 -26.28 35.63 23.58
C ASP A 799 -25.28 34.64 24.17
N PRO A 800 -25.52 34.17 25.39
CA PRO A 800 -24.48 33.41 26.11
C PRO A 800 -24.49 31.94 25.76
N VAL A 801 -24.62 31.62 24.47
CA VAL A 801 -24.49 30.26 24.01
C VAL A 801 -23.53 30.11 22.84
N TYR A 802 -23.21 31.19 22.14
CA TYR A 802 -22.28 31.15 21.01
C TYR A 802 -21.02 31.96 21.26
N GLY A 803 -20.77 32.38 22.49
CA GLY A 803 -19.51 33.00 22.81
C GLY A 803 -19.41 34.42 22.34
N ALA A 804 -18.51 34.68 21.39
CA ALA A 804 -18.19 36.04 20.97
C ALA A 804 -18.12 36.19 19.46
N ARG A 805 -18.46 35.17 18.70
CA ARG A 805 -18.52 35.31 17.25
C ARG A 805 -19.75 36.09 16.79
N PRO A 806 -20.91 35.97 17.47
CA PRO A 806 -22.03 36.83 17.11
C PRO A 806 -21.66 38.29 17.08
N LEU A 807 -20.78 38.74 17.97
CA LEU A 807 -20.36 40.13 17.97
C LEU A 807 -19.65 40.47 16.67
N ARG A 808 -18.78 39.58 16.20
CA ARG A 808 -18.09 39.85 14.95
C ARG A 808 -19.07 39.92 13.79
N ARG A 809 -19.99 38.96 13.72
CA ARG A 809 -20.93 38.96 12.61
C ARG A 809 -21.83 40.18 12.67
N LEU A 810 -22.12 40.67 13.88
CA LEU A 810 -22.93 41.86 14.03
C LEU A 810 -22.18 43.10 13.58
N VAL A 811 -20.92 43.22 13.96
CA VAL A 811 -20.12 44.34 13.48
C VAL A 811 -20.10 44.37 11.97
N GLN A 812 -19.86 43.21 11.34
CA GLN A 812 -19.90 43.15 9.90
C GLN A 812 -21.25 43.61 9.36
N GLN A 813 -22.31 42.86 9.69
CA GLN A 813 -23.63 43.14 9.12
C GLN A 813 -24.08 44.57 9.35
N ALA A 814 -23.68 45.20 10.46
CA ALA A 814 -24.17 46.54 10.74
C ALA A 814 -23.33 47.61 10.07
N ILE A 815 -22.01 47.57 10.25
CA ILE A 815 -21.13 48.63 9.78
C ILE A 815 -20.66 48.38 8.36
N GLY A 816 -20.13 47.19 8.09
CA GLY A 816 -19.45 46.97 6.83
C GLY A 816 -20.37 47.05 5.62
N ASP A 817 -21.63 46.63 5.78
CA ASP A 817 -22.55 46.69 4.66
C ASP A 817 -22.80 48.13 4.24
N GLN A 818 -23.20 48.97 5.19
CA GLN A 818 -23.41 50.38 4.88
C GLN A 818 -22.14 51.02 4.35
N LEU A 819 -20.99 50.66 4.92
CA LEU A 819 -19.75 51.26 4.48
C LEU A 819 -19.40 50.85 3.07
N ALA A 820 -19.65 49.60 2.69
CA ALA A 820 -19.31 49.15 1.35
C ALA A 820 -20.29 49.70 0.32
N LYS A 821 -21.55 49.88 0.71
CA LYS A 821 -22.50 50.49 -0.22
C LYS A 821 -22.23 51.98 -0.37
N MET A 822 -21.72 52.62 0.67
CA MET A 822 -21.34 54.03 0.59
C MET A 822 -19.99 54.22 -0.07
N LEU A 823 -19.15 53.21 -0.09
CA LEU A 823 -17.79 53.41 -0.58
C LEU A 823 -17.69 53.32 -2.08
N LEU A 824 -18.32 52.32 -2.70
CA LEU A 824 -18.25 52.17 -4.14
C LEU A 824 -19.35 52.92 -4.86
N ALA A 825 -20.17 53.67 -4.13
CA ALA A 825 -21.13 54.59 -4.72
C ALA A 825 -20.63 56.02 -4.61
N GLY A 826 -19.32 56.20 -4.78
CA GLY A 826 -18.72 57.51 -4.59
C GLY A 826 -18.91 57.99 -3.16
N GLN A 827 -18.76 59.28 -2.99
CA GLN A 827 -19.15 60.06 -1.80
C GLN A 827 -18.37 59.70 -0.54
N VAL A 828 -17.52 58.67 -0.56
CA VAL A 828 -16.69 58.38 0.59
C VAL A 828 -15.25 58.20 0.12
N HIS A 829 -14.87 58.96 -0.91
CA HIS A 829 -13.51 58.90 -1.43
C HIS A 829 -12.49 59.01 -0.32
N ASP A 830 -11.30 58.47 -0.58
CA ASP A 830 -10.28 58.23 0.44
C ASP A 830 -9.88 59.46 1.24
N GLY A 831 -9.12 59.24 2.30
CA GLY A 831 -8.72 60.30 3.20
C GLY A 831 -9.92 60.90 3.89
N ASP A 832 -10.77 60.06 4.47
CA ASP A 832 -11.98 60.52 5.13
C ASP A 832 -12.06 59.87 6.50
N THR A 833 -12.85 60.47 7.38
CA THR A 833 -13.05 59.97 8.74
C THR A 833 -14.54 59.98 9.00
N VAL A 834 -15.20 58.88 8.69
CA VAL A 834 -16.65 58.77 8.82
C VAL A 834 -17.00 58.51 10.27
N PRO A 835 -17.97 59.23 10.84
CA PRO A 835 -18.44 58.92 12.18
C PRO A 835 -19.64 57.99 12.16
N VAL A 836 -19.79 57.24 13.23
CA VAL A 836 -20.95 56.36 13.41
C VAL A 836 -21.68 56.82 14.67
N ASN A 837 -23.00 56.73 14.65
CA ASN A 837 -23.81 57.17 15.77
C ASN A 837 -25.09 56.35 15.82
N VAL A 838 -25.78 56.46 16.94
CA VAL A 838 -26.93 55.62 17.24
C VAL A 838 -28.19 56.25 16.67
N SER A 839 -28.85 55.54 15.80
CA SER A 839 -30.24 55.76 15.45
C SER A 839 -31.10 54.77 16.23
N PRO A 840 -32.44 54.98 16.31
CA PRO A 840 -33.29 54.15 17.19
C PRO A 840 -32.93 52.67 17.25
N ASP A 841 -32.88 51.98 16.11
CA ASP A 841 -32.52 50.57 16.09
C ASP A 841 -31.22 50.32 15.33
N ALA A 842 -31.14 50.72 14.08
CA ALA A 842 -29.89 50.64 13.35
C ALA A 842 -28.98 51.77 13.83
N ASP A 843 -27.79 51.86 13.27
CA ASP A 843 -26.87 52.94 13.61
C ASP A 843 -26.28 53.52 12.33
N SER A 844 -26.72 54.73 11.98
CA SER A 844 -26.35 55.33 10.72
C SER A 844 -25.01 56.04 10.82
N LEU A 845 -24.30 56.08 9.71
CA LEU A 845 -23.00 56.72 9.66
C LEU A 845 -23.15 58.23 9.62
N GLN B 159 46.90 26.14 -11.18
CA GLN B 159 46.42 26.43 -12.52
C GLN B 159 45.33 25.47 -12.94
N ALA B 160 45.16 24.40 -12.17
CA ALA B 160 44.04 23.50 -12.38
C ALA B 160 42.75 24.04 -11.81
N LEU B 161 42.81 25.07 -10.97
CA LEU B 161 41.62 25.72 -10.48
C LEU B 161 41.06 26.73 -11.47
N GLN B 162 41.75 26.94 -12.59
CA GLN B 162 41.21 27.81 -13.62
C GLN B 162 40.26 27.06 -14.52
N LYS B 163 40.45 25.76 -14.66
CA LYS B 163 39.66 24.99 -15.62
C LYS B 163 38.29 24.64 -15.11
N TYR B 164 38.14 24.36 -13.82
CA TYR B 164 36.91 23.79 -13.29
C TYR B 164 36.20 24.74 -12.33
N SER B 165 36.42 26.05 -12.47
CA SER B 165 35.82 26.99 -11.53
C SER B 165 36.04 28.41 -12.02
N THR B 166 35.07 29.28 -11.73
CA THR B 166 35.20 30.71 -11.94
C THR B 166 35.67 31.36 -10.64
N ASP B 167 35.61 32.70 -10.57
CA ASP B 167 36.12 33.45 -9.43
C ASP B 167 35.04 34.36 -8.88
N LEU B 168 34.45 33.95 -7.76
CA LEU B 168 33.39 34.75 -7.14
C LEU B 168 33.89 36.10 -6.69
N THR B 169 35.07 36.15 -6.06
CA THR B 169 35.56 37.41 -5.55
C THR B 169 35.88 38.38 -6.68
N ALA B 170 36.42 37.86 -7.78
CA ALA B 170 36.67 38.72 -8.93
C ALA B 170 35.37 39.23 -9.53
N ARG B 171 34.35 38.37 -9.64
CA ARG B 171 33.05 38.84 -10.11
C ARG B 171 32.52 39.94 -9.22
N ALA B 172 32.71 39.82 -7.90
CA ALA B 172 32.23 40.84 -6.99
C ALA B 172 33.07 42.11 -7.04
N ARG B 173 34.31 42.01 -7.50
CA ARG B 173 35.16 43.20 -7.58
C ARG B 173 34.70 44.12 -8.70
N GLU B 174 34.41 43.58 -9.86
CA GLU B 174 33.96 44.37 -11.00
C GLU B 174 32.54 44.88 -10.85
N GLY B 175 31.89 44.65 -9.71
CA GLY B 175 30.54 45.13 -9.49
C GLY B 175 29.53 44.39 -10.35
N LYS B 176 29.45 43.08 -10.18
CA LYS B 176 28.53 42.25 -10.96
C LYS B 176 27.49 41.55 -10.09
N LEU B 177 27.43 41.87 -8.82
CA LEU B 177 26.53 41.18 -7.89
C LEU B 177 25.56 42.17 -7.28
N ASP B 178 24.41 41.67 -6.90
CA ASP B 178 23.37 42.54 -6.37
C ASP B 178 23.67 42.94 -4.95
N PRO B 179 23.25 44.14 -4.54
CA PRO B 179 23.44 44.56 -3.15
C PRO B 179 22.72 43.63 -2.20
N VAL B 180 23.41 43.24 -1.14
CA VAL B 180 22.88 42.35 -0.12
C VAL B 180 22.60 43.20 1.11
N ILE B 181 21.39 43.07 1.64
CA ILE B 181 20.90 43.97 2.68
C ILE B 181 20.45 43.15 3.88
N GLY B 182 20.79 43.61 5.07
CA GLY B 182 20.35 42.90 6.25
C GLY B 182 21.06 41.56 6.39
N ARG B 183 20.45 40.69 7.20
CA ARG B 183 20.99 39.36 7.47
C ARG B 183 22.39 39.46 8.06
N ASP B 184 22.51 40.26 9.11
CA ASP B 184 23.79 40.43 9.76
C ASP B 184 24.18 39.18 10.54
N ASN B 185 23.23 38.62 11.29
CA ASN B 185 23.53 37.49 12.15
C ASN B 185 24.01 36.30 11.35
N GLU B 186 23.33 36.00 10.24
CA GLU B 186 23.74 34.87 9.42
C GLU B 186 25.16 35.03 8.93
N ILE B 187 25.52 36.22 8.46
CA ILE B 187 26.86 36.38 7.91
C ILE B 187 27.90 36.36 9.01
N ARG B 188 27.58 36.90 10.19
CA ARG B 188 28.58 36.86 11.24
C ARG B 188 28.80 35.43 11.72
N ARG B 189 27.74 34.61 11.71
CA ARG B 189 27.94 33.22 12.11
C ARG B 189 28.69 32.45 11.03
N VAL B 190 28.43 32.76 9.76
CA VAL B 190 29.23 32.16 8.70
C VAL B 190 30.70 32.49 8.90
N VAL B 191 30.99 33.73 9.30
CA VAL B 191 32.38 34.12 9.49
C VAL B 191 32.99 33.38 10.67
N GLN B 192 32.33 33.41 11.82
CA GLN B 192 32.93 32.82 13.01
C GLN B 192 32.90 31.31 12.96
N VAL B 193 32.22 30.71 11.98
CA VAL B 193 32.43 29.29 11.74
C VAL B 193 33.55 29.08 10.74
N LEU B 194 33.62 29.89 9.70
CA LEU B 194 34.67 29.79 8.69
C LEU B 194 36.04 30.13 9.23
N SER B 195 36.15 30.61 10.46
CA SER B 195 37.44 31.01 11.01
C SER B 195 37.72 30.28 12.31
N ARG B 196 37.56 28.97 12.33
CA ARG B 196 37.97 28.15 13.47
C ARG B 196 39.07 27.18 13.04
N ARG B 197 39.58 26.42 14.00
CA ARG B 197 40.80 25.64 13.77
C ARG B 197 40.54 24.46 12.85
N THR B 198 39.66 23.55 13.27
CA THR B 198 39.31 22.40 12.45
C THR B 198 37.82 22.42 12.18
N LYS B 199 37.41 21.70 11.14
CA LYS B 199 36.00 21.56 10.81
C LYS B 199 35.38 22.93 10.55
N ASN B 200 36.08 23.74 9.77
CA ASN B 200 35.70 25.13 9.53
C ASN B 200 35.01 25.25 8.19
N ASN B 201 33.78 24.75 8.11
CA ASN B 201 33.03 24.81 6.87
C ASN B 201 31.53 24.79 7.16
N PRO B 202 30.85 25.91 6.98
CA PRO B 202 29.43 25.98 7.27
C PRO B 202 28.61 25.43 6.11
N VAL B 203 27.31 25.30 6.37
CA VAL B 203 26.34 24.92 5.35
C VAL B 203 25.08 25.69 5.65
N LEU B 204 24.64 26.52 4.72
CA LEU B 204 23.38 27.23 4.87
C LEU B 204 22.24 26.29 4.53
N ILE B 205 21.13 26.44 5.24
CA ILE B 205 20.02 25.51 5.13
C ILE B 205 18.73 26.30 5.29
N GLY B 206 17.72 25.93 4.52
CA GLY B 206 16.45 26.64 4.58
C GLY B 206 15.69 26.52 3.28
N GLU B 207 14.42 26.88 3.37
CA GLU B 207 13.48 26.71 2.27
C GLU B 207 13.98 27.44 1.02
N PRO B 208 13.50 27.05 -0.16
CA PRO B 208 14.00 27.64 -1.41
C PRO B 208 13.44 29.04 -1.61
N GLY B 209 14.34 30.00 -1.84
CA GLY B 209 13.97 31.36 -2.15
C GLY B 209 14.26 32.36 -1.07
N VAL B 210 14.56 31.94 0.16
CA VAL B 210 14.70 32.88 1.26
C VAL B 210 16.04 33.59 1.26
N GLY B 211 16.93 33.24 0.35
CA GLY B 211 18.21 33.92 0.22
C GLY B 211 19.32 33.15 0.87
N LYS B 212 20.02 32.36 0.09
CA LYS B 212 21.13 31.57 0.61
C LYS B 212 22.36 31.69 -0.26
N THR B 213 22.20 32.01 -1.53
CA THR B 213 23.32 32.47 -2.33
C THR B 213 23.54 33.95 -2.13
N ALA B 214 22.49 34.68 -1.80
CA ALA B 214 22.61 36.09 -1.47
C ALA B 214 23.56 36.29 -0.29
N ILE B 215 23.56 35.37 0.67
CA ILE B 215 24.43 35.53 1.83
C ILE B 215 25.88 35.36 1.43
N VAL B 216 26.18 34.36 0.58
CA VAL B 216 27.56 34.19 0.16
C VAL B 216 28.03 35.35 -0.67
N GLU B 217 27.16 35.88 -1.54
CA GLU B 217 27.57 37.04 -2.32
C GLU B 217 27.74 38.28 -1.45
N GLY B 218 26.92 38.41 -0.40
CA GLY B 218 27.13 39.49 0.55
C GLY B 218 28.46 39.36 1.26
N LEU B 219 28.83 38.15 1.66
CA LEU B 219 30.12 37.94 2.30
C LEU B 219 31.26 38.27 1.34
N ALA B 220 31.11 37.95 0.06
CA ALA B 220 32.17 38.25 -0.88
C ALA B 220 32.34 39.75 -1.07
N GLN B 221 31.23 40.47 -1.25
CA GLN B 221 31.33 41.93 -1.34
C GLN B 221 31.91 42.49 -0.06
N ARG B 222 31.58 41.90 1.07
CA ARG B 222 32.10 42.36 2.35
C ARG B 222 33.60 42.17 2.44
N ILE B 223 34.11 41.06 1.91
CA ILE B 223 35.56 40.85 1.87
C ILE B 223 36.22 41.88 0.97
N VAL B 224 35.64 42.11 -0.21
CA VAL B 224 36.25 43.07 -1.13
C VAL B 224 36.30 44.45 -0.51
N ALA B 225 35.25 44.82 0.25
CA ALA B 225 35.28 46.11 0.91
C ALA B 225 36.29 46.12 2.05
N GLY B 226 36.22 45.14 2.94
CA GLY B 226 37.18 45.04 4.03
C GLY B 226 36.56 45.14 5.41
N ASP B 227 35.32 44.67 5.57
CA ASP B 227 34.65 44.70 6.85
C ASP B 227 34.92 43.44 7.67
N VAL B 228 35.68 42.50 7.12
CA VAL B 228 35.83 41.17 7.70
C VAL B 228 37.01 41.19 8.68
N PRO B 229 37.10 40.24 9.60
CA PRO B 229 38.20 40.26 10.57
C PRO B 229 39.54 39.93 9.92
N GLU B 230 40.58 40.01 10.74
CA GLU B 230 41.94 39.80 10.25
C GLU B 230 42.13 38.38 9.74
N SER B 231 41.45 37.42 10.32
CA SER B 231 41.61 36.06 9.86
C SER B 231 41.01 35.81 8.51
N LEU B 232 40.37 36.81 7.91
CA LEU B 232 39.78 36.64 6.59
C LEU B 232 40.11 37.78 5.64
N ARG B 233 40.74 38.86 6.10
CA ARG B 233 41.18 39.89 5.19
C ARG B 233 42.04 39.30 4.08
N ASP B 234 41.75 39.69 2.85
CA ASP B 234 42.53 39.27 1.69
C ASP B 234 42.54 37.74 1.53
N LYS B 235 41.34 37.21 1.28
CA LYS B 235 41.17 35.83 0.88
C LYS B 235 40.19 35.78 -0.28
N THR B 236 40.49 34.94 -1.26
CA THR B 236 39.65 34.84 -2.45
C THR B 236 38.70 33.66 -2.32
N ILE B 237 37.51 33.81 -2.88
CA ILE B 237 36.49 32.76 -2.86
C ILE B 237 36.35 32.22 -4.26
N VAL B 238 36.57 30.93 -4.42
CA VAL B 238 36.46 30.27 -5.72
C VAL B 238 35.18 29.46 -5.73
N ALA B 239 34.50 29.45 -6.86
CA ALA B 239 33.20 28.79 -7.00
C ALA B 239 33.41 27.47 -7.75
N LEU B 240 33.53 26.39 -6.99
CA LEU B 240 33.75 25.09 -7.60
C LEU B 240 32.53 24.66 -8.40
N ASP B 241 32.78 23.91 -9.48
CA ASP B 241 31.75 23.53 -10.44
C ASP B 241 31.86 22.04 -10.72
N LEU B 242 31.12 21.23 -9.96
CA LEU B 242 31.26 19.79 -10.06
C LEU B 242 30.79 19.26 -11.40
N GLY B 243 29.93 20.00 -12.10
CA GLY B 243 29.43 19.51 -13.37
C GLY B 243 30.48 19.47 -14.44
N SER B 244 31.32 20.49 -14.51
CA SER B 244 32.33 20.60 -15.55
C SER B 244 33.56 19.76 -15.25
N MET B 245 33.53 18.95 -14.21
CA MET B 245 34.65 18.06 -13.92
C MET B 245 34.43 16.65 -14.46
N VAL B 246 33.19 16.19 -14.53
CA VAL B 246 32.88 14.86 -15.02
C VAL B 246 32.56 14.93 -16.51
N ALA B 247 32.95 16.03 -17.15
CA ALA B 247 32.58 16.23 -18.55
C ALA B 247 33.16 15.14 -19.44
N GLY B 248 34.47 15.12 -19.63
CA GLY B 248 35.06 13.97 -20.28
C GLY B 248 35.89 13.15 -19.32
N SER B 249 35.35 12.06 -18.81
CA SER B 249 36.08 11.18 -17.91
C SER B 249 35.71 9.74 -18.15
N LYS B 250 35.61 9.33 -19.41
CA LYS B 250 35.13 7.98 -19.69
C LYS B 250 36.13 6.92 -19.27
N TYR B 251 37.40 7.29 -19.17
CA TYR B 251 38.43 6.32 -18.80
C TYR B 251 38.43 6.10 -17.29
N ARG B 252 39.11 5.04 -16.87
CA ARG B 252 38.89 4.45 -15.56
C ARG B 252 39.46 5.25 -14.40
N GLY B 253 40.17 6.34 -14.65
CA GLY B 253 40.69 7.09 -13.52
C GLY B 253 40.76 8.60 -13.69
N GLU B 254 40.24 9.10 -14.80
CA GLU B 254 40.51 10.50 -15.15
C GLU B 254 39.80 11.45 -14.20
N PHE B 255 38.58 11.13 -13.77
CA PHE B 255 37.90 12.03 -12.85
C PHE B 255 38.60 12.10 -11.51
N GLU B 256 39.02 10.95 -10.98
CA GLU B 256 39.77 10.97 -9.73
C GLU B 256 41.05 11.76 -9.88
N GLU B 257 41.73 11.62 -11.03
CA GLU B 257 42.93 12.40 -11.26
C GLU B 257 42.64 13.90 -11.20
N ARG B 258 41.57 14.32 -11.89
CA ARG B 258 41.22 15.74 -11.88
C ARG B 258 40.95 16.23 -10.48
N LEU B 259 40.10 15.51 -9.73
CA LEU B 259 39.74 15.98 -8.40
C LEU B 259 40.95 15.97 -7.47
N LYS B 260 41.88 15.04 -7.68
CA LYS B 260 43.06 15.01 -6.84
C LYS B 260 43.97 16.18 -7.14
N ALA B 261 44.12 16.55 -8.42
CA ALA B 261 44.88 17.74 -8.75
C ALA B 261 44.26 18.97 -8.11
N VAL B 262 42.93 19.08 -8.17
CA VAL B 262 42.25 20.23 -7.60
C VAL B 262 42.48 20.30 -6.09
N LEU B 263 42.34 19.17 -5.40
CA LEU B 263 42.52 19.17 -3.96
C LEU B 263 43.97 19.49 -3.59
N ASP B 264 44.93 18.92 -4.30
CA ASP B 264 46.32 19.21 -4.02
C ASP B 264 46.62 20.68 -4.24
N ASP B 265 46.01 21.28 -5.26
CA ASP B 265 46.28 22.69 -5.52
C ASP B 265 45.63 23.58 -4.46
N ILE B 266 44.47 23.18 -3.95
CA ILE B 266 43.85 23.94 -2.86
C ILE B 266 44.73 23.87 -1.61
N LYS B 267 45.22 22.68 -1.29
CA LYS B 267 46.07 22.55 -0.11
C LYS B 267 47.42 23.23 -0.31
N ASN B 268 47.86 23.36 -1.56
CA ASN B 268 49.17 23.94 -1.83
C ASN B 268 49.24 25.40 -1.43
N SER B 269 48.12 26.10 -1.46
CA SER B 269 48.06 27.44 -0.90
C SER B 269 47.94 27.34 0.62
N ALA B 270 48.04 28.46 1.31
CA ALA B 270 48.08 28.48 2.76
C ALA B 270 46.75 28.94 3.35
N GLY B 271 45.65 28.55 2.73
CA GLY B 271 44.36 29.01 3.18
C GLY B 271 43.93 30.33 2.61
N GLN B 272 44.50 30.72 1.46
CA GLN B 272 44.10 31.92 0.76
C GLN B 272 42.95 31.66 -0.20
N ILE B 273 42.29 30.50 -0.09
CA ILE B 273 41.20 30.12 -0.98
C ILE B 273 40.08 29.55 -0.12
N ILE B 274 38.84 29.90 -0.45
CA ILE B 274 37.66 29.41 0.22
C ILE B 274 36.75 28.79 -0.83
N THR B 275 36.83 27.47 -1.01
CA THR B 275 35.98 26.82 -1.99
C THR B 275 34.52 26.93 -1.58
N PHE B 276 33.67 27.23 -2.56
CA PHE B 276 32.24 27.45 -2.34
C PHE B 276 31.48 26.57 -3.33
N ILE B 277 30.88 25.52 -2.82
CA ILE B 277 30.12 24.58 -3.65
C ILE B 277 28.64 24.87 -3.50
N ASP B 278 27.98 25.20 -4.61
CA ASP B 278 26.55 25.44 -4.62
C ASP B 278 25.83 24.16 -5.03
N GLU B 279 24.65 23.93 -4.45
CA GLU B 279 23.92 22.69 -4.64
C GLU B 279 24.81 21.50 -4.29
N LEU B 280 25.27 21.49 -3.04
CA LEU B 280 26.27 20.49 -2.70
C LEU B 280 25.68 19.12 -2.50
N HIS B 281 24.35 18.97 -2.54
CA HIS B 281 23.77 17.64 -2.49
C HIS B 281 24.19 16.81 -3.69
N THR B 282 24.71 17.45 -4.74
CA THR B 282 25.24 16.73 -5.88
C THR B 282 26.65 16.20 -5.64
N ILE B 283 27.19 16.36 -4.43
CA ILE B 283 28.54 15.88 -4.17
C ILE B 283 28.56 14.42 -3.79
N VAL B 284 27.40 13.79 -3.62
CA VAL B 284 27.36 12.39 -3.21
C VAL B 284 27.74 11.47 -4.35
N GLY B 285 27.35 11.81 -5.56
CA GLY B 285 27.62 10.94 -6.68
C GLY B 285 28.99 11.17 -7.30
N ALA B 286 29.01 11.38 -8.61
CA ALA B 286 30.23 11.59 -9.39
C ALA B 286 31.07 10.33 -9.48
N GLY B 287 30.57 9.22 -8.96
CA GLY B 287 31.34 8.00 -8.92
C GLY B 287 31.26 7.14 -10.14
N ALA B 288 30.06 6.69 -10.49
CA ALA B 288 29.86 5.82 -11.64
C ALA B 288 28.38 5.61 -11.89
N ASP B 295 32.81 5.62 -4.33
CA ASP B 295 34.21 6.05 -4.43
C ASP B 295 34.35 7.32 -5.27
N ALA B 296 33.66 8.38 -4.86
CA ALA B 296 33.85 9.72 -5.41
C ALA B 296 33.09 10.69 -4.54
N GLY B 297 33.54 11.93 -4.51
CA GLY B 297 33.11 12.82 -3.45
C GLY B 297 33.34 12.23 -2.09
N ASN B 298 34.36 11.39 -1.96
CA ASN B 298 34.64 10.62 -0.77
C ASN B 298 36.11 10.82 -0.40
N MET B 299 36.95 11.01 -1.41
CA MET B 299 38.33 11.38 -1.15
C MET B 299 38.45 12.77 -0.54
N ILE B 300 37.36 13.54 -0.51
CA ILE B 300 37.34 14.83 0.16
C ILE B 300 37.17 14.69 1.67
N LYS B 301 36.73 13.53 2.13
CA LYS B 301 36.38 13.32 3.53
C LYS B 301 37.57 13.46 4.47
N PRO B 302 38.79 13.04 4.09
CA PRO B 302 39.92 13.34 4.97
C PRO B 302 40.21 14.81 5.09
N MET B 303 40.42 15.51 3.98
CA MET B 303 40.76 16.92 4.01
C MET B 303 39.68 17.76 4.65
N LEU B 304 38.43 17.32 4.65
CA LEU B 304 37.38 18.08 5.31
C LEU B 304 37.63 18.17 6.81
N ALA B 305 37.76 17.02 7.48
CA ALA B 305 37.80 16.96 8.92
C ALA B 305 39.01 17.64 9.52
N ARG B 306 39.99 18.03 8.72
CA ARG B 306 41.18 18.70 9.22
C ARG B 306 41.14 20.20 9.02
N GLY B 307 40.24 20.71 8.20
CA GLY B 307 40.13 22.13 7.98
C GLY B 307 41.00 22.69 6.89
N GLU B 308 41.49 21.84 5.97
CA GLU B 308 42.31 22.34 4.88
C GLU B 308 41.50 23.20 3.93
N LEU B 309 40.44 22.64 3.35
CA LEU B 309 39.59 23.36 2.42
C LEU B 309 38.39 23.91 3.18
N ARG B 310 38.20 25.21 3.10
CA ARG B 310 37.07 25.87 3.73
C ARG B 310 35.88 25.81 2.79
N LEU B 311 34.86 25.05 3.17
CA LEU B 311 33.73 24.78 2.29
C LEU B 311 32.53 25.58 2.74
N VAL B 312 31.94 26.33 1.81
CA VAL B 312 30.69 27.03 2.06
C VAL B 312 29.66 26.44 1.12
N GLY B 313 28.66 25.76 1.67
CA GLY B 313 27.65 25.12 0.88
C GLY B 313 26.27 25.64 1.22
N ALA B 314 25.33 25.37 0.32
CA ALA B 314 23.97 25.83 0.50
C ALA B 314 23.04 24.95 -0.32
N THR B 315 22.25 24.13 0.35
CA THR B 315 21.23 23.30 -0.27
C THR B 315 19.90 23.55 0.43
N THR B 316 18.81 23.24 -0.25
CA THR B 316 17.51 23.47 0.35
C THR B 316 17.30 22.53 1.52
N LEU B 317 16.20 22.72 2.22
CA LEU B 317 15.98 22.06 3.48
C LEU B 317 15.74 20.57 3.36
N ASP B 318 15.12 20.12 2.26
CA ASP B 318 14.60 18.76 2.19
C ASP B 318 15.37 17.87 1.23
N GLU B 319 16.32 18.40 0.47
CA GLU B 319 17.26 17.52 -0.20
C GLU B 319 18.46 17.23 0.68
N TYR B 320 18.68 18.03 1.72
CA TYR B 320 19.62 17.68 2.77
C TYR B 320 19.28 16.33 3.35
N ARG B 321 18.12 16.22 3.99
CA ARG B 321 17.76 14.97 4.65
C ARG B 321 17.49 13.85 3.66
N LYS B 322 17.61 14.11 2.38
CA LYS B 322 17.41 13.08 1.37
C LYS B 322 18.70 12.55 0.80
N HIS B 323 19.73 13.37 0.69
CA HIS B 323 20.99 12.89 0.15
C HIS B 323 22.14 12.89 1.13
N ILE B 324 22.17 13.82 2.08
CA ILE B 324 23.29 13.99 2.98
C ILE B 324 23.07 13.22 4.28
N GLU B 325 21.99 13.53 5.01
CA GLU B 325 21.75 12.90 6.30
C GLU B 325 21.69 11.38 6.22
N LYS B 326 21.62 10.82 5.02
CA LYS B 326 21.71 9.38 4.81
C LYS B 326 23.14 8.86 5.00
N ASP B 327 24.10 9.74 5.20
CA ASP B 327 25.53 9.42 5.16
C ASP B 327 26.25 10.02 6.36
N ALA B 328 25.74 9.71 7.57
CA ALA B 328 26.16 10.38 8.79
C ALA B 328 27.68 10.44 8.98
N ALA B 329 28.45 9.70 8.19
CA ALA B 329 29.90 9.87 8.23
C ALA B 329 30.34 11.16 7.56
N LEU B 330 29.59 11.65 6.59
CA LEU B 330 29.95 12.87 5.87
C LEU B 330 29.26 14.09 6.41
N GLU B 331 28.01 13.97 6.87
CA GLU B 331 27.33 15.11 7.45
C GLU B 331 27.86 15.49 8.81
N ARG B 332 28.83 14.73 9.34
CA ARG B 332 29.46 15.14 10.58
C ARG B 332 30.41 16.30 10.35
N ARG B 333 30.97 16.42 9.16
CA ARG B 333 31.96 17.44 8.86
C ARG B 333 31.34 18.77 8.48
N PHE B 334 30.05 18.97 8.75
CA PHE B 334 29.37 20.20 8.37
C PHE B 334 28.67 20.80 9.57
N GLN B 335 28.73 22.12 9.66
CA GLN B 335 28.03 22.88 10.70
C GLN B 335 26.84 23.57 10.05
N GLN B 336 25.64 23.26 10.52
CA GLN B 336 24.45 23.76 9.87
C GLN B 336 24.16 25.20 10.27
N VAL B 337 23.69 25.99 9.31
CA VAL B 337 23.24 27.35 9.55
C VAL B 337 21.84 27.46 8.98
N TYR B 338 20.86 27.70 9.84
CA TYR B 338 19.48 27.79 9.43
C TYR B 338 19.17 29.21 8.98
N VAL B 339 18.46 29.33 7.86
CA VAL B 339 18.16 30.62 7.25
C VAL B 339 16.65 30.75 7.17
N GLY B 340 16.05 31.37 8.18
CA GLY B 340 14.63 31.55 8.17
C GLY B 340 14.20 32.70 7.27
N GLU B 341 12.95 32.63 6.81
CA GLU B 341 12.51 33.62 5.84
C GLU B 341 12.22 34.94 6.55
N PRO B 342 12.39 36.07 5.87
CA PRO B 342 12.18 37.37 6.52
C PRO B 342 10.70 37.66 6.68
N SER B 343 10.42 38.84 7.23
CA SER B 343 9.06 39.28 7.40
C SER B 343 8.73 40.39 6.39
N VAL B 344 7.54 40.96 6.53
CA VAL B 344 7.11 41.99 5.60
C VAL B 344 7.94 43.26 5.77
N GLU B 345 8.17 43.67 7.02
CA GLU B 345 8.97 44.87 7.25
C GLU B 345 10.37 44.77 6.69
N ASP B 346 10.98 43.59 6.75
CA ASP B 346 12.31 43.40 6.20
C ASP B 346 12.29 43.29 4.69
N THR B 347 11.28 42.62 4.13
CA THR B 347 11.19 42.51 2.68
C THR B 347 11.03 43.90 2.06
N ILE B 348 10.30 44.77 2.73
CA ILE B 348 10.16 46.14 2.25
C ILE B 348 11.52 46.79 2.11
N GLY B 349 12.39 46.63 3.11
CA GLY B 349 13.71 47.23 3.03
C GLY B 349 14.56 46.62 1.93
N ILE B 350 14.49 45.30 1.79
CA ILE B 350 15.24 44.64 0.73
C ILE B 350 14.82 45.18 -0.63
N LEU B 351 13.53 45.40 -0.82
CA LEU B 351 13.08 45.96 -2.09
C LEU B 351 13.52 47.40 -2.23
N ARG B 352 13.47 48.18 -1.15
CA ARG B 352 13.92 49.56 -1.22
C ARG B 352 15.36 49.63 -1.67
N GLY B 353 16.14 48.61 -1.34
CA GLY B 353 17.52 48.58 -1.77
C GLY B 353 17.72 48.07 -3.18
N LEU B 354 16.91 47.12 -3.61
CA LEU B 354 17.09 46.53 -4.93
C LEU B 354 16.40 47.31 -6.05
N LYS B 355 15.55 48.28 -5.72
CA LYS B 355 14.76 48.96 -6.76
C LYS B 355 15.64 49.55 -7.85
N ASP B 356 16.71 50.25 -7.47
CA ASP B 356 17.50 51.00 -8.42
C ASP B 356 18.32 50.12 -9.36
N ARG B 357 18.20 48.80 -9.27
CA ARG B 357 18.82 47.93 -10.24
C ARG B 357 17.86 47.52 -11.35
N TYR B 358 16.56 47.52 -11.07
CA TYR B 358 15.55 47.34 -12.11
C TYR B 358 15.19 48.65 -12.77
N GLU B 359 15.20 49.74 -12.01
CA GLU B 359 14.99 51.07 -12.56
C GLU B 359 15.88 51.34 -13.76
N VAL B 360 17.04 50.69 -13.81
CA VAL B 360 17.96 50.90 -14.93
C VAL B 360 17.65 49.93 -16.06
N HIS B 361 17.60 48.64 -15.76
CA HIS B 361 17.40 47.64 -16.81
C HIS B 361 16.14 47.93 -17.61
N HIS B 362 15.02 48.17 -16.92
CA HIS B 362 13.83 48.69 -17.59
C HIS B 362 13.89 50.21 -17.46
N GLY B 363 13.73 50.91 -18.57
CA GLY B 363 13.82 52.36 -18.51
C GLY B 363 12.61 52.98 -17.85
N VAL B 364 12.41 52.71 -16.57
CA VAL B 364 11.21 53.19 -15.87
C VAL B 364 11.56 53.66 -14.47
N ARG B 365 10.55 54.08 -13.73
CA ARG B 365 10.68 54.48 -12.34
C ARG B 365 9.69 53.70 -11.49
N ILE B 366 10.06 53.40 -10.26
CA ILE B 366 9.26 52.57 -9.37
C ILE B 366 8.98 53.36 -8.09
N THR B 367 7.73 53.35 -7.65
CA THR B 367 7.29 54.19 -6.54
C THR B 367 7.29 53.41 -5.23
N ASP B 368 7.72 54.06 -4.16
CA ASP B 368 7.81 53.39 -2.87
C ASP B 368 6.45 52.90 -2.40
N SER B 369 5.38 53.63 -2.71
CA SER B 369 4.06 53.12 -2.39
C SER B 369 3.74 51.85 -3.17
N ALA B 370 4.45 51.59 -4.26
CA ALA B 370 4.35 50.31 -4.95
C ALA B 370 5.26 49.26 -4.34
N LEU B 371 6.41 49.67 -3.83
CA LEU B 371 7.29 48.71 -3.17
C LEU B 371 6.67 48.18 -1.89
N VAL B 372 5.83 48.97 -1.23
CA VAL B 372 5.14 48.45 -0.05
C VAL B 372 4.01 47.51 -0.45
N ALA B 373 3.32 47.81 -1.55
CA ALA B 373 2.20 46.99 -1.96
C ALA B 373 2.67 45.66 -2.53
N ALA B 374 3.78 45.63 -3.26
CA ALA B 374 4.27 44.38 -3.81
C ALA B 374 4.70 43.40 -2.72
N ALA B 375 4.79 43.85 -1.48
CA ALA B 375 5.15 42.98 -0.38
C ALA B 375 4.00 42.69 0.56
N THR B 376 3.09 43.64 0.77
CA THR B 376 1.92 43.33 1.56
C THR B 376 0.93 42.49 0.76
N LEU B 377 0.84 42.74 -0.54
CA LEU B 377 -0.14 42.04 -1.38
C LEU B 377 0.28 40.61 -1.64
N SER B 378 1.56 40.39 -1.90
CA SER B 378 2.09 39.06 -2.18
C SER B 378 2.33 38.26 -0.93
N ASP B 379 1.69 38.64 0.18
CA ASP B 379 1.77 37.86 1.40
C ASP B 379 0.44 37.27 1.81
N ARG B 380 -0.65 37.63 1.15
CA ARG B 380 -1.94 37.02 1.42
C ARG B 380 -2.55 36.37 0.19
N TYR B 381 -1.89 36.41 -0.96
CA TYR B 381 -2.41 35.81 -2.17
C TYR B 381 -1.58 34.66 -2.68
N ILE B 382 -0.25 34.78 -2.68
CA ILE B 382 0.60 33.70 -3.17
C ILE B 382 1.23 32.99 -1.97
N THR B 383 0.61 31.89 -1.54
CA THR B 383 1.09 31.16 -0.37
C THR B 383 1.95 29.96 -0.72
N ALA B 384 2.00 29.57 -1.98
CA ALA B 384 2.78 28.40 -2.37
C ALA B 384 4.27 28.66 -2.40
N ARG B 385 4.70 29.91 -2.39
CA ARG B 385 6.10 30.28 -2.46
C ARG B 385 6.48 31.11 -1.25
N PHE B 386 7.78 31.28 -1.05
CA PHE B 386 8.28 31.97 0.12
C PHE B 386 8.71 33.39 -0.24
N LEU B 387 9.22 34.10 0.75
CA LEU B 387 9.49 35.52 0.71
C LEU B 387 10.70 35.82 -0.17
N PRO B 388 11.37 36.96 -0.03
CA PRO B 388 11.46 37.94 -1.10
C PRO B 388 11.18 37.45 -2.51
N ASP B 389 11.64 36.26 -2.90
CA ASP B 389 11.47 35.84 -4.28
C ASP B 389 10.04 36.02 -4.78
N LYS B 390 9.04 35.68 -3.98
CA LYS B 390 7.65 35.87 -4.42
C LYS B 390 7.20 37.31 -4.35
N ALA B 391 8.10 38.25 -4.04
CA ALA B 391 7.75 39.65 -3.98
C ALA B 391 8.57 40.49 -4.94
N ILE B 392 9.55 39.91 -5.61
CA ILE B 392 10.38 40.63 -6.56
C ILE B 392 9.80 40.40 -7.95
N ASP B 393 9.17 39.25 -8.13
CA ASP B 393 8.55 38.95 -9.42
C ASP B 393 7.49 39.98 -9.77
N LEU B 394 6.70 40.40 -8.79
CA LEU B 394 5.66 41.37 -9.09
C LEU B 394 6.26 42.67 -9.58
N VAL B 395 7.29 43.17 -8.90
CA VAL B 395 7.93 44.40 -9.32
C VAL B 395 8.52 44.26 -10.72
N ASP B 396 9.23 43.17 -10.97
CA ASP B 396 9.87 43.00 -12.26
C ASP B 396 8.85 42.89 -13.39
N GLU B 397 7.79 42.10 -13.18
CA GLU B 397 6.78 41.96 -14.21
C GLU B 397 6.07 43.27 -14.46
N ALA B 398 5.71 44.00 -13.41
CA ALA B 398 5.06 45.28 -13.60
C ALA B 398 5.92 46.21 -14.42
N ALA B 399 7.22 46.28 -14.13
CA ALA B 399 8.09 47.16 -14.91
C ALA B 399 8.17 46.71 -16.37
N SER B 400 8.31 45.41 -16.61
CA SER B 400 8.42 44.95 -17.99
C SER B 400 7.15 45.25 -18.78
N ARG B 401 5.99 45.05 -18.15
CA ARG B 401 4.73 45.37 -18.81
C ARG B 401 4.63 46.85 -19.09
N LEU B 402 5.06 47.69 -18.15
CA LEU B 402 4.99 49.13 -18.37
C LEU B 402 5.88 49.54 -19.54
N ARG B 403 7.04 48.91 -19.68
CA ARG B 403 7.89 49.24 -20.81
C ARG B 403 7.25 48.81 -22.13
N MET B 404 6.66 47.61 -22.15
CA MET B 404 5.89 47.21 -23.33
C MET B 404 4.85 48.26 -23.68
N GLU B 405 4.08 48.71 -22.69
CA GLU B 405 3.06 49.72 -22.94
C GLU B 405 3.68 51.00 -23.47
N ILE B 406 4.84 51.39 -22.94
CA ILE B 406 5.47 52.62 -23.38
C ILE B 406 5.82 52.55 -24.86
N ASP B 407 6.38 51.44 -25.32
CA ASP B 407 6.75 51.36 -26.72
C ASP B 407 5.52 51.41 -27.63
N SER B 408 4.63 50.43 -27.49
CA SER B 408 3.43 50.34 -28.31
C SER B 408 2.31 51.18 -27.71
N ARG B 409 1.09 50.96 -28.17
CA ARG B 409 -0.08 51.56 -27.55
C ARG B 409 -0.34 50.93 -26.20
N PRO B 410 -1.16 51.57 -25.36
CA PRO B 410 -1.52 50.94 -24.09
C PRO B 410 -2.43 49.75 -24.28
N VAL B 411 -2.62 49.00 -23.18
CA VAL B 411 -3.56 47.90 -23.21
C VAL B 411 -4.98 48.45 -23.26
N GLU B 412 -5.93 47.53 -23.50
CA GLU B 412 -7.35 47.83 -23.72
C GLU B 412 -7.56 48.80 -24.87
N ILE B 413 -6.51 49.01 -25.66
CA ILE B 413 -6.61 49.70 -26.94
C ILE B 413 -5.92 48.78 -27.94
N ASP B 414 -5.21 47.79 -27.43
CA ASP B 414 -4.54 46.82 -28.29
C ASP B 414 -5.42 45.62 -28.62
N GLU B 415 -6.05 45.01 -27.62
CA GLU B 415 -6.94 43.89 -27.85
C GLU B 415 -8.20 44.25 -28.61
N VAL B 416 -8.78 45.42 -28.32
CA VAL B 416 -9.94 45.89 -29.07
C VAL B 416 -9.61 45.99 -30.56
N GLU B 417 -8.38 46.34 -30.91
CA GLU B 417 -7.95 46.38 -32.30
C GLU B 417 -7.61 45.01 -32.86
N ARG B 418 -6.97 44.15 -32.08
CA ARG B 418 -6.67 42.80 -32.54
C ARG B 418 -7.92 42.02 -32.89
N LEU B 419 -8.97 42.08 -32.07
CA LEU B 419 -10.17 41.31 -32.38
C LEU B 419 -10.99 41.95 -33.49
N VAL B 420 -10.94 43.27 -33.62
CA VAL B 420 -11.57 43.92 -34.75
C VAL B 420 -10.90 43.51 -36.06
N ARG B 421 -9.58 43.45 -36.12
CA ARG B 421 -8.93 42.98 -37.34
C ARG B 421 -9.17 41.50 -37.61
N ARG B 422 -9.95 40.82 -36.77
CA ARG B 422 -10.29 39.43 -36.98
C ARG B 422 -11.76 39.27 -37.39
N LEU B 423 -12.65 40.00 -36.71
CA LEU B 423 -14.05 39.97 -37.08
C LEU B 423 -14.25 40.40 -38.52
N GLU B 424 -13.38 41.28 -39.01
CA GLU B 424 -13.40 41.67 -40.41
C GLU B 424 -13.29 40.45 -41.32
N ILE B 425 -12.20 39.69 -41.17
CA ILE B 425 -11.99 38.52 -42.02
C ILE B 425 -13.12 37.51 -41.82
N GLU B 426 -13.59 37.37 -40.58
CA GLU B 426 -14.68 36.44 -40.31
C GLU B 426 -15.89 36.79 -41.17
N GLU B 427 -16.39 38.02 -41.05
CA GLU B 427 -17.57 38.40 -41.81
C GLU B 427 -17.29 38.41 -43.32
N MET B 428 -16.06 38.70 -43.72
CA MET B 428 -15.75 38.72 -45.15
C MET B 428 -15.83 37.34 -45.77
N ALA B 429 -15.24 36.33 -45.15
CA ALA B 429 -15.32 34.96 -45.67
C ALA B 429 -16.65 34.31 -45.35
N LEU B 430 -17.43 34.88 -44.44
CA LEU B 430 -18.77 34.38 -44.13
C LEU B 430 -19.83 34.90 -45.08
N SER B 431 -19.71 36.13 -45.59
CA SER B 431 -20.73 36.68 -46.45
C SER B 431 -20.85 35.96 -47.78
N LYS B 432 -19.90 35.10 -48.13
CA LYS B 432 -19.94 34.32 -49.36
C LYS B 432 -20.55 32.95 -49.18
N GLU B 433 -21.41 32.78 -48.16
CA GLU B 433 -22.03 31.48 -47.89
C GLU B 433 -23.40 31.45 -48.54
N GLU B 434 -23.54 30.63 -49.59
CA GLU B 434 -24.80 30.43 -50.29
C GLU B 434 -25.71 29.58 -49.42
N ASP B 435 -26.20 30.18 -48.35
CA ASP B 435 -26.95 29.45 -47.34
C ASP B 435 -28.01 30.36 -46.76
N GLU B 436 -29.02 29.76 -46.13
CA GLU B 436 -30.14 30.50 -45.57
C GLU B 436 -30.13 30.56 -44.06
N ALA B 437 -29.68 29.51 -43.38
CA ALA B 437 -29.60 29.55 -41.92
C ALA B 437 -28.39 30.36 -41.47
N SER B 438 -27.41 30.52 -42.34
CA SER B 438 -26.22 31.32 -42.06
C SER B 438 -26.47 32.82 -42.21
N ALA B 439 -27.65 33.21 -42.68
CA ALA B 439 -27.97 34.63 -42.79
C ALA B 439 -28.33 35.26 -41.46
N GLU B 440 -28.84 34.47 -40.52
CA GLU B 440 -29.13 35.01 -39.19
C GLU B 440 -27.86 35.14 -38.35
N ARG B 441 -26.84 34.34 -38.66
CA ARG B 441 -25.56 34.47 -37.97
C ARG B 441 -24.74 35.62 -38.50
N LEU B 442 -24.69 35.80 -39.82
CA LEU B 442 -23.99 36.93 -40.40
C LEU B 442 -24.59 38.27 -40.00
N ALA B 443 -25.91 38.37 -39.93
CA ALA B 443 -26.57 39.60 -39.52
C ALA B 443 -26.52 39.84 -38.02
N LYS B 444 -26.00 38.88 -37.26
CA LYS B 444 -25.73 39.07 -35.84
C LYS B 444 -24.27 39.38 -35.56
N LEU B 445 -23.35 38.73 -36.27
CA LEU B 445 -21.94 39.09 -36.19
C LEU B 445 -21.67 40.47 -36.75
N ARG B 446 -22.37 40.88 -37.79
CA ARG B 446 -22.19 42.19 -38.39
C ARG B 446 -22.61 43.33 -37.48
N SER B 447 -23.24 43.04 -36.34
CA SER B 447 -23.57 44.08 -35.38
C SER B 447 -22.48 44.25 -34.33
N GLU B 448 -21.88 43.16 -33.87
CA GLU B 448 -20.81 43.26 -32.90
C GLU B 448 -19.58 43.92 -33.51
N LEU B 449 -19.39 43.76 -34.82
CA LEU B 449 -18.27 44.42 -35.48
C LEU B 449 -18.44 45.94 -35.44
N ALA B 450 -19.62 46.43 -35.80
CA ALA B 450 -19.88 47.86 -35.73
C ALA B 450 -19.92 48.36 -34.30
N ASP B 451 -20.24 47.48 -33.35
CA ASP B 451 -20.21 47.88 -31.95
C ASP B 451 -18.77 48.01 -31.43
N GLN B 452 -17.88 47.15 -31.90
CA GLN B 452 -16.48 47.24 -31.46
C GLN B 452 -15.76 48.39 -32.15
N LYS B 453 -16.10 48.65 -33.42
CA LYS B 453 -15.48 49.74 -34.15
C LYS B 453 -15.95 51.08 -33.61
N GLU B 454 -16.90 51.06 -32.67
CA GLU B 454 -17.35 52.24 -31.96
C GLU B 454 -16.47 52.55 -30.75
N LYS B 455 -16.34 51.61 -29.81
CA LYS B 455 -15.51 51.86 -28.65
C LYS B 455 -14.03 51.86 -28.98
N LEU B 456 -13.60 51.23 -30.07
CA LEU B 456 -12.21 51.44 -30.49
C LEU B 456 -11.93 52.88 -30.86
N ALA B 457 -12.77 53.48 -31.70
CA ALA B 457 -12.59 54.88 -32.07
C ALA B 457 -12.89 55.83 -30.94
N GLU B 458 -13.64 55.39 -29.93
CA GLU B 458 -13.79 56.17 -28.71
C GLU B 458 -12.54 56.13 -27.84
N LEU B 459 -11.87 54.97 -27.73
CA LEU B 459 -10.61 54.90 -27.01
C LEU B 459 -9.52 55.73 -27.67
N THR B 460 -9.41 55.71 -29.00
CA THR B 460 -8.39 56.52 -29.65
C THR B 460 -8.62 58.00 -29.44
N THR B 461 -9.86 58.43 -29.23
CA THR B 461 -10.16 59.81 -28.89
C THR B 461 -9.87 60.13 -27.44
N ARG B 462 -10.28 59.26 -26.50
CA ARG B 462 -10.02 59.47 -25.09
C ARG B 462 -8.55 59.38 -24.75
N TRP B 463 -7.75 58.74 -25.61
CA TRP B 463 -6.31 58.72 -25.41
C TRP B 463 -5.65 60.03 -25.80
N GLN B 464 -6.18 60.74 -26.81
CA GLN B 464 -5.59 62.03 -27.15
C GLN B 464 -5.96 63.10 -26.14
N ASN B 465 -7.13 62.97 -25.51
CA ASN B 465 -7.52 63.89 -24.44
C ASN B 465 -6.48 63.87 -23.32
N GLU B 466 -5.75 62.76 -23.17
CA GLU B 466 -4.67 62.70 -22.20
C GLU B 466 -3.31 62.97 -22.83
N LYS B 467 -3.11 62.59 -24.08
CA LYS B 467 -1.81 62.74 -24.75
C LYS B 467 -1.54 64.18 -25.18
N ASN B 468 -2.56 65.04 -25.14
CA ASN B 468 -2.31 66.44 -25.46
C ASN B 468 -1.97 67.24 -24.20
N ALA B 469 -2.77 67.08 -23.15
CA ALA B 469 -2.57 67.84 -21.92
C ALA B 469 -1.25 67.47 -21.25
N LYS B 530 0.66 57.63 -16.03
CA LYS B 530 1.10 56.34 -16.54
C LYS B 530 2.50 56.42 -17.10
N GLU B 531 3.48 56.73 -16.24
CA GLU B 531 4.87 56.70 -16.63
C GLU B 531 5.76 56.04 -15.58
N GLU B 532 5.20 55.62 -14.46
CA GLU B 532 5.93 54.88 -13.45
C GLU B 532 4.96 53.97 -12.74
N VAL B 533 5.46 52.80 -12.32
CA VAL B 533 4.58 51.79 -11.75
C VAL B 533 4.10 52.25 -10.39
N GLY B 534 2.88 51.86 -10.03
CA GLY B 534 2.31 52.24 -8.77
C GLY B 534 1.70 51.04 -8.07
N PRO B 535 0.89 51.28 -7.04
CA PRO B 535 0.21 50.16 -6.40
C PRO B 535 -0.93 49.57 -7.22
N ASP B 536 -1.04 49.95 -8.50
CA ASP B 536 -2.08 49.41 -9.36
C ASP B 536 -1.57 48.37 -10.35
N ASP B 537 -0.40 48.62 -10.97
CA ASP B 537 0.17 47.60 -11.83
C ASP B 537 0.49 46.34 -11.04
N ILE B 538 0.90 46.49 -9.79
CA ILE B 538 1.18 45.32 -8.96
C ILE B 538 -0.07 44.49 -8.75
N ALA B 539 -1.17 45.15 -8.40
CA ALA B 539 -2.42 44.44 -8.22
C ALA B 539 -2.87 43.78 -9.51
N ASP B 540 -2.69 44.46 -10.64
CA ASP B 540 -3.08 43.86 -11.92
C ASP B 540 -2.24 42.63 -12.22
N VAL B 541 -0.97 42.63 -11.80
CA VAL B 541 -0.12 41.46 -12.04
C VAL B 541 -0.54 40.31 -11.14
N VAL B 542 -0.77 40.58 -9.86
CA VAL B 542 -1.11 39.53 -8.91
C VAL B 542 -2.56 39.10 -9.14
N SER B 543 -3.27 39.79 -10.02
CA SER B 543 -4.59 39.36 -10.44
C SER B 543 -4.56 38.54 -11.71
N ALA B 544 -3.74 38.92 -12.69
CA ALA B 544 -3.56 38.06 -13.87
C ALA B 544 -2.95 36.74 -13.45
N TRP B 545 -2.03 36.77 -12.51
CA TRP B 545 -1.58 35.58 -11.82
C TRP B 545 -2.63 35.19 -10.79
N THR B 546 -2.80 33.88 -10.58
CA THR B 546 -3.65 33.34 -9.53
C THR B 546 -5.13 33.63 -9.75
N GLY B 547 -5.48 34.39 -10.78
CA GLY B 547 -6.89 34.56 -11.11
C GLY B 547 -7.71 35.38 -10.15
N ILE B 548 -7.22 35.58 -8.94
CA ILE B 548 -8.01 36.31 -7.93
C ILE B 548 -8.10 37.78 -8.34
N PRO B 549 -9.29 38.35 -8.47
CA PRO B 549 -9.39 39.77 -8.81
C PRO B 549 -9.20 40.62 -7.56
N ALA B 550 -8.06 41.32 -7.50
CA ALA B 550 -7.82 42.32 -6.46
C ALA B 550 -7.36 43.58 -7.17
N GLY B 551 -8.33 44.36 -7.65
CA GLY B 551 -8.03 45.59 -8.36
C GLY B 551 -8.55 46.80 -7.62
N ARG B 552 -9.22 47.71 -8.34
CA ARG B 552 -9.74 48.91 -7.70
C ARG B 552 -11.13 49.27 -8.21
N LEU B 553 -11.86 48.31 -8.77
CA LEU B 553 -13.23 48.55 -9.23
C LEU B 553 -13.26 49.67 -10.26
N LEU B 554 -12.69 49.38 -11.44
CA LEU B 554 -12.43 50.40 -12.42
C LEU B 554 -13.69 50.86 -13.17
N GLU B 555 -14.71 51.26 -12.41
CA GLU B 555 -15.85 52.03 -12.90
C GLU B 555 -16.69 51.25 -13.89
N GLY B 556 -16.25 50.06 -14.29
CA GLY B 556 -17.04 49.23 -15.18
C GLY B 556 -17.59 48.07 -14.40
N GLU B 557 -16.82 47.65 -13.40
CA GLU B 557 -17.25 46.59 -12.49
C GLU B 557 -18.17 47.12 -11.40
N THR B 558 -17.98 48.36 -10.97
CA THR B 558 -18.84 48.90 -9.91
C THR B 558 -20.25 49.12 -10.40
N ALA B 559 -20.40 49.61 -11.62
CA ALA B 559 -21.74 49.75 -12.20
C ALA B 559 -22.45 48.41 -12.31
N LYS B 560 -21.70 47.33 -12.47
CA LYS B 560 -22.27 45.99 -12.54
C LYS B 560 -22.62 45.46 -11.16
N LEU B 561 -21.75 45.68 -10.18
CA LEU B 561 -22.04 45.28 -8.81
C LEU B 561 -23.23 46.02 -8.24
N LEU B 562 -23.46 47.26 -8.65
CA LEU B 562 -24.55 48.03 -8.05
C LEU B 562 -25.91 47.43 -8.39
N ARG B 563 -26.04 46.79 -9.53
CA ARG B 563 -27.26 46.05 -9.88
C ARG B 563 -26.88 44.58 -9.98
N MET B 564 -26.83 43.92 -8.84
CA MET B 564 -26.57 42.49 -8.83
C MET B 564 -27.81 41.67 -8.51
N GLU B 565 -28.58 42.06 -7.50
CA GLU B 565 -29.85 41.37 -7.29
C GLU B 565 -30.83 41.64 -8.41
N ASP B 566 -30.42 42.38 -9.43
CA ASP B 566 -31.17 42.59 -10.66
C ASP B 566 -30.71 41.65 -11.76
N GLU B 567 -29.42 41.29 -11.76
CA GLU B 567 -28.93 40.30 -12.71
C GLU B 567 -29.13 38.88 -12.20
N LEU B 568 -29.23 38.72 -10.88
CA LEU B 568 -29.59 37.42 -10.33
C LEU B 568 -31.08 37.15 -10.45
N GLY B 569 -31.90 38.20 -10.47
CA GLY B 569 -33.33 38.04 -10.57
C GLY B 569 -33.84 37.60 -11.91
N LYS B 570 -32.98 37.53 -12.92
CA LYS B 570 -33.36 36.99 -14.22
C LYS B 570 -33.37 35.47 -14.23
N ARG B 571 -32.88 34.83 -13.18
CA ARG B 571 -32.83 33.38 -13.08
C ARG B 571 -33.47 32.83 -11.83
N VAL B 572 -33.38 33.54 -10.71
CA VAL B 572 -34.08 33.17 -9.48
C VAL B 572 -35.15 34.22 -9.24
N ILE B 573 -36.32 33.78 -8.81
CA ILE B 573 -37.49 34.63 -8.64
C ILE B 573 -38.03 34.46 -7.24
N GLY B 574 -38.25 35.57 -6.55
CA GLY B 574 -38.55 35.51 -5.14
C GLY B 574 -37.27 35.46 -4.35
N GLN B 575 -37.38 34.97 -3.11
CA GLN B 575 -36.24 34.80 -2.23
C GLN B 575 -35.41 36.08 -2.15
N LYS B 576 -36.10 37.21 -1.99
CA LYS B 576 -35.40 38.48 -1.85
C LYS B 576 -34.52 38.50 -0.62
N ALA B 577 -34.93 37.82 0.45
CA ALA B 577 -34.12 37.81 1.66
C ALA B 577 -32.80 37.11 1.43
N ALA B 578 -32.76 36.11 0.56
CA ALA B 578 -31.55 35.35 0.31
C ALA B 578 -30.70 35.93 -0.82
N VAL B 579 -31.31 36.54 -1.83
CA VAL B 579 -30.50 37.11 -2.89
C VAL B 579 -29.73 38.33 -2.38
N THR B 580 -30.33 39.07 -1.44
CA THR B 580 -29.68 40.24 -0.89
C THR B 580 -28.80 39.90 0.31
N ALA B 581 -28.39 38.66 0.44
CA ALA B 581 -27.34 38.26 1.37
C ALA B 581 -26.17 37.58 0.68
N VAL B 582 -26.44 36.69 -0.27
CA VAL B 582 -25.38 36.20 -1.14
C VAL B 582 -24.71 37.37 -1.85
N SER B 583 -25.50 38.23 -2.47
CA SER B 583 -24.99 39.40 -3.18
C SER B 583 -24.40 40.44 -2.28
N ASP B 584 -24.59 40.31 -0.97
CA ASP B 584 -24.14 41.34 -0.05
C ASP B 584 -22.76 41.09 0.50
N ALA B 585 -22.27 39.86 0.43
CA ALA B 585 -20.91 39.54 0.82
C ALA B 585 -19.96 39.49 -0.36
N VAL B 586 -20.39 39.95 -1.53
CA VAL B 586 -19.45 40.14 -2.62
C VAL B 586 -19.02 41.60 -2.70
N ARG B 587 -19.97 42.52 -2.53
CA ARG B 587 -19.61 43.94 -2.52
C ARG B 587 -18.68 44.26 -1.36
N ARG B 588 -19.04 43.83 -0.15
CA ARG B 588 -18.25 44.16 1.02
C ARG B 588 -16.94 43.40 1.07
N SER B 589 -16.64 42.61 0.06
CA SER B 589 -15.31 42.07 -0.15
C SER B 589 -14.57 42.72 -1.29
N ARG B 590 -15.27 43.14 -2.33
CA ARG B 590 -14.63 43.86 -3.42
C ARG B 590 -14.27 45.29 -3.05
N ALA B 591 -14.90 45.84 -2.03
CA ALA B 591 -14.56 47.17 -1.56
C ALA B 591 -13.49 47.16 -0.48
N GLY B 592 -12.98 45.99 -0.13
CA GLY B 592 -11.92 45.92 0.86
C GLY B 592 -12.36 46.12 2.28
N VAL B 593 -13.36 45.38 2.74
CA VAL B 593 -13.85 45.52 4.11
C VAL B 593 -13.88 44.19 4.86
N SER B 594 -13.92 43.06 4.16
CA SER B 594 -14.05 41.77 4.82
C SER B 594 -12.73 41.35 5.45
N ASP B 595 -12.83 40.40 6.36
CA ASP B 595 -11.65 39.88 7.05
C ASP B 595 -10.71 39.24 6.05
N PRO B 596 -9.44 39.63 6.01
CA PRO B 596 -8.56 39.09 4.97
C PRO B 596 -8.17 37.64 5.18
N ASN B 597 -8.44 37.05 6.35
CA ASN B 597 -8.14 35.63 6.58
C ASN B 597 -9.39 34.96 7.14
N ARG B 598 -10.31 34.63 6.25
CA ARG B 598 -11.50 33.84 6.50
C ARG B 598 -12.19 33.74 5.14
N PRO B 599 -12.99 32.72 4.86
CA PRO B 599 -13.64 32.64 3.55
C PRO B 599 -14.45 33.89 3.25
N THR B 600 -14.66 34.13 1.95
CA THR B 600 -15.39 35.32 1.53
C THR B 600 -16.79 35.32 2.11
N GLY B 601 -17.42 34.15 2.19
CA GLY B 601 -18.73 34.02 2.79
C GLY B 601 -19.09 32.56 2.94
N ALA B 602 -19.64 32.19 4.09
CA ALA B 602 -19.96 30.80 4.40
C ALA B 602 -21.36 30.76 5.02
N PHE B 603 -22.36 30.47 4.21
CA PHE B 603 -23.74 30.42 4.67
C PHE B 603 -24.51 29.30 4.01
N MET B 604 -25.44 28.75 4.76
CA MET B 604 -26.28 27.62 4.35
C MET B 604 -27.70 28.10 4.24
N PHE B 605 -28.34 27.86 3.09
CA PHE B 605 -29.76 28.16 2.94
C PHE B 605 -30.53 26.86 2.75
N LEU B 606 -31.64 26.75 3.47
CA LEU B 606 -32.43 25.53 3.54
C LEU B 606 -33.92 25.87 3.61
N GLY B 607 -34.74 24.94 3.13
CA GLY B 607 -36.18 25.11 3.12
C GLY B 607 -36.85 23.93 2.45
N PRO B 608 -38.09 24.10 1.99
CA PRO B 608 -38.78 23.00 1.29
C PRO B 608 -38.17 22.70 -0.07
N THR B 609 -38.77 21.78 -0.81
CA THR B 609 -38.22 21.28 -2.06
C THR B 609 -38.66 22.10 -3.25
N GLY B 610 -37.85 22.05 -4.30
CA GLY B 610 -38.18 22.70 -5.56
C GLY B 610 -38.36 24.20 -5.47
N VAL B 611 -37.79 24.82 -4.43
CA VAL B 611 -37.98 26.24 -4.20
C VAL B 611 -36.97 27.10 -4.95
N GLY B 612 -35.77 26.60 -5.21
CA GLY B 612 -34.80 27.37 -5.97
C GLY B 612 -33.47 27.53 -5.26
N LYS B 613 -33.15 26.63 -4.34
CA LYS B 613 -31.97 26.78 -3.50
C LYS B 613 -30.73 26.09 -4.06
N THR B 614 -30.87 25.21 -5.04
CA THR B 614 -29.73 24.77 -5.83
C THR B 614 -29.59 25.56 -7.11
N GLU B 615 -30.62 26.31 -7.49
CA GLU B 615 -30.54 27.17 -8.66
C GLU B 615 -29.83 28.48 -8.36
N LEU B 616 -30.05 29.03 -7.17
CA LEU B 616 -29.37 30.25 -6.79
C LEU B 616 -27.86 30.06 -6.77
N ALA B 617 -27.38 28.92 -6.27
CA ALA B 617 -25.96 28.64 -6.27
C ALA B 617 -25.41 28.38 -7.66
N LYS B 618 -26.26 28.37 -8.68
CA LYS B 618 -25.79 28.30 -10.06
C LYS B 618 -26.00 29.59 -10.83
N ALA B 619 -27.00 30.38 -10.46
CA ALA B 619 -27.10 31.73 -10.98
C ALA B 619 -25.99 32.62 -10.46
N LEU B 620 -25.38 32.23 -9.35
CA LEU B 620 -24.30 33.01 -8.77
C LEU B 620 -22.97 32.65 -9.38
N ALA B 621 -22.72 31.36 -9.60
CA ALA B 621 -21.50 30.93 -10.24
C ALA B 621 -21.47 31.30 -11.72
N ASP B 622 -22.57 31.80 -12.25
CA ASP B 622 -22.62 32.25 -13.63
C ASP B 622 -22.44 33.75 -13.76
N PHE B 623 -22.79 34.50 -12.71
CA PHE B 623 -22.59 35.93 -12.72
C PHE B 623 -21.12 36.28 -12.61
N LEU B 624 -20.32 35.44 -11.97
CA LEU B 624 -18.94 35.73 -11.65
C LEU B 624 -17.96 35.16 -12.66
N PHE B 625 -18.30 34.04 -13.31
CA PHE B 625 -17.41 33.37 -14.23
C PHE B 625 -17.94 33.28 -15.65
N ASP B 626 -19.22 33.58 -15.86
CA ASP B 626 -19.89 33.41 -17.15
C ASP B 626 -19.85 31.97 -17.64
N ASP B 627 -19.78 31.01 -16.72
CA ASP B 627 -19.84 29.60 -17.11
C ASP B 627 -20.30 28.79 -15.89
N GLU B 628 -21.44 28.13 -16.01
CA GLU B 628 -22.05 27.42 -14.89
C GLU B 628 -21.27 26.19 -14.49
N ARG B 629 -20.33 25.73 -15.30
CA ARG B 629 -19.55 24.54 -15.01
C ARG B 629 -18.10 24.85 -14.69
N ALA B 630 -17.82 26.05 -14.17
CA ALA B 630 -16.50 26.41 -13.69
C ALA B 630 -16.41 26.38 -12.17
N MET B 631 -17.45 25.89 -11.51
CA MET B 631 -17.49 25.82 -10.05
C MET B 631 -17.31 24.38 -9.61
N VAL B 632 -17.12 24.21 -8.30
CA VAL B 632 -16.80 22.91 -7.74
C VAL B 632 -18.01 22.40 -6.96
N ARG B 633 -18.71 21.42 -7.51
CA ARG B 633 -19.85 20.82 -6.84
C ARG B 633 -19.48 19.42 -6.38
N ILE B 634 -19.81 19.09 -5.15
CA ILE B 634 -19.68 17.73 -4.63
C ILE B 634 -21.01 17.36 -4.01
N ASP B 635 -21.54 16.21 -4.41
CA ASP B 635 -22.87 15.77 -4.00
C ASP B 635 -22.73 14.99 -2.69
N MET B 636 -23.02 15.65 -1.59
CA MET B 636 -22.72 15.08 -0.28
C MET B 636 -23.65 13.94 0.11
N SER B 637 -24.41 13.38 -0.82
CA SER B 637 -25.26 12.25 -0.48
C SER B 637 -24.54 10.93 -0.61
N GLU B 638 -23.37 10.91 -1.26
CA GLU B 638 -22.57 9.71 -1.35
C GLU B 638 -21.65 9.51 -0.16
N TYR B 639 -21.63 10.45 0.77
CA TYR B 639 -20.79 10.32 1.96
C TYR B 639 -21.60 9.77 3.11
N GLY B 640 -22.14 8.57 2.88
CA GLY B 640 -22.99 7.95 3.88
C GLY B 640 -22.20 7.30 5.00
N GLU B 641 -20.98 6.86 4.73
CA GLU B 641 -20.16 6.22 5.75
C GLU B 641 -18.89 7.03 5.97
N LYS B 642 -18.42 7.02 7.22
CA LYS B 642 -17.35 7.91 7.62
C LYS B 642 -16.05 7.70 6.86
N HIS B 643 -15.80 6.49 6.37
CA HIS B 643 -14.55 6.26 5.66
C HIS B 643 -14.54 6.91 4.28
N THR B 644 -15.66 7.45 3.83
CA THR B 644 -15.72 8.17 2.56
C THR B 644 -15.15 9.56 2.66
N VAL B 645 -14.52 9.91 3.78
CA VAL B 645 -13.87 11.21 3.90
C VAL B 645 -12.58 11.23 3.11
N ALA B 646 -11.83 10.12 3.12
CA ALA B 646 -10.57 10.06 2.41
C ALA B 646 -10.72 10.38 0.93
N ARG B 647 -11.95 10.48 0.44
CA ARG B 647 -12.17 10.80 -0.96
C ARG B 647 -11.88 12.27 -1.24
N LEU B 648 -12.00 13.14 -0.25
CA LEU B 648 -11.77 14.57 -0.46
C LEU B 648 -10.53 15.08 0.24
N ILE B 649 -9.68 14.22 0.78
CA ILE B 649 -8.52 14.70 1.51
C ILE B 649 -7.26 13.91 1.15
N GLY B 650 -7.41 12.83 0.41
CA GLY B 650 -6.28 12.00 0.03
C GLY B 650 -6.07 10.82 0.95
N ALA B 651 -5.07 10.01 0.63
CA ALA B 651 -4.79 8.87 1.48
C ALA B 651 -3.37 8.96 2.04
N PRO B 652 -3.18 8.61 3.32
CA PRO B 652 -1.90 8.84 3.96
C PRO B 652 -0.79 8.08 3.28
N PRO B 653 0.46 8.50 3.48
CA PRO B 653 1.58 7.90 2.73
C PRO B 653 1.75 6.42 3.01
N GLY B 654 2.10 5.68 1.97
CA GLY B 654 2.21 4.24 2.03
C GLY B 654 0.94 3.49 1.77
N TYR B 655 0.02 4.03 0.99
CA TYR B 655 -1.24 3.37 0.72
C TYR B 655 -1.57 3.46 -0.77
N VAL B 656 -2.70 2.86 -1.15
CA VAL B 656 -2.96 2.57 -2.56
C VAL B 656 -2.97 3.85 -3.38
N GLY B 657 -3.95 4.71 -3.14
CA GLY B 657 -3.99 5.95 -3.88
C GLY B 657 -3.35 7.08 -3.11
N TYR B 658 -2.08 7.31 -3.36
CA TYR B 658 -1.35 8.36 -2.68
C TYR B 658 -0.73 9.35 -3.64
N GLU B 659 -0.27 8.88 -4.80
CA GLU B 659 0.24 9.81 -5.80
C GLU B 659 -0.95 10.37 -6.59
N ALA B 660 -1.98 10.79 -5.87
CA ALA B 660 -3.13 11.43 -6.48
C ALA B 660 -3.65 12.59 -5.66
N GLY B 661 -3.18 12.78 -4.44
CA GLY B 661 -3.68 13.85 -3.60
C GLY B 661 -5.15 13.68 -3.30
N GLY B 662 -5.72 14.73 -2.73
CA GLY B 662 -7.14 14.75 -2.48
C GLY B 662 -7.90 14.96 -3.78
N GLN B 663 -9.18 15.23 -3.62
CA GLN B 663 -10.05 15.48 -4.76
C GLN B 663 -10.72 16.84 -4.68
N LEU B 664 -11.21 17.22 -3.50
CA LEU B 664 -11.59 18.61 -3.28
C LEU B 664 -10.36 19.50 -3.18
N THR B 665 -9.34 19.03 -2.47
CA THR B 665 -8.12 19.80 -2.29
C THR B 665 -7.49 20.18 -3.62
N GLU B 666 -7.14 19.20 -4.44
CA GLU B 666 -6.46 19.53 -5.69
C GLU B 666 -7.32 20.33 -6.64
N ALA B 667 -8.63 20.42 -6.41
CA ALA B 667 -9.48 21.22 -7.27
C ALA B 667 -9.36 22.71 -6.98
N VAL B 668 -9.14 23.08 -5.72
CA VAL B 668 -9.04 24.49 -5.35
C VAL B 668 -7.60 24.99 -5.39
N ARG B 669 -6.62 24.12 -5.19
CA ARG B 669 -5.22 24.55 -5.21
C ARG B 669 -4.80 25.07 -6.58
N ARG B 670 -5.59 24.82 -7.61
CA ARG B 670 -5.20 25.26 -8.96
C ARG B 670 -5.89 26.56 -9.37
N ARG B 671 -7.10 26.80 -8.88
CA ARG B 671 -7.85 28.02 -9.16
C ARG B 671 -8.55 28.44 -7.88
N PRO B 672 -7.93 29.29 -7.08
CA PRO B 672 -8.50 29.58 -5.76
C PRO B 672 -9.53 30.70 -5.77
N TYR B 673 -10.42 30.69 -6.76
CA TYR B 673 -11.47 31.69 -6.84
C TYR B 673 -12.84 31.06 -7.11
N THR B 674 -12.92 29.75 -7.17
CA THR B 674 -14.18 29.08 -7.49
C THR B 674 -15.17 29.27 -6.35
N VAL B 675 -16.36 28.71 -6.53
CA VAL B 675 -17.43 28.75 -5.53
C VAL B 675 -17.88 27.32 -5.24
N VAL B 676 -17.56 26.85 -4.06
CA VAL B 676 -17.80 25.45 -3.70
C VAL B 676 -19.25 25.31 -3.28
N LEU B 677 -19.84 24.15 -3.57
CA LEU B 677 -21.25 23.89 -3.29
C LEU B 677 -21.37 22.48 -2.71
N PHE B 678 -21.77 22.37 -1.45
CA PHE B 678 -22.00 21.07 -0.82
C PHE B 678 -23.49 20.81 -0.85
N ASP B 679 -23.94 20.01 -1.81
CA ASP B 679 -25.37 19.83 -2.05
C ASP B 679 -25.92 18.69 -1.21
N GLU B 680 -27.08 18.91 -0.60
CA GLU B 680 -27.76 17.91 0.23
C GLU B 680 -26.87 17.45 1.37
N ILE B 681 -26.53 18.38 2.25
CA ILE B 681 -25.48 18.10 3.22
C ILE B 681 -25.97 17.27 4.40
N GLU B 682 -27.24 17.34 4.76
CA GLU B 682 -27.66 16.62 5.96
C GLU B 682 -27.80 15.12 5.72
N LYS B 683 -27.63 14.66 4.48
CA LYS B 683 -27.69 13.24 4.17
C LYS B 683 -26.39 12.51 4.45
N ALA B 684 -25.35 13.20 4.88
CA ALA B 684 -24.05 12.60 5.05
C ALA B 684 -23.85 12.11 6.49
N HIS B 685 -22.67 11.58 6.74
CA HIS B 685 -22.36 11.04 8.05
C HIS B 685 -21.74 12.13 8.93
N PRO B 686 -22.17 12.26 10.17
CA PRO B 686 -21.74 13.41 10.97
C PRO B 686 -20.28 13.35 11.39
N ASP B 687 -19.40 13.11 10.43
CA ASP B 687 -17.97 13.25 10.62
C ASP B 687 -17.42 14.15 9.54
N VAL B 688 -18.06 14.12 8.37
CA VAL B 688 -17.68 15.04 7.32
C VAL B 688 -17.96 16.47 7.75
N PHE B 689 -19.01 16.67 8.55
CA PHE B 689 -19.18 17.96 9.21
C PHE B 689 -17.92 18.35 9.95
N ASP B 690 -17.37 17.44 10.75
CA ASP B 690 -16.20 17.76 11.54
C ASP B 690 -14.98 17.96 10.68
N VAL B 691 -14.97 17.43 9.45
CA VAL B 691 -13.90 17.78 8.53
C VAL B 691 -14.05 19.22 8.07
N LEU B 692 -15.27 19.59 7.65
CA LEU B 692 -15.56 20.96 7.26
C LEU B 692 -15.35 21.96 8.39
N LEU B 693 -15.28 21.49 9.63
CA LEU B 693 -15.28 22.37 10.78
C LEU B 693 -14.19 23.45 10.70
N GLN B 694 -13.03 23.14 10.13
CA GLN B 694 -11.97 24.13 10.05
C GLN B 694 -11.87 24.80 8.69
N VAL B 695 -12.56 24.27 7.67
CA VAL B 695 -12.65 24.97 6.39
C VAL B 695 -13.32 26.32 6.59
N LEU B 696 -14.54 26.31 7.12
CA LEU B 696 -15.12 27.53 7.64
C LEU B 696 -14.21 28.08 8.73
N ASP B 697 -14.25 29.41 8.90
CA ASP B 697 -13.63 30.10 10.02
C ASP B 697 -12.11 30.15 9.93
N GLU B 698 -11.50 29.38 9.04
CA GLU B 698 -10.07 29.60 8.77
C GLU B 698 -9.67 29.46 7.32
N GLY B 699 -10.41 28.72 6.49
CA GLY B 699 -10.03 28.55 5.12
C GLY B 699 -8.74 27.79 4.92
N ARG B 700 -8.59 26.65 5.58
CA ARG B 700 -7.37 25.86 5.44
C ARG B 700 -7.71 24.40 5.70
N LEU B 701 -7.14 23.50 4.90
CA LEU B 701 -7.14 22.08 5.23
C LEU B 701 -6.05 21.43 4.40
N THR B 702 -5.26 20.56 5.04
CA THR B 702 -4.10 19.97 4.42
C THR B 702 -4.36 18.50 4.11
N ASP B 703 -3.86 18.07 2.96
CA ASP B 703 -4.13 16.73 2.44
C ASP B 703 -3.06 15.77 2.93
N GLY B 704 -2.99 14.61 2.26
CA GLY B 704 -1.98 13.62 2.63
C GLY B 704 -0.57 14.10 2.41
N HIS B 705 -0.30 14.68 1.25
CA HIS B 705 1.03 15.17 0.92
C HIS B 705 1.54 16.27 1.84
N GLY B 706 0.74 16.73 2.79
CA GLY B 706 1.18 17.81 3.65
C GLY B 706 1.20 19.16 3.01
N ARG B 707 0.33 19.42 2.05
CA ARG B 707 0.26 20.71 1.38
C ARG B 707 -0.97 21.45 1.88
N THR B 708 -0.76 22.57 2.56
CA THR B 708 -1.89 23.34 3.08
C THR B 708 -2.53 24.13 1.96
N VAL B 709 -3.85 23.98 1.82
CA VAL B 709 -4.61 24.64 0.77
C VAL B 709 -5.49 25.70 1.41
N ASP B 710 -5.49 26.90 0.82
CA ASP B 710 -6.20 28.03 1.40
C ASP B 710 -7.55 28.23 0.73
N PHE B 711 -8.55 28.57 1.55
CA PHE B 711 -9.91 28.79 1.07
C PHE B 711 -10.38 30.22 1.31
N ARG B 712 -9.47 31.13 1.61
CA ARG B 712 -9.85 32.46 2.04
C ARG B 712 -10.43 33.33 0.94
N ASN B 713 -10.71 32.77 -0.24
CA ASN B 713 -11.31 33.57 -1.31
C ASN B 713 -12.51 32.90 -1.94
N THR B 714 -12.88 31.69 -1.51
CA THR B 714 -14.01 31.00 -2.08
C THR B 714 -15.30 31.43 -1.39
N ILE B 715 -16.43 31.00 -1.96
CA ILE B 715 -17.74 31.25 -1.38
C ILE B 715 -18.35 29.89 -1.08
N LEU B 716 -18.54 29.60 0.20
CA LEU B 716 -19.00 28.30 0.63
C LEU B 716 -20.52 28.30 0.75
N ILE B 717 -21.15 27.32 0.11
CA ILE B 717 -22.59 27.23 0.01
C ILE B 717 -23.02 25.82 0.37
N LEU B 718 -23.92 25.68 1.33
CA LEU B 718 -24.41 24.37 1.76
C LEU B 718 -25.92 24.37 1.66
N THR B 719 -26.47 23.55 0.79
CA THR B 719 -27.91 23.41 0.69
C THR B 719 -28.39 22.39 1.70
N SER B 720 -29.71 22.20 1.77
CA SER B 720 -30.30 21.26 2.70
C SER B 720 -31.79 21.18 2.43
N ASN B 721 -32.46 20.28 3.16
CA ASN B 721 -33.91 20.15 3.08
C ASN B 721 -34.50 19.82 4.44
N LEU B 722 -33.88 20.27 5.51
CA LEU B 722 -34.36 19.94 6.85
C LEU B 722 -35.73 20.56 7.09
N GLY B 723 -36.36 20.14 8.18
CA GLY B 723 -37.62 20.73 8.58
C GLY B 723 -38.78 20.31 7.69
N SER B 724 -38.77 20.75 6.44
CA SER B 724 -39.76 20.37 5.45
C SER B 724 -41.17 20.76 5.90
N GLY B 725 -41.40 22.06 5.98
CA GLY B 725 -42.74 22.56 6.20
C GLY B 725 -42.93 23.30 7.51
N GLY B 726 -42.09 23.01 8.50
CA GLY B 726 -42.15 23.74 9.75
C GLY B 726 -42.05 25.23 9.53
N SER B 727 -42.78 25.98 10.35
CA SER B 727 -42.91 27.41 10.07
C SER B 727 -41.58 28.13 10.15
N ALA B 728 -41.06 28.34 11.36
CA ALA B 728 -39.70 28.84 11.52
C ALA B 728 -38.94 28.18 12.65
N GLU B 729 -39.61 27.62 13.66
CA GLU B 729 -38.93 26.98 14.77
C GLU B 729 -39.18 25.49 14.84
N GLN B 730 -39.96 24.92 13.92
CA GLN B 730 -39.86 23.49 13.67
C GLN B 730 -38.65 23.18 12.80
N VAL B 731 -38.08 24.18 12.14
CA VAL B 731 -36.92 24.00 11.29
C VAL B 731 -35.68 24.50 12.02
N LEU B 732 -35.80 25.64 12.69
CA LEU B 732 -34.67 26.17 13.44
C LEU B 732 -34.29 25.29 14.61
N ALA B 733 -35.21 24.45 15.09
CA ALA B 733 -34.90 23.49 16.13
C ALA B 733 -34.58 22.11 15.57
N ALA B 734 -34.83 21.89 14.29
CA ALA B 734 -34.38 20.65 13.65
C ALA B 734 -32.97 20.78 13.10
N VAL B 735 -32.50 22.01 12.87
CA VAL B 735 -31.10 22.22 12.53
C VAL B 735 -30.23 22.07 13.78
N ARG B 736 -30.70 22.60 14.89
CA ARG B 736 -30.01 22.58 16.16
C ARG B 736 -29.86 21.22 16.73
N ALA B 737 -30.72 20.28 16.33
CA ALA B 737 -30.64 18.91 16.82
C ALA B 737 -29.97 17.97 15.84
N THR B 738 -29.58 18.46 14.67
CA THR B 738 -28.78 17.67 13.75
C THR B 738 -27.34 18.14 13.66
N PHE B 739 -27.07 19.40 13.99
CA PHE B 739 -25.73 19.96 13.95
C PHE B 739 -25.29 20.39 15.34
N LYS B 740 -24.01 20.58 15.50
CA LYS B 740 -23.48 20.98 16.80
C LYS B 740 -23.31 22.48 16.86
N PRO B 741 -23.34 23.07 18.06
CA PRO B 741 -23.17 24.53 18.16
C PRO B 741 -21.87 25.00 17.59
N GLU B 742 -20.79 24.24 17.77
CA GLU B 742 -19.51 24.64 17.21
C GLU B 742 -19.50 24.61 15.69
N PHE B 743 -20.46 23.95 15.06
CA PHE B 743 -20.58 23.99 13.61
C PHE B 743 -21.55 25.05 13.14
N ILE B 744 -22.64 25.30 13.89
CA ILE B 744 -23.52 26.41 13.55
C ILE B 744 -22.86 27.75 13.78
N ASN B 745 -21.88 27.82 14.67
CA ASN B 745 -21.27 29.09 15.03
C ASN B 745 -20.31 29.62 13.98
N ARG B 746 -19.71 28.76 13.16
CA ARG B 746 -18.82 29.26 12.13
C ARG B 746 -19.61 29.90 10.99
N LEU B 747 -20.83 29.44 10.75
CA LEU B 747 -21.61 29.90 9.60
C LEU B 747 -21.94 31.37 9.70
N ASP B 748 -22.17 31.98 8.54
CA ASP B 748 -22.86 33.26 8.48
C ASP B 748 -24.35 33.01 8.59
N ASP B 749 -25.18 33.99 8.24
CA ASP B 749 -26.63 33.86 8.34
C ASP B 749 -27.11 32.55 7.75
N VAL B 750 -28.02 31.90 8.45
CA VAL B 750 -28.71 30.70 7.99
C VAL B 750 -29.96 31.16 7.27
N LEU B 751 -29.93 31.17 5.94
CA LEU B 751 -31.02 31.68 5.15
C LEU B 751 -32.15 30.66 5.10
N ILE B 752 -33.38 31.13 5.23
CA ILE B 752 -34.56 30.28 5.13
C ILE B 752 -35.27 30.63 3.83
N PHE B 753 -35.56 29.60 3.03
CA PHE B 753 -36.32 29.84 1.82
C PHE B 753 -37.81 29.66 2.09
N GLU B 754 -38.62 30.20 1.20
CA GLU B 754 -40.06 30.24 1.39
C GLU B 754 -40.77 29.66 0.19
N GLY B 755 -41.95 29.11 0.43
CA GLY B 755 -42.75 28.53 -0.64
C GLY B 755 -43.06 29.52 -1.74
N LEU B 756 -43.67 29.04 -2.82
CA LEU B 756 -43.96 29.87 -3.98
C LEU B 756 -45.41 30.30 -3.96
N ASN B 757 -45.65 31.60 -3.96
CA ASN B 757 -46.99 32.14 -4.04
C ASN B 757 -47.53 31.97 -5.46
N PRO B 758 -48.85 32.02 -5.63
CA PRO B 758 -49.41 31.87 -6.98
C PRO B 758 -48.97 32.95 -7.94
N GLU B 759 -48.68 34.17 -7.45
CA GLU B 759 -48.25 35.22 -8.35
C GLU B 759 -46.88 34.95 -8.94
N GLU B 760 -45.94 34.48 -8.13
CA GLU B 760 -44.56 34.31 -8.58
C GLU B 760 -44.35 32.99 -9.30
N LEU B 761 -45.41 32.43 -9.86
CA LEU B 761 -45.31 31.33 -10.80
C LEU B 761 -45.61 31.76 -12.23
N VAL B 762 -46.39 32.81 -12.41
CA VAL B 762 -46.75 33.29 -13.75
C VAL B 762 -45.50 33.81 -14.44
N ARG B 763 -44.44 34.02 -13.66
CA ARG B 763 -43.16 34.50 -14.17
C ARG B 763 -42.19 33.36 -14.45
N ILE B 764 -42.18 32.35 -13.60
CA ILE B 764 -41.44 31.14 -13.93
C ILE B 764 -41.99 30.53 -15.20
N VAL B 765 -43.29 30.70 -15.46
CA VAL B 765 -43.85 30.22 -16.73
C VAL B 765 -43.14 30.88 -17.90
N ASP B 766 -42.97 32.20 -17.83
CA ASP B 766 -42.28 32.91 -18.91
C ASP B 766 -40.85 32.44 -19.03
N ILE B 767 -40.17 32.22 -17.90
CA ILE B 767 -38.80 31.76 -17.95
C ILE B 767 -38.72 30.42 -18.68
N GLN B 768 -39.61 29.50 -18.33
CA GLN B 768 -39.60 28.17 -18.94
C GLN B 768 -39.85 28.26 -20.44
N LEU B 769 -40.83 29.06 -20.84
CA LEU B 769 -41.14 29.18 -22.26
C LEU B 769 -39.97 29.80 -23.02
N ALA B 770 -39.30 30.77 -22.41
CA ALA B 770 -38.11 31.35 -23.05
C ALA B 770 -37.02 30.31 -23.19
N GLN B 771 -36.81 29.49 -22.16
CA GLN B 771 -35.83 28.42 -22.24
C GLN B 771 -36.13 27.50 -23.41
N LEU B 772 -37.36 27.02 -23.49
CA LEU B 772 -37.72 26.10 -24.55
C LEU B 772 -37.54 26.76 -25.91
N GLY B 773 -37.91 28.03 -26.02
CA GLY B 773 -37.74 28.73 -27.29
C GLY B 773 -36.30 28.80 -27.71
N LYS B 774 -35.41 29.14 -26.77
CA LYS B 774 -33.98 29.17 -27.09
C LYS B 774 -33.48 27.78 -27.47
N ARG B 775 -34.06 26.74 -26.86
CA ARG B 775 -33.70 25.38 -27.22
C ARG B 775 -34.19 25.02 -28.62
N LEU B 776 -35.27 25.65 -29.07
CA LEU B 776 -35.83 25.36 -30.38
C LEU B 776 -35.11 26.10 -31.51
N ALA B 777 -34.40 27.18 -31.21
CA ALA B 777 -33.78 27.97 -32.26
C ALA B 777 -32.70 27.21 -33.02
N GLN B 778 -32.45 25.95 -32.68
CA GLN B 778 -31.57 25.13 -33.50
C GLN B 778 -32.19 24.79 -34.85
N ARG B 779 -33.49 24.99 -35.00
CA ARG B 779 -34.17 24.76 -36.28
C ARG B 779 -34.83 26.02 -36.80
N ARG B 780 -34.52 27.18 -36.24
CA ARG B 780 -35.18 28.44 -36.61
C ARG B 780 -36.69 28.34 -36.43
N LEU B 781 -37.10 27.62 -35.39
CA LEU B 781 -38.48 27.23 -35.19
C LEU B 781 -39.01 27.91 -33.94
N GLN B 782 -39.92 28.85 -34.13
CA GLN B 782 -40.45 29.64 -33.02
C GLN B 782 -41.81 29.09 -32.60
N LEU B 783 -42.44 29.78 -31.65
CA LEU B 783 -43.82 29.49 -31.30
C LEU B 783 -44.43 30.69 -30.58
N GLN B 784 -45.69 30.97 -30.89
CA GLN B 784 -46.43 32.08 -30.32
C GLN B 784 -47.32 31.56 -29.20
N VAL B 785 -47.27 32.21 -28.04
CA VAL B 785 -48.05 31.77 -26.89
C VAL B 785 -49.02 32.87 -26.50
N SER B 786 -50.29 32.51 -26.35
CA SER B 786 -51.32 33.46 -25.99
C SER B 786 -51.46 33.56 -24.47
N LEU B 787 -51.75 34.77 -24.01
CA LEU B 787 -51.92 35.02 -22.59
C LEU B 787 -52.90 34.05 -21.91
N PRO B 788 -54.00 33.63 -22.53
CA PRO B 788 -54.81 32.59 -21.90
C PRO B 788 -54.04 31.32 -21.59
N ALA B 789 -53.24 30.81 -22.52
CA ALA B 789 -52.44 29.62 -22.23
C ALA B 789 -51.39 29.93 -21.18
N LYS B 790 -50.79 31.12 -21.25
CA LYS B 790 -49.75 31.47 -20.29
C LYS B 790 -50.28 31.55 -18.87
N ARG B 791 -51.55 31.91 -18.69
CA ARG B 791 -52.12 31.90 -17.35
C ARG B 791 -52.93 30.64 -17.06
N TRP B 792 -53.08 29.75 -18.04
CA TRP B 792 -53.60 28.43 -17.78
C TRP B 792 -52.53 27.54 -17.19
N LEU B 793 -51.34 27.56 -17.78
CA LEU B 793 -50.22 26.78 -17.24
C LEU B 793 -49.95 27.16 -15.80
N ALA B 794 -49.90 28.47 -15.51
CA ALA B 794 -49.58 28.92 -14.17
C ALA B 794 -50.66 28.60 -13.17
N GLN B 795 -51.89 28.45 -13.59
CA GLN B 795 -52.95 28.01 -12.70
C GLN B 795 -52.95 26.51 -12.51
N ARG B 796 -52.38 25.77 -13.46
CA ARG B 796 -52.15 24.34 -13.26
C ARG B 796 -50.78 24.03 -12.65
N GLY B 797 -50.02 25.05 -12.29
CA GLY B 797 -48.95 24.84 -11.34
C GLY B 797 -49.54 24.72 -9.96
N PHE B 798 -49.49 23.53 -9.40
CA PHE B 798 -50.32 23.23 -8.23
C PHE B 798 -49.48 22.87 -7.02
N ASP B 799 -50.15 22.27 -6.04
CA ASP B 799 -49.63 21.53 -4.90
C ASP B 799 -48.45 22.24 -4.26
N PRO B 800 -48.71 23.26 -3.44
CA PRO B 800 -47.60 23.95 -2.78
C PRO B 800 -46.90 23.05 -1.78
N VAL B 801 -46.51 21.87 -2.27
CA VAL B 801 -45.74 20.91 -1.49
C VAL B 801 -44.60 20.43 -2.37
N TYR B 802 -44.72 20.66 -3.68
CA TYR B 802 -43.71 20.23 -4.64
C TYR B 802 -43.06 21.41 -5.35
N GLY B 803 -43.37 22.62 -4.94
CA GLY B 803 -42.67 23.78 -5.46
C GLY B 803 -42.91 24.01 -6.94
N ALA B 804 -41.83 24.18 -7.70
CA ALA B 804 -41.92 24.58 -9.09
C ALA B 804 -41.38 23.52 -10.05
N ARG B 805 -41.27 22.29 -9.59
CA ARG B 805 -40.89 21.19 -10.47
C ARG B 805 -42.07 20.69 -11.30
N PRO B 806 -43.27 20.51 -10.72
CA PRO B 806 -44.40 20.05 -11.53
C PRO B 806 -44.61 20.85 -12.78
N LEU B 807 -44.29 22.14 -12.77
CA LEU B 807 -44.55 22.97 -13.93
C LEU B 807 -43.71 22.54 -15.12
N ARG B 808 -42.47 22.11 -14.87
CA ARG B 808 -41.61 21.69 -15.97
C ARG B 808 -42.08 20.37 -16.58
N ARG B 809 -42.82 19.58 -15.81
CA ARG B 809 -43.42 18.38 -16.38
C ARG B 809 -44.72 18.70 -17.09
N LEU B 810 -45.49 19.64 -16.56
CA LEU B 810 -46.71 20.08 -17.21
C LEU B 810 -46.41 20.66 -18.59
N VAL B 811 -45.37 21.47 -18.69
CA VAL B 811 -45.03 22.08 -19.98
C VAL B 811 -44.74 21.00 -21.02
N GLN B 812 -44.00 19.97 -20.64
CA GLN B 812 -43.66 18.96 -21.63
C GLN B 812 -44.79 17.99 -21.89
N GLN B 813 -45.68 17.78 -20.92
CA GLN B 813 -46.86 16.98 -21.20
C GLN B 813 -47.79 17.71 -22.15
N ALA B 814 -47.93 19.03 -22.01
CA ALA B 814 -48.88 19.77 -22.82
C ALA B 814 -48.30 20.11 -24.18
N ILE B 815 -47.22 20.88 -24.22
CA ILE B 815 -46.70 21.42 -25.47
C ILE B 815 -45.73 20.47 -26.13
N GLY B 816 -44.74 19.99 -25.38
CA GLY B 816 -43.64 19.27 -26.00
C GLY B 816 -44.06 17.97 -26.63
N ASP B 817 -44.95 17.23 -25.98
CA ASP B 817 -45.38 15.95 -26.52
C ASP B 817 -45.98 16.10 -27.90
N GLN B 818 -47.01 16.93 -28.03
CA GLN B 818 -47.68 17.05 -29.32
C GLN B 818 -46.84 17.81 -30.32
N LEU B 819 -45.97 18.72 -29.87
CA LEU B 819 -45.04 19.32 -30.83
C LEU B 819 -44.14 18.27 -31.44
N ALA B 820 -43.59 17.37 -30.62
CA ALA B 820 -42.73 16.33 -31.15
C ALA B 820 -43.49 15.36 -32.02
N LYS B 821 -44.75 15.09 -31.69
CA LYS B 821 -45.56 14.24 -32.55
C LYS B 821 -45.78 14.88 -33.91
N MET B 822 -46.14 16.16 -33.94
CA MET B 822 -46.32 16.87 -35.18
C MET B 822 -45.01 17.08 -35.94
N LEU B 823 -43.87 17.03 -35.25
CA LEU B 823 -42.63 17.45 -35.88
C LEU B 823 -42.06 16.38 -36.80
N LEU B 824 -42.15 15.10 -36.41
CA LEU B 824 -41.68 14.02 -37.24
C LEU B 824 -42.81 13.34 -37.99
N ALA B 825 -43.97 13.97 -38.08
CA ALA B 825 -45.07 13.45 -38.89
C ALA B 825 -45.31 14.37 -40.06
N GLY B 826 -44.24 14.97 -40.59
CA GLY B 826 -44.42 16.03 -41.56
C GLY B 826 -45.20 17.17 -40.92
N GLN B 827 -45.84 17.96 -41.77
CA GLN B 827 -46.86 18.94 -41.40
C GLN B 827 -46.35 20.02 -40.45
N VAL B 828 -45.05 19.99 -40.14
CA VAL B 828 -44.36 21.11 -39.49
C VAL B 828 -42.91 21.04 -39.93
N HIS B 829 -42.39 22.13 -40.49
CA HIS B 829 -41.02 22.16 -40.96
C HIS B 829 -40.31 23.37 -40.36
N ASP B 830 -39.02 23.46 -40.60
CA ASP B 830 -38.23 24.53 -40.01
C ASP B 830 -38.67 25.89 -40.57
N GLY B 831 -38.28 26.94 -39.86
CA GLY B 831 -38.71 28.28 -40.20
C GLY B 831 -40.13 28.62 -39.80
N ASP B 832 -40.98 27.62 -39.59
CA ASP B 832 -42.38 27.87 -39.25
C ASP B 832 -42.49 28.53 -37.88
N THR B 833 -43.73 28.78 -37.48
CA THR B 833 -44.03 29.33 -36.17
C THR B 833 -45.41 28.86 -35.75
N VAL B 834 -45.48 28.07 -34.70
CA VAL B 834 -46.71 27.39 -34.30
C VAL B 834 -47.36 28.20 -33.17
N PRO B 835 -48.63 28.58 -33.31
CA PRO B 835 -49.31 29.26 -32.21
C PRO B 835 -50.08 28.31 -31.32
N VAL B 836 -49.89 28.44 -30.03
CA VAL B 836 -50.62 27.64 -29.06
C VAL B 836 -51.89 28.38 -28.67
N ASN B 837 -52.92 27.63 -28.34
CA ASN B 837 -54.20 28.22 -27.94
C ASN B 837 -54.91 27.27 -27.01
N VAL B 838 -55.51 27.82 -25.96
CA VAL B 838 -56.14 27.00 -24.92
C VAL B 838 -57.46 26.48 -25.47
N SER B 839 -57.49 25.23 -25.88
CA SER B 839 -58.76 24.54 -26.10
C SER B 839 -59.52 24.53 -24.78
N PRO B 840 -60.87 24.35 -24.81
CA PRO B 840 -61.65 24.36 -23.56
C PRO B 840 -61.01 23.67 -22.36
N ASP B 841 -60.21 22.62 -22.58
CA ASP B 841 -59.44 22.01 -21.51
C ASP B 841 -57.94 21.99 -21.77
N ALA B 842 -57.50 21.51 -22.93
CA ALA B 842 -56.09 21.27 -23.20
C ALA B 842 -55.51 22.36 -24.09
N ASP B 843 -54.28 22.17 -24.54
CA ASP B 843 -53.60 23.08 -25.46
C ASP B 843 -53.54 22.48 -26.85
N SER B 844 -53.85 23.30 -27.85
CA SER B 844 -53.86 22.85 -29.23
C SER B 844 -52.92 23.72 -30.05
N LEU B 845 -52.12 23.08 -30.89
CA LEU B 845 -51.13 23.80 -31.68
C LEU B 845 -51.70 24.22 -33.02
N GLN C 159 27.70 25.06 -32.62
CA GLN C 159 27.29 24.10 -33.63
C GLN C 159 26.65 22.86 -33.01
N ALA C 160 26.78 22.72 -31.70
CA ALA C 160 26.08 21.64 -31.01
C ALA C 160 24.58 21.77 -31.17
N LEU C 161 24.07 22.99 -31.16
CA LEU C 161 22.64 23.21 -31.37
C LEU C 161 22.17 22.61 -32.68
N GLN C 162 22.88 22.90 -33.77
CA GLN C 162 22.52 22.37 -35.08
C GLN C 162 22.33 20.87 -35.07
N LYS C 163 22.96 20.17 -34.13
CA LYS C 163 22.90 18.73 -34.06
C LYS C 163 21.87 18.22 -33.06
N TYR C 164 21.66 18.95 -31.96
CA TYR C 164 20.81 18.45 -30.88
C TYR C 164 19.49 19.19 -30.78
N SER C 165 19.13 20.00 -31.76
CA SER C 165 17.84 20.66 -31.72
C SER C 165 17.44 21.13 -33.10
N THR C 166 16.15 21.34 -33.29
CA THR C 166 15.60 21.87 -34.53
C THR C 166 15.30 23.36 -34.37
N ASP C 167 14.85 23.98 -35.46
CA ASP C 167 14.59 25.40 -35.50
C ASP C 167 13.11 25.65 -35.73
N LEU C 168 12.47 26.34 -34.80
CA LEU C 168 11.05 26.63 -34.91
C LEU C 168 10.80 27.87 -35.76
N THR C 169 11.51 28.96 -35.49
CA THR C 169 11.30 30.19 -36.24
C THR C 169 11.58 30.00 -37.72
N ALA C 170 12.50 29.11 -38.06
CA ALA C 170 12.76 28.84 -39.46
C ALA C 170 11.52 28.26 -40.14
N ARG C 171 10.92 27.25 -39.52
CA ARG C 171 9.68 26.70 -40.06
C ARG C 171 8.58 27.74 -40.10
N ALA C 172 8.54 28.64 -39.11
CA ALA C 172 7.54 29.69 -39.12
C ALA C 172 7.72 30.61 -40.32
N ARG C 173 8.97 30.89 -40.70
CA ARG C 173 9.22 31.66 -41.90
C ARG C 173 8.82 30.90 -43.14
N GLU C 174 9.20 29.63 -43.22
CA GLU C 174 8.89 28.81 -44.38
C GLU C 174 7.42 28.46 -44.49
N GLY C 175 6.58 28.98 -43.60
CA GLY C 175 5.16 28.73 -43.64
C GLY C 175 4.78 27.28 -43.48
N LYS C 176 5.01 26.71 -42.30
CA LYS C 176 4.69 25.31 -42.06
C LYS C 176 3.94 25.10 -40.74
N LEU C 177 3.61 26.17 -40.04
CA LEU C 177 2.87 26.07 -38.78
C LEU C 177 1.46 26.58 -38.99
N ASP C 178 0.48 25.90 -38.39
CA ASP C 178 -0.91 26.27 -38.58
C ASP C 178 -1.15 27.69 -38.06
N PRO C 179 -2.13 28.39 -38.59
CA PRO C 179 -2.46 29.71 -38.05
C PRO C 179 -2.98 29.58 -36.63
N VAL C 180 -2.71 30.61 -35.83
CA VAL C 180 -3.09 30.64 -34.43
C VAL C 180 -4.04 31.79 -34.23
N ILE C 181 -5.23 31.50 -33.71
CA ILE C 181 -6.31 32.46 -33.61
C ILE C 181 -6.64 32.68 -32.15
N GLY C 182 -6.83 33.92 -31.76
CA GLY C 182 -7.24 34.22 -30.41
C GLY C 182 -6.10 34.05 -29.42
N ARG C 183 -6.49 33.90 -28.15
CA ARG C 183 -5.54 33.76 -27.05
C ARG C 183 -4.57 34.94 -27.03
N ASP C 184 -5.12 36.13 -26.80
CA ASP C 184 -4.29 37.32 -26.74
C ASP C 184 -3.70 37.54 -25.36
N ASN C 185 -4.50 37.36 -24.32
CA ASN C 185 -4.00 37.53 -22.96
C ASN C 185 -2.81 36.62 -22.70
N GLU C 186 -2.89 35.38 -23.18
CA GLU C 186 -1.84 34.41 -22.89
C GLU C 186 -0.54 34.79 -23.59
N ILE C 187 -0.59 35.15 -24.86
CA ILE C 187 0.65 35.51 -25.54
C ILE C 187 1.21 36.81 -24.98
N ARG C 188 0.33 37.73 -24.58
CA ARG C 188 0.80 38.95 -23.92
C ARG C 188 1.56 38.63 -22.65
N ARG C 189 0.99 37.79 -21.78
CA ARG C 189 1.67 37.45 -20.55
C ARG C 189 2.96 36.68 -20.82
N VAL C 190 2.95 35.80 -21.82
CA VAL C 190 4.16 35.05 -22.13
C VAL C 190 5.27 35.99 -22.55
N VAL C 191 4.96 36.97 -23.40
CA VAL C 191 5.99 37.91 -23.84
C VAL C 191 6.50 38.73 -22.67
N GLN C 192 5.60 39.27 -21.85
CA GLN C 192 6.09 40.14 -20.80
C GLN C 192 6.86 39.38 -19.73
N VAL C 193 6.56 38.11 -19.50
CA VAL C 193 7.40 37.30 -18.63
C VAL C 193 8.72 36.97 -19.31
N LEU C 194 8.70 36.72 -20.62
CA LEU C 194 9.88 36.36 -21.37
C LEU C 194 10.84 37.51 -21.55
N SER C 195 10.43 38.72 -21.20
CA SER C 195 11.36 39.84 -21.32
C SER C 195 11.54 40.61 -20.02
N ARG C 196 11.75 39.92 -18.91
CA ARG C 196 12.07 40.58 -17.65
C ARG C 196 13.51 40.28 -17.27
N ARG C 197 13.95 40.85 -16.14
CA ARG C 197 15.38 40.88 -15.84
C ARG C 197 15.89 39.50 -15.42
N THR C 198 15.38 38.96 -14.33
CA THR C 198 15.84 37.68 -13.80
C THR C 198 14.69 36.70 -13.74
N LYS C 199 15.00 35.42 -13.91
CA LYS C 199 14.03 34.34 -13.81
C LYS C 199 12.90 34.54 -14.83
N ASN C 200 13.29 34.64 -16.09
CA ASN C 200 12.36 34.78 -17.19
C ASN C 200 12.18 33.40 -17.83
N ASN C 201 11.26 32.62 -17.29
CA ASN C 201 11.00 31.28 -17.79
C ASN C 201 9.52 30.98 -17.65
N PRO C 202 8.74 31.28 -18.69
CA PRO C 202 7.30 31.01 -18.63
C PRO C 202 7.01 29.55 -18.90
N VAL C 203 6.06 29.00 -18.14
CA VAL C 203 5.66 27.60 -18.27
C VAL C 203 4.17 27.59 -18.50
N LEU C 204 3.75 27.20 -19.70
CA LEU C 204 2.33 27.06 -20.00
C LEU C 204 1.80 25.79 -19.37
N ILE C 205 0.77 25.92 -18.54
CA ILE C 205 0.24 24.80 -17.77
C ILE C 205 -1.26 24.75 -17.98
N GLY C 206 -1.81 23.55 -17.98
CA GLY C 206 -3.24 23.41 -18.19
C GLY C 206 -3.56 22.06 -18.83
N GLU C 207 -4.83 21.68 -18.72
CA GLU C 207 -5.31 20.37 -19.11
C GLU C 207 -4.96 20.05 -20.56
N PRO C 208 -4.93 18.76 -20.92
CA PRO C 208 -4.40 18.37 -22.24
C PRO C 208 -5.39 18.66 -23.35
N GLY C 209 -4.91 19.31 -24.40
CA GLY C 209 -5.71 19.58 -25.58
C GLY C 209 -6.11 21.02 -25.76
N VAL C 210 -6.05 21.86 -24.73
CA VAL C 210 -6.64 23.19 -24.80
C VAL C 210 -5.80 24.18 -25.58
N GLY C 211 -4.64 23.78 -26.06
CA GLY C 211 -3.78 24.65 -26.83
C GLY C 211 -2.65 25.19 -25.99
N LYS C 212 -1.52 24.53 -26.05
CA LYS C 212 -0.34 24.98 -25.33
C LYS C 212 0.89 24.99 -26.22
N THR C 213 0.95 24.10 -27.21
CA THR C 213 1.93 24.24 -28.26
C THR C 213 1.48 25.26 -29.31
N ALA C 214 0.17 25.38 -29.51
CA ALA C 214 -0.35 26.36 -30.43
C ALA C 214 0.03 27.77 -30.02
N ILE C 215 0.13 28.04 -28.71
CA ILE C 215 0.49 29.37 -28.27
C ILE C 215 1.94 29.68 -28.63
N VAL C 216 2.84 28.72 -28.44
CA VAL C 216 4.23 28.96 -28.79
C VAL C 216 4.38 29.12 -30.29
N GLU C 217 3.64 28.35 -31.07
CA GLU C 217 3.69 28.54 -32.52
C GLU C 217 3.16 29.91 -32.91
N GLY C 218 2.12 30.37 -32.23
CA GLY C 218 1.63 31.71 -32.48
C GLY C 218 2.67 32.76 -32.14
N LEU C 219 3.39 32.56 -31.05
CA LEU C 219 4.46 33.48 -30.69
C LEU C 219 5.55 33.49 -31.76
N ALA C 220 5.87 32.33 -32.31
CA ALA C 220 6.89 32.26 -33.35
C ALA C 220 6.46 33.02 -34.60
N GLN C 221 5.24 32.76 -35.07
CA GLN C 221 4.74 33.49 -36.22
C GLN C 221 4.67 34.98 -35.94
N ARG C 222 4.36 35.35 -34.69
CA ARG C 222 4.29 36.76 -34.34
C ARG C 222 5.67 37.40 -34.39
N ILE C 223 6.70 36.66 -33.96
CA ILE C 223 8.06 37.18 -34.06
C ILE C 223 8.46 37.37 -35.51
N VAL C 224 8.13 36.40 -36.36
CA VAL C 224 8.47 36.53 -37.77
C VAL C 224 7.76 37.74 -38.39
N ALA C 225 6.50 37.96 -38.00
CA ALA C 225 5.76 39.10 -38.52
C ALA C 225 6.34 40.42 -38.03
N GLY C 226 6.33 40.63 -36.71
CA GLY C 226 6.87 41.85 -36.16
C GLY C 226 6.01 42.50 -35.09
N ASP C 227 4.99 41.79 -34.61
CA ASP C 227 4.10 42.34 -33.59
C ASP C 227 4.69 42.34 -32.20
N VAL C 228 5.97 42.02 -32.03
CA VAL C 228 6.55 41.89 -30.70
C VAL C 228 7.14 43.21 -30.25
N PRO C 229 7.37 43.42 -28.96
CA PRO C 229 8.06 44.63 -28.53
C PRO C 229 9.51 44.64 -29.00
N GLU C 230 10.24 45.69 -28.63
CA GLU C 230 11.58 45.85 -29.17
C GLU C 230 12.52 44.75 -28.71
N SER C 231 12.42 44.33 -27.44
CA SER C 231 13.41 43.41 -26.90
C SER C 231 13.38 42.06 -27.59
N LEU C 232 12.27 41.71 -28.24
CA LEU C 232 12.13 40.40 -28.86
C LEU C 232 12.17 40.48 -30.38
N ARG C 233 13.01 41.36 -30.92
CA ARG C 233 13.22 41.42 -32.36
C ARG C 233 14.32 40.45 -32.74
N ASP C 234 14.03 39.52 -33.65
CA ASP C 234 15.02 38.59 -34.20
C ASP C 234 15.66 37.76 -33.08
N LYS C 235 14.84 36.90 -32.48
CA LYS C 235 15.29 36.13 -31.33
C LYS C 235 15.48 34.65 -31.61
N THR C 236 14.95 34.12 -32.71
CA THR C 236 15.31 32.77 -33.18
C THR C 236 15.01 31.70 -32.12
N ILE C 237 13.72 31.48 -31.91
CA ILE C 237 13.28 30.42 -31.01
C ILE C 237 13.87 29.08 -31.43
N VAL C 238 14.22 28.25 -30.45
CA VAL C 238 14.84 26.96 -30.67
C VAL C 238 14.08 25.91 -29.88
N ALA C 239 13.81 24.77 -30.50
CA ALA C 239 13.07 23.69 -29.87
C ALA C 239 14.06 22.61 -29.46
N LEU C 240 14.35 22.52 -28.17
CA LEU C 240 15.29 21.52 -27.68
C LEU C 240 14.73 20.12 -27.86
N ASP C 241 15.56 19.14 -27.54
CA ASP C 241 15.18 17.74 -27.65
C ASP C 241 16.10 16.95 -26.73
N LEU C 242 15.57 16.47 -25.61
CA LEU C 242 16.38 15.68 -24.69
C LEU C 242 16.37 14.20 -25.01
N GLY C 243 15.56 13.77 -25.97
CA GLY C 243 15.60 12.38 -26.37
C GLY C 243 16.82 12.05 -27.21
N SER C 244 17.11 12.88 -28.20
CA SER C 244 18.27 12.67 -29.04
C SER C 244 19.56 13.10 -28.37
N MET C 245 19.50 13.56 -27.13
CA MET C 245 20.70 13.97 -26.41
C MET C 245 21.26 12.85 -25.55
N VAL C 246 20.42 11.90 -25.13
CA VAL C 246 20.83 10.81 -24.27
C VAL C 246 20.97 9.57 -25.14
N ALA C 247 21.17 9.77 -26.45
CA ALA C 247 21.07 8.67 -27.39
C ALA C 247 22.10 7.59 -27.10
N GLY C 248 23.37 7.86 -27.34
CA GLY C 248 24.38 6.93 -26.89
C GLY C 248 25.38 7.61 -25.97
N SER C 249 25.27 7.34 -24.67
CA SER C 249 26.12 7.96 -23.69
C SER C 249 26.44 6.99 -22.57
N LYS C 250 26.69 5.72 -22.91
CA LYS C 250 26.85 4.71 -21.89
C LYS C 250 28.09 4.92 -21.03
N TYR C 251 29.00 5.80 -21.43
CA TYR C 251 30.22 6.08 -20.71
C TYR C 251 29.94 7.08 -19.59
N ARG C 252 31.00 7.55 -18.93
CA ARG C 252 30.82 8.29 -17.69
C ARG C 252 30.45 9.76 -17.88
N GLY C 253 30.96 10.41 -18.92
CA GLY C 253 30.70 11.84 -19.02
C GLY C 253 30.04 12.27 -20.31
N GLU C 254 29.59 11.30 -21.11
CA GLU C 254 29.17 11.61 -22.46
C GLU C 254 27.90 12.46 -22.48
N PHE C 255 27.10 12.42 -21.43
CA PHE C 255 25.89 13.24 -21.43
C PHE C 255 26.15 14.65 -20.91
N GLU C 256 26.86 14.76 -19.78
CA GLU C 256 27.21 16.06 -19.27
C GLU C 256 28.04 16.85 -20.27
N GLU C 257 28.86 16.16 -21.06
CA GLU C 257 29.63 16.87 -22.07
C GLU C 257 28.72 17.56 -23.09
N ARG C 258 27.75 16.82 -23.63
CA ARG C 258 26.84 17.39 -24.61
C ARG C 258 26.02 18.51 -23.99
N LEU C 259 25.57 18.32 -22.75
CA LEU C 259 24.79 19.36 -22.10
C LEU C 259 25.61 20.63 -21.93
N LYS C 260 26.87 20.49 -21.52
CA LYS C 260 27.72 21.65 -21.34
C LYS C 260 27.98 22.34 -22.68
N ALA C 261 28.16 21.56 -23.74
CA ALA C 261 28.36 22.17 -25.05
C ALA C 261 27.14 23.00 -25.45
N VAL C 262 25.94 22.44 -25.29
CA VAL C 262 24.74 23.17 -25.68
C VAL C 262 24.56 24.41 -24.83
N LEU C 263 24.79 24.29 -23.52
CA LEU C 263 24.64 25.47 -22.67
C LEU C 263 25.65 26.54 -23.03
N ASP C 264 26.89 26.15 -23.32
CA ASP C 264 27.90 27.13 -23.71
C ASP C 264 27.52 27.82 -25.00
N ASP C 265 26.97 27.08 -25.97
CA ASP C 265 26.65 27.75 -27.23
C ASP C 265 25.40 28.61 -27.11
N ILE C 266 24.50 28.27 -26.19
CA ILE C 266 23.38 29.17 -25.90
C ILE C 266 23.88 30.44 -25.24
N LYS C 267 24.88 30.32 -24.37
CA LYS C 267 25.39 31.49 -23.66
C LYS C 267 26.28 32.36 -24.52
N ASN C 268 26.97 31.76 -25.51
CA ASN C 268 27.88 32.54 -26.34
C ASN C 268 27.14 33.57 -27.17
N SER C 269 25.93 33.21 -27.63
CA SER C 269 25.12 34.17 -28.34
C SER C 269 24.71 35.30 -27.41
N ALA C 270 24.45 36.47 -27.97
CA ALA C 270 24.09 37.62 -27.15
C ALA C 270 22.64 37.53 -26.69
N GLY C 271 22.35 36.57 -25.83
CA GLY C 271 21.01 36.40 -25.31
C GLY C 271 19.92 36.25 -26.36
N GLN C 272 20.29 35.95 -27.60
CA GLN C 272 19.30 35.84 -28.67
C GLN C 272 18.40 34.62 -28.51
N ILE C 273 19.01 33.44 -28.40
CA ILE C 273 18.26 32.19 -28.46
C ILE C 273 17.19 32.14 -27.38
N ILE C 274 16.03 31.59 -27.75
CA ILE C 274 14.92 31.36 -26.83
C ILE C 274 14.59 29.88 -26.89
N THR C 275 15.18 29.09 -26.00
CA THR C 275 14.94 27.66 -26.01
C THR C 275 13.49 27.36 -25.66
N PHE C 276 13.04 26.17 -26.03
CA PHE C 276 11.65 25.79 -25.84
C PHE C 276 11.61 24.27 -25.70
N ILE C 277 11.32 23.81 -24.49
CA ILE C 277 11.28 22.39 -24.18
C ILE C 277 9.82 21.99 -24.04
N ASP C 278 9.32 21.19 -24.97
CA ASP C 278 7.94 20.76 -24.93
C ASP C 278 7.81 19.55 -24.00
N GLU C 279 6.80 19.59 -23.13
CA GLU C 279 6.65 18.60 -22.07
C GLU C 279 7.91 18.54 -21.22
N LEU C 280 8.20 19.64 -20.54
CA LEU C 280 9.42 19.71 -19.78
C LEU C 280 9.37 18.90 -18.50
N HIS C 281 8.29 18.18 -18.26
CA HIS C 281 8.30 17.26 -17.12
C HIS C 281 9.23 16.09 -17.32
N THR C 282 9.86 15.97 -18.47
CA THR C 282 10.86 14.93 -18.70
C THR C 282 12.26 15.39 -18.40
N ILE C 283 12.46 16.65 -18.02
CA ILE C 283 13.81 17.15 -17.78
C ILE C 283 14.35 16.77 -16.42
N VAL C 284 13.52 16.21 -15.54
CA VAL C 284 13.93 16.04 -14.15
C VAL C 284 15.01 14.97 -14.05
N GLY C 285 14.68 13.73 -14.39
CA GLY C 285 15.67 12.67 -14.30
C GLY C 285 16.37 12.44 -15.62
N ALA C 286 17.08 13.46 -16.13
CA ALA C 286 17.68 13.37 -17.45
C ALA C 286 18.71 12.25 -17.51
N GLY C 287 19.79 12.38 -16.75
CA GLY C 287 20.77 11.32 -16.69
C GLY C 287 21.01 10.87 -15.27
N ALA C 288 20.56 9.67 -14.92
CA ALA C 288 20.69 9.16 -13.57
C ALA C 288 21.80 8.12 -13.52
N THR C 289 22.12 7.65 -12.33
CA THR C 289 23.10 6.60 -12.16
C THR C 289 22.64 5.60 -11.11
N ALA C 293 21.85 9.82 -5.87
CA ALA C 293 22.87 10.06 -6.88
C ALA C 293 22.45 11.15 -7.84
N MET C 294 21.95 12.27 -7.31
CA MET C 294 21.33 13.32 -8.11
C MET C 294 22.43 14.17 -8.74
N ASP C 295 22.58 14.06 -10.04
CA ASP C 295 23.55 14.95 -10.68
C ASP C 295 23.01 15.70 -11.88
N ALA C 296 22.21 15.04 -12.74
CA ALA C 296 21.91 15.62 -14.04
C ALA C 296 20.49 16.14 -14.11
N GLY C 297 20.26 17.02 -15.09
CA GLY C 297 19.02 17.74 -15.22
C GLY C 297 18.91 19.00 -14.39
N ASN C 298 19.79 19.18 -13.40
CA ASN C 298 19.82 20.41 -12.60
C ASN C 298 21.13 21.15 -12.77
N MET C 299 21.90 20.81 -13.80
CA MET C 299 23.04 21.63 -14.17
C MET C 299 22.62 22.97 -14.72
N ILE C 300 21.38 23.10 -15.19
CA ILE C 300 20.89 24.38 -15.69
C ILE C 300 20.36 25.26 -14.58
N LYS C 301 20.28 24.75 -13.37
CA LYS C 301 19.71 25.46 -12.23
C LYS C 301 20.48 26.72 -11.86
N PRO C 302 21.79 26.80 -12.08
CA PRO C 302 22.46 28.09 -11.90
C PRO C 302 22.16 29.09 -12.99
N MET C 303 21.91 28.65 -14.22
CA MET C 303 21.64 29.57 -15.31
C MET C 303 20.20 30.01 -15.37
N LEU C 304 19.27 29.24 -14.83
CA LEU C 304 17.88 29.68 -14.77
C LEU C 304 17.74 30.95 -13.96
N ALA C 305 18.35 30.98 -12.77
CA ALA C 305 18.19 32.12 -11.89
C ALA C 305 18.69 33.41 -12.51
N ARG C 306 19.88 33.38 -13.09
CA ARG C 306 20.41 34.59 -13.74
C ARG C 306 19.71 34.91 -15.04
N GLY C 307 18.79 34.06 -15.50
CA GLY C 307 18.05 34.38 -16.70
C GLY C 307 18.88 34.45 -17.95
N GLU C 308 19.89 33.60 -18.08
CA GLU C 308 20.71 33.57 -19.29
C GLU C 308 19.97 32.91 -20.44
N LEU C 309 19.46 31.69 -20.22
CA LEU C 309 18.62 31.00 -21.18
C LEU C 309 17.16 31.17 -20.76
N ARG C 310 16.26 31.18 -21.74
CA ARG C 310 14.91 31.63 -21.46
C ARG C 310 13.93 30.50 -21.20
N LEU C 311 13.93 29.45 -22.04
CA LEU C 311 13.26 28.19 -21.72
C LEU C 311 11.76 28.38 -21.47
N VAL C 312 11.03 28.72 -22.53
CA VAL C 312 9.59 28.63 -22.46
C VAL C 312 9.16 27.17 -22.68
N GLY C 313 8.51 26.59 -21.69
CA GLY C 313 8.09 25.20 -21.76
C GLY C 313 6.61 25.07 -21.45
N ALA C 314 6.12 23.85 -21.61
CA ALA C 314 4.68 23.61 -21.49
C ALA C 314 4.44 22.16 -21.13
N THR C 315 3.75 21.92 -20.02
CA THR C 315 3.43 20.57 -19.60
C THR C 315 1.98 20.52 -19.16
N THR C 316 1.45 19.31 -19.07
CA THR C 316 0.06 19.15 -18.66
C THR C 316 -0.10 19.48 -17.19
N LEU C 317 -1.34 19.55 -16.74
CA LEU C 317 -1.62 20.12 -15.44
C LEU C 317 -1.31 19.19 -14.29
N ASP C 318 -1.38 17.87 -14.49
CA ASP C 318 -1.14 16.93 -13.41
C ASP C 318 0.15 16.13 -13.57
N GLU C 319 0.94 16.39 -14.60
CA GLU C 319 2.32 15.95 -14.61
C GLU C 319 3.26 17.06 -14.22
N TYR C 320 2.72 18.16 -13.72
CA TYR C 320 3.51 19.22 -13.13
C TYR C 320 3.58 19.11 -11.63
N ARG C 321 2.59 18.51 -10.99
CA ARG C 321 2.65 18.22 -9.57
C ARG C 321 2.93 16.75 -9.29
N LYS C 322 3.20 15.96 -10.31
CA LYS C 322 3.66 14.60 -10.10
C LYS C 322 5.15 14.45 -10.33
N HIS C 323 5.76 15.37 -11.07
CA HIS C 323 7.17 15.27 -11.41
C HIS C 323 7.99 16.46 -10.95
N ILE C 324 7.46 17.66 -11.05
CA ILE C 324 8.21 18.87 -10.74
C ILE C 324 7.96 19.36 -9.34
N GLU C 325 6.69 19.55 -8.96
CA GLU C 325 6.38 20.08 -7.63
C GLU C 325 7.00 19.24 -6.53
N LYS C 326 7.42 18.01 -6.84
CA LYS C 326 8.22 17.19 -5.94
C LYS C 326 9.68 17.65 -5.88
N ASP C 327 10.02 18.76 -6.53
CA ASP C 327 11.37 19.27 -6.62
C ASP C 327 11.39 20.77 -6.36
N ALA C 328 10.81 21.17 -5.23
CA ALA C 328 10.46 22.57 -4.99
C ALA C 328 11.60 23.55 -5.25
N ALA C 329 12.84 23.07 -5.35
CA ALA C 329 13.94 23.96 -5.65
C ALA C 329 13.97 24.38 -7.10
N LEU C 330 13.43 23.56 -8.00
CA LEU C 330 13.42 23.88 -9.42
C LEU C 330 12.13 24.53 -9.87
N GLU C 331 11.00 24.18 -9.26
CA GLU C 331 9.76 24.88 -9.56
C GLU C 331 9.90 26.38 -9.33
N ARG C 332 10.80 26.78 -8.42
CA ARG C 332 10.94 28.18 -8.09
C ARG C 332 11.37 28.99 -9.30
N ARG C 333 12.12 28.40 -10.21
CA ARG C 333 12.63 29.13 -11.35
C ARG C 333 11.65 29.23 -12.51
N PHE C 334 10.41 28.81 -12.33
CA PHE C 334 9.45 28.76 -13.42
C PHE C 334 8.21 29.57 -13.08
N GLN C 335 7.70 30.29 -14.08
CA GLN C 335 6.47 31.05 -13.95
C GLN C 335 5.36 30.34 -14.69
N GLN C 336 4.22 30.18 -14.03
CA GLN C 336 3.12 29.41 -14.61
C GLN C 336 2.12 30.31 -15.30
N VAL C 337 1.69 29.89 -16.48
CA VAL C 337 0.71 30.62 -17.28
C VAL C 337 -0.47 29.67 -17.49
N TYR C 338 -1.53 29.87 -16.73
CA TYR C 338 -2.65 28.93 -16.77
C TYR C 338 -3.45 29.12 -18.04
N VAL C 339 -3.55 28.05 -18.85
CA VAL C 339 -4.29 28.08 -20.08
C VAL C 339 -5.60 27.33 -19.92
N GLY C 340 -6.70 28.06 -19.71
CA GLY C 340 -8.00 27.42 -19.59
C GLY C 340 -8.63 27.19 -20.95
N GLU C 341 -9.55 26.23 -21.00
CA GLU C 341 -10.12 25.84 -22.28
C GLU C 341 -11.10 26.89 -22.77
N PRO C 342 -11.32 26.97 -24.07
CA PRO C 342 -12.23 27.99 -24.60
C PRO C 342 -13.68 27.53 -24.62
N SER C 343 -14.58 28.44 -24.94
CA SER C 343 -16.00 28.14 -25.00
C SER C 343 -16.38 27.76 -26.43
N VAL C 344 -17.68 27.53 -26.63
CA VAL C 344 -18.16 27.17 -27.97
C VAL C 344 -18.04 28.34 -28.92
N GLU C 345 -18.34 29.55 -28.43
CA GLU C 345 -18.28 30.74 -29.28
C GLU C 345 -16.87 31.02 -29.76
N ASP C 346 -15.87 30.73 -28.93
CA ASP C 346 -14.48 30.86 -29.33
C ASP C 346 -14.03 29.72 -30.22
N THR C 347 -14.50 28.51 -29.95
CA THR C 347 -14.10 27.37 -30.78
C THR C 347 -14.61 27.56 -32.20
N ILE C 348 -15.80 28.13 -32.35
CA ILE C 348 -16.31 28.39 -33.70
C ILE C 348 -15.37 29.31 -34.44
N GLY C 349 -14.91 30.37 -33.77
CA GLY C 349 -13.98 31.29 -34.41
C GLY C 349 -12.68 30.62 -34.78
N ILE C 350 -12.17 29.77 -33.89
CA ILE C 350 -10.96 29.02 -34.21
C ILE C 350 -11.14 28.19 -35.47
N LEU C 351 -12.26 27.46 -35.53
CA LEU C 351 -12.51 26.60 -36.68
C LEU C 351 -12.64 27.40 -37.96
N ARG C 352 -13.27 28.58 -37.88
CA ARG C 352 -13.45 29.37 -39.09
C ARG C 352 -12.14 29.74 -39.75
N GLY C 353 -11.06 29.85 -38.99
CA GLY C 353 -9.77 30.15 -39.59
C GLY C 353 -8.97 28.91 -39.89
N LEU C 354 -9.25 27.81 -39.18
CA LEU C 354 -8.61 26.55 -39.53
C LEU C 354 -9.29 25.82 -40.67
N LYS C 355 -10.41 26.31 -41.19
CA LYS C 355 -11.13 25.59 -42.23
C LYS C 355 -10.52 25.86 -43.60
N ASP C 356 -9.23 25.77 -43.70
CA ASP C 356 -8.68 25.83 -45.04
C ASP C 356 -7.64 24.75 -45.28
N ARG C 357 -6.81 24.45 -44.28
CA ARG C 357 -5.80 23.41 -44.45
C ARG C 357 -6.46 22.06 -44.68
N TYR C 358 -7.50 21.74 -43.90
CA TYR C 358 -8.23 20.50 -44.11
C TYR C 358 -8.95 20.51 -45.45
N GLU C 359 -9.64 21.61 -45.76
CA GLU C 359 -10.37 21.74 -47.01
C GLU C 359 -9.46 21.62 -48.21
N VAL C 360 -8.16 21.87 -48.05
CA VAL C 360 -7.23 21.74 -49.16
C VAL C 360 -6.57 20.37 -49.18
N HIS C 361 -6.29 19.80 -48.00
CA HIS C 361 -5.67 18.48 -47.96
C HIS C 361 -6.63 17.41 -48.49
N HIS C 362 -7.87 17.43 -48.03
CA HIS C 362 -8.91 16.62 -48.65
C HIS C 362 -9.59 17.47 -49.72
N GLY C 363 -9.64 16.96 -50.94
CA GLY C 363 -10.20 17.76 -52.01
C GLY C 363 -11.70 17.92 -51.91
N VAL C 364 -12.17 18.67 -50.92
CA VAL C 364 -13.58 18.90 -50.69
C VAL C 364 -13.80 20.36 -50.33
N ARG C 365 -15.04 20.68 -49.96
CA ARG C 365 -15.42 21.98 -49.45
C ARG C 365 -16.26 21.78 -48.20
N ILE C 366 -16.26 22.77 -47.32
CA ILE C 366 -16.88 22.64 -46.00
C ILE C 366 -17.81 23.81 -45.76
N THR C 367 -19.06 23.52 -45.41
CA THR C 367 -20.03 24.56 -45.12
C THR C 367 -19.85 25.07 -43.70
N ASP C 368 -20.18 26.35 -43.48
CA ASP C 368 -20.06 26.94 -42.15
C ASP C 368 -20.99 26.27 -41.15
N SER C 369 -22.13 25.76 -41.62
CA SER C 369 -23.01 25.02 -40.74
C SER C 369 -22.31 23.80 -40.16
N ALA C 370 -21.40 23.20 -40.92
CA ALA C 370 -20.63 22.08 -40.39
C ALA C 370 -19.84 22.51 -39.18
N LEU C 371 -19.13 23.63 -39.28
CA LEU C 371 -18.33 24.12 -38.15
C LEU C 371 -19.20 24.40 -36.95
N VAL C 372 -20.33 25.09 -37.14
CA VAL C 372 -21.18 25.39 -36.00
C VAL C 372 -21.68 24.11 -35.34
N ALA C 373 -22.23 23.19 -36.13
CA ALA C 373 -22.81 21.98 -35.56
C ALA C 373 -21.74 21.12 -34.90
N ALA C 374 -20.52 21.11 -35.43
CA ALA C 374 -19.46 20.33 -34.81
C ALA C 374 -19.09 20.93 -33.47
N ALA C 375 -18.86 22.24 -33.42
CA ALA C 375 -18.50 22.87 -32.15
C ALA C 375 -19.62 22.76 -31.13
N THR C 376 -20.85 22.53 -31.55
CA THR C 376 -21.90 22.34 -30.56
C THR C 376 -22.04 20.90 -30.09
N LEU C 377 -22.12 19.95 -31.03
CA LEU C 377 -22.32 18.55 -30.67
C LEU C 377 -21.10 17.99 -29.94
N SER C 378 -19.90 18.37 -30.35
CA SER C 378 -18.72 17.86 -29.67
C SER C 378 -18.60 18.34 -28.25
N ASP C 379 -19.37 19.35 -27.87
CA ASP C 379 -19.46 19.75 -26.48
C ASP C 379 -20.63 19.10 -25.78
N ARG C 380 -21.71 18.84 -26.50
CA ARG C 380 -22.86 18.24 -25.84
C ARG C 380 -22.67 16.77 -25.54
N TYR C 381 -21.96 16.04 -26.38
CA TYR C 381 -21.95 14.58 -26.27
C TYR C 381 -20.65 14.00 -25.72
N ILE C 382 -19.50 14.40 -26.27
CA ILE C 382 -18.23 13.73 -25.95
C ILE C 382 -17.68 14.43 -24.71
N THR C 383 -18.12 13.98 -23.54
CA THR C 383 -17.72 14.58 -22.28
C THR C 383 -16.51 13.86 -21.67
N ALA C 384 -15.46 13.70 -22.46
CA ALA C 384 -14.22 13.15 -21.93
C ALA C 384 -12.97 13.83 -22.45
N ARG C 385 -13.07 14.73 -23.42
CA ARG C 385 -11.93 15.46 -23.95
C ARG C 385 -12.22 16.95 -23.86
N PHE C 386 -11.32 17.75 -24.40
CA PHE C 386 -11.42 19.20 -24.26
C PHE C 386 -11.48 19.87 -25.62
N LEU C 387 -11.89 21.13 -25.60
CA LEU C 387 -12.78 21.62 -26.66
C LEU C 387 -12.08 21.93 -27.99
N PRO C 388 -10.92 22.57 -28.04
CA PRO C 388 -10.37 22.90 -29.36
C PRO C 388 -9.99 21.71 -30.20
N ASP C 389 -10.01 20.50 -29.64
CA ASP C 389 -9.56 19.30 -30.36
C ASP C 389 -10.68 18.33 -30.68
N LYS C 390 -11.55 18.05 -29.72
CA LYS C 390 -12.67 17.18 -30.02
C LYS C 390 -13.65 17.81 -30.98
N ALA C 391 -13.46 19.08 -31.34
CA ALA C 391 -14.23 19.70 -32.39
C ALA C 391 -13.53 19.65 -33.74
N ILE C 392 -12.20 19.65 -33.76
CA ILE C 392 -11.49 19.52 -35.01
C ILE C 392 -11.54 18.10 -35.50
N ASP C 393 -11.60 17.12 -34.59
CA ASP C 393 -11.62 15.73 -35.01
C ASP C 393 -12.85 15.40 -35.83
N LEU C 394 -14.01 15.90 -35.43
CA LEU C 394 -15.22 15.61 -36.19
C LEU C 394 -15.11 16.14 -37.61
N VAL C 395 -14.70 17.40 -37.75
CA VAL C 395 -14.54 17.99 -39.08
C VAL C 395 -13.58 17.16 -39.91
N ASP C 396 -12.47 16.75 -39.31
CA ASP C 396 -11.44 16.06 -40.08
C ASP C 396 -11.95 14.69 -40.55
N GLU C 397 -12.61 13.95 -39.68
CA GLU C 397 -13.12 12.64 -40.08
C GLU C 397 -14.20 12.77 -41.12
N ALA C 398 -15.09 13.76 -40.97
CA ALA C 398 -16.12 13.96 -41.97
C ALA C 398 -15.52 14.23 -43.33
N ALA C 399 -14.52 15.10 -43.40
CA ALA C 399 -13.90 15.40 -44.69
C ALA C 399 -13.23 14.16 -45.27
N SER C 400 -12.54 13.39 -44.43
CA SER C 400 -11.87 12.20 -44.94
C SER C 400 -12.87 11.20 -45.49
N ARG C 401 -13.99 11.03 -44.80
CA ARG C 401 -15.03 10.12 -45.29
C ARG C 401 -15.59 10.60 -46.62
N LEU C 402 -15.89 11.90 -46.73
CA LEU C 402 -16.46 12.42 -47.95
C LEU C 402 -15.50 12.24 -49.12
N ARG C 403 -14.21 12.43 -48.89
CA ARG C 403 -13.24 12.16 -49.96
C ARG C 403 -13.18 10.68 -50.28
N MET C 404 -13.34 9.82 -49.27
CA MET C 404 -13.36 8.39 -49.56
C MET C 404 -14.56 8.01 -50.40
N GLU C 405 -15.66 8.75 -50.29
CA GLU C 405 -16.85 8.43 -51.07
C GLU C 405 -16.82 9.04 -52.47
N ILE C 406 -15.90 9.97 -52.72
CA ILE C 406 -15.76 10.55 -54.06
C ILE C 406 -14.93 9.59 -54.88
N ASP C 407 -14.39 8.57 -54.23
CA ASP C 407 -13.99 7.37 -54.95
C ASP C 407 -15.23 6.73 -55.57
N SER C 408 -15.02 5.64 -56.30
CA SER C 408 -16.01 5.02 -57.17
C SER C 408 -17.43 5.06 -56.59
N ARG C 409 -17.65 4.45 -55.44
CA ARG C 409 -19.00 4.28 -54.94
C ARG C 409 -19.15 4.89 -53.57
N PRO C 410 -20.36 5.30 -53.21
CA PRO C 410 -20.59 5.79 -51.85
C PRO C 410 -20.74 4.64 -50.87
N VAL C 411 -21.04 4.97 -49.62
CA VAL C 411 -21.37 3.95 -48.63
C VAL C 411 -22.82 3.58 -48.90
N GLU C 412 -23.30 2.51 -48.27
CA GLU C 412 -24.69 2.06 -48.30
C GLU C 412 -25.04 1.46 -49.66
N ILE C 413 -24.09 1.48 -50.59
CA ILE C 413 -24.19 0.70 -51.80
C ILE C 413 -23.05 -0.31 -51.76
N ASP C 414 -21.89 0.16 -51.33
CA ASP C 414 -20.72 -0.70 -51.19
C ASP C 414 -20.86 -1.69 -50.05
N GLU C 415 -21.68 -1.38 -49.04
CA GLU C 415 -21.98 -2.35 -48.00
C GLU C 415 -22.93 -3.43 -48.49
N VAL C 416 -23.96 -3.04 -49.24
CA VAL C 416 -24.92 -4.03 -49.72
C VAL C 416 -24.27 -4.95 -50.75
N GLU C 417 -23.39 -4.42 -51.61
CA GLU C 417 -22.74 -5.32 -52.55
C GLU C 417 -21.80 -6.28 -51.86
N ARG C 418 -21.08 -5.82 -50.83
CA ARG C 418 -20.23 -6.71 -50.04
C ARG C 418 -21.03 -7.79 -49.32
N LEU C 419 -22.19 -7.45 -48.78
CA LEU C 419 -23.06 -8.45 -48.19
C LEU C 419 -23.55 -9.46 -49.22
N VAL C 420 -23.95 -8.98 -50.40
CA VAL C 420 -24.46 -9.86 -51.44
C VAL C 420 -23.39 -10.85 -51.87
N ARG C 421 -22.15 -10.40 -52.01
CA ARG C 421 -21.09 -11.30 -52.43
C ARG C 421 -20.88 -12.43 -51.43
N ARG C 422 -20.92 -12.11 -50.13
CA ARG C 422 -20.75 -13.14 -49.12
C ARG C 422 -21.92 -14.12 -49.14
N LEU C 423 -23.14 -13.60 -49.24
CA LEU C 423 -24.30 -14.49 -49.31
C LEU C 423 -24.20 -15.42 -50.50
N GLU C 424 -23.69 -14.91 -51.62
CA GLU C 424 -23.55 -15.73 -52.83
C GLU C 424 -22.50 -16.80 -52.65
N ILE C 425 -21.32 -16.42 -52.13
CA ILE C 425 -20.24 -17.39 -51.96
C ILE C 425 -20.59 -18.42 -50.89
N GLU C 426 -21.55 -18.11 -50.03
CA GLU C 426 -22.04 -19.11 -49.08
C GLU C 426 -23.07 -20.02 -49.72
N GLU C 427 -23.98 -19.46 -50.51
CA GLU C 427 -25.02 -20.26 -51.14
C GLU C 427 -24.47 -21.16 -52.22
N MET C 428 -23.33 -20.80 -52.80
CA MET C 428 -22.70 -21.62 -53.85
C MET C 428 -21.97 -22.82 -53.26
N ALA C 429 -21.58 -22.76 -52.00
CA ALA C 429 -20.78 -23.82 -51.41
C ALA C 429 -21.58 -24.62 -50.42
N LEU C 430 -22.76 -24.12 -50.04
CA LEU C 430 -23.67 -24.90 -49.22
C LEU C 430 -24.59 -25.79 -50.06
N SER C 431 -24.74 -25.50 -51.35
CA SER C 431 -25.64 -26.28 -52.20
C SER C 431 -25.24 -27.75 -52.25
N LYS C 432 -23.93 -28.03 -52.31
CA LYS C 432 -23.45 -29.41 -52.42
C LYS C 432 -23.27 -30.05 -51.04
N GLU C 433 -24.33 -30.05 -50.25
CA GLU C 433 -24.33 -30.63 -48.91
C GLU C 433 -25.31 -31.79 -48.87
N GLU C 434 -24.81 -32.99 -48.56
CA GLU C 434 -25.61 -34.20 -48.55
C GLU C 434 -26.36 -34.37 -47.24
N ASP C 435 -27.38 -33.56 -47.01
CA ASP C 435 -28.14 -33.58 -45.77
C ASP C 435 -29.58 -33.17 -46.05
N GLU C 436 -30.43 -33.32 -45.03
CA GLU C 436 -31.85 -33.02 -45.14
C GLU C 436 -32.24 -31.88 -44.21
N ALA C 437 -31.48 -31.70 -43.13
CA ALA C 437 -31.75 -30.59 -42.22
C ALA C 437 -31.18 -29.29 -42.75
N SER C 438 -30.12 -29.36 -43.57
CA SER C 438 -29.58 -28.19 -44.24
C SER C 438 -30.42 -27.80 -45.45
N ALA C 439 -31.45 -28.57 -45.77
CA ALA C 439 -32.36 -28.17 -46.83
C ALA C 439 -33.15 -26.93 -46.46
N GLU C 440 -33.73 -26.89 -45.26
CA GLU C 440 -34.36 -25.68 -44.78
C GLU C 440 -33.35 -24.61 -44.41
N ARG C 441 -32.18 -25.00 -43.92
CA ARG C 441 -31.13 -24.03 -43.63
C ARG C 441 -30.56 -23.41 -44.88
N LEU C 442 -30.95 -23.91 -46.05
CA LEU C 442 -30.67 -23.26 -47.32
C LEU C 442 -31.87 -22.50 -47.84
N ALA C 443 -33.08 -22.98 -47.60
CA ALA C 443 -34.30 -22.40 -48.16
C ALA C 443 -34.50 -20.94 -47.78
N LYS C 444 -33.87 -20.47 -46.70
CA LYS C 444 -33.96 -19.08 -46.30
C LYS C 444 -32.82 -18.24 -46.87
N LEU C 445 -31.65 -18.85 -47.01
CA LEU C 445 -30.48 -18.13 -47.52
C LEU C 445 -30.74 -17.59 -48.92
N ARG C 446 -31.39 -18.40 -49.77
CA ARG C 446 -31.71 -17.98 -51.13
C ARG C 446 -32.66 -16.80 -51.13
N SER C 447 -33.72 -16.89 -50.33
CA SER C 447 -34.68 -15.80 -50.22
C SER C 447 -33.99 -14.51 -49.78
N GLU C 448 -33.09 -14.63 -48.81
CA GLU C 448 -32.36 -13.46 -48.32
C GLU C 448 -31.51 -12.85 -49.42
N LEU C 449 -30.80 -13.70 -50.16
CA LEU C 449 -29.96 -13.21 -51.26
C LEU C 449 -30.81 -12.46 -52.28
N ALA C 450 -31.98 -12.99 -52.61
CA ALA C 450 -32.84 -12.32 -53.59
C ALA C 450 -33.34 -10.98 -53.06
N ASP C 451 -33.79 -10.96 -51.81
CA ASP C 451 -34.36 -9.74 -51.25
C ASP C 451 -33.28 -8.69 -51.02
N GLN C 452 -32.02 -9.11 -50.98
CA GLN C 452 -30.93 -8.14 -50.89
C GLN C 452 -30.53 -7.64 -52.27
N LYS C 453 -30.58 -8.51 -53.28
CA LYS C 453 -30.23 -8.09 -54.62
C LYS C 453 -31.24 -7.10 -55.17
N GLU C 454 -32.51 -7.25 -54.77
CA GLU C 454 -33.51 -6.25 -55.12
C GLU C 454 -33.08 -4.87 -54.62
N LYS C 455 -32.66 -4.79 -53.36
CA LYS C 455 -32.26 -3.52 -52.77
C LYS C 455 -31.03 -2.96 -53.46
N LEU C 456 -30.06 -3.84 -53.77
CA LEU C 456 -28.88 -3.39 -54.49
C LEU C 456 -29.26 -2.75 -55.82
N ALA C 457 -30.13 -3.43 -56.59
CA ALA C 457 -30.52 -2.89 -57.88
C ALA C 457 -31.27 -1.57 -57.74
N GLU C 458 -32.13 -1.47 -56.73
CA GLU C 458 -32.87 -0.23 -56.53
C GLU C 458 -31.92 0.93 -56.21
N LEU C 459 -30.98 0.71 -55.30
CA LEU C 459 -30.01 1.75 -54.97
C LEU C 459 -29.19 2.14 -56.20
N THR C 460 -28.76 1.15 -56.97
CA THR C 460 -27.94 1.45 -58.13
C THR C 460 -28.71 2.26 -59.16
N THR C 461 -30.01 1.99 -59.32
CA THR C 461 -30.81 2.77 -60.27
C THR C 461 -31.03 4.18 -59.76
N ARG C 462 -31.26 4.35 -58.46
CA ARG C 462 -31.45 5.69 -57.92
C ARG C 462 -30.19 6.53 -58.05
N TRP C 463 -29.02 5.89 -57.89
CA TRP C 463 -27.77 6.61 -58.10
C TRP C 463 -27.67 7.14 -59.51
N GLN C 464 -28.12 6.36 -60.49
CA GLN C 464 -28.06 6.79 -61.88
C GLN C 464 -28.93 8.02 -62.12
N ASN C 465 -30.12 8.03 -61.52
CA ASN C 465 -30.98 9.20 -61.62
C ASN C 465 -30.30 10.42 -61.02
N GLU C 466 -29.79 10.28 -59.80
CA GLU C 466 -29.10 11.40 -59.15
C GLU C 466 -27.90 11.87 -59.95
N LYS C 467 -27.26 10.99 -60.71
CA LYS C 467 -26.05 11.33 -61.43
C LYS C 467 -26.33 11.91 -62.81
N ASN C 468 -27.46 11.58 -63.43
CA ASN C 468 -27.82 12.17 -64.72
C ASN C 468 -28.58 13.47 -64.56
N ALA C 469 -29.52 13.54 -63.63
CA ALA C 469 -30.29 14.76 -63.42
C ALA C 469 -29.44 15.84 -62.79
N LYS C 530 -24.00 15.85 -53.05
CA LYS C 530 -22.97 15.41 -52.12
C LYS C 530 -21.57 15.80 -52.60
N GLU C 531 -21.16 17.04 -52.31
CA GLU C 531 -19.77 17.42 -52.55
C GLU C 531 -19.21 18.27 -51.42
N GLU C 532 -19.97 18.51 -50.36
CA GLU C 532 -19.43 19.23 -49.23
C GLU C 532 -20.05 18.70 -47.95
N VAL C 533 -19.29 18.80 -46.87
CA VAL C 533 -19.73 18.27 -45.59
C VAL C 533 -20.75 19.22 -44.99
N GLY C 534 -21.74 18.65 -44.32
CA GLY C 534 -22.83 19.44 -43.80
C GLY C 534 -23.07 19.19 -42.33
N PRO C 535 -24.08 19.84 -41.77
CA PRO C 535 -24.35 19.72 -40.33
C PRO C 535 -24.92 18.37 -39.92
N ASP C 536 -24.94 17.38 -40.81
CA ASP C 536 -25.43 16.06 -40.44
C ASP C 536 -24.40 14.96 -40.63
N ASP C 537 -23.43 15.14 -41.51
CA ASP C 537 -22.32 14.20 -41.55
C ASP C 537 -21.57 14.20 -40.23
N ILE C 538 -21.46 15.37 -39.60
CA ILE C 538 -20.91 15.45 -38.25
C ILE C 538 -21.74 14.60 -37.30
N ALA C 539 -23.06 14.60 -37.48
CA ALA C 539 -23.90 13.76 -36.64
C ALA C 539 -23.64 12.29 -36.90
N ASP C 540 -23.37 11.93 -38.16
CA ASP C 540 -23.03 10.54 -38.46
C ASP C 540 -21.74 10.13 -37.74
N VAL C 541 -20.76 11.04 -37.69
CA VAL C 541 -19.52 10.72 -36.99
C VAL C 541 -19.78 10.57 -35.49
N VAL C 542 -20.48 11.54 -34.89
CA VAL C 542 -20.77 11.49 -33.47
C VAL C 542 -21.63 10.29 -33.11
N SER C 543 -22.35 9.73 -34.09
CA SER C 543 -23.07 8.50 -33.81
C SER C 543 -22.18 7.28 -33.95
N ALA C 544 -21.30 7.25 -34.94
CA ALA C 544 -20.40 6.11 -35.10
C ALA C 544 -19.41 6.00 -33.95
N TRP C 545 -19.11 7.10 -33.29
CA TRP C 545 -18.20 7.12 -32.15
C TRP C 545 -19.00 7.60 -30.95
N THR C 546 -19.00 6.81 -29.87
CA THR C 546 -19.98 7.01 -28.80
C THR C 546 -21.39 6.82 -29.33
N GLY C 547 -21.80 5.57 -29.55
CA GLY C 547 -22.93 5.20 -30.38
C GLY C 547 -24.29 5.79 -30.05
N ILE C 548 -24.34 6.80 -29.19
CA ILE C 548 -25.53 7.64 -29.02
C ILE C 548 -26.04 8.07 -30.39
N PRO C 549 -27.30 7.81 -30.72
CA PRO C 549 -27.83 8.29 -32.01
C PRO C 549 -28.04 9.78 -31.98
N ALA C 550 -27.31 10.50 -32.85
CA ALA C 550 -27.40 11.95 -32.87
C ALA C 550 -27.89 12.48 -34.21
N GLY C 551 -28.47 11.62 -35.04
CA GLY C 551 -28.90 12.02 -36.37
C GLY C 551 -30.09 12.94 -36.40
N ARG C 552 -30.77 13.00 -37.54
CA ARG C 552 -31.91 13.88 -37.76
C ARG C 552 -33.08 13.14 -38.38
N LEU C 553 -33.22 11.85 -38.08
CA LEU C 553 -34.37 11.06 -38.48
C LEU C 553 -34.52 11.03 -40.01
N LEU C 554 -33.55 10.39 -40.66
CA LEU C 554 -33.48 10.38 -42.12
C LEU C 554 -34.38 9.31 -42.73
N GLU C 555 -35.64 9.31 -42.28
CA GLU C 555 -36.74 8.57 -42.91
C GLU C 555 -36.57 7.05 -42.76
N GLY C 556 -35.41 6.60 -42.28
CA GLY C 556 -35.24 5.18 -42.03
C GLY C 556 -36.05 4.71 -40.85
N GLU C 557 -36.23 5.57 -39.85
CA GLU C 557 -36.82 5.19 -38.59
C GLU C 557 -37.94 6.09 -38.12
N THR C 558 -38.33 7.09 -38.90
CA THR C 558 -39.50 7.87 -38.52
C THR C 558 -40.74 7.00 -38.52
N ALA C 559 -40.87 6.13 -39.53
CA ALA C 559 -41.94 5.15 -39.53
C ALA C 559 -41.86 4.25 -38.31
N LYS C 560 -40.64 3.86 -37.92
CA LYS C 560 -40.48 3.00 -36.76
C LYS C 560 -40.92 3.69 -35.48
N LEU C 561 -40.52 4.94 -35.30
CA LEU C 561 -40.88 5.65 -34.08
C LEU C 561 -42.36 6.04 -34.08
N LEU C 562 -43.00 6.03 -35.24
CA LEU C 562 -44.44 6.21 -35.25
C LEU C 562 -45.19 4.91 -35.01
N ARG C 563 -44.55 3.78 -35.32
CA ARG C 563 -45.13 2.47 -35.08
C ARG C 563 -44.79 1.90 -33.71
N MET C 564 -43.93 2.58 -32.96
CA MET C 564 -43.44 2.12 -31.66
C MET C 564 -44.47 1.44 -30.76
N GLU C 565 -45.64 2.06 -30.55
CA GLU C 565 -46.61 1.44 -29.66
C GLU C 565 -47.05 0.08 -30.18
N ASP C 566 -47.55 0.04 -31.41
CA ASP C 566 -48.01 -1.22 -31.98
C ASP C 566 -46.89 -2.23 -32.11
N GLU C 567 -45.64 -1.78 -32.13
CA GLU C 567 -44.56 -2.74 -32.20
C GLU C 567 -44.24 -3.32 -30.82
N LEU C 568 -44.20 -2.50 -29.78
CA LEU C 568 -44.07 -3.03 -28.44
C LEU C 568 -45.28 -3.83 -28.02
N GLY C 569 -46.38 -3.74 -28.76
CA GLY C 569 -47.49 -4.62 -28.48
C GLY C 569 -47.27 -6.08 -28.81
N LYS C 570 -46.29 -6.40 -29.65
CA LYS C 570 -46.04 -7.79 -29.99
C LYS C 570 -45.65 -8.62 -28.77
N ARG C 571 -44.97 -8.02 -27.80
CA ARG C 571 -44.50 -8.74 -26.63
C ARG C 571 -45.27 -8.42 -25.37
N VAL C 572 -45.68 -7.17 -25.17
CA VAL C 572 -46.45 -6.78 -23.99
C VAL C 572 -47.88 -6.53 -24.42
N ILE C 573 -48.83 -6.83 -23.53
CA ILE C 573 -50.25 -6.76 -23.82
C ILE C 573 -50.96 -6.04 -22.67
N GLY C 574 -51.79 -5.08 -23.01
CA GLY C 574 -52.41 -4.24 -22.01
C GLY C 574 -51.49 -3.11 -21.60
N GLN C 575 -51.92 -2.38 -20.59
CA GLN C 575 -51.14 -1.26 -20.05
C GLN C 575 -50.73 -0.27 -21.13
N LYS C 576 -51.70 0.10 -21.97
CA LYS C 576 -51.43 1.16 -22.93
C LYS C 576 -51.11 2.46 -22.22
N ALA C 577 -51.73 2.68 -21.06
CA ALA C 577 -51.44 3.86 -20.26
C ALA C 577 -49.97 3.98 -19.90
N ALA C 578 -49.25 2.87 -19.82
CA ALA C 578 -47.82 2.90 -19.53
C ALA C 578 -46.95 2.71 -20.76
N VAL C 579 -47.45 2.06 -21.81
CA VAL C 579 -46.65 1.97 -23.03
C VAL C 579 -46.57 3.33 -23.70
N THR C 580 -47.68 4.05 -23.74
CA THR C 580 -47.66 5.37 -24.38
C THR C 580 -46.71 6.31 -23.66
N ALA C 581 -46.63 6.21 -22.33
CA ALA C 581 -45.75 7.10 -21.57
C ALA C 581 -44.28 6.86 -21.85
N VAL C 582 -43.86 5.60 -22.01
CA VAL C 582 -42.49 5.33 -22.39
C VAL C 582 -42.21 5.75 -23.82
N SER C 583 -43.16 5.46 -24.72
CA SER C 583 -42.94 5.80 -26.12
C SER C 583 -42.82 7.30 -26.33
N ASP C 584 -43.60 8.08 -25.57
CA ASP C 584 -43.53 9.53 -25.74
C ASP C 584 -42.17 10.07 -25.31
N ALA C 585 -41.61 9.52 -24.24
CA ALA C 585 -40.30 9.97 -23.81
C ALA C 585 -39.21 9.55 -24.79
N VAL C 586 -39.35 8.38 -25.39
CA VAL C 586 -38.40 8.01 -26.43
C VAL C 586 -38.55 8.92 -27.64
N ARG C 587 -39.77 9.35 -27.93
CA ARG C 587 -40.04 10.04 -29.18
C ARG C 587 -39.62 11.50 -29.11
N ARG C 588 -40.01 12.20 -28.05
CA ARG C 588 -39.70 13.61 -28.03
C ARG C 588 -38.28 13.89 -27.74
N SER C 589 -37.40 12.89 -27.73
CA SER C 589 -35.97 13.15 -27.61
C SER C 589 -35.25 13.09 -28.94
N ARG C 590 -35.73 12.29 -29.89
CA ARG C 590 -35.15 12.28 -31.23
C ARG C 590 -35.55 13.51 -32.04
N ALA C 591 -36.69 14.10 -31.75
CA ALA C 591 -37.10 15.32 -32.41
C ALA C 591 -36.39 16.54 -31.86
N GLY C 592 -35.57 16.38 -30.83
CA GLY C 592 -34.83 17.49 -30.26
C GLY C 592 -35.71 18.47 -29.51
N VAL C 593 -36.50 17.96 -28.58
CA VAL C 593 -37.37 18.81 -27.76
C VAL C 593 -37.12 18.64 -26.27
N SER C 594 -36.63 17.49 -25.80
CA SER C 594 -36.46 17.29 -24.37
C SER C 594 -35.26 18.05 -23.85
N ASP C 595 -35.18 18.14 -22.52
CA ASP C 595 -34.12 18.86 -21.84
C ASP C 595 -32.77 18.23 -22.12
N PRO C 596 -31.81 18.96 -22.70
CA PRO C 596 -30.56 18.33 -23.10
C PRO C 596 -29.66 17.98 -21.94
N ASN C 597 -29.87 18.55 -20.75
CA ASN C 597 -29.10 18.19 -19.56
C ASN C 597 -30.06 17.74 -18.47
N ARG C 598 -30.49 16.50 -18.58
CA ARG C 598 -31.41 15.80 -17.71
C ARG C 598 -31.53 14.41 -18.33
N PRO C 599 -31.77 13.37 -17.56
CA PRO C 599 -31.89 12.03 -18.17
C PRO C 599 -32.98 12.00 -19.24
N THR C 600 -32.92 11.01 -20.13
CA THR C 600 -33.91 10.95 -21.20
C THR C 600 -35.27 10.50 -20.68
N GLY C 601 -35.35 10.15 -19.40
CA GLY C 601 -36.60 9.75 -18.78
C GLY C 601 -36.36 8.92 -17.54
N ALA C 602 -37.17 9.12 -16.50
CA ALA C 602 -36.98 8.41 -15.24
C ALA C 602 -38.35 8.00 -14.70
N PHE C 603 -38.79 6.81 -15.04
CA PHE C 603 -40.09 6.31 -14.65
C PHE C 603 -39.97 5.28 -13.55
N MET C 604 -41.00 5.19 -12.72
CA MET C 604 -41.12 4.14 -11.72
C MET C 604 -42.55 3.61 -11.86
N PHE C 605 -42.71 2.52 -12.59
CA PHE C 605 -44.02 1.90 -12.73
C PHE C 605 -44.18 0.74 -11.77
N LEU C 606 -45.27 0.78 -11.01
CA LEU C 606 -45.57 -0.20 -9.98
C LEU C 606 -46.99 -0.75 -10.13
N GLY C 607 -47.24 -1.87 -9.48
CA GLY C 607 -48.52 -2.53 -9.54
C GLY C 607 -48.43 -3.93 -8.96
N PRO C 608 -49.49 -4.71 -9.07
CA PRO C 608 -49.45 -6.09 -8.55
C PRO C 608 -48.49 -6.98 -9.34
N THR C 609 -48.38 -8.24 -8.93
CA THR C 609 -47.42 -9.17 -9.51
C THR C 609 -47.92 -9.79 -10.81
N GLY C 610 -46.98 -10.36 -11.57
CA GLY C 610 -47.31 -11.05 -12.80
C GLY C 610 -47.90 -10.20 -13.89
N VAL C 611 -47.83 -8.88 -13.75
CA VAL C 611 -48.58 -7.98 -14.62
C VAL C 611 -47.77 -7.60 -15.86
N GLY C 612 -46.46 -7.43 -15.71
CA GLY C 612 -45.66 -7.21 -16.89
C GLY C 612 -44.72 -6.03 -16.83
N LYS C 613 -44.43 -5.53 -15.63
CA LYS C 613 -43.52 -4.39 -15.52
C LYS C 613 -42.12 -4.73 -16.00
N THR C 614 -41.52 -5.79 -15.46
CA THR C 614 -40.21 -6.21 -15.96
C THR C 614 -40.26 -6.57 -17.42
N GLU C 615 -41.39 -7.09 -17.88
CA GLU C 615 -41.51 -7.49 -19.29
C GLU C 615 -41.44 -6.28 -20.20
N LEU C 616 -42.10 -5.19 -19.84
CA LEU C 616 -42.03 -3.98 -20.64
C LEU C 616 -40.60 -3.45 -20.69
N ALA C 617 -39.89 -3.51 -19.57
CA ALA C 617 -38.53 -3.02 -19.53
C ALA C 617 -37.62 -3.86 -20.40
N LYS C 618 -37.86 -5.17 -20.46
CA LYS C 618 -37.05 -6.00 -21.34
C LYS C 618 -37.45 -5.85 -22.80
N ALA C 619 -38.71 -5.57 -23.08
CA ALA C 619 -39.14 -5.33 -24.44
C ALA C 619 -38.61 -4.04 -25.01
N LEU C 620 -38.52 -2.99 -24.18
CA LEU C 620 -37.98 -1.73 -24.62
C LEU C 620 -36.52 -1.84 -25.05
N ALA C 621 -35.69 -2.51 -24.26
CA ALA C 621 -34.29 -2.68 -24.63
C ALA C 621 -34.13 -3.47 -25.91
N ASP C 622 -34.98 -4.48 -26.13
CA ASP C 622 -34.89 -5.23 -27.38
C ASP C 622 -35.32 -4.36 -28.55
N PHE C 623 -36.42 -3.63 -28.41
CA PHE C 623 -36.85 -2.76 -29.49
C PHE C 623 -35.78 -1.73 -29.83
N LEU C 624 -35.00 -1.30 -28.84
CA LEU C 624 -33.99 -0.27 -29.10
C LEU C 624 -32.68 -0.82 -29.66
N PHE C 625 -32.09 -1.86 -29.05
CA PHE C 625 -30.76 -2.30 -29.44
C PHE C 625 -30.73 -3.70 -30.06
N ASP C 626 -31.86 -4.36 -30.22
CA ASP C 626 -31.96 -5.71 -30.78
C ASP C 626 -31.25 -6.76 -29.93
N ASP C 627 -31.00 -6.49 -28.65
CA ASP C 627 -30.35 -7.48 -27.80
C ASP C 627 -30.70 -7.16 -26.36
N GLU C 628 -31.55 -7.97 -25.75
CA GLU C 628 -31.98 -7.71 -24.38
C GLU C 628 -30.84 -7.80 -23.38
N ARG C 629 -29.72 -8.41 -23.74
CA ARG C 629 -28.56 -8.45 -22.88
C ARG C 629 -27.69 -7.21 -23.03
N ALA C 630 -28.17 -6.19 -23.74
CA ALA C 630 -27.42 -4.97 -23.93
C ALA C 630 -27.73 -3.91 -22.89
N MET C 631 -28.81 -4.07 -22.14
CA MET C 631 -29.16 -3.11 -21.11
C MET C 631 -28.45 -3.47 -19.81
N VAL C 632 -28.33 -2.48 -18.93
CA VAL C 632 -27.62 -2.63 -17.68
C VAL C 632 -28.67 -2.89 -16.60
N ARG C 633 -28.64 -4.07 -16.01
CA ARG C 633 -29.61 -4.47 -15.02
C ARG C 633 -28.95 -4.71 -13.68
N ILE C 634 -29.49 -4.11 -12.63
CA ILE C 634 -29.03 -4.36 -11.27
C ILE C 634 -30.24 -4.69 -10.40
N ASP C 635 -30.07 -5.66 -9.52
CA ASP C 635 -31.18 -6.19 -8.73
C ASP C 635 -31.10 -5.59 -7.33
N MET C 636 -31.95 -4.61 -7.06
CA MET C 636 -31.88 -3.89 -5.80
C MET C 636 -32.49 -4.67 -4.65
N SER C 637 -32.61 -5.98 -4.78
CA SER C 637 -33.06 -6.80 -3.67
C SER C 637 -31.92 -7.25 -2.77
N GLU C 638 -30.68 -7.23 -3.26
CA GLU C 638 -29.52 -7.60 -2.47
C GLU C 638 -28.99 -6.44 -1.64
N TYR C 639 -29.30 -5.20 -2.01
CA TYR C 639 -28.84 -4.03 -1.29
C TYR C 639 -29.71 -3.78 -0.07
N GLY C 640 -29.87 -4.82 0.75
CA GLY C 640 -30.65 -4.66 1.97
C GLY C 640 -29.92 -3.94 3.07
N GLU C 641 -28.60 -4.06 3.11
CA GLU C 641 -27.80 -3.42 4.14
C GLU C 641 -27.22 -2.12 3.61
N LYS C 642 -27.25 -1.09 4.47
CA LYS C 642 -26.83 0.24 4.05
C LYS C 642 -25.44 0.22 3.44
N HIS C 643 -24.51 -0.49 4.08
CA HIS C 643 -23.12 -0.45 3.62
C HIS C 643 -22.93 -1.04 2.24
N THR C 644 -23.92 -1.76 1.72
CA THR C 644 -23.80 -2.38 0.41
C THR C 644 -23.87 -1.37 -0.72
N VAL C 645 -23.91 -0.08 -0.42
CA VAL C 645 -23.92 0.92 -1.48
C VAL C 645 -22.61 0.93 -2.22
N ALA C 646 -21.50 0.66 -1.54
CA ALA C 646 -20.19 0.87 -2.12
C ALA C 646 -19.98 0.10 -3.41
N ARG C 647 -20.78 -0.91 -3.69
CA ARG C 647 -20.52 -1.73 -4.86
C ARG C 647 -21.00 -1.10 -6.15
N LEU C 648 -21.59 0.09 -6.10
CA LEU C 648 -21.95 0.77 -7.33
C LEU C 648 -21.39 2.17 -7.43
N ILE C 649 -20.49 2.55 -6.52
CA ILE C 649 -19.85 3.86 -6.62
C ILE C 649 -18.36 3.72 -6.38
N GLY C 650 -17.90 2.52 -6.05
CA GLY C 650 -16.49 2.26 -5.85
C GLY C 650 -16.07 2.42 -4.40
N ALA C 651 -14.78 2.31 -4.17
CA ALA C 651 -14.23 2.49 -2.84
C ALA C 651 -13.25 3.64 -2.82
N PRO C 652 -13.18 4.40 -1.73
CA PRO C 652 -12.37 5.61 -1.70
C PRO C 652 -10.90 5.28 -1.90
N PRO C 653 -10.04 6.29 -2.03
CA PRO C 653 -8.62 6.00 -2.18
C PRO C 653 -8.03 5.46 -0.88
N GLY C 654 -7.20 4.43 -1.02
CA GLY C 654 -6.55 3.82 0.11
C GLY C 654 -7.15 2.53 0.59
N TYR C 655 -8.28 2.10 0.05
CA TYR C 655 -8.98 0.91 0.52
C TYR C 655 -8.86 -0.21 -0.51
N VAL C 656 -9.42 -1.37 -0.15
CA VAL C 656 -9.03 -2.63 -0.80
C VAL C 656 -9.32 -2.60 -2.28
N GLY C 657 -10.59 -2.54 -2.66
CA GLY C 657 -10.89 -2.54 -4.07
C GLY C 657 -11.02 -1.15 -4.61
N TYR C 658 -9.93 -0.61 -5.14
CA TYR C 658 -9.88 0.79 -5.53
C TYR C 658 -9.58 0.97 -7.01
N GLU C 659 -8.65 0.19 -7.56
CA GLU C 659 -8.31 0.36 -8.96
C GLU C 659 -9.42 -0.11 -9.88
N ALA C 660 -10.36 -0.90 -9.39
CA ALA C 660 -11.43 -1.39 -10.24
C ALA C 660 -12.49 -0.33 -10.54
N GLY C 661 -12.55 0.74 -9.76
CA GLY C 661 -13.56 1.75 -9.99
C GLY C 661 -14.94 1.25 -9.62
N GLY C 662 -15.93 2.10 -9.90
CA GLY C 662 -17.31 1.74 -9.62
C GLY C 662 -17.78 0.62 -10.52
N GLN C 663 -19.03 0.21 -10.33
CA GLN C 663 -19.60 -0.87 -11.12
C GLN C 663 -20.74 -0.42 -12.01
N LEU C 664 -21.74 0.24 -11.45
CA LEU C 664 -22.74 0.91 -12.28
C LEU C 664 -22.10 2.03 -13.09
N THR C 665 -21.26 2.83 -12.41
CA THR C 665 -20.56 3.91 -13.07
C THR C 665 -19.70 3.40 -14.21
N GLU C 666 -18.87 2.39 -13.94
CA GLU C 666 -17.96 1.93 -14.97
C GLU C 666 -18.63 1.12 -16.05
N ALA C 667 -19.93 0.87 -15.92
CA ALA C 667 -20.68 0.30 -17.03
C ALA C 667 -21.36 1.35 -17.87
N VAL C 668 -21.89 2.40 -17.24
CA VAL C 668 -22.48 3.51 -17.99
C VAL C 668 -21.41 4.39 -18.62
N ARG C 669 -20.17 4.30 -18.17
CA ARG C 669 -19.10 5.08 -18.79
C ARG C 669 -18.76 4.55 -20.17
N ARG C 670 -19.04 3.28 -20.43
CA ARG C 670 -18.83 2.67 -21.73
C ARG C 670 -20.18 2.47 -22.40
N ARG C 671 -20.31 2.97 -23.62
CA ARG C 671 -21.57 2.88 -24.34
C ARG C 671 -22.68 3.52 -23.53
N PRO C 672 -22.72 4.84 -23.45
CA PRO C 672 -23.66 5.54 -22.56
C PRO C 672 -25.03 5.75 -23.18
N TYR C 673 -25.56 4.72 -23.83
CA TYR C 673 -26.88 4.78 -24.43
C TYR C 673 -27.83 3.73 -23.88
N THR C 674 -27.42 2.98 -22.86
CA THR C 674 -28.17 1.82 -22.45
C THR C 674 -29.46 2.22 -21.75
N VAL C 675 -30.15 1.20 -21.23
CA VAL C 675 -31.30 1.35 -20.37
C VAL C 675 -30.90 0.80 -19.01
N VAL C 676 -31.22 1.51 -17.94
CA VAL C 676 -30.85 1.08 -16.60
C VAL C 676 -32.11 0.63 -15.87
N LEU C 677 -32.03 -0.52 -15.21
CA LEU C 677 -33.18 -1.14 -14.57
C LEU C 677 -32.87 -1.38 -13.10
N PHE C 678 -33.73 -0.90 -12.22
CA PHE C 678 -33.58 -1.12 -10.78
C PHE C 678 -34.76 -1.96 -10.31
N ASP C 679 -34.63 -3.29 -10.38
CA ASP C 679 -35.70 -4.17 -9.93
C ASP C 679 -35.98 -3.99 -8.45
N GLU C 680 -37.23 -4.20 -8.07
CA GLU C 680 -37.67 -4.30 -6.69
C GLU C 680 -37.02 -3.24 -5.80
N ILE C 681 -37.25 -2.00 -6.18
CA ILE C 681 -36.63 -0.89 -5.47
C ILE C 681 -37.10 -0.77 -4.04
N GLU C 682 -38.24 -1.36 -3.69
CA GLU C 682 -38.80 -1.12 -2.36
C GLU C 682 -38.15 -1.96 -1.29
N LYS C 683 -37.25 -2.86 -1.63
CA LYS C 683 -36.64 -3.76 -0.66
C LYS C 683 -35.27 -3.33 -0.20
N ALA C 684 -34.63 -2.39 -0.89
CA ALA C 684 -33.33 -1.92 -0.47
C ALA C 684 -33.45 -1.02 0.75
N HIS C 685 -32.34 -0.86 1.46
CA HIS C 685 -32.32 -0.03 2.64
C HIS C 685 -32.69 1.40 2.28
N PRO C 686 -33.41 2.12 3.13
CA PRO C 686 -33.81 3.49 2.79
C PRO C 686 -32.66 4.47 2.87
N ASP C 687 -31.49 4.07 2.36
CA ASP C 687 -30.36 4.95 2.20
C ASP C 687 -29.68 4.78 0.86
N VAL C 688 -30.03 3.75 0.09
CA VAL C 688 -29.63 3.70 -1.30
C VAL C 688 -30.51 4.61 -2.14
N PHE C 689 -31.68 4.99 -1.63
CA PHE C 689 -32.54 5.91 -2.34
C PHE C 689 -31.92 7.28 -2.53
N ASP C 690 -30.91 7.63 -1.74
CA ASP C 690 -30.33 8.96 -1.80
C ASP C 690 -29.15 9.05 -2.73
N VAL C 691 -28.54 7.92 -3.09
CA VAL C 691 -27.49 7.97 -4.10
C VAL C 691 -28.09 8.29 -5.45
N LEU C 692 -29.40 8.16 -5.60
CA LEU C 692 -30.06 8.36 -6.87
C LEU C 692 -30.63 9.76 -7.04
N LEU C 693 -30.51 10.63 -6.04
CA LEU C 693 -31.09 11.97 -6.16
C LEU C 693 -30.45 12.74 -7.30
N GLN C 694 -29.13 12.89 -7.26
CA GLN C 694 -28.47 13.58 -8.37
C GLN C 694 -28.62 12.82 -9.67
N VAL C 695 -28.64 11.49 -9.61
CA VAL C 695 -28.73 10.68 -10.82
C VAL C 695 -30.05 10.93 -11.53
N LEU C 696 -31.12 11.11 -10.78
CA LEU C 696 -32.41 11.36 -11.40
C LEU C 696 -32.54 12.81 -11.84
N ASP C 697 -32.09 13.75 -11.00
CA ASP C 697 -32.29 15.15 -11.36
C ASP C 697 -31.44 15.57 -12.55
N GLU C 698 -30.19 15.14 -12.63
CA GLU C 698 -29.38 15.34 -13.83
C GLU C 698 -28.52 14.10 -14.02
N GLY C 699 -27.62 14.17 -14.97
CA GLY C 699 -26.98 12.93 -15.33
C GLY C 699 -25.69 12.59 -14.62
N ARG C 700 -25.42 13.14 -13.46
CA ARG C 700 -24.07 13.04 -12.90
C ARG C 700 -24.02 12.09 -11.72
N LEU C 701 -22.95 11.32 -11.65
CA LEU C 701 -22.65 10.43 -10.54
C LEU C 701 -21.14 10.23 -10.52
N THR C 702 -20.53 10.36 -9.34
CA THR C 702 -19.08 10.41 -9.21
C THR C 702 -18.57 9.23 -8.43
N ASP C 703 -17.62 8.49 -8.99
CA ASP C 703 -17.07 7.30 -8.37
C ASP C 703 -15.94 7.68 -7.43
N GLY C 704 -15.11 6.71 -7.05
CA GLY C 704 -14.00 6.97 -6.16
C GLY C 704 -12.89 7.80 -6.74
N HIS C 705 -12.42 7.48 -7.93
CA HIS C 705 -11.29 8.18 -8.53
C HIS C 705 -11.58 9.64 -8.79
N GLY C 706 -12.81 10.11 -8.59
CA GLY C 706 -13.16 11.48 -8.83
C GLY C 706 -13.67 11.78 -10.22
N ARG C 707 -13.80 10.77 -11.08
CA ARG C 707 -14.36 11.02 -12.39
C ARG C 707 -15.87 10.94 -12.33
N THR C 708 -16.51 11.64 -13.25
CA THR C 708 -17.96 11.79 -13.28
C THR C 708 -18.52 11.30 -14.60
N VAL C 709 -19.55 10.46 -14.53
CA VAL C 709 -20.16 9.90 -15.72
C VAL C 709 -21.48 10.61 -15.98
N ASP C 710 -21.86 10.65 -17.24
CA ASP C 710 -23.08 11.34 -17.66
C ASP C 710 -24.19 10.33 -17.91
N PHE C 711 -25.35 10.58 -17.32
CA PHE C 711 -26.53 9.78 -17.54
C PHE C 711 -27.53 10.47 -18.45
N ARG C 712 -27.14 11.60 -19.04
CA ARG C 712 -28.07 12.46 -19.74
C ARG C 712 -28.79 11.78 -20.90
N ASN C 713 -28.36 10.61 -21.32
CA ASN C 713 -29.06 9.95 -22.42
C ASN C 713 -29.26 8.47 -22.13
N THR C 714 -29.65 8.13 -20.91
CA THR C 714 -30.13 6.81 -20.54
C THR C 714 -31.59 6.93 -20.12
N ILE C 715 -32.27 5.78 -20.06
CA ILE C 715 -33.66 5.74 -19.65
C ILE C 715 -33.74 4.92 -18.36
N LEU C 716 -33.91 5.59 -17.23
CA LEU C 716 -33.97 4.87 -15.98
C LEU C 716 -35.35 4.25 -15.79
N ILE C 717 -35.39 3.21 -14.96
CA ILE C 717 -36.62 2.46 -14.72
C ILE C 717 -36.56 1.85 -13.33
N LEU C 718 -37.63 1.99 -12.55
CA LEU C 718 -37.65 1.52 -11.18
C LEU C 718 -38.93 0.69 -10.97
N THR C 719 -38.81 -0.62 -11.03
CA THR C 719 -39.97 -1.48 -10.83
C THR C 719 -40.19 -1.73 -9.35
N SER C 720 -41.44 -1.69 -8.93
CA SER C 720 -41.77 -1.79 -7.51
C SER C 720 -42.99 -2.68 -7.33
N ASN C 721 -43.38 -2.87 -6.07
CA ASN C 721 -44.55 -3.69 -5.79
C ASN C 721 -45.37 -3.21 -4.59
N LEU C 722 -45.22 -1.96 -4.15
CA LEU C 722 -45.98 -1.50 -3.00
C LEU C 722 -47.48 -1.58 -3.27
N GLY C 723 -48.26 -1.59 -2.20
CA GLY C 723 -49.70 -1.60 -2.30
C GLY C 723 -50.20 -2.67 -3.26
N SER C 724 -50.04 -3.93 -2.85
CA SER C 724 -50.18 -5.07 -3.74
C SER C 724 -51.37 -4.94 -4.69
N GLY C 725 -52.57 -4.82 -4.14
CA GLY C 725 -53.75 -4.64 -4.97
C GLY C 725 -54.77 -3.71 -4.37
N GLY C 726 -54.33 -2.80 -3.51
CA GLY C 726 -55.26 -1.97 -2.75
C GLY C 726 -56.20 -1.15 -3.59
N SER C 727 -55.67 -0.12 -4.25
CA SER C 727 -56.42 0.75 -5.15
C SER C 727 -55.40 1.62 -5.86
N ALA C 728 -55.88 2.46 -6.79
CA ALA C 728 -55.00 3.46 -7.36
C ALA C 728 -54.80 4.65 -6.43
N GLU C 729 -55.45 4.63 -5.27
CA GLU C 729 -55.26 5.66 -4.26
C GLU C 729 -54.52 5.16 -3.04
N GLN C 730 -54.69 3.88 -2.68
CA GLN C 730 -53.94 3.34 -1.54
C GLN C 730 -52.48 3.19 -1.89
N VAL C 731 -52.18 2.88 -3.15
CA VAL C 731 -50.79 2.70 -3.53
C VAL C 731 -50.09 4.06 -3.60
N LEU C 732 -50.82 5.11 -3.96
CA LEU C 732 -50.26 6.46 -3.90
C LEU C 732 -50.18 6.99 -2.48
N ALA C 733 -50.78 6.32 -1.51
CA ALA C 733 -50.56 6.65 -0.12
C ALA C 733 -49.52 5.76 0.54
N ALA C 734 -49.15 4.66 -0.12
CA ALA C 734 -48.03 3.86 0.36
C ALA C 734 -46.70 4.38 -0.19
N VAL C 735 -46.70 4.80 -1.45
CA VAL C 735 -45.50 5.40 -2.03
C VAL C 735 -45.07 6.60 -1.22
N ARG C 736 -46.03 7.47 -0.88
CA ARG C 736 -45.69 8.71 -0.20
C ARG C 736 -45.26 8.47 1.25
N ALA C 737 -45.53 7.30 1.79
CA ALA C 737 -45.03 6.96 3.12
C ALA C 737 -43.74 6.17 3.07
N THR C 738 -43.42 5.54 1.94
CA THR C 738 -42.17 4.80 1.85
C THR C 738 -41.03 5.65 1.32
N PHE C 739 -41.33 6.63 0.47
CA PHE C 739 -40.29 7.48 -0.10
C PHE C 739 -40.37 8.88 0.49
N LYS C 740 -39.38 9.69 0.15
CA LYS C 740 -39.27 11.05 0.66
C LYS C 740 -39.91 12.02 -0.31
N PRO C 741 -40.39 13.16 0.19
CA PRO C 741 -41.00 14.14 -0.72
C PRO C 741 -40.06 14.65 -1.78
N GLU C 742 -38.77 14.76 -1.51
CA GLU C 742 -37.83 15.27 -2.50
C GLU C 742 -37.38 14.21 -3.48
N PHE C 743 -37.70 12.94 -3.24
CA PHE C 743 -37.31 11.90 -4.18
C PHE C 743 -38.40 11.61 -5.19
N ILE C 744 -39.67 11.67 -4.77
CA ILE C 744 -40.77 11.54 -5.72
C ILE C 744 -40.80 12.71 -6.67
N ASN C 745 -40.34 13.87 -6.22
CA ASN C 745 -40.34 15.07 -7.04
C ASN C 745 -39.40 14.97 -8.23
N ARG C 746 -38.42 14.06 -8.19
CA ARG C 746 -37.49 13.93 -9.30
C ARG C 746 -38.10 13.15 -10.45
N LEU C 747 -38.99 12.21 -10.17
CA LEU C 747 -39.46 11.28 -11.17
C LEU C 747 -40.33 11.96 -12.21
N ASP C 748 -40.41 11.33 -13.37
CA ASP C 748 -41.46 11.63 -14.32
C ASP C 748 -42.72 10.93 -13.87
N ASP C 749 -43.68 10.77 -14.77
CA ASP C 749 -44.92 10.07 -14.47
C ASP C 749 -44.65 8.81 -13.65
N VAL C 750 -45.46 8.63 -12.60
CA VAL C 750 -45.43 7.42 -11.79
C VAL C 750 -46.55 6.52 -12.31
N LEU C 751 -46.19 5.56 -13.16
CA LEU C 751 -47.17 4.73 -13.83
C LEU C 751 -47.65 3.63 -12.92
N ILE C 752 -48.93 3.28 -13.05
CA ILE C 752 -49.54 2.22 -12.24
C ILE C 752 -50.09 1.17 -13.18
N PHE C 753 -49.74 -0.09 -12.92
CA PHE C 753 -50.17 -1.18 -13.77
C PHE C 753 -51.47 -1.76 -13.24
N GLU C 754 -52.14 -2.54 -14.09
CA GLU C 754 -53.49 -3.02 -13.80
C GLU C 754 -53.57 -4.53 -13.92
N GLY C 755 -54.47 -5.12 -13.13
CA GLY C 755 -54.71 -6.54 -13.23
C GLY C 755 -55.19 -6.95 -14.62
N LEU C 756 -55.08 -8.24 -14.89
CA LEU C 756 -55.37 -8.72 -16.23
C LEU C 756 -56.80 -9.21 -16.33
N ASN C 757 -57.36 -9.08 -17.53
CA ASN C 757 -58.71 -9.48 -17.86
C ASN C 757 -58.70 -10.80 -18.61
N PRO C 758 -59.80 -11.55 -18.58
CA PRO C 758 -59.86 -12.79 -19.35
C PRO C 758 -59.67 -12.56 -20.84
N GLU C 759 -60.03 -11.38 -21.34
CA GLU C 759 -59.90 -11.08 -22.75
C GLU C 759 -58.48 -10.66 -23.13
N GLU C 760 -57.70 -10.21 -22.17
CA GLU C 760 -56.30 -9.88 -22.39
C GLU C 760 -55.42 -11.05 -22.27
N LEU C 761 -55.99 -12.19 -21.89
CA LEU C 761 -55.21 -13.37 -21.58
C LEU C 761 -55.11 -14.34 -22.74
N VAL C 762 -56.07 -14.35 -23.65
CA VAL C 762 -56.00 -15.21 -24.82
C VAL C 762 -54.80 -14.83 -25.68
N ARG C 763 -54.55 -13.53 -25.83
CA ARG C 763 -53.39 -13.09 -26.60
C ARG C 763 -52.10 -13.52 -25.93
N ILE C 764 -52.07 -13.54 -24.60
CA ILE C 764 -50.90 -14.05 -23.90
C ILE C 764 -50.73 -15.54 -24.17
N VAL C 765 -51.83 -16.27 -24.25
CA VAL C 765 -51.75 -17.68 -24.62
C VAL C 765 -51.12 -17.82 -26.00
N ASP C 766 -51.54 -16.97 -26.94
CA ASP C 766 -50.94 -16.99 -28.27
C ASP C 766 -49.45 -16.73 -28.21
N ILE C 767 -49.02 -15.78 -27.37
CA ILE C 767 -47.60 -15.48 -27.25
C ILE C 767 -46.84 -16.68 -26.71
N GLN C 768 -47.34 -17.29 -25.64
CA GLN C 768 -46.67 -18.43 -25.05
C GLN C 768 -46.53 -19.57 -26.06
N LEU C 769 -47.60 -19.85 -26.79
CA LEU C 769 -47.51 -20.89 -27.81
C LEU C 769 -46.52 -20.52 -28.90
N ALA C 770 -46.46 -19.24 -29.26
CA ALA C 770 -45.49 -18.82 -30.27
C ALA C 770 -44.07 -19.09 -29.80
N GLN C 771 -43.76 -18.74 -28.55
CA GLN C 771 -42.43 -18.97 -28.03
C GLN C 771 -42.11 -20.46 -27.97
N LEU C 772 -43.06 -21.26 -27.50
CA LEU C 772 -42.82 -22.69 -27.38
C LEU C 772 -42.60 -23.32 -28.75
N GLY C 773 -43.35 -22.87 -29.76
CA GLY C 773 -43.13 -23.39 -31.10
C GLY C 773 -41.79 -22.94 -31.67
N LYS C 774 -41.40 -21.70 -31.41
CA LYS C 774 -40.10 -21.23 -31.86
C LYS C 774 -38.98 -22.03 -31.23
N ARG C 775 -39.13 -22.42 -29.97
CA ARG C 775 -38.13 -23.25 -29.32
C ARG C 775 -38.12 -24.67 -29.88
N LEU C 776 -39.29 -25.24 -30.12
CA LEU C 776 -39.37 -26.58 -30.69
C LEU C 776 -38.84 -26.65 -32.11
N ALA C 777 -38.91 -25.56 -32.87
CA ALA C 777 -38.44 -25.57 -34.25
C ALA C 777 -36.95 -25.88 -34.38
N GLN C 778 -36.23 -26.00 -33.27
CA GLN C 778 -34.85 -26.44 -33.35
C GLN C 778 -34.75 -27.91 -33.76
N ARG C 779 -35.73 -28.72 -33.37
CA ARG C 779 -35.79 -30.11 -33.76
C ARG C 779 -36.80 -30.36 -34.88
N ARG C 780 -37.23 -29.30 -35.56
CA ARG C 780 -38.15 -29.40 -36.69
C ARG C 780 -39.47 -30.06 -36.27
N LEU C 781 -40.19 -29.36 -35.41
CA LEU C 781 -41.54 -29.72 -35.03
C LEU C 781 -42.43 -28.48 -35.12
N GLN C 782 -43.73 -28.71 -35.00
CA GLN C 782 -44.69 -27.63 -34.81
C GLN C 782 -45.98 -28.25 -34.31
N LEU C 783 -46.84 -27.42 -33.76
CA LEU C 783 -48.07 -27.89 -33.15
C LEU C 783 -49.26 -27.26 -33.84
N GLN C 784 -50.37 -28.01 -33.88
CA GLN C 784 -51.63 -27.53 -34.43
C GLN C 784 -52.62 -27.44 -33.27
N VAL C 785 -52.77 -26.25 -32.73
CA VAL C 785 -53.58 -26.05 -31.53
C VAL C 785 -54.98 -25.62 -31.95
N SER C 786 -55.97 -26.45 -31.63
CA SER C 786 -57.36 -26.10 -31.89
C SER C 786 -57.82 -24.98 -30.98
N LEU C 787 -58.71 -24.14 -31.51
CA LEU C 787 -59.29 -23.07 -30.71
C LEU C 787 -59.99 -23.56 -29.45
N PRO C 788 -60.62 -24.73 -29.41
CA PRO C 788 -61.11 -25.25 -28.12
C PRO C 788 -60.01 -25.35 -27.07
N ALA C 789 -58.84 -25.89 -27.43
CA ALA C 789 -57.75 -25.95 -26.47
C ALA C 789 -57.21 -24.56 -26.17
N LYS C 790 -57.08 -23.73 -27.19
CA LYS C 790 -56.57 -22.38 -27.00
C LYS C 790 -57.43 -21.58 -26.05
N ARG C 791 -58.72 -21.85 -25.99
CA ARG C 791 -59.57 -21.19 -25.01
C ARG C 791 -59.65 -21.94 -23.70
N TRP C 792 -59.46 -23.25 -23.72
CA TRP C 792 -59.41 -24.01 -22.47
C TRP C 792 -58.26 -23.54 -21.60
N LEU C 793 -57.06 -23.43 -22.19
CA LEU C 793 -55.89 -22.96 -21.45
C LEU C 793 -56.17 -21.63 -20.78
N ALA C 794 -56.61 -20.63 -21.55
CA ALA C 794 -56.93 -19.33 -20.97
C ALA C 794 -58.04 -19.40 -19.95
N GLN C 795 -58.96 -20.36 -20.09
CA GLN C 795 -59.98 -20.53 -19.06
C GLN C 795 -59.37 -21.01 -17.76
N ARG C 796 -58.29 -21.78 -17.84
CA ARG C 796 -57.62 -22.26 -16.64
C ARG C 796 -56.57 -21.28 -16.10
N GLY C 797 -56.39 -20.14 -16.76
CA GLY C 797 -55.59 -19.07 -16.20
C GLY C 797 -56.40 -18.30 -15.19
N PHE C 798 -56.70 -18.95 -14.07
CA PHE C 798 -57.62 -18.44 -13.07
C PHE C 798 -56.91 -17.43 -12.17
N ASP C 799 -57.50 -17.16 -11.00
CA ASP C 799 -56.99 -16.43 -9.85
C ASP C 799 -56.23 -15.16 -10.21
N PRO C 800 -56.94 -14.10 -10.56
CA PRO C 800 -56.27 -12.80 -10.76
C PRO C 800 -55.73 -12.26 -9.46
N VAL C 801 -54.94 -13.08 -8.76
CA VAL C 801 -54.09 -12.62 -7.67
C VAL C 801 -52.64 -13.01 -7.87
N TYR C 802 -52.34 -13.95 -8.77
CA TYR C 802 -50.99 -14.30 -9.14
C TYR C 802 -50.68 -13.92 -10.59
N GLY C 803 -51.46 -13.03 -11.17
CA GLY C 803 -51.13 -12.49 -12.48
C GLY C 803 -51.14 -13.50 -13.61
N ALA C 804 -49.98 -13.70 -14.24
CA ALA C 804 -49.94 -14.46 -15.49
C ALA C 804 -48.82 -15.49 -15.53
N ARG C 805 -48.31 -15.92 -14.38
CA ARG C 805 -47.39 -17.05 -14.32
C ARG C 805 -48.13 -18.39 -14.31
N PRO C 806 -49.25 -18.52 -13.57
CA PRO C 806 -50.01 -19.76 -13.65
C PRO C 806 -50.24 -20.25 -15.05
N LEU C 807 -50.48 -19.35 -16.00
CA LEU C 807 -50.62 -19.77 -17.39
C LEU C 807 -49.37 -20.49 -17.87
N ARG C 808 -48.20 -19.96 -17.51
CA ARG C 808 -46.95 -20.56 -17.97
C ARG C 808 -46.77 -21.94 -17.37
N ARG C 809 -46.94 -22.05 -16.05
CA ARG C 809 -46.81 -23.35 -15.41
C ARG C 809 -47.84 -24.34 -15.93
N LEU C 810 -49.02 -23.85 -16.31
CA LEU C 810 -50.05 -24.73 -16.84
C LEU C 810 -49.68 -25.23 -18.22
N VAL C 811 -49.19 -24.34 -19.09
CA VAL C 811 -48.73 -24.80 -20.40
C VAL C 811 -47.68 -25.88 -20.23
N GLN C 812 -46.74 -25.67 -19.31
CA GLN C 812 -45.76 -26.72 -19.03
C GLN C 812 -46.46 -28.01 -18.63
N GLN C 813 -47.16 -28.00 -17.50
CA GLN C 813 -47.72 -29.21 -16.92
C GLN C 813 -48.74 -29.89 -17.83
N ALA C 814 -49.23 -29.21 -18.86
CA ALA C 814 -50.23 -29.81 -19.73
C ALA C 814 -49.68 -30.27 -21.07
N ILE C 815 -48.62 -29.65 -21.59
CA ILE C 815 -48.10 -30.00 -22.90
C ILE C 815 -46.65 -30.47 -22.83
N GLY C 816 -45.81 -29.78 -22.06
CA GLY C 816 -44.39 -30.08 -22.10
C GLY C 816 -44.06 -31.46 -21.54
N ASP C 817 -44.72 -31.83 -20.45
CA ASP C 817 -44.43 -33.14 -19.85
C ASP C 817 -44.86 -34.27 -20.78
N GLN C 818 -46.07 -34.17 -21.35
CA GLN C 818 -46.52 -35.22 -22.27
C GLN C 818 -45.66 -35.25 -23.52
N LEU C 819 -45.25 -34.09 -24.02
CA LEU C 819 -44.40 -34.06 -25.20
C LEU C 819 -43.07 -34.72 -24.92
N ALA C 820 -42.47 -34.45 -23.76
CA ALA C 820 -41.22 -35.13 -23.40
C ALA C 820 -41.43 -36.62 -23.29
N LYS C 821 -42.47 -37.03 -22.56
CA LYS C 821 -42.81 -38.43 -22.43
C LYS C 821 -42.83 -39.12 -23.77
N MET C 822 -43.69 -38.64 -24.68
CA MET C 822 -43.80 -39.25 -26.00
C MET C 822 -42.55 -39.02 -26.85
N LEU C 823 -41.70 -38.07 -26.48
CA LEU C 823 -40.58 -37.73 -27.35
C LEU C 823 -39.39 -38.65 -27.13
N LEU C 824 -39.03 -38.90 -25.87
CA LEU C 824 -37.88 -39.76 -25.61
C LEU C 824 -38.27 -41.24 -25.54
N ALA C 825 -39.34 -41.62 -26.21
CA ALA C 825 -39.72 -43.04 -26.34
C ALA C 825 -40.22 -43.34 -27.74
N GLY C 826 -39.53 -42.84 -28.76
CA GLY C 826 -39.99 -43.02 -30.12
C GLY C 826 -41.33 -42.34 -30.38
N GLN C 827 -41.88 -42.63 -31.55
CA GLN C 827 -43.26 -42.36 -31.95
C GLN C 827 -43.55 -40.89 -32.20
N VAL C 828 -42.62 -39.99 -31.87
CA VAL C 828 -42.79 -38.58 -32.18
C VAL C 828 -41.51 -38.08 -32.86
N HIS C 829 -40.87 -38.95 -33.64
CA HIS C 829 -39.56 -38.64 -34.22
C HIS C 829 -39.56 -37.28 -34.91
N ASP C 830 -38.38 -36.67 -34.95
CA ASP C 830 -38.24 -35.32 -35.48
C ASP C 830 -38.77 -35.22 -36.90
N GLY C 831 -39.18 -34.02 -37.28
CA GLY C 831 -39.82 -33.87 -38.56
C GLY C 831 -41.30 -33.62 -38.44
N ASP C 832 -42.08 -34.69 -38.62
CA ASP C 832 -43.53 -34.58 -38.64
C ASP C 832 -44.08 -33.82 -37.43
N THR C 833 -45.07 -32.99 -37.69
CA THR C 833 -45.74 -32.23 -36.65
C THR C 833 -46.66 -33.12 -35.84
N VAL C 834 -47.31 -32.54 -34.84
CA VAL C 834 -48.28 -33.27 -34.03
C VAL C 834 -49.53 -32.41 -33.83
N PRO C 835 -50.70 -33.01 -33.70
CA PRO C 835 -51.89 -32.25 -33.34
C PRO C 835 -52.16 -32.32 -31.84
N VAL C 836 -52.79 -31.27 -31.33
CA VAL C 836 -53.24 -31.23 -29.95
C VAL C 836 -54.72 -30.90 -29.93
N ASN C 837 -55.46 -31.62 -29.08
CA ASN C 837 -56.90 -31.47 -29.00
C ASN C 837 -57.33 -31.63 -27.56
N VAL C 838 -58.49 -31.06 -27.24
CA VAL C 838 -59.01 -31.12 -25.89
C VAL C 838 -59.68 -32.48 -25.65
N SER C 839 -59.77 -32.85 -24.38
CA SER C 839 -60.43 -34.06 -23.94
C SER C 839 -61.45 -33.67 -22.87
N PRO C 840 -62.22 -34.62 -22.29
CA PRO C 840 -63.13 -34.27 -21.19
C PRO C 840 -62.55 -33.30 -20.16
N ASP C 841 -61.40 -33.61 -19.56
CA ASP C 841 -60.79 -32.72 -18.58
C ASP C 841 -59.46 -32.13 -19.06
N ALA C 842 -58.49 -32.98 -19.36
CA ALA C 842 -57.20 -32.52 -19.84
C ALA C 842 -57.24 -32.39 -21.36
N ASP C 843 -56.08 -32.22 -21.96
CA ASP C 843 -55.99 -32.27 -23.42
C ASP C 843 -54.90 -33.26 -23.82
N SER C 844 -55.18 -34.02 -24.85
CA SER C 844 -54.31 -35.10 -25.29
C SER C 844 -53.72 -34.80 -26.65
N LEU C 845 -52.76 -35.63 -27.05
CA LEU C 845 -52.04 -35.42 -28.28
C LEU C 845 -52.19 -36.61 -29.22
N GLN D 159 17.62 -0.15 -42.19
CA GLN D 159 18.33 -1.24 -41.53
C GLN D 159 18.11 -1.19 -40.03
N ALA D 160 17.20 -0.32 -39.58
CA ALA D 160 16.75 -0.31 -38.20
C ALA D 160 15.41 -1.01 -38.04
N LEU D 161 14.43 -0.67 -38.87
CA LEU D 161 13.17 -1.39 -38.88
C LEU D 161 13.25 -2.65 -39.73
N GLN D 162 14.32 -3.41 -39.51
CA GLN D 162 14.48 -4.73 -40.09
C GLN D 162 14.91 -5.75 -39.05
N LYS D 163 15.50 -5.31 -37.96
CA LYS D 163 15.83 -6.19 -36.85
C LYS D 163 14.95 -5.95 -35.63
N TYR D 164 13.97 -5.05 -35.73
CA TYR D 164 13.00 -4.83 -34.67
C TYR D 164 11.57 -4.88 -35.18
N SER D 165 11.33 -5.54 -36.30
CA SER D 165 9.99 -5.56 -36.88
C SER D 165 9.94 -6.60 -37.99
N THR D 166 8.72 -6.97 -38.35
CA THR D 166 8.44 -7.87 -39.45
C THR D 166 7.77 -7.07 -40.59
N ASP D 167 7.32 -7.78 -41.61
CA ASP D 167 6.69 -7.17 -42.78
C ASP D 167 5.34 -7.83 -42.98
N LEU D 168 4.30 -7.26 -42.38
CA LEU D 168 3.00 -7.91 -42.39
C LEU D 168 2.38 -7.92 -43.78
N THR D 169 2.56 -6.87 -44.57
CA THR D 169 1.97 -6.88 -45.90
C THR D 169 2.65 -7.92 -46.79
N ALA D 170 3.97 -8.02 -46.70
CA ALA D 170 4.66 -9.08 -47.41
C ALA D 170 4.23 -10.46 -46.92
N ARG D 171 3.95 -10.60 -45.62
CA ARG D 171 3.44 -11.85 -45.12
C ARG D 171 2.05 -12.16 -45.67
N ALA D 172 1.25 -11.14 -45.91
CA ALA D 172 -0.06 -11.35 -46.51
C ALA D 172 0.04 -11.70 -47.99
N ARG D 173 1.09 -11.21 -48.66
CA ARG D 173 1.28 -11.55 -50.07
C ARG D 173 1.46 -13.05 -50.25
N GLU D 174 2.19 -13.69 -49.34
CA GLU D 174 2.37 -15.13 -49.45
C GLU D 174 1.18 -15.92 -48.95
N GLY D 175 0.07 -15.26 -48.62
CA GLY D 175 -1.16 -15.93 -48.30
C GLY D 175 -1.18 -16.66 -46.98
N LYS D 176 -0.22 -16.40 -46.09
CA LYS D 176 -0.20 -17.09 -44.81
C LYS D 176 -1.10 -16.43 -43.79
N LEU D 177 -2.36 -16.17 -44.15
CA LEU D 177 -3.27 -15.49 -43.25
C LEU D 177 -4.68 -16.05 -43.43
N ASP D 178 -5.42 -15.98 -42.42
CA ASP D 178 -6.72 -16.59 -42.56
C ASP D 178 -7.73 -15.60 -43.13
N PRO D 179 -8.73 -16.09 -43.85
CA PRO D 179 -9.62 -15.19 -44.60
C PRO D 179 -10.63 -14.47 -43.73
N VAL D 180 -10.27 -13.29 -43.24
CA VAL D 180 -11.22 -12.42 -42.56
C VAL D 180 -12.52 -12.37 -43.34
N ILE D 181 -13.62 -12.60 -42.65
CA ILE D 181 -14.95 -12.67 -43.26
C ILE D 181 -15.86 -11.70 -42.52
N GLY D 182 -16.37 -10.71 -43.25
CA GLY D 182 -17.24 -9.73 -42.63
C GLY D 182 -16.45 -8.59 -42.03
N ARG D 183 -17.01 -8.03 -40.95
CA ARG D 183 -16.42 -6.90 -40.23
C ARG D 183 -16.00 -5.79 -41.21
N ASP D 184 -16.99 -5.27 -41.90
CA ASP D 184 -16.78 -4.23 -42.90
C ASP D 184 -16.94 -2.83 -42.34
N ASN D 185 -17.89 -2.61 -41.43
CA ASN D 185 -18.01 -1.32 -40.78
C ASN D 185 -16.74 -0.95 -40.04
N GLU D 186 -16.13 -1.93 -39.37
CA GLU D 186 -14.93 -1.66 -38.60
C GLU D 186 -13.74 -1.32 -39.49
N ILE D 187 -13.56 -2.06 -40.59
CA ILE D 187 -12.45 -1.76 -41.47
C ILE D 187 -12.66 -0.43 -42.17
N ARG D 188 -13.91 -0.12 -42.52
CA ARG D 188 -14.16 1.16 -43.15
C ARG D 188 -13.86 2.31 -42.20
N ARG D 189 -14.23 2.15 -40.93
CA ARG D 189 -13.92 3.20 -39.95
C ARG D 189 -12.43 3.30 -39.73
N VAL D 190 -11.73 2.17 -39.70
CA VAL D 190 -10.28 2.23 -39.50
C VAL D 190 -9.60 2.92 -40.67
N VAL D 191 -10.07 2.69 -41.89
CA VAL D 191 -9.46 3.38 -43.02
C VAL D 191 -9.76 4.87 -42.96
N GLN D 192 -11.02 5.24 -42.72
CA GLN D 192 -11.37 6.65 -42.68
C GLN D 192 -10.70 7.38 -41.52
N VAL D 193 -10.26 6.66 -40.48
CA VAL D 193 -9.46 7.28 -39.44
C VAL D 193 -7.99 7.32 -39.83
N LEU D 194 -7.50 6.31 -40.52
CA LEU D 194 -6.10 6.22 -40.91
C LEU D 194 -5.76 7.15 -42.06
N SER D 195 -6.74 7.78 -42.68
CA SER D 195 -6.46 8.67 -43.80
C SER D 195 -6.74 10.13 -43.44
N ARG D 196 -6.53 10.50 -42.18
CA ARG D 196 -6.83 11.85 -41.73
C ARG D 196 -5.65 12.76 -42.05
N ARG D 197 -5.68 13.98 -41.50
CA ARG D 197 -4.57 14.90 -41.71
C ARG D 197 -3.62 14.91 -40.52
N THR D 198 -4.15 15.07 -39.31
CA THR D 198 -3.38 14.99 -38.09
C THR D 198 -4.06 14.03 -37.13
N LYS D 199 -3.27 13.39 -36.29
CA LYS D 199 -3.78 12.49 -35.26
C LYS D 199 -4.52 11.30 -35.88
N ASN D 200 -3.89 10.67 -36.86
CA ASN D 200 -4.45 9.49 -37.51
C ASN D 200 -3.92 8.24 -36.82
N ASN D 201 -4.54 7.90 -35.69
CA ASN D 201 -4.13 6.75 -34.89
C ASN D 201 -5.35 6.03 -34.34
N PRO D 202 -5.75 4.92 -34.95
CA PRO D 202 -6.87 4.14 -34.42
C PRO D 202 -6.39 3.04 -33.48
N VAL D 203 -7.24 2.72 -32.52
CA VAL D 203 -6.93 1.71 -31.52
C VAL D 203 -8.15 0.82 -31.33
N LEU D 204 -8.03 -0.44 -31.69
CA LEU D 204 -9.15 -1.37 -31.62
C LEU D 204 -9.30 -1.84 -30.18
N ILE D 205 -10.42 -1.50 -29.56
CA ILE D 205 -10.72 -1.82 -28.17
C ILE D 205 -11.83 -2.84 -28.14
N GLY D 206 -11.70 -3.85 -27.28
CA GLY D 206 -12.74 -4.85 -27.15
C GLY D 206 -12.25 -6.02 -26.34
N GLU D 207 -13.22 -6.71 -25.73
CA GLU D 207 -12.92 -7.79 -24.81
C GLU D 207 -12.20 -8.93 -25.52
N PRO D 208 -11.50 -9.78 -24.79
CA PRO D 208 -10.52 -10.68 -25.42
C PRO D 208 -11.16 -11.78 -26.23
N GLY D 209 -10.67 -11.95 -27.46
CA GLY D 209 -11.11 -13.03 -28.31
C GLY D 209 -12.10 -12.66 -29.38
N VAL D 210 -12.59 -11.42 -29.40
CA VAL D 210 -13.65 -11.03 -30.32
C VAL D 210 -13.15 -10.70 -31.71
N GLY D 211 -11.85 -10.84 -31.96
CA GLY D 211 -11.35 -10.63 -33.32
C GLY D 211 -10.74 -9.27 -33.56
N LYS D 212 -9.83 -8.83 -32.68
CA LYS D 212 -9.27 -7.50 -32.82
C LYS D 212 -8.05 -7.47 -33.73
N THR D 213 -7.28 -8.55 -33.79
CA THR D 213 -6.17 -8.58 -34.74
C THR D 213 -6.67 -8.91 -36.13
N ALA D 214 -7.66 -9.79 -36.20
CA ALA D 214 -8.20 -10.22 -37.48
C ALA D 214 -8.59 -9.03 -38.34
N ILE D 215 -9.02 -7.93 -37.71
CA ILE D 215 -9.35 -6.75 -38.50
C ILE D 215 -8.11 -6.19 -39.18
N VAL D 216 -6.98 -6.22 -38.48
CA VAL D 216 -5.77 -5.68 -39.09
C VAL D 216 -5.26 -6.59 -40.20
N GLU D 217 -5.32 -7.90 -40.00
CA GLU D 217 -4.98 -8.78 -41.13
C GLU D 217 -5.95 -8.58 -42.29
N GLY D 218 -7.21 -8.26 -41.98
CA GLY D 218 -8.16 -7.99 -43.05
C GLY D 218 -7.76 -6.77 -43.84
N LEU D 219 -7.37 -5.71 -43.14
CA LEU D 219 -6.91 -4.51 -43.83
C LEU D 219 -5.66 -4.81 -44.64
N ALA D 220 -4.80 -5.69 -44.14
CA ALA D 220 -3.59 -6.05 -44.89
C ALA D 220 -3.94 -6.75 -46.19
N GLN D 221 -4.78 -7.77 -46.11
CA GLN D 221 -5.20 -8.47 -47.33
C GLN D 221 -5.88 -7.52 -48.31
N ARG D 222 -6.68 -6.59 -47.79
CA ARG D 222 -7.35 -5.62 -48.63
C ARG D 222 -6.35 -4.72 -49.33
N ILE D 223 -5.34 -4.24 -48.60
CA ILE D 223 -4.31 -3.41 -49.21
C ILE D 223 -3.61 -4.17 -50.33
N VAL D 224 -3.25 -5.42 -50.07
CA VAL D 224 -2.58 -6.22 -51.10
C VAL D 224 -3.44 -6.34 -52.34
N ALA D 225 -4.71 -6.70 -52.15
CA ALA D 225 -5.62 -6.81 -53.28
C ALA D 225 -5.89 -5.48 -53.97
N GLY D 226 -5.58 -4.37 -53.32
CA GLY D 226 -5.79 -3.07 -53.95
C GLY D 226 -7.18 -2.51 -53.79
N ASP D 227 -7.89 -2.89 -52.73
CA ASP D 227 -9.28 -2.49 -52.49
C ASP D 227 -9.37 -1.34 -51.50
N VAL D 228 -8.41 -0.42 -51.53
CA VAL D 228 -8.36 0.68 -50.57
C VAL D 228 -8.61 1.97 -51.34
N PRO D 229 -8.86 3.07 -50.64
CA PRO D 229 -9.10 4.34 -51.34
C PRO D 229 -7.86 4.87 -52.06
N GLU D 230 -8.00 6.08 -52.60
CA GLU D 230 -6.95 6.67 -53.43
C GLU D 230 -5.62 6.71 -52.69
N SER D 231 -5.56 7.46 -51.59
CA SER D 231 -4.28 7.73 -50.93
C SER D 231 -3.97 6.69 -49.87
N LEU D 232 -4.07 5.42 -50.23
CA LEU D 232 -3.66 4.37 -49.30
C LEU D 232 -3.08 3.17 -50.03
N ARG D 233 -2.76 3.29 -51.31
CA ARG D 233 -2.23 2.17 -52.05
C ARG D 233 -0.75 1.99 -51.74
N ASP D 234 -0.36 0.73 -51.52
CA ASP D 234 1.04 0.34 -51.33
C ASP D 234 1.64 1.07 -50.12
N LYS D 235 1.13 0.72 -48.95
CA LYS D 235 1.65 1.28 -47.71
C LYS D 235 2.47 0.31 -46.89
N THR D 236 2.35 -0.99 -47.13
CA THR D 236 3.29 -1.98 -46.59
C THR D 236 3.38 -1.89 -45.07
N ILE D 237 2.28 -2.23 -44.40
CA ILE D 237 2.21 -2.04 -42.96
C ILE D 237 3.26 -2.92 -42.30
N VAL D 238 3.65 -2.55 -41.08
CA VAL D 238 4.80 -3.13 -40.40
C VAL D 238 4.41 -3.47 -38.97
N ALA D 239 4.74 -4.69 -38.54
CA ALA D 239 4.37 -5.16 -37.21
C ALA D 239 5.55 -4.95 -36.27
N LEU D 240 5.60 -3.77 -35.68
CA LEU D 240 6.67 -3.43 -34.76
C LEU D 240 6.58 -4.31 -33.52
N ASP D 241 7.69 -4.40 -32.79
CA ASP D 241 7.67 -5.08 -31.50
C ASP D 241 8.68 -4.41 -30.58
N LEU D 242 8.37 -4.38 -29.29
CA LEU D 242 9.25 -3.75 -28.32
C LEU D 242 10.01 -4.75 -27.47
N GLY D 243 9.50 -5.97 -27.34
CA GLY D 243 10.24 -6.97 -26.59
C GLY D 243 11.63 -7.21 -27.14
N SER D 244 11.80 -7.09 -28.44
CA SER D 244 13.10 -7.25 -29.07
C SER D 244 13.89 -5.95 -29.13
N MET D 245 13.46 -4.92 -28.39
CA MET D 245 14.23 -3.69 -28.27
C MET D 245 14.66 -3.40 -26.85
N VAL D 246 13.81 -3.66 -25.87
CA VAL D 246 14.12 -3.42 -24.47
C VAL D 246 14.83 -4.66 -23.94
N ALA D 247 15.22 -5.56 -24.84
CA ALA D 247 15.76 -6.85 -24.43
C ALA D 247 17.17 -6.74 -23.85
N GLY D 248 18.14 -6.37 -24.67
CA GLY D 248 19.48 -6.21 -24.13
C GLY D 248 19.89 -4.76 -23.96
N SER D 249 19.71 -4.25 -22.73
CA SER D 249 20.17 -2.90 -22.41
C SER D 249 20.16 -2.78 -20.88
N LYS D 250 21.35 -2.69 -20.29
CA LYS D 250 21.49 -2.29 -18.89
C LYS D 250 22.60 -1.26 -18.88
N TYR D 251 22.25 -0.01 -19.18
CA TYR D 251 23.18 1.10 -19.35
C TYR D 251 22.34 2.36 -19.51
N ARG D 252 23.02 3.49 -19.43
CA ARG D 252 22.34 4.76 -19.62
C ARG D 252 22.22 5.06 -21.11
N GLY D 253 21.01 5.35 -21.56
CA GLY D 253 20.80 5.73 -22.94
C GLY D 253 21.23 4.65 -23.91
N GLU D 254 20.51 3.54 -23.92
CA GLU D 254 20.83 2.44 -24.82
C GLU D 254 19.59 2.07 -25.61
N PHE D 255 18.44 2.06 -24.95
CA PHE D 255 17.18 1.82 -25.62
C PHE D 255 16.76 3.03 -26.45
N GLU D 256 17.20 4.21 -26.04
CA GLU D 256 16.79 5.43 -26.73
C GLU D 256 17.41 5.51 -28.11
N GLU D 257 18.64 5.05 -28.28
CA GLU D 257 19.23 5.09 -29.61
C GLU D 257 18.52 4.12 -30.55
N ARG D 258 18.07 2.98 -30.02
CA ARG D 258 17.28 2.07 -30.85
C ARG D 258 15.97 2.71 -31.27
N LEU D 259 15.23 3.25 -30.31
CA LEU D 259 13.94 3.84 -30.65
C LEU D 259 14.11 5.03 -31.60
N LYS D 260 15.17 5.80 -31.42
CA LYS D 260 15.38 6.95 -32.30
C LYS D 260 15.78 6.52 -33.70
N ALA D 261 16.58 5.46 -33.82
CA ALA D 261 16.87 4.93 -35.15
C ALA D 261 15.59 4.46 -35.83
N VAL D 262 14.70 3.80 -35.09
CA VAL D 262 13.47 3.32 -35.70
C VAL D 262 12.61 4.49 -36.17
N LEU D 263 12.45 5.49 -35.30
CA LEU D 263 11.64 6.64 -35.69
C LEU D 263 12.24 7.37 -36.88
N ASP D 264 13.56 7.48 -36.92
CA ASP D 264 14.19 8.16 -38.04
C ASP D 264 13.98 7.38 -39.33
N ASP D 265 14.04 6.06 -39.27
CA ASP D 265 13.79 5.29 -40.48
C ASP D 265 12.33 5.33 -40.90
N ILE D 266 11.40 5.48 -39.96
CA ILE D 266 10.00 5.59 -40.37
C ILE D 266 9.74 6.93 -41.02
N LYS D 267 10.33 8.00 -40.52
CA LYS D 267 10.02 9.33 -41.04
C LYS D 267 10.91 9.73 -42.20
N ASN D 268 12.05 9.07 -42.41
CA ASN D 268 12.89 9.42 -43.55
C ASN D 268 12.32 8.87 -44.84
N SER D 269 11.66 7.72 -44.78
CA SER D 269 10.82 7.33 -45.88
C SER D 269 9.61 8.23 -45.94
N ALA D 270 8.96 8.27 -47.09
CA ALA D 270 7.74 9.07 -47.22
C ALA D 270 6.65 8.47 -46.35
N GLY D 271 5.48 9.10 -46.37
CA GLY D 271 4.40 8.59 -45.55
C GLY D 271 3.84 7.30 -46.11
N GLN D 272 4.63 6.22 -46.05
CA GLN D 272 4.19 4.93 -46.59
C GLN D 272 4.66 3.76 -45.74
N ILE D 273 4.76 3.94 -44.43
CA ILE D 273 5.17 2.86 -43.53
C ILE D 273 4.17 2.68 -42.39
N ILE D 274 2.89 2.66 -42.70
CA ILE D 274 1.86 2.45 -41.68
C ILE D 274 2.34 1.41 -40.67
N THR D 275 2.36 1.78 -39.40
CA THR D 275 2.90 0.89 -38.37
C THR D 275 1.77 0.20 -37.63
N PHE D 276 2.14 -0.79 -36.83
CA PHE D 276 1.16 -1.64 -36.16
C PHE D 276 1.79 -2.23 -34.91
N ILE D 277 1.45 -1.66 -33.76
CA ILE D 277 1.88 -2.17 -32.46
C ILE D 277 0.68 -2.86 -31.83
N ASP D 278 0.80 -4.15 -31.60
CA ASP D 278 -0.28 -4.94 -31.02
C ASP D 278 -0.09 -5.02 -29.52
N GLU D 279 -1.21 -5.02 -28.78
CA GLU D 279 -1.20 -4.93 -27.33
C GLU D 279 -0.31 -3.78 -26.88
N LEU D 280 -0.70 -2.57 -27.28
CA LEU D 280 0.13 -1.41 -27.03
C LEU D 280 0.07 -0.93 -25.60
N HIS D 281 -0.72 -1.57 -24.73
CA HIS D 281 -0.68 -1.17 -23.34
C HIS D 281 0.66 -1.49 -22.69
N THR D 282 1.55 -2.16 -23.41
CA THR D 282 2.92 -2.36 -22.97
C THR D 282 3.87 -1.31 -23.54
N ILE D 283 3.34 -0.13 -23.87
CA ILE D 283 4.18 0.96 -24.36
C ILE D 283 4.36 2.04 -23.31
N VAL D 284 3.61 1.98 -22.21
CA VAL D 284 3.71 3.00 -21.19
C VAL D 284 4.98 2.82 -20.35
N GLY D 285 5.56 1.64 -20.33
CA GLY D 285 6.72 1.39 -19.52
C GLY D 285 8.01 1.78 -20.23
N ALA D 286 8.93 0.83 -20.36
CA ALA D 286 10.18 1.03 -21.10
C ALA D 286 11.07 2.09 -20.45
N GLY D 287 10.61 2.66 -19.33
CA GLY D 287 11.25 3.82 -18.75
C GLY D 287 12.59 3.60 -18.10
N ALA D 288 12.59 2.92 -16.95
CA ALA D 288 13.82 2.74 -16.20
C ALA D 288 13.86 1.35 -15.56
N ASP D 295 10.01 8.91 -19.10
CA ASP D 295 11.03 9.27 -20.07
C ASP D 295 11.28 8.14 -21.08
N ALA D 296 10.24 7.41 -21.43
CA ALA D 296 10.35 6.38 -22.46
C ALA D 296 8.95 5.92 -22.84
N GLY D 297 8.81 5.48 -24.10
CA GLY D 297 7.50 5.26 -24.68
C GLY D 297 6.80 6.60 -24.74
N ASN D 298 7.62 7.65 -24.66
CA ASN D 298 7.19 9.02 -24.49
C ASN D 298 7.83 9.94 -25.51
N MET D 299 8.98 9.56 -26.06
CA MET D 299 9.50 10.23 -27.25
C MET D 299 8.52 10.19 -28.40
N ILE D 300 7.57 9.26 -28.36
CA ILE D 300 6.67 9.02 -29.49
C ILE D 300 5.59 10.06 -29.63
N LYS D 301 5.38 10.91 -28.65
CA LYS D 301 4.23 11.82 -28.67
C LYS D 301 4.36 12.93 -29.71
N PRO D 302 5.51 13.60 -29.83
CA PRO D 302 5.62 14.65 -30.85
C PRO D 302 5.42 14.13 -32.27
N MET D 303 5.79 12.88 -32.53
CA MET D 303 5.50 12.30 -33.83
C MET D 303 4.07 11.78 -33.91
N LEU D 304 3.47 11.47 -32.76
CA LEU D 304 2.10 11.00 -32.74
C LEU D 304 1.14 12.10 -33.14
N ALA D 305 1.13 13.19 -32.38
CA ALA D 305 0.14 14.23 -32.67
C ALA D 305 0.60 15.14 -33.79
N ARG D 306 1.12 14.55 -34.86
CA ARG D 306 1.45 15.29 -36.07
C ARG D 306 1.21 14.51 -37.34
N GLY D 307 0.67 13.29 -37.25
CA GLY D 307 0.38 12.50 -38.42
C GLY D 307 1.61 12.06 -39.20
N GLU D 308 2.61 11.53 -38.50
CA GLU D 308 3.81 11.01 -39.16
C GLU D 308 3.85 9.50 -39.20
N LEU D 309 3.51 8.85 -38.08
CA LEU D 309 3.34 7.41 -38.02
C LEU D 309 1.88 7.10 -37.70
N ARG D 310 1.38 5.99 -38.22
CA ARG D 310 -0.05 5.74 -38.13
C ARG D 310 -0.41 5.02 -36.84
N LEU D 311 0.34 3.97 -36.50
CA LEU D 311 0.22 3.30 -35.20
C LEU D 311 -1.16 2.70 -34.97
N VAL D 312 -1.52 1.75 -35.82
CA VAL D 312 -2.72 0.95 -35.56
C VAL D 312 -2.45 0.04 -34.37
N GLY D 313 -3.30 0.13 -33.35
CA GLY D 313 -3.11 -0.63 -32.13
C GLY D 313 -4.33 -1.44 -31.76
N ALA D 314 -4.16 -2.27 -30.74
CA ALA D 314 -5.23 -3.15 -30.30
C ALA D 314 -5.00 -3.66 -28.89
N THR D 315 -5.84 -3.28 -27.94
CA THR D 315 -5.70 -3.74 -26.56
C THR D 315 -7.06 -4.09 -26.00
N THR D 316 -7.04 -4.69 -24.82
CA THR D 316 -8.24 -5.08 -24.11
C THR D 316 -8.83 -3.86 -23.41
N LEU D 317 -10.14 -3.89 -23.18
CA LEU D 317 -10.80 -2.82 -22.45
C LEU D 317 -10.14 -2.58 -21.10
N ASP D 318 -9.99 -3.66 -20.31
CA ASP D 318 -9.45 -3.52 -18.96
C ASP D 318 -8.01 -3.03 -18.97
N GLU D 319 -7.18 -3.60 -19.84
CA GLU D 319 -5.80 -3.17 -19.89
C GLU D 319 -5.68 -1.72 -20.33
N TYR D 320 -6.49 -1.32 -21.32
CA TYR D 320 -6.54 0.08 -21.71
C TYR D 320 -6.83 0.96 -20.52
N ARG D 321 -7.93 0.68 -19.80
CA ARG D 321 -8.29 1.52 -18.67
C ARG D 321 -7.19 1.55 -17.63
N LYS D 322 -6.54 0.42 -17.38
CA LYS D 322 -5.60 0.37 -16.26
C LYS D 322 -4.29 1.04 -16.60
N HIS D 323 -3.78 0.87 -17.81
CA HIS D 323 -2.46 1.39 -18.16
C HIS D 323 -2.50 2.74 -18.84
N ILE D 324 -3.32 2.93 -19.88
CA ILE D 324 -3.22 4.14 -20.67
C ILE D 324 -3.86 5.32 -19.97
N GLU D 325 -5.08 5.16 -19.45
CA GLU D 325 -5.82 6.29 -18.92
C GLU D 325 -5.16 6.95 -17.72
N LYS D 326 -4.06 6.41 -17.21
CA LYS D 326 -3.28 7.10 -16.21
C LYS D 326 -2.31 8.11 -16.83
N ASP D 327 -2.32 8.26 -18.15
CA ASP D 327 -1.37 9.10 -18.87
C ASP D 327 -2.11 9.94 -19.91
N ALA D 328 -3.14 10.64 -19.45
CA ALA D 328 -4.12 11.31 -20.31
C ALA D 328 -3.53 12.05 -21.50
N ALA D 329 -2.33 12.58 -21.37
CA ALA D 329 -1.74 13.33 -22.47
C ALA D 329 -1.40 12.47 -23.67
N LEU D 330 -1.40 11.15 -23.49
CA LEU D 330 -1.18 10.22 -24.59
C LEU D 330 -2.47 9.60 -25.10
N GLU D 331 -3.47 9.48 -24.25
CA GLU D 331 -4.78 9.01 -24.71
C GLU D 331 -5.38 9.98 -25.70
N ARG D 332 -4.95 11.24 -25.68
CA ARG D 332 -5.48 12.22 -26.63
C ARG D 332 -5.09 11.90 -28.06
N ARG D 333 -3.96 11.24 -28.27
CA ARG D 333 -3.50 10.98 -29.62
C ARG D 333 -4.03 9.67 -30.19
N PHE D 334 -5.07 9.09 -29.60
CA PHE D 334 -5.61 7.81 -30.04
C PHE D 334 -7.11 7.94 -30.25
N GLN D 335 -7.59 7.36 -31.34
CA GLN D 335 -9.03 7.25 -31.58
C GLN D 335 -9.45 5.81 -31.35
N GLN D 336 -10.46 5.62 -30.51
CA GLN D 336 -10.89 4.30 -30.09
C GLN D 336 -11.94 3.79 -31.06
N VAL D 337 -11.61 2.70 -31.75
CA VAL D 337 -12.59 1.97 -32.55
C VAL D 337 -13.08 0.81 -31.71
N TYR D 338 -14.36 0.78 -31.42
CA TYR D 338 -14.94 -0.21 -30.52
C TYR D 338 -15.35 -1.44 -31.31
N VAL D 339 -14.76 -2.58 -30.94
CA VAL D 339 -15.02 -3.85 -31.60
C VAL D 339 -15.89 -4.69 -30.68
N GLY D 340 -17.14 -4.86 -31.04
CA GLY D 340 -18.08 -5.65 -30.27
C GLY D 340 -18.17 -7.05 -30.84
N GLU D 341 -18.47 -8.02 -29.98
CA GLU D 341 -18.52 -9.40 -30.43
C GLU D 341 -19.69 -9.59 -31.39
N PRO D 342 -19.57 -10.53 -32.32
CA PRO D 342 -20.67 -10.77 -33.26
C PRO D 342 -21.69 -11.73 -32.66
N SER D 343 -22.87 -11.73 -33.25
CA SER D 343 -23.92 -12.62 -32.81
C SER D 343 -23.74 -14.00 -33.43
N VAL D 344 -24.64 -14.91 -33.06
CA VAL D 344 -24.52 -16.30 -33.48
C VAL D 344 -24.53 -16.40 -35.01
N GLU D 345 -25.27 -15.53 -35.68
CA GLU D 345 -25.37 -15.61 -37.13
C GLU D 345 -24.04 -15.27 -37.78
N ASP D 346 -23.44 -14.15 -37.38
CA ASP D 346 -22.14 -13.80 -37.93
C ASP D 346 -21.09 -14.84 -37.57
N THR D 347 -21.22 -15.46 -36.39
CA THR D 347 -20.28 -16.52 -36.04
C THR D 347 -20.42 -17.71 -36.98
N ILE D 348 -21.66 -18.08 -37.30
CA ILE D 348 -21.88 -19.16 -38.24
C ILE D 348 -21.27 -18.81 -39.58
N GLY D 349 -21.42 -17.55 -40.00
CA GLY D 349 -20.81 -17.13 -41.25
C GLY D 349 -19.30 -17.28 -41.24
N ILE D 350 -18.67 -16.85 -40.15
CA ILE D 350 -17.23 -16.95 -40.02
C ILE D 350 -16.79 -18.41 -40.08
N LEU D 351 -17.52 -19.28 -39.39
CA LEU D 351 -17.17 -20.69 -39.42
C LEU D 351 -17.31 -21.26 -40.82
N ARG D 352 -18.38 -20.88 -41.54
CA ARG D 352 -18.55 -21.33 -42.91
C ARG D 352 -17.38 -20.89 -43.76
N GLY D 353 -16.82 -19.72 -43.48
CA GLY D 353 -15.64 -19.29 -44.20
C GLY D 353 -14.41 -20.13 -43.86
N LEU D 354 -14.21 -20.41 -42.57
CA LEU D 354 -12.96 -21.00 -42.11
C LEU D 354 -12.94 -22.53 -42.11
N LYS D 355 -14.06 -23.18 -42.42
CA LYS D 355 -14.11 -24.64 -42.37
C LYS D 355 -13.00 -25.30 -43.18
N ASP D 356 -12.63 -24.70 -44.31
CA ASP D 356 -11.73 -25.37 -45.25
C ASP D 356 -10.34 -25.56 -44.68
N ARG D 357 -9.79 -24.55 -44.01
CA ARG D 357 -8.44 -24.67 -43.49
C ARG D 357 -8.33 -25.81 -42.48
N TYR D 358 -9.34 -25.97 -41.63
CA TYR D 358 -9.29 -27.07 -40.68
C TYR D 358 -9.51 -28.41 -41.37
N GLU D 359 -10.42 -28.45 -42.36
CA GLU D 359 -10.60 -29.67 -43.12
C GLU D 359 -9.33 -30.13 -43.82
N VAL D 360 -8.45 -29.19 -44.17
CA VAL D 360 -7.19 -29.54 -44.79
C VAL D 360 -6.12 -29.87 -43.77
N HIS D 361 -6.09 -29.15 -42.65
CA HIS D 361 -5.13 -29.44 -41.60
C HIS D 361 -5.34 -30.85 -41.06
N HIS D 362 -6.51 -31.10 -40.48
CA HIS D 362 -6.85 -32.46 -40.08
C HIS D 362 -7.56 -33.16 -41.23
N GLY D 363 -7.03 -34.32 -41.61
CA GLY D 363 -7.55 -35.02 -42.77
C GLY D 363 -8.91 -35.63 -42.54
N VAL D 364 -9.91 -34.79 -42.27
CA VAL D 364 -11.27 -35.24 -42.00
C VAL D 364 -12.22 -34.34 -42.77
N ARG D 365 -13.52 -34.51 -42.54
CA ARG D 365 -14.54 -33.68 -43.14
C ARG D 365 -15.42 -33.10 -42.06
N ILE D 366 -15.99 -31.92 -42.31
CA ILE D 366 -16.81 -31.21 -41.34
C ILE D 366 -18.15 -30.90 -41.97
N THR D 367 -19.21 -31.01 -41.17
CA THR D 367 -20.58 -30.85 -41.65
C THR D 367 -21.17 -29.54 -41.13
N ASP D 368 -21.98 -28.90 -41.99
CA ASP D 368 -22.57 -27.63 -41.61
C ASP D 368 -23.49 -27.78 -40.40
N SER D 369 -24.13 -28.92 -40.25
CA SER D 369 -24.90 -29.16 -39.04
C SER D 369 -24.00 -29.10 -37.82
N ALA D 370 -22.79 -29.65 -37.93
CA ALA D 370 -21.84 -29.56 -36.82
C ALA D 370 -21.42 -28.12 -36.58
N LEU D 371 -21.22 -27.35 -37.64
CA LEU D 371 -20.86 -25.94 -37.46
C LEU D 371 -21.95 -25.18 -36.71
N VAL D 372 -23.19 -25.35 -37.12
CA VAL D 372 -24.30 -24.69 -36.44
C VAL D 372 -24.38 -25.13 -34.99
N ALA D 373 -24.22 -26.43 -34.74
CA ALA D 373 -24.28 -26.93 -33.38
C ALA D 373 -23.17 -26.33 -32.53
N ALA D 374 -21.99 -26.16 -33.11
CA ALA D 374 -20.89 -25.54 -32.38
C ALA D 374 -21.24 -24.10 -32.02
N ALA D 375 -21.66 -23.32 -33.01
CA ALA D 375 -21.94 -21.91 -32.75
C ALA D 375 -23.10 -21.74 -31.79
N THR D 376 -24.00 -22.72 -31.69
CA THR D 376 -25.15 -22.58 -30.80
C THR D 376 -24.85 -23.06 -29.39
N LEU D 377 -24.29 -24.27 -29.25
CA LEU D 377 -23.95 -24.78 -27.93
C LEU D 377 -22.87 -23.94 -27.27
N SER D 378 -21.95 -23.40 -28.08
CA SER D 378 -20.89 -22.55 -27.55
C SER D 378 -21.41 -21.25 -26.95
N ASP D 379 -22.72 -21.04 -26.95
CA ASP D 379 -23.30 -19.81 -26.44
C ASP D 379 -24.30 -20.04 -25.32
N ARG D 380 -24.76 -21.26 -25.15
CA ARG D 380 -25.72 -21.57 -24.10
C ARG D 380 -25.06 -22.11 -22.84
N TYR D 381 -23.84 -22.64 -22.96
CA TYR D 381 -23.21 -23.35 -21.85
C TYR D 381 -21.88 -22.76 -21.42
N ILE D 382 -21.10 -22.19 -22.32
CA ILE D 382 -19.80 -21.62 -21.99
C ILE D 382 -20.02 -20.12 -21.83
N THR D 383 -20.31 -19.70 -20.60
CA THR D 383 -20.69 -18.33 -20.29
C THR D 383 -19.57 -17.54 -19.63
N ALA D 384 -18.33 -17.75 -20.05
CA ALA D 384 -17.22 -16.95 -19.55
C ALA D 384 -16.28 -16.47 -20.65
N ARG D 385 -16.38 -17.04 -21.85
CA ARG D 385 -15.53 -16.67 -22.96
C ARG D 385 -16.37 -15.98 -24.01
N PHE D 386 -15.77 -15.65 -25.15
CA PHE D 386 -16.44 -14.88 -26.17
C PHE D 386 -16.40 -15.59 -27.53
N LEU D 387 -17.22 -15.08 -28.45
CA LEU D 387 -17.83 -15.96 -29.45
C LEU D 387 -16.87 -16.41 -30.54
N PRO D 388 -16.24 -15.52 -31.32
CA PRO D 388 -15.60 -16.00 -32.55
C PRO D 388 -14.51 -17.03 -32.32
N ASP D 389 -13.92 -17.10 -31.13
CA ASP D 389 -12.97 -18.16 -30.87
C ASP D 389 -13.51 -19.23 -29.94
N LYS D 390 -14.36 -18.85 -28.98
CA LYS D 390 -15.02 -19.84 -28.15
C LYS D 390 -15.74 -20.87 -29.00
N ALA D 391 -16.20 -20.48 -30.19
CA ALA D 391 -16.85 -21.42 -31.10
C ALA D 391 -15.84 -22.20 -31.92
N ILE D 392 -14.81 -21.53 -32.44
CA ILE D 392 -13.81 -22.21 -33.27
C ILE D 392 -13.10 -23.30 -32.49
N ASP D 393 -12.94 -23.11 -31.19
CA ASP D 393 -12.15 -24.05 -30.40
C ASP D 393 -12.84 -25.41 -30.32
N LEU D 394 -14.17 -25.44 -30.26
CA LEU D 394 -14.87 -26.72 -30.23
C LEU D 394 -14.62 -27.49 -31.51
N VAL D 395 -14.71 -26.81 -32.64
CA VAL D 395 -14.42 -27.46 -33.93
C VAL D 395 -13.01 -28.03 -33.93
N ASP D 396 -12.04 -27.22 -33.50
CA ASP D 396 -10.66 -27.68 -33.54
C ASP D 396 -10.46 -28.91 -32.65
N GLU D 397 -11.02 -28.86 -31.44
CA GLU D 397 -10.84 -29.98 -30.52
C GLU D 397 -11.50 -31.24 -31.05
N ALA D 398 -12.72 -31.13 -31.60
CA ALA D 398 -13.39 -32.33 -32.09
C ALA D 398 -12.66 -32.93 -33.28
N ALA D 399 -12.14 -32.08 -34.17
CA ALA D 399 -11.39 -32.60 -35.31
C ALA D 399 -10.14 -33.34 -34.86
N SER D 400 -9.36 -32.73 -33.97
CA SER D 400 -8.14 -33.40 -33.50
C SER D 400 -8.48 -34.70 -32.76
N ARG D 401 -9.52 -34.67 -31.94
CA ARG D 401 -9.96 -35.85 -31.22
C ARG D 401 -10.31 -36.99 -32.16
N LEU D 402 -11.10 -36.69 -33.20
CA LEU D 402 -11.47 -37.73 -34.14
C LEU D 402 -10.27 -38.24 -34.90
N ARG D 403 -9.32 -37.37 -35.22
CA ARG D 403 -8.12 -37.83 -35.90
C ARG D 403 -7.37 -38.83 -35.03
N MET D 404 -7.21 -38.51 -33.75
CA MET D 404 -6.54 -39.44 -32.86
C MET D 404 -7.30 -40.76 -32.77
N GLU D 405 -8.63 -40.71 -32.70
CA GLU D 405 -9.41 -41.93 -32.60
C GLU D 405 -9.30 -42.77 -33.86
N ILE D 406 -9.17 -42.14 -35.03
CA ILE D 406 -9.00 -42.89 -36.27
C ILE D 406 -7.64 -43.55 -36.30
N ASP D 407 -6.59 -42.78 -36.02
CA ASP D 407 -5.27 -43.36 -35.96
C ASP D 407 -5.14 -44.24 -34.72
N SER D 408 -3.97 -44.90 -34.61
CA SER D 408 -3.55 -45.59 -33.40
C SER D 408 -4.55 -46.65 -32.94
N ARG D 409 -5.50 -47.03 -33.79
CA ARG D 409 -6.48 -48.07 -33.50
C ARG D 409 -6.73 -48.86 -34.77
N PRO D 410 -5.98 -49.96 -34.99
CA PRO D 410 -6.13 -50.78 -36.20
C PRO D 410 -7.45 -51.54 -36.22
N LYS D 530 -19.10 -41.66 -42.25
CA LYS D 530 -18.96 -42.13 -40.87
C LYS D 530 -17.60 -41.70 -40.30
N GLU D 531 -16.78 -41.10 -41.15
CA GLU D 531 -15.43 -40.67 -40.80
C GLU D 531 -15.30 -39.15 -40.84
N GLU D 532 -16.28 -38.45 -40.30
CA GLU D 532 -16.28 -37.00 -40.28
C GLU D 532 -16.99 -36.53 -39.03
N VAL D 533 -16.69 -35.30 -38.61
CA VAL D 533 -17.24 -34.77 -37.37
C VAL D 533 -18.72 -34.49 -37.56
N GLY D 534 -19.52 -34.90 -36.58
CA GLY D 534 -20.94 -34.75 -36.67
C GLY D 534 -21.49 -33.84 -35.59
N PRO D 535 -22.79 -33.56 -35.65
CA PRO D 535 -23.38 -32.59 -34.72
C PRO D 535 -23.56 -33.13 -33.32
N ASP D 536 -22.98 -34.29 -33.03
CA ASP D 536 -22.96 -34.82 -31.68
C ASP D 536 -21.57 -34.90 -31.10
N ASP D 537 -20.53 -34.88 -31.93
CA ASP D 537 -19.17 -34.78 -31.40
C ASP D 537 -18.96 -33.46 -30.67
N ILE D 538 -19.57 -32.37 -31.17
CA ILE D 538 -19.46 -31.09 -30.50
C ILE D 538 -20.13 -31.15 -29.13
N ALA D 539 -21.30 -31.78 -29.06
CA ALA D 539 -21.94 -31.97 -27.76
C ALA D 539 -21.06 -32.82 -26.86
N ASP D 540 -20.40 -33.83 -27.43
CA ASP D 540 -19.51 -34.66 -26.64
C ASP D 540 -18.41 -33.83 -26.01
N VAL D 541 -17.81 -32.91 -26.78
CA VAL D 541 -16.76 -32.07 -26.23
C VAL D 541 -17.31 -31.15 -25.14
N VAL D 542 -18.34 -30.36 -25.49
CA VAL D 542 -18.90 -29.38 -24.57
C VAL D 542 -19.54 -30.02 -23.36
N SER D 543 -19.70 -31.33 -23.35
CA SER D 543 -20.08 -32.04 -22.14
C SER D 543 -18.90 -32.65 -21.44
N ALA D 544 -17.85 -33.01 -22.18
CA ALA D 544 -16.64 -33.51 -21.55
C ALA D 544 -16.07 -32.47 -20.61
N TRP D 545 -15.91 -31.23 -21.08
CA TRP D 545 -15.64 -30.18 -20.13
C TRP D 545 -16.90 -29.37 -19.90
N THR D 546 -16.96 -28.71 -18.76
CA THR D 546 -18.09 -28.05 -18.12
C THR D 546 -19.05 -29.06 -17.50
N GLY D 547 -18.89 -30.36 -17.73
CA GLY D 547 -19.69 -31.35 -17.04
C GLY D 547 -21.14 -31.43 -17.46
N ILE D 548 -21.65 -30.36 -18.05
CA ILE D 548 -23.09 -30.23 -18.33
C ILE D 548 -23.48 -31.26 -19.39
N PRO D 549 -24.61 -31.96 -19.23
CA PRO D 549 -24.91 -33.10 -20.09
C PRO D 549 -25.46 -32.73 -21.45
N ALA D 550 -25.26 -31.48 -21.88
CA ALA D 550 -25.75 -31.02 -23.18
C ALA D 550 -25.47 -32.03 -24.27
N GLY D 551 -26.53 -32.41 -24.99
CA GLY D 551 -26.41 -33.43 -26.02
C GLY D 551 -27.76 -33.76 -26.60
N ARG D 552 -27.82 -34.86 -27.34
CA ARG D 552 -29.03 -35.28 -28.02
C ARG D 552 -29.42 -36.70 -27.65
N LEU D 553 -29.30 -37.03 -26.36
CA LEU D 553 -29.91 -38.21 -25.77
C LEU D 553 -29.41 -39.50 -26.43
N LEU D 554 -28.12 -39.77 -26.19
CA LEU D 554 -27.55 -41.03 -26.64
C LEU D 554 -28.32 -42.20 -26.06
N GLU D 555 -28.28 -43.34 -26.74
CA GLU D 555 -29.10 -44.47 -26.35
C GLU D 555 -28.60 -45.07 -25.04
N GLY D 556 -29.53 -45.65 -24.28
CA GLY D 556 -29.26 -46.16 -22.96
C GLY D 556 -29.61 -45.14 -21.90
N GLU D 557 -29.12 -43.91 -22.08
CA GLU D 557 -29.54 -42.81 -21.22
C GLU D 557 -31.05 -42.64 -21.24
N THR D 558 -31.66 -42.79 -22.42
CA THR D 558 -33.11 -42.72 -22.51
C THR D 558 -33.77 -43.83 -21.70
N ALA D 559 -33.21 -45.03 -21.73
CA ALA D 559 -33.75 -46.11 -20.91
C ALA D 559 -33.65 -45.78 -19.43
N LYS D 560 -32.50 -45.25 -19.02
CA LYS D 560 -32.34 -44.82 -17.64
C LYS D 560 -33.39 -43.80 -17.25
N LEU D 561 -33.65 -42.84 -18.12
CA LEU D 561 -34.58 -41.77 -17.79
C LEU D 561 -36.01 -42.28 -17.71
N LEU D 562 -36.39 -43.16 -18.64
CA LEU D 562 -37.72 -43.76 -18.56
C LEU D 562 -37.89 -44.58 -17.30
N ARG D 563 -36.92 -45.42 -16.99
CA ARG D 563 -36.92 -46.17 -15.74
C ARG D 563 -36.27 -45.33 -14.63
N MET D 564 -36.98 -44.29 -14.24
CA MET D 564 -36.50 -43.38 -13.21
C MET D 564 -37.38 -43.32 -11.99
N GLU D 565 -38.70 -43.23 -12.17
CA GLU D 565 -39.61 -43.13 -11.04
C GLU D 565 -39.42 -44.29 -10.07
N ASP D 566 -39.07 -45.46 -10.58
CA ASP D 566 -38.86 -46.63 -9.73
C ASP D 566 -37.39 -46.77 -9.32
N GLU D 567 -36.47 -46.52 -10.25
CA GLU D 567 -35.06 -46.59 -9.92
C GLU D 567 -34.68 -45.63 -8.80
N LEU D 568 -35.40 -44.51 -8.70
CA LEU D 568 -35.25 -43.59 -7.59
C LEU D 568 -36.03 -44.04 -6.36
N GLY D 569 -37.06 -44.87 -6.53
CA GLY D 569 -37.84 -45.35 -5.42
C GLY D 569 -37.12 -46.34 -4.52
N LYS D 570 -36.05 -46.95 -5.00
CA LYS D 570 -35.28 -47.90 -4.20
C LYS D 570 -34.65 -47.26 -2.98
N ARG D 571 -34.60 -45.94 -2.89
CA ARG D 571 -34.06 -45.26 -1.73
C ARG D 571 -35.05 -44.31 -1.07
N VAL D 572 -36.27 -44.19 -1.59
CA VAL D 572 -37.30 -43.35 -1.01
C VAL D 572 -38.59 -44.17 -1.03
N ILE D 573 -39.10 -44.50 0.16
CA ILE D 573 -40.32 -45.30 0.27
C ILE D 573 -41.52 -44.38 0.33
N GLY D 574 -42.50 -44.62 -0.52
CA GLY D 574 -43.70 -43.81 -0.54
C GLY D 574 -43.51 -42.50 -1.27
N GLN D 575 -44.26 -41.48 -0.86
CA GLN D 575 -44.18 -40.15 -1.46
C GLN D 575 -44.29 -40.22 -2.98
N LYS D 576 -45.24 -41.03 -3.45
CA LYS D 576 -45.39 -41.21 -4.89
C LYS D 576 -45.78 -39.92 -5.58
N ALA D 577 -46.44 -39.01 -4.87
CA ALA D 577 -46.89 -37.78 -5.48
C ALA D 577 -45.77 -36.80 -5.74
N ALA D 578 -44.62 -36.97 -5.09
CA ALA D 578 -43.53 -36.02 -5.22
C ALA D 578 -42.45 -36.46 -6.20
N VAL D 579 -42.10 -37.74 -6.21
CA VAL D 579 -41.04 -38.21 -7.11
C VAL D 579 -41.42 -37.99 -8.55
N THR D 580 -42.71 -38.11 -8.86
CA THR D 580 -43.17 -37.91 -10.23
C THR D 580 -42.85 -36.50 -10.73
N ALA D 581 -43.02 -35.50 -9.86
CA ALA D 581 -42.74 -34.12 -10.27
C ALA D 581 -41.27 -33.95 -10.64
N VAL D 582 -40.37 -34.40 -9.76
CA VAL D 582 -38.94 -34.26 -10.01
C VAL D 582 -38.55 -35.00 -11.28
N SER D 583 -39.03 -36.22 -11.44
CA SER D 583 -38.67 -37.00 -12.61
C SER D 583 -39.17 -36.34 -13.88
N ASP D 584 -40.40 -35.81 -13.86
CA ASP D 584 -40.92 -35.14 -15.04
C ASP D 584 -40.12 -33.88 -15.34
N ALA D 585 -39.64 -33.20 -14.30
CA ALA D 585 -38.83 -32.00 -14.51
C ALA D 585 -37.53 -32.35 -15.22
N VAL D 586 -36.85 -33.40 -14.75
CA VAL D 586 -35.58 -33.78 -15.37
C VAL D 586 -35.80 -34.22 -16.81
N ARG D 587 -36.84 -35.03 -17.04
CA ARG D 587 -37.12 -35.48 -18.40
C ARG D 587 -37.45 -34.32 -19.30
N ARG D 588 -38.23 -33.36 -18.81
CA ARG D 588 -38.54 -32.16 -19.58
C ARG D 588 -37.28 -31.40 -19.93
N SER D 589 -36.36 -31.26 -18.97
CA SER D 589 -35.15 -30.49 -19.21
C SER D 589 -34.28 -31.15 -20.27
N ARG D 590 -34.15 -32.47 -20.21
CA ARG D 590 -33.26 -33.11 -21.17
C ARG D 590 -33.94 -33.50 -22.48
N ALA D 591 -35.26 -33.41 -22.57
CA ALA D 591 -35.91 -33.71 -23.83
C ALA D 591 -35.89 -32.55 -24.81
N GLY D 592 -35.54 -31.36 -24.35
CA GLY D 592 -35.48 -30.20 -25.21
C GLY D 592 -36.69 -29.30 -25.21
N VAL D 593 -37.57 -29.44 -24.22
CA VAL D 593 -38.75 -28.58 -24.10
C VAL D 593 -38.71 -27.98 -22.69
N SER D 594 -38.04 -26.85 -22.54
CA SER D 594 -37.94 -26.15 -21.27
C SER D 594 -37.32 -24.80 -21.54
N ASP D 595 -37.80 -23.80 -20.82
CA ASP D 595 -37.37 -22.44 -21.08
C ASP D 595 -35.87 -22.32 -20.84
N PRO D 596 -35.05 -22.17 -21.89
CA PRO D 596 -33.61 -22.30 -21.72
C PRO D 596 -32.98 -21.23 -20.84
N ASN D 597 -33.74 -20.21 -20.42
CA ASN D 597 -33.25 -19.22 -19.47
C ASN D 597 -34.25 -19.13 -18.32
N ARG D 598 -34.15 -20.08 -17.41
CA ARG D 598 -34.85 -20.15 -16.14
C ARG D 598 -34.35 -21.43 -15.49
N PRO D 599 -34.32 -21.54 -14.15
CA PRO D 599 -33.82 -22.77 -13.54
C PRO D 599 -34.55 -24.00 -14.03
N THR D 600 -33.88 -25.14 -13.91
CA THR D 600 -34.46 -26.40 -14.33
C THR D 600 -35.41 -26.98 -13.32
N GLY D 601 -35.92 -26.16 -12.40
CA GLY D 601 -36.83 -26.63 -11.38
C GLY D 601 -36.61 -25.92 -10.06
N ALA D 602 -37.68 -25.48 -9.41
CA ALA D 602 -37.57 -24.68 -8.20
C ALA D 602 -38.56 -25.14 -7.14
N PHE D 603 -38.64 -26.45 -6.94
CA PHE D 603 -39.67 -27.00 -6.06
C PHE D 603 -39.41 -26.63 -4.61
N MET D 604 -40.50 -26.53 -3.85
CA MET D 604 -40.45 -26.45 -2.39
C MET D 604 -41.43 -27.48 -1.85
N PHE D 605 -40.93 -28.55 -1.24
CA PHE D 605 -41.80 -29.53 -0.63
C PHE D 605 -41.69 -29.45 0.88
N LEU D 606 -42.84 -29.42 1.54
CA LEU D 606 -42.94 -29.26 2.98
C LEU D 606 -44.02 -30.19 3.50
N GLY D 607 -43.91 -30.52 4.78
CA GLY D 607 -44.86 -31.41 5.42
C GLY D 607 -44.47 -31.73 6.83
N PRO D 608 -44.92 -32.88 7.33
CA PRO D 608 -44.62 -33.25 8.73
C PRO D 608 -43.14 -33.54 8.95
N THR D 609 -42.80 -33.93 10.17
CA THR D 609 -41.40 -34.08 10.55
C THR D 609 -40.90 -35.49 10.24
N GLY D 610 -39.65 -35.57 9.80
CA GLY D 610 -39.03 -36.86 9.54
C GLY D 610 -39.74 -37.71 8.51
N VAL D 611 -40.34 -37.08 7.50
CA VAL D 611 -41.07 -37.84 6.50
C VAL D 611 -40.16 -38.33 5.39
N GLY D 612 -39.07 -37.62 5.13
CA GLY D 612 -38.15 -38.06 4.08
C GLY D 612 -37.87 -37.02 3.01
N LYS D 613 -38.01 -35.74 3.35
CA LYS D 613 -37.82 -34.68 2.37
C LYS D 613 -36.35 -34.52 2.00
N THR D 614 -35.51 -34.20 2.99
CA THR D 614 -34.08 -34.12 2.75
C THR D 614 -33.56 -35.41 2.15
N GLU D 615 -34.17 -36.54 2.52
CA GLU D 615 -33.70 -37.81 2.00
C GLU D 615 -34.04 -37.96 0.53
N LEU D 616 -35.22 -37.49 0.11
CA LEU D 616 -35.52 -37.46 -1.33
C LEU D 616 -34.53 -36.59 -2.07
N ALA D 617 -34.20 -35.44 -1.50
CA ALA D 617 -33.23 -34.56 -2.14
C ALA D 617 -31.89 -35.27 -2.33
N LYS D 618 -31.40 -35.90 -1.27
CA LYS D 618 -30.11 -36.60 -1.36
C LYS D 618 -30.18 -37.77 -2.32
N ALA D 619 -31.33 -38.47 -2.36
CA ALA D 619 -31.49 -39.57 -3.30
C ALA D 619 -31.41 -39.07 -4.73
N LEU D 620 -32.01 -37.91 -5.02
CA LEU D 620 -31.91 -37.34 -6.36
C LEU D 620 -30.46 -37.01 -6.69
N ALA D 621 -29.80 -36.27 -5.79
CA ALA D 621 -28.41 -35.87 -6.04
C ALA D 621 -27.53 -37.08 -6.27
N ASP D 622 -27.78 -38.18 -5.56
CA ASP D 622 -27.01 -39.39 -5.82
C ASP D 622 -27.42 -40.03 -7.13
N PHE D 623 -28.68 -39.89 -7.53
CA PHE D 623 -29.13 -40.49 -8.77
C PHE D 623 -28.36 -39.92 -9.96
N LEU D 624 -28.46 -38.61 -10.15
CA LEU D 624 -27.93 -38.05 -11.40
C LEU D 624 -26.52 -37.48 -11.27
N PHE D 625 -25.80 -37.82 -10.21
CA PHE D 625 -24.40 -37.42 -10.08
C PHE D 625 -23.47 -38.53 -9.62
N ASP D 626 -23.97 -39.60 -9.01
CA ASP D 626 -23.17 -40.69 -8.45
C ASP D 626 -22.29 -40.24 -7.30
N ASP D 627 -22.66 -39.18 -6.59
CA ASP D 627 -21.94 -38.74 -5.40
C ASP D 627 -22.92 -38.02 -4.48
N GLU D 628 -23.22 -38.64 -3.34
CA GLU D 628 -24.18 -38.09 -2.40
C GLU D 628 -23.77 -36.74 -1.82
N ARG D 629 -22.52 -36.30 -2.04
CA ARG D 629 -22.10 -34.98 -1.62
C ARG D 629 -21.78 -34.08 -2.81
N ALA D 630 -22.23 -34.44 -4.00
CA ALA D 630 -22.08 -33.57 -5.15
C ALA D 630 -23.07 -32.41 -5.14
N MET D 631 -23.86 -32.29 -4.08
CA MET D 631 -24.83 -31.21 -3.97
C MET D 631 -24.30 -30.13 -3.05
N VAL D 632 -24.90 -28.95 -3.15
CA VAL D 632 -24.48 -27.79 -2.39
C VAL D 632 -25.58 -27.40 -1.42
N ARG D 633 -25.53 -27.92 -0.21
CA ARG D 633 -26.58 -27.69 0.77
C ARG D 633 -26.13 -26.61 1.74
N ILE D 634 -27.00 -25.65 1.97
CA ILE D 634 -26.79 -24.66 3.02
C ILE D 634 -27.90 -24.84 4.04
N ASP D 635 -27.58 -24.65 5.30
CA ASP D 635 -28.49 -24.95 6.39
C ASP D 635 -29.10 -23.65 6.88
N MET D 636 -30.29 -23.32 6.36
CA MET D 636 -30.92 -22.05 6.66
C MET D 636 -31.35 -21.91 8.10
N SER D 637 -31.07 -22.89 8.96
CA SER D 637 -31.30 -22.70 10.37
C SER D 637 -30.30 -21.76 11.01
N GLU D 638 -29.26 -21.36 10.29
CA GLU D 638 -28.19 -20.54 10.83
C GLU D 638 -28.34 -19.07 10.52
N TYR D 639 -29.31 -18.69 9.69
CA TYR D 639 -29.44 -17.30 9.27
C TYR D 639 -30.56 -16.59 10.01
N GLY D 640 -30.70 -16.87 11.30
CA GLY D 640 -31.72 -16.19 12.09
C GLY D 640 -31.50 -14.69 12.18
N GLU D 641 -30.27 -14.25 11.99
CA GLU D 641 -29.93 -12.84 12.07
C GLU D 641 -29.78 -12.24 10.69
N LYS D 642 -30.15 -10.97 10.57
CA LYS D 642 -30.27 -10.34 9.26
C LYS D 642 -28.94 -10.31 8.52
N HIS D 643 -27.87 -9.94 9.22
CA HIS D 643 -26.61 -9.63 8.55
C HIS D 643 -25.92 -10.84 7.98
N THR D 644 -26.25 -12.05 8.42
CA THR D 644 -25.53 -13.24 7.99
C THR D 644 -25.79 -13.60 6.54
N VAL D 645 -26.45 -12.73 5.78
CA VAL D 645 -26.65 -12.99 4.37
C VAL D 645 -25.34 -12.86 3.60
N ALA D 646 -24.44 -11.99 4.06
CA ALA D 646 -23.23 -11.71 3.32
C ALA D 646 -22.37 -12.95 3.09
N ARG D 647 -22.70 -14.07 3.73
CA ARG D 647 -21.92 -15.28 3.51
C ARG D 647 -22.10 -15.81 2.10
N LEU D 648 -23.28 -15.64 1.53
CA LEU D 648 -23.57 -16.15 0.20
C LEU D 648 -23.60 -15.07 -0.87
N ILE D 649 -23.07 -13.89 -0.57
CA ILE D 649 -22.98 -12.82 -1.57
C ILE D 649 -21.54 -12.35 -1.66
N GLY D 650 -20.97 -11.94 -0.54
CA GLY D 650 -19.65 -11.37 -0.50
C GLY D 650 -19.67 -9.95 0.01
N ALA D 651 -18.47 -9.41 0.19
CA ALA D 651 -18.64 -8.08 0.74
C ALA D 651 -18.32 -7.02 -0.30
N PRO D 652 -18.94 -5.84 -0.22
CA PRO D 652 -18.75 -4.83 -1.25
C PRO D 652 -17.30 -4.35 -1.28
N PRO D 653 -16.91 -3.58 -2.28
CA PRO D 653 -15.53 -3.10 -2.33
C PRO D 653 -15.17 -2.27 -1.11
N GLY D 654 -13.97 -2.51 -0.60
CA GLY D 654 -13.46 -1.77 0.53
C GLY D 654 -13.72 -2.36 1.89
N TYR D 655 -14.10 -3.63 1.97
CA TYR D 655 -14.39 -4.24 3.26
C TYR D 655 -13.56 -5.50 3.44
N VAL D 656 -13.61 -6.04 4.66
CA VAL D 656 -12.63 -6.99 5.15
C VAL D 656 -12.52 -8.21 4.24
N GLY D 657 -13.60 -8.98 4.14
CA GLY D 657 -13.55 -10.13 3.27
C GLY D 657 -14.10 -9.78 1.92
N TYR D 658 -13.24 -9.39 1.00
CA TYR D 658 -13.69 -8.92 -0.30
C TYR D 658 -13.20 -9.82 -1.43
N GLU D 659 -11.90 -10.05 -1.53
CA GLU D 659 -11.38 -10.84 -2.63
C GLU D 659 -11.61 -12.33 -2.45
N ALA D 660 -12.30 -12.73 -1.39
CA ALA D 660 -12.65 -14.14 -1.24
C ALA D 660 -13.87 -14.50 -2.05
N GLY D 661 -14.79 -13.56 -2.27
CA GLY D 661 -15.99 -13.82 -3.02
C GLY D 661 -17.11 -14.27 -2.10
N GLY D 662 -18.20 -14.77 -2.68
CA GLY D 662 -19.30 -15.29 -1.91
C GLY D 662 -19.31 -16.81 -1.94
N GLN D 663 -19.77 -17.40 -0.84
CA GLN D 663 -19.84 -18.86 -0.77
C GLN D 663 -20.66 -19.45 -1.90
N LEU D 664 -21.94 -19.08 -1.97
CA LEU D 664 -22.84 -19.65 -2.96
C LEU D 664 -22.38 -19.36 -4.37
N THR D 665 -22.03 -18.11 -4.65
CA THR D 665 -21.59 -17.74 -5.98
C THR D 665 -20.38 -18.54 -6.41
N GLU D 666 -19.38 -18.66 -5.54
CA GLU D 666 -18.18 -19.39 -5.92
C GLU D 666 -18.41 -20.89 -5.99
N ALA D 667 -19.37 -21.42 -5.22
CA ALA D 667 -19.65 -22.84 -5.25
C ALA D 667 -20.44 -23.24 -6.48
N VAL D 668 -21.18 -22.31 -7.08
CA VAL D 668 -21.90 -22.61 -8.31
C VAL D 668 -21.18 -22.14 -9.56
N ARG D 669 -20.22 -21.20 -9.44
CA ARG D 669 -19.48 -20.77 -10.62
C ARG D 669 -18.63 -21.90 -11.17
N ARG D 670 -18.07 -22.71 -10.30
CA ARG D 670 -17.51 -24.00 -10.68
C ARG D 670 -18.54 -25.08 -10.32
N ARG D 671 -18.50 -26.19 -11.05
CA ARG D 671 -19.52 -27.22 -10.91
C ARG D 671 -20.88 -26.60 -11.15
N PRO D 672 -21.16 -26.09 -12.34
CA PRO D 672 -22.42 -25.37 -12.55
C PRO D 672 -23.55 -26.30 -12.93
N TYR D 673 -23.62 -27.46 -12.29
CA TYR D 673 -24.62 -28.46 -12.64
C TYR D 673 -25.19 -29.12 -11.39
N THR D 674 -24.89 -28.60 -10.20
CA THR D 674 -25.22 -29.29 -8.98
C THR D 674 -26.71 -29.13 -8.65
N VAL D 675 -27.08 -29.61 -7.48
CA VAL D 675 -28.43 -29.47 -6.93
C VAL D 675 -28.33 -28.66 -5.66
N VAL D 676 -28.91 -27.46 -5.66
CA VAL D 676 -28.81 -26.53 -4.55
C VAL D 676 -29.95 -26.85 -3.59
N LEU D 677 -29.63 -26.94 -2.30
CA LEU D 677 -30.59 -27.38 -1.29
C LEU D 677 -30.61 -26.37 -0.14
N PHE D 678 -31.80 -25.97 0.27
CA PHE D 678 -31.99 -25.06 1.40
C PHE D 678 -32.74 -25.80 2.49
N ASP D 679 -32.04 -26.41 3.42
CA ASP D 679 -32.72 -27.09 4.52
C ASP D 679 -33.51 -26.11 5.37
N GLU D 680 -34.79 -26.39 5.53
CA GLU D 680 -35.62 -25.77 6.54
C GLU D 680 -35.56 -24.25 6.45
N ILE D 681 -36.07 -23.73 5.34
CA ILE D 681 -36.10 -22.28 5.19
C ILE D 681 -37.37 -21.80 5.88
N GLU D 682 -37.33 -21.77 7.20
CA GLU D 682 -38.35 -21.15 8.02
C GLU D 682 -37.77 -20.42 9.22
N LYS D 683 -36.49 -20.64 9.54
CA LYS D 683 -35.84 -19.93 10.62
C LYS D 683 -35.22 -18.63 10.13
N ALA D 684 -34.67 -18.63 8.92
CA ALA D 684 -34.13 -17.43 8.31
C ALA D 684 -35.16 -16.33 8.33
N HIS D 685 -34.87 -15.20 8.97
CA HIS D 685 -35.91 -14.22 9.19
C HIS D 685 -36.18 -13.48 7.88
N PRO D 686 -37.39 -12.91 7.71
CA PRO D 686 -37.88 -12.63 6.36
C PRO D 686 -37.14 -11.53 5.63
N ASP D 687 -35.82 -11.64 5.59
CA ASP D 687 -34.98 -10.77 4.77
C ASP D 687 -34.02 -11.54 3.90
N VAL D 688 -33.81 -12.83 4.18
CA VAL D 688 -33.03 -13.65 3.28
C VAL D 688 -33.87 -14.14 2.10
N PHE D 689 -35.20 -14.26 2.29
CA PHE D 689 -36.05 -14.65 1.18
C PHE D 689 -35.83 -13.78 -0.04
N ASP D 690 -35.60 -12.49 0.17
CA ASP D 690 -35.60 -11.55 -0.94
C ASP D 690 -34.35 -11.65 -1.81
N VAL D 691 -33.49 -12.63 -1.59
CA VAL D 691 -32.40 -12.90 -2.53
C VAL D 691 -32.78 -14.02 -3.47
N LEU D 692 -33.36 -15.10 -2.95
CA LEU D 692 -33.93 -16.12 -3.80
C LEU D 692 -35.00 -15.56 -4.71
N LEU D 693 -35.65 -14.48 -4.29
CA LEU D 693 -36.71 -13.87 -5.07
C LEU D 693 -36.26 -13.50 -6.47
N GLN D 694 -34.97 -13.33 -6.69
CA GLN D 694 -34.45 -13.18 -8.04
C GLN D 694 -33.40 -14.21 -8.40
N VAL D 695 -32.96 -15.05 -7.47
CA VAL D 695 -32.31 -16.29 -7.87
C VAL D 695 -33.24 -17.08 -8.76
N LEU D 696 -34.44 -17.36 -8.26
CA LEU D 696 -35.49 -18.01 -9.03
C LEU D 696 -35.91 -17.10 -10.18
N ASP D 697 -36.56 -17.71 -11.16
CA ASP D 697 -37.26 -17.01 -12.23
C ASP D 697 -36.34 -16.33 -13.24
N GLU D 698 -35.04 -16.25 -12.95
CA GLU D 698 -34.05 -15.97 -14.00
C GLU D 698 -32.77 -16.77 -13.86
N GLY D 699 -32.44 -17.27 -12.68
CA GLY D 699 -31.13 -17.85 -12.50
C GLY D 699 -30.05 -16.80 -12.60
N ARG D 700 -30.07 -15.83 -11.69
CA ARG D 700 -29.07 -14.79 -11.66
C ARG D 700 -28.67 -14.55 -10.22
N LEU D 701 -27.44 -14.10 -10.02
CA LEU D 701 -26.96 -13.69 -8.71
C LEU D 701 -25.64 -12.97 -8.94
N THR D 702 -25.40 -11.92 -8.18
CA THR D 702 -24.19 -11.13 -8.33
C THR D 702 -23.45 -11.03 -7.01
N ASP D 703 -22.16 -11.29 -7.06
CA ASP D 703 -21.28 -11.23 -5.91
C ASP D 703 -20.77 -9.82 -5.70
N GLY D 704 -19.76 -9.67 -4.85
CA GLY D 704 -19.23 -8.35 -4.57
C GLY D 704 -18.52 -7.71 -5.74
N HIS D 705 -17.84 -8.49 -6.56
CA HIS D 705 -17.07 -7.93 -7.67
C HIS D 705 -17.93 -7.52 -8.85
N GLY D 706 -19.24 -7.73 -8.77
CA GLY D 706 -20.09 -7.40 -9.89
C GLY D 706 -20.16 -8.45 -10.98
N ARG D 707 -19.69 -9.67 -10.73
CA ARG D 707 -19.89 -10.74 -11.68
C ARG D 707 -21.32 -11.27 -11.58
N THR D 708 -21.59 -12.30 -12.36
CA THR D 708 -22.91 -12.92 -12.39
C THR D 708 -22.73 -14.41 -12.55
N VAL D 709 -23.54 -15.20 -11.87
CA VAL D 709 -23.57 -16.62 -12.03
C VAL D 709 -24.85 -17.01 -12.77
N ASP D 710 -24.82 -18.15 -13.43
CA ASP D 710 -25.98 -18.65 -14.15
C ASP D 710 -26.52 -19.86 -13.41
N PHE D 711 -27.73 -19.74 -12.89
CA PHE D 711 -28.39 -20.85 -12.22
C PHE D 711 -29.32 -21.58 -13.18
N ARG D 712 -29.21 -21.25 -14.47
CA ARG D 712 -30.15 -21.72 -15.47
C ARG D 712 -30.25 -23.24 -15.54
N ASN D 713 -29.24 -23.97 -15.08
CA ASN D 713 -29.23 -25.42 -15.25
C ASN D 713 -28.92 -26.14 -13.95
N THR D 714 -29.45 -25.64 -12.85
CA THR D 714 -29.45 -26.31 -11.56
C THR D 714 -30.88 -26.66 -11.18
N ILE D 715 -31.04 -27.31 -10.03
CA ILE D 715 -32.35 -27.66 -9.50
C ILE D 715 -32.41 -27.14 -8.07
N LEU D 716 -33.14 -26.05 -7.85
CA LEU D 716 -33.28 -25.52 -6.51
C LEU D 716 -34.33 -26.29 -5.74
N ILE D 717 -33.99 -26.67 -4.52
CA ILE D 717 -34.88 -27.42 -3.66
C ILE D 717 -34.79 -26.83 -2.27
N LEU D 718 -35.93 -26.48 -1.70
CA LEU D 718 -35.94 -25.82 -0.40
C LEU D 718 -37.06 -26.41 0.44
N THR D 719 -36.69 -27.10 1.51
CA THR D 719 -37.63 -27.75 2.40
C THR D 719 -38.06 -26.80 3.51
N SER D 720 -38.98 -27.27 4.35
CA SER D 720 -39.44 -26.51 5.51
C SER D 720 -40.25 -27.44 6.39
N ASN D 721 -40.96 -26.84 7.36
CA ASN D 721 -41.74 -27.64 8.30
C ASN D 721 -43.05 -26.97 8.69
N LEU D 722 -43.48 -25.95 7.96
CA LEU D 722 -44.74 -25.30 8.28
C LEU D 722 -45.89 -26.30 8.23
N GLY D 723 -46.89 -26.10 9.07
CA GLY D 723 -47.96 -27.07 9.12
C GLY D 723 -47.68 -28.19 10.10
N SER D 724 -47.10 -29.27 9.58
CA SER D 724 -46.67 -30.43 10.36
C SER D 724 -47.87 -31.16 10.97
N GLY D 725 -48.69 -31.68 10.07
CA GLY D 725 -49.75 -32.59 10.47
C GLY D 725 -51.10 -32.20 9.92
N GLY D 726 -51.34 -30.90 9.75
CA GLY D 726 -52.62 -30.38 9.37
C GLY D 726 -53.01 -30.78 7.95
N SER D 727 -54.23 -30.43 7.59
CA SER D 727 -54.75 -30.72 6.27
C SER D 727 -53.97 -29.93 5.22
N ALA D 728 -54.29 -30.17 3.95
CA ALA D 728 -53.66 -29.43 2.88
C ALA D 728 -54.08 -27.96 2.87
N GLU D 729 -55.09 -27.59 3.67
CA GLU D 729 -55.54 -26.22 3.76
C GLU D 729 -55.21 -25.57 5.08
N GLN D 730 -54.64 -26.32 6.03
CA GLN D 730 -54.10 -25.75 7.24
C GLN D 730 -52.59 -25.55 7.16
N VAL D 731 -51.97 -25.93 6.05
CA VAL D 731 -50.57 -25.64 5.81
C VAL D 731 -50.47 -24.67 4.64
N LEU D 732 -51.38 -24.81 3.68
CA LEU D 732 -51.45 -23.90 2.54
C LEU D 732 -51.88 -22.50 2.95
N ALA D 733 -52.38 -22.33 4.17
CA ALA D 733 -52.65 -21.00 4.69
C ALA D 733 -51.47 -20.43 5.46
N ALA D 734 -50.78 -21.27 6.22
CA ALA D 734 -49.58 -20.82 6.89
C ALA D 734 -48.49 -20.42 5.91
N VAL D 735 -48.40 -21.12 4.78
CA VAL D 735 -47.47 -20.73 3.74
C VAL D 735 -47.77 -19.32 3.25
N ARG D 736 -49.05 -19.03 2.99
CA ARG D 736 -49.40 -17.72 2.45
C ARG D 736 -49.25 -16.62 3.49
N ALA D 737 -49.22 -16.96 4.77
CA ALA D 737 -48.99 -15.98 5.82
C ALA D 737 -47.53 -15.84 6.17
N THR D 738 -46.69 -16.79 5.80
CA THR D 738 -45.26 -16.67 6.00
C THR D 738 -44.54 -16.03 4.83
N PHE D 739 -44.83 -16.45 3.60
CA PHE D 739 -44.18 -15.93 2.41
C PHE D 739 -45.10 -14.97 1.69
N LYS D 740 -44.55 -14.26 0.72
CA LYS D 740 -45.29 -13.22 0.02
C LYS D 740 -45.62 -13.65 -1.40
N PRO D 741 -46.66 -13.07 -1.99
CA PRO D 741 -47.03 -13.44 -3.36
C PRO D 741 -45.87 -13.37 -4.34
N GLU D 742 -45.04 -12.34 -4.24
CA GLU D 742 -43.92 -12.22 -5.17
C GLU D 742 -42.99 -13.42 -5.11
N PHE D 743 -43.00 -14.18 -4.02
CA PHE D 743 -42.14 -15.33 -3.88
C PHE D 743 -42.85 -16.64 -4.14
N ILE D 744 -44.04 -16.84 -3.55
CA ILE D 744 -44.80 -18.04 -3.87
C ILE D 744 -45.06 -18.13 -5.37
N ASN D 745 -45.28 -17.01 -6.02
CA ASN D 745 -45.54 -16.98 -7.46
C ASN D 745 -44.32 -17.36 -8.29
N ARG D 746 -43.14 -17.44 -7.69
CA ARG D 746 -41.94 -17.75 -8.47
C ARG D 746 -41.83 -19.23 -8.77
N LEU D 747 -42.00 -20.07 -7.76
CA LEU D 747 -41.62 -21.48 -7.82
C LEU D 747 -42.68 -22.35 -8.48
N ASP D 748 -42.27 -23.58 -8.80
CA ASP D 748 -43.15 -24.60 -9.33
C ASP D 748 -43.91 -25.25 -8.18
N ASP D 749 -44.50 -26.42 -8.45
CA ASP D 749 -45.47 -27.03 -7.54
C ASP D 749 -44.99 -27.04 -6.10
N VAL D 750 -45.92 -26.82 -5.18
CA VAL D 750 -45.64 -26.81 -3.75
C VAL D 750 -46.09 -28.17 -3.23
N LEU D 751 -45.17 -29.13 -3.21
CA LEU D 751 -45.54 -30.50 -2.87
C LEU D 751 -45.77 -30.63 -1.37
N ILE D 752 -46.84 -31.33 -1.01
CA ILE D 752 -47.13 -31.66 0.39
C ILE D 752 -46.82 -33.13 0.60
N PHE D 753 -45.89 -33.42 1.50
CA PHE D 753 -45.49 -34.79 1.75
C PHE D 753 -46.51 -35.48 2.63
N GLU D 754 -46.72 -36.77 2.38
CA GLU D 754 -47.72 -37.55 3.11
C GLU D 754 -47.15 -37.96 4.45
N GLY D 755 -47.84 -38.88 5.12
CA GLY D 755 -47.34 -39.46 6.34
C GLY D 755 -46.79 -40.85 6.08
N LEU D 756 -45.96 -41.32 7.01
CA LEU D 756 -45.39 -42.65 6.89
C LEU D 756 -46.48 -43.69 7.10
N ASN D 757 -46.77 -44.46 6.07
CA ASN D 757 -47.83 -45.47 6.18
C ASN D 757 -47.36 -46.59 7.10
N PRO D 758 -48.11 -46.90 8.15
CA PRO D 758 -47.63 -47.85 9.16
C PRO D 758 -47.43 -49.26 8.65
N GLU D 759 -47.66 -49.48 7.36
CA GLU D 759 -47.51 -50.80 6.76
C GLU D 759 -46.15 -51.02 6.12
N GLU D 760 -45.52 -49.99 5.58
CA GLU D 760 -44.35 -50.15 4.74
C GLU D 760 -43.02 -49.98 5.48
N LEU D 761 -43.05 -49.72 6.78
CA LEU D 761 -41.80 -49.44 7.47
C LEU D 761 -40.80 -50.59 7.40
N VAL D 762 -41.28 -51.80 7.10
CA VAL D 762 -40.36 -52.92 6.95
C VAL D 762 -39.34 -52.62 5.87
N ARG D 763 -39.74 -51.87 4.83
CA ARG D 763 -38.81 -51.56 3.77
C ARG D 763 -37.82 -50.49 4.19
N ILE D 764 -38.25 -49.54 5.02
CA ILE D 764 -37.29 -48.58 5.59
C ILE D 764 -36.24 -49.32 6.40
N VAL D 765 -36.67 -50.26 7.23
CA VAL D 765 -35.73 -51.04 8.01
C VAL D 765 -34.82 -51.85 7.10
N ASP D 766 -35.36 -52.33 5.98
CA ASP D 766 -34.55 -53.07 5.03
C ASP D 766 -33.48 -52.19 4.42
N ILE D 767 -33.82 -50.94 4.12
CA ILE D 767 -32.83 -50.00 3.58
C ILE D 767 -31.73 -49.77 4.59
N GLN D 768 -32.10 -49.54 5.85
CA GLN D 768 -31.11 -49.34 6.90
C GLN D 768 -30.19 -50.55 7.01
N LEU D 769 -30.76 -51.75 6.99
CA LEU D 769 -29.93 -52.94 7.12
C LEU D 769 -29.03 -53.14 5.90
N ALA D 770 -29.50 -52.75 4.71
CA ALA D 770 -28.63 -52.79 3.55
C ALA D 770 -27.43 -51.87 3.75
N GLN D 771 -27.68 -50.65 4.25
CA GLN D 771 -26.58 -49.73 4.55
C GLN D 771 -25.60 -50.35 5.55
N LEU D 772 -26.14 -50.95 6.60
CA LEU D 772 -25.28 -51.55 7.62
C LEU D 772 -24.44 -52.68 7.05
N GLY D 773 -25.06 -53.57 6.28
CA GLY D 773 -24.32 -54.67 5.68
C GLY D 773 -23.27 -54.19 4.71
N LYS D 774 -23.56 -53.11 3.97
CA LYS D 774 -22.54 -52.53 3.10
C LYS D 774 -21.38 -51.98 3.91
N ARG D 775 -21.66 -51.40 5.07
CA ARG D 775 -20.57 -50.95 5.93
C ARG D 775 -19.75 -52.12 6.45
N LEU D 776 -20.39 -53.24 6.72
CA LEU D 776 -19.70 -54.43 7.25
C LEU D 776 -19.21 -55.35 6.14
N ALA D 777 -18.41 -54.81 5.23
CA ALA D 777 -17.86 -55.60 4.14
C ALA D 777 -16.35 -55.53 4.02
N GLN D 778 -15.68 -54.68 4.78
CA GLN D 778 -14.23 -54.79 4.92
C GLN D 778 -13.83 -56.15 5.47
N ARG D 779 -14.64 -56.68 6.37
CA ARG D 779 -14.55 -58.06 6.82
C ARG D 779 -15.55 -58.86 5.99
N ARG D 780 -15.77 -60.12 6.38
CA ARG D 780 -16.71 -60.97 5.68
C ARG D 780 -17.96 -61.26 6.50
N LEU D 781 -18.48 -60.26 7.22
CA LEU D 781 -19.63 -60.48 8.09
C LEU D 781 -20.94 -60.27 7.34
N GLN D 782 -21.95 -61.02 7.75
CA GLN D 782 -23.31 -60.87 7.27
C GLN D 782 -24.26 -60.92 8.45
N LEU D 783 -25.52 -60.57 8.20
CA LEU D 783 -26.54 -60.56 9.24
C LEU D 783 -27.67 -61.51 8.87
N GLN D 784 -28.38 -61.99 9.89
CA GLN D 784 -29.46 -62.95 9.75
C GLN D 784 -30.68 -62.48 10.52
N VAL D 785 -31.08 -61.23 10.29
CA VAL D 785 -32.17 -60.63 11.03
C VAL D 785 -33.45 -61.44 10.81
N SER D 786 -34.09 -61.81 11.91
CA SER D 786 -35.34 -62.56 11.87
C SER D 786 -36.50 -61.63 11.61
N LEU D 787 -37.55 -62.18 10.99
CA LEU D 787 -38.77 -61.41 10.80
C LEU D 787 -39.31 -60.79 12.07
N PRO D 788 -39.40 -61.49 13.20
CA PRO D 788 -39.83 -60.80 14.42
C PRO D 788 -38.90 -59.69 14.84
N ALA D 789 -37.59 -59.86 14.64
CA ALA D 789 -36.65 -58.80 15.01
C ALA D 789 -36.88 -57.56 14.16
N LYS D 790 -36.98 -57.74 12.85
CA LYS D 790 -37.24 -56.61 11.96
C LYS D 790 -38.57 -55.95 12.29
N ARG D 791 -39.60 -56.75 12.55
CA ARG D 791 -40.91 -56.19 12.86
C ARG D 791 -40.86 -55.36 14.13
N TRP D 792 -40.18 -55.87 15.16
CA TRP D 792 -40.08 -55.13 16.41
C TRP D 792 -39.23 -53.89 16.24
N LEU D 793 -38.17 -53.98 15.44
CA LEU D 793 -37.30 -52.83 15.21
C LEU D 793 -38.06 -51.71 14.55
N ALA D 794 -38.89 -52.04 13.55
CA ALA D 794 -39.78 -51.03 12.98
C ALA D 794 -40.80 -50.53 13.99
N GLN D 795 -41.37 -51.42 14.81
CA GLN D 795 -42.37 -51.02 15.78
C GLN D 795 -41.81 -50.09 16.85
N ARG D 796 -40.50 -50.15 17.07
CA ARG D 796 -39.85 -49.35 18.10
C ARG D 796 -39.19 -48.14 17.46
N GLY D 797 -39.58 -46.95 17.89
CA GLY D 797 -38.96 -45.74 17.40
C GLY D 797 -39.47 -45.29 16.05
N PHE D 798 -40.79 -45.13 15.91
CA PHE D 798 -41.35 -44.45 14.74
C PHE D 798 -42.56 -43.60 15.13
N ASP D 799 -42.58 -43.04 16.33
CA ASP D 799 -43.65 -42.21 16.87
C ASP D 799 -44.21 -41.25 15.84
N PRO D 800 -45.53 -41.07 15.78
CA PRO D 800 -46.12 -40.20 14.74
C PRO D 800 -45.74 -38.75 14.90
N VAL D 801 -45.12 -38.36 16.01
CA VAL D 801 -44.69 -36.98 16.17
C VAL D 801 -43.32 -36.73 15.55
N TYR D 802 -42.49 -37.75 15.44
CA TYR D 802 -41.13 -37.58 14.93
C TYR D 802 -40.86 -38.39 13.67
N GLY D 803 -41.82 -39.20 13.22
CA GLY D 803 -41.59 -39.99 12.04
C GLY D 803 -40.45 -40.97 12.24
N ALA D 804 -39.75 -41.25 11.15
CA ALA D 804 -38.65 -42.21 11.15
C ALA D 804 -37.35 -41.60 11.63
N ARG D 805 -37.40 -40.50 12.37
CA ARG D 805 -36.16 -39.85 12.77
C ARG D 805 -35.33 -40.68 13.73
N PRO D 806 -35.87 -41.20 14.86
CA PRO D 806 -35.06 -41.97 15.80
C PRO D 806 -34.92 -43.43 15.42
N LEU D 807 -34.44 -43.69 14.21
CA LEU D 807 -34.26 -45.06 13.75
C LEU D 807 -32.82 -45.44 13.52
N ARG D 808 -32.04 -44.58 12.86
CA ARG D 808 -30.62 -44.87 12.69
C ARG D 808 -29.93 -44.99 14.04
N ARG D 809 -30.21 -44.06 14.94
CA ARG D 809 -29.62 -44.10 16.27
C ARG D 809 -30.01 -45.36 17.00
N LEU D 810 -31.26 -45.80 16.83
CA LEU D 810 -31.72 -47.00 17.51
C LEU D 810 -31.01 -48.25 16.97
N VAL D 811 -30.90 -48.35 15.64
CA VAL D 811 -30.20 -49.48 15.05
C VAL D 811 -28.76 -49.50 15.51
N GLN D 812 -28.10 -48.34 15.55
CA GLN D 812 -26.74 -48.28 16.05
C GLN D 812 -26.67 -48.80 17.48
N GLN D 813 -27.38 -48.14 18.39
CA GLN D 813 -27.28 -48.47 19.81
C GLN D 813 -27.75 -49.89 20.13
N ALA D 814 -28.53 -50.53 19.27
CA ALA D 814 -29.03 -51.86 19.57
C ALA D 814 -28.38 -52.97 18.75
N ILE D 815 -27.53 -52.64 17.79
CA ILE D 815 -26.81 -53.70 17.08
C ILE D 815 -25.32 -53.41 17.07
N GLY D 816 -24.93 -52.21 16.65
CA GLY D 816 -23.52 -51.93 16.44
C GLY D 816 -22.73 -51.90 17.74
N ASP D 817 -23.32 -51.35 18.80
CA ASP D 817 -22.65 -51.36 20.09
C ASP D 817 -22.50 -52.78 20.61
N GLN D 818 -23.60 -53.53 20.65
CA GLN D 818 -23.59 -54.91 21.07
C GLN D 818 -22.56 -55.74 20.32
N LEU D 819 -22.39 -55.50 19.03
CA LEU D 819 -21.42 -56.26 18.24
C LEU D 819 -20.00 -55.73 18.38
N ALA D 820 -19.84 -54.44 18.65
CA ALA D 820 -18.51 -53.92 18.93
C ALA D 820 -17.97 -54.47 20.24
N LYS D 821 -18.84 -54.65 21.24
CA LYS D 821 -18.42 -55.36 22.43
C LYS D 821 -18.19 -56.83 22.16
N MET D 822 -18.84 -57.38 21.14
CA MET D 822 -18.73 -58.80 20.82
C MET D 822 -17.63 -59.12 19.82
N LEU D 823 -17.06 -58.11 19.17
CA LEU D 823 -16.00 -58.39 18.20
C LEU D 823 -14.61 -58.21 18.79
N LEU D 824 -14.46 -57.26 19.72
CA LEU D 824 -13.14 -57.02 20.30
C LEU D 824 -12.79 -58.07 21.35
N ALA D 825 -13.80 -58.73 21.93
CA ALA D 825 -13.59 -59.71 22.98
C ALA D 825 -13.77 -61.15 22.46
N GLY D 826 -13.36 -61.41 21.23
CA GLY D 826 -13.45 -62.75 20.68
C GLY D 826 -14.90 -63.18 20.49
N GLN D 827 -15.05 -64.47 20.19
CA GLN D 827 -16.33 -65.17 20.04
C GLN D 827 -17.12 -64.65 18.85
N VAL D 828 -16.60 -63.64 18.16
CA VAL D 828 -17.10 -63.20 16.87
C VAL D 828 -15.91 -62.91 15.98
N HIS D 829 -15.77 -63.68 14.91
CA HIS D 829 -14.68 -63.51 13.97
C HIS D 829 -15.24 -63.47 12.55
N ASP D 830 -14.51 -62.83 11.65
CA ASP D 830 -15.03 -62.55 10.33
C ASP D 830 -15.48 -63.83 9.63
N GLY D 831 -16.70 -63.80 9.09
CA GLY D 831 -17.28 -64.95 8.44
C GLY D 831 -18.59 -65.34 9.08
N ASP D 832 -18.74 -64.97 10.35
CA ASP D 832 -19.93 -65.34 11.12
C ASP D 832 -21.16 -64.62 10.56
N THR D 833 -22.11 -65.39 10.04
CA THR D 833 -23.41 -64.85 9.67
C THR D 833 -24.18 -64.64 10.97
N VAL D 834 -23.81 -63.58 11.69
CA VAL D 834 -24.30 -63.33 13.04
C VAL D 834 -25.82 -63.24 13.03
N PRO D 835 -26.51 -64.10 13.78
CA PRO D 835 -27.96 -64.01 13.87
C PRO D 835 -28.41 -63.16 15.04
N VAL D 836 -29.56 -62.52 14.88
CA VAL D 836 -30.16 -61.70 15.91
C VAL D 836 -31.47 -62.33 16.32
N ASN D 837 -31.94 -61.99 17.52
CA ASN D 837 -33.13 -62.62 18.08
C ASN D 837 -33.91 -61.60 18.88
N VAL D 838 -35.11 -61.99 19.30
CA VAL D 838 -36.18 -61.03 19.54
C VAL D 838 -36.66 -61.15 20.98
N SER D 839 -35.73 -61.42 21.90
CA SER D 839 -36.01 -61.63 23.32
C SER D 839 -37.02 -60.63 23.87
N PRO D 840 -37.79 -60.99 24.92
CA PRO D 840 -38.90 -60.13 25.37
C PRO D 840 -38.53 -58.67 25.59
N ASP D 841 -37.38 -58.44 26.21
CA ASP D 841 -36.83 -57.11 26.43
C ASP D 841 -36.15 -56.62 25.17
N ALA D 842 -35.28 -55.62 25.29
CA ALA D 842 -34.53 -55.13 24.15
C ALA D 842 -33.90 -56.27 23.37
N ASP D 843 -33.68 -56.03 22.08
CA ASP D 843 -33.20 -57.05 21.15
C ASP D 843 -31.97 -57.76 21.69
N SER D 844 -31.82 -59.03 21.30
CA SER D 844 -30.69 -59.86 21.70
C SER D 844 -30.09 -60.54 20.48
N LEU D 845 -28.85 -60.98 20.63
CA LEU D 845 -28.14 -61.57 19.51
C LEU D 845 -28.33 -63.07 19.46
N GLN E 159 22.18 -25.66 -33.92
CA GLN E 159 23.38 -26.50 -33.87
C GLN E 159 24.61 -25.63 -33.65
N ALA E 160 24.42 -24.33 -33.71
CA ALA E 160 25.52 -23.37 -33.61
C ALA E 160 25.63 -22.77 -32.21
N LEU E 161 24.55 -22.74 -31.45
CA LEU E 161 24.53 -22.20 -30.11
C LEU E 161 24.02 -23.24 -29.11
N GLN E 162 24.36 -24.50 -29.34
CA GLN E 162 23.85 -25.59 -28.53
C GLN E 162 24.62 -25.71 -27.22
N LYS E 163 24.70 -24.61 -26.47
CA LYS E 163 25.43 -24.58 -25.21
C LYS E 163 24.56 -24.32 -24.01
N TYR E 164 23.34 -23.83 -24.20
CA TYR E 164 22.41 -23.58 -23.11
C TYR E 164 21.17 -24.46 -23.23
N SER E 165 21.36 -25.68 -23.74
CA SER E 165 20.25 -26.59 -23.99
C SER E 165 20.82 -27.96 -24.32
N THR E 166 20.09 -29.00 -23.93
CA THR E 166 20.51 -30.38 -24.15
C THR E 166 19.61 -31.01 -25.20
N ASP E 167 19.93 -32.26 -25.55
CA ASP E 167 19.16 -33.02 -26.54
C ASP E 167 18.39 -34.11 -25.79
N LEU E 168 17.27 -34.54 -26.36
CA LEU E 168 16.48 -35.63 -25.79
C LEU E 168 16.33 -36.80 -26.74
N THR E 169 16.33 -36.56 -28.05
CA THR E 169 16.20 -37.65 -29.02
C THR E 169 17.54 -38.25 -29.44
N ALA E 170 18.63 -37.49 -29.34
CA ALA E 170 19.94 -38.04 -29.69
C ALA E 170 20.36 -39.08 -28.66
N ARG E 171 20.48 -38.68 -27.41
CA ARG E 171 20.80 -39.63 -26.35
C ARG E 171 19.75 -40.73 -26.21
N ALA E 172 18.60 -40.57 -26.84
CA ALA E 172 17.63 -41.67 -26.91
C ALA E 172 18.02 -42.72 -27.93
N ARG E 173 18.94 -42.41 -28.84
CA ARG E 173 19.54 -43.43 -29.69
C ARG E 173 20.53 -44.28 -28.93
N GLU E 174 20.92 -43.87 -27.72
CA GLU E 174 21.82 -44.63 -26.87
C GLU E 174 21.11 -45.35 -25.75
N GLY E 175 19.86 -45.03 -25.47
CA GLY E 175 19.18 -45.60 -24.33
C GLY E 175 19.66 -45.10 -22.99
N LYS E 176 20.21 -43.88 -22.94
CA LYS E 176 20.63 -43.29 -21.67
C LYS E 176 19.46 -42.93 -20.76
N LEU E 177 18.23 -43.30 -21.13
CA LEU E 177 17.04 -42.93 -20.41
C LEU E 177 16.32 -44.17 -19.89
N ASP E 178 15.48 -43.97 -18.92
CA ASP E 178 14.77 -45.12 -18.38
C ASP E 178 13.49 -45.39 -19.15
N PRO E 179 13.17 -46.65 -19.41
CA PRO E 179 11.83 -46.98 -19.89
C PRO E 179 10.79 -46.49 -18.89
N VAL E 180 9.63 -46.09 -19.40
CA VAL E 180 8.76 -45.17 -18.70
C VAL E 180 7.42 -45.83 -18.39
N ILE E 181 7.44 -47.13 -18.09
CA ILE E 181 6.21 -47.87 -17.82
C ILE E 181 5.34 -47.09 -16.84
N GLY E 182 4.02 -47.18 -17.05
CA GLY E 182 3.09 -46.33 -16.34
C GLY E 182 2.88 -45.02 -17.08
N ARG E 183 1.81 -44.33 -16.70
CA ARG E 183 1.48 -43.01 -17.25
C ARG E 183 1.44 -43.05 -18.78
N ASP E 184 0.57 -43.92 -19.30
CA ASP E 184 0.40 -44.04 -20.75
C ASP E 184 -0.70 -43.14 -21.27
N ASN E 185 -1.48 -42.51 -20.39
CA ASN E 185 -2.57 -41.66 -20.83
C ASN E 185 -2.10 -40.23 -21.08
N GLU E 186 -1.20 -39.73 -20.25
CA GLU E 186 -0.71 -38.38 -20.43
C GLU E 186 0.02 -38.22 -21.74
N ILE E 187 0.70 -39.27 -22.22
CA ILE E 187 1.40 -39.15 -23.50
C ILE E 187 0.40 -39.00 -24.63
N ARG E 188 -0.70 -39.74 -24.59
CA ARG E 188 -1.74 -39.56 -25.59
C ARG E 188 -2.32 -38.16 -25.52
N ARG E 189 -2.55 -37.66 -24.30
CA ARG E 189 -3.07 -36.31 -24.15
C ARG E 189 -2.14 -35.28 -24.77
N VAL E 190 -0.84 -35.39 -24.49
CA VAL E 190 0.13 -34.42 -25.02
C VAL E 190 0.19 -34.50 -26.53
N VAL E 191 0.30 -35.71 -27.07
CA VAL E 191 0.40 -35.83 -28.52
C VAL E 191 -0.88 -35.39 -29.20
N GLN E 192 -2.01 -35.44 -28.50
CA GLN E 192 -3.25 -34.94 -29.10
C GLN E 192 -3.31 -33.42 -29.07
N VAL E 193 -2.85 -32.80 -27.99
CA VAL E 193 -2.85 -31.34 -27.93
C VAL E 193 -1.81 -30.76 -28.88
N LEU E 194 -0.75 -31.50 -29.12
CA LEU E 194 0.33 -31.02 -29.98
C LEU E 194 0.01 -31.09 -31.44
N SER E 195 -1.18 -31.50 -31.85
CA SER E 195 -1.49 -31.64 -33.27
C SER E 195 -2.69 -30.81 -33.68
N ARG E 196 -2.99 -29.74 -32.95
CA ARG E 196 -4.10 -28.86 -33.28
C ARG E 196 -3.62 -27.78 -34.26
N ARG E 197 -4.43 -26.75 -34.46
CA ARG E 197 -4.02 -25.60 -35.24
C ARG E 197 -3.81 -24.36 -34.38
N THR E 198 -4.51 -24.27 -33.25
CA THR E 198 -4.35 -23.18 -32.31
C THR E 198 -4.39 -23.73 -30.90
N LYS E 199 -3.79 -22.98 -29.97
CA LYS E 199 -3.74 -23.35 -28.56
C LYS E 199 -3.09 -24.72 -28.38
N ASN E 200 -2.15 -25.03 -29.25
CA ASN E 200 -1.32 -26.22 -29.15
C ASN E 200 -0.20 -25.94 -28.14
N ASN E 201 0.87 -26.75 -28.17
CA ASN E 201 2.05 -26.67 -27.32
C ASN E 201 1.68 -26.63 -25.83
N PRO E 202 1.35 -27.78 -25.26
CA PRO E 202 0.82 -27.81 -23.89
C PRO E 202 1.87 -27.55 -22.83
N VAL E 203 1.48 -27.71 -21.57
CA VAL E 203 2.36 -27.51 -20.42
C VAL E 203 1.91 -28.48 -19.33
N LEU E 204 2.86 -29.21 -18.75
CA LEU E 204 2.53 -30.18 -17.71
C LEU E 204 2.47 -29.51 -16.35
N ILE E 205 1.42 -29.80 -15.60
CA ILE E 205 1.14 -29.13 -14.34
C ILE E 205 1.01 -30.18 -13.24
N GLY E 206 1.86 -30.07 -12.22
CA GLY E 206 1.80 -31.00 -11.12
C GLY E 206 2.85 -30.69 -10.08
N GLU E 207 2.78 -31.45 -8.98
CA GLU E 207 3.72 -31.32 -7.89
C GLU E 207 5.13 -31.67 -8.35
N PRO E 208 6.15 -31.31 -7.59
CA PRO E 208 7.52 -31.64 -7.99
C PRO E 208 7.87 -33.07 -7.62
N GLY E 209 8.46 -33.80 -8.57
CA GLY E 209 8.87 -35.16 -8.33
C GLY E 209 7.81 -36.19 -8.66
N VAL E 210 6.92 -35.86 -9.58
CA VAL E 210 5.84 -36.76 -9.95
C VAL E 210 6.05 -37.42 -11.30
N GLY E 211 6.88 -36.85 -12.17
CA GLY E 211 7.20 -37.54 -13.41
C GLY E 211 6.91 -36.76 -14.67
N LYS E 212 6.92 -35.43 -14.58
CA LYS E 212 6.71 -34.61 -15.77
C LYS E 212 7.82 -34.83 -16.79
N THR E 213 9.07 -34.62 -16.36
CA THR E 213 10.20 -34.93 -17.20
C THR E 213 10.17 -36.38 -17.65
N ALA E 214 9.74 -37.29 -16.77
CA ALA E 214 9.65 -38.68 -17.17
C ALA E 214 8.71 -38.85 -18.35
N ILE E 215 7.60 -38.13 -18.34
CA ILE E 215 6.63 -38.22 -19.43
C ILE E 215 7.23 -37.70 -20.73
N VAL E 216 7.91 -36.56 -20.67
CA VAL E 216 8.46 -36.03 -21.92
C VAL E 216 9.55 -36.94 -22.45
N GLU E 217 10.31 -37.58 -21.56
CA GLU E 217 11.32 -38.54 -22.00
C GLU E 217 10.68 -39.75 -22.66
N GLY E 218 9.60 -40.25 -22.06
CA GLY E 218 8.88 -41.34 -22.70
C GLY E 218 8.32 -40.96 -24.05
N LEU E 219 7.90 -39.70 -24.19
CA LEU E 219 7.44 -39.23 -25.50
C LEU E 219 8.57 -39.26 -26.51
N ALA E 220 9.74 -38.76 -26.12
CA ALA E 220 10.90 -38.83 -27.00
C ALA E 220 11.21 -40.26 -27.41
N GLN E 221 11.07 -41.18 -26.46
CA GLN E 221 11.40 -42.58 -26.75
C GLN E 221 10.37 -43.20 -27.69
N ARG E 222 9.09 -42.87 -27.52
CA ARG E 222 8.10 -43.31 -28.48
C ARG E 222 8.34 -42.70 -29.84
N ILE E 223 8.92 -41.49 -29.90
CA ILE E 223 9.29 -40.91 -31.18
C ILE E 223 10.37 -41.74 -31.86
N VAL E 224 11.49 -41.96 -31.16
CA VAL E 224 12.60 -42.66 -31.79
C VAL E 224 12.20 -44.09 -32.17
N ALA E 225 11.31 -44.70 -31.39
CA ALA E 225 10.80 -46.00 -31.77
C ALA E 225 9.90 -45.90 -33.00
N GLY E 226 8.94 -44.99 -32.97
CA GLY E 226 7.96 -44.79 -34.03
C GLY E 226 6.64 -45.40 -33.65
N ASP E 227 5.78 -44.59 -33.06
CA ASP E 227 4.40 -44.98 -32.73
C ASP E 227 3.41 -43.86 -32.95
N VAL E 228 3.86 -42.62 -33.15
CA VAL E 228 3.02 -41.43 -33.20
C VAL E 228 2.57 -41.21 -34.64
N PRO E 229 1.58 -40.35 -34.89
CA PRO E 229 1.23 -40.02 -36.27
C PRO E 229 2.39 -39.33 -36.98
N GLU E 230 2.35 -39.42 -38.31
CA GLU E 230 3.40 -38.83 -39.11
C GLU E 230 3.42 -37.31 -39.03
N SER E 231 2.36 -36.70 -38.51
CA SER E 231 2.40 -35.26 -38.27
C SER E 231 3.49 -34.92 -37.26
N LEU E 232 3.69 -35.79 -36.27
CA LEU E 232 4.71 -35.58 -35.26
C LEU E 232 5.97 -36.40 -35.52
N ARG E 233 5.89 -37.39 -36.40
CA ARG E 233 7.07 -38.17 -36.74
C ARG E 233 8.20 -37.27 -37.24
N ASP E 234 9.44 -37.71 -37.03
CA ASP E 234 10.62 -37.05 -37.57
C ASP E 234 10.81 -35.66 -36.95
N LYS E 235 10.83 -35.60 -35.63
CA LYS E 235 11.08 -34.37 -34.91
C LYS E 235 11.98 -34.65 -33.71
N THR E 236 12.78 -33.66 -33.35
CA THR E 236 13.63 -33.75 -32.18
C THR E 236 13.02 -32.97 -31.02
N ILE E 237 13.53 -33.23 -29.81
CA ILE E 237 13.13 -32.48 -28.64
C ILE E 237 14.38 -31.96 -27.96
N VAL E 238 14.29 -30.75 -27.44
CA VAL E 238 15.41 -30.09 -26.75
C VAL E 238 14.88 -29.49 -25.45
N ALA E 239 15.65 -29.66 -24.39
CA ALA E 239 15.30 -29.09 -23.10
C ALA E 239 15.95 -27.72 -22.95
N LEU E 240 15.52 -26.97 -21.94
CA LEU E 240 16.10 -25.68 -21.63
C LEU E 240 16.37 -25.59 -20.14
N ASP E 241 17.62 -25.27 -19.80
CA ASP E 241 17.98 -24.99 -18.42
C ASP E 241 17.97 -23.49 -18.19
N LEU E 242 17.02 -23.04 -17.37
CA LEU E 242 16.92 -21.62 -17.08
C LEU E 242 18.03 -21.15 -16.14
N GLY E 243 18.44 -22.00 -15.21
CA GLY E 243 19.50 -21.65 -14.27
C GLY E 243 20.84 -21.39 -14.92
N SER E 244 21.00 -21.70 -16.21
CA SER E 244 22.27 -21.49 -16.87
C SER E 244 22.47 -20.06 -17.33
N MET E 245 21.44 -19.21 -17.27
CA MET E 245 21.54 -17.81 -17.66
C MET E 245 21.78 -16.88 -16.47
N VAL E 246 20.88 -16.91 -15.48
CA VAL E 246 20.96 -16.00 -14.34
C VAL E 246 21.70 -16.65 -13.16
N ARG E 252 22.07 -7.22 -13.17
CA ARG E 252 20.85 -7.79 -13.72
C ARG E 252 20.75 -7.49 -15.22
N GLY E 253 20.27 -8.48 -15.98
CA GLY E 253 20.17 -8.36 -17.43
C GLY E 253 21.02 -9.42 -18.13
N GLU E 254 21.00 -9.32 -19.47
CA GLU E 254 21.73 -10.18 -20.39
C GLU E 254 21.12 -11.58 -20.48
N PHE E 255 20.21 -11.87 -19.54
CA PHE E 255 19.33 -13.02 -19.68
C PHE E 255 18.53 -12.91 -20.97
N GLU E 256 17.97 -11.74 -21.23
CA GLU E 256 17.22 -11.53 -22.46
C GLU E 256 18.12 -11.53 -23.68
N GLU E 257 19.38 -11.11 -23.53
CA GLU E 257 20.31 -11.17 -24.66
C GLU E 257 20.55 -12.61 -25.09
N ARG E 258 20.88 -13.47 -24.12
CA ARG E 258 21.07 -14.89 -24.46
C ARG E 258 19.77 -15.52 -24.93
N LEU E 259 18.64 -15.11 -24.34
CA LEU E 259 17.35 -15.67 -24.75
C LEU E 259 17.04 -15.34 -26.20
N LYS E 260 17.33 -14.10 -26.62
CA LYS E 260 17.09 -13.72 -28.00
C LYS E 260 18.07 -14.42 -28.94
N ALA E 261 19.32 -14.57 -28.51
CA ALA E 261 20.26 -15.35 -29.31
C ALA E 261 19.77 -16.78 -29.49
N VAL E 262 19.11 -17.32 -28.48
CA VAL E 262 18.55 -18.67 -28.57
C VAL E 262 17.37 -18.70 -29.53
N LEU E 263 16.44 -17.77 -29.35
CA LEU E 263 15.25 -17.71 -30.18
C LEU E 263 15.60 -17.56 -31.65
N ASP E 264 16.66 -16.81 -31.96
CA ASP E 264 17.10 -16.70 -33.35
C ASP E 264 17.46 -18.06 -33.93
N ASP E 265 18.23 -18.85 -33.18
CA ASP E 265 18.58 -20.19 -33.64
C ASP E 265 17.33 -21.05 -33.80
N ILE E 266 16.42 -20.97 -32.85
CA ILE E 266 15.20 -21.77 -32.93
C ILE E 266 14.40 -21.42 -34.18
N LYS E 267 14.34 -20.13 -34.51
CA LYS E 267 13.62 -19.71 -35.70
C LYS E 267 14.37 -20.14 -36.96
N ASN E 268 15.69 -20.08 -36.94
CA ASN E 268 16.49 -20.54 -38.07
C ASN E 268 16.38 -22.03 -38.28
N SER E 269 15.96 -22.77 -37.25
CA SER E 269 15.67 -24.19 -37.42
C SER E 269 14.70 -24.43 -38.57
N ALA E 270 13.78 -23.48 -38.80
CA ALA E 270 12.91 -23.48 -39.98
C ALA E 270 12.13 -24.79 -40.10
N GLY E 271 11.61 -25.25 -38.98
CA GLY E 271 10.78 -26.46 -38.96
C GLY E 271 9.90 -26.47 -37.74
N GLN E 272 9.74 -27.65 -37.15
CA GLN E 272 8.92 -27.84 -35.97
C GLN E 272 9.72 -28.50 -34.87
N ILE E 273 10.94 -28.01 -34.65
CA ILE E 273 11.85 -28.62 -33.70
C ILE E 273 11.41 -28.25 -32.29
N ILE E 274 10.69 -29.17 -31.65
CA ILE E 274 10.02 -28.88 -30.39
C ILE E 274 11.03 -28.67 -29.28
N THR E 275 10.80 -27.66 -28.47
CA THR E 275 11.62 -27.39 -27.30
C THR E 275 10.96 -27.99 -26.07
N PHE E 276 11.58 -27.72 -24.91
CA PHE E 276 11.01 -28.12 -23.64
C PHE E 276 11.62 -27.24 -22.57
N ILE E 277 10.77 -26.62 -21.76
CA ILE E 277 11.22 -25.65 -20.76
C ILE E 277 10.71 -26.07 -19.40
N ASP E 278 11.64 -26.34 -18.49
CA ASP E 278 11.31 -26.77 -17.13
C ASP E 278 11.26 -25.53 -16.27
N GLU E 279 10.19 -25.42 -15.46
CA GLU E 279 9.96 -24.25 -14.62
C GLU E 279 9.98 -22.97 -15.44
N LEU E 280 9.05 -22.89 -16.40
CA LEU E 280 8.99 -21.71 -17.24
C LEU E 280 8.53 -20.47 -16.49
N HIS E 281 7.91 -20.62 -15.32
CA HIS E 281 7.42 -19.45 -14.61
C HIS E 281 8.54 -18.55 -14.12
N THR E 282 9.79 -18.89 -14.40
CA THR E 282 10.90 -17.97 -14.22
C THR E 282 11.04 -17.01 -15.39
N ILE E 283 10.57 -17.41 -16.57
CA ILE E 283 10.50 -16.48 -17.70
C ILE E 283 9.27 -15.59 -17.57
N VAL E 284 8.13 -16.19 -17.23
CA VAL E 284 6.90 -15.45 -17.03
C VAL E 284 6.23 -15.85 -15.73
N GLY E 297 8.38 -12.99 -21.07
CA GLY E 297 7.04 -12.45 -21.07
C GLY E 297 6.61 -11.92 -22.41
N ASN E 298 6.48 -10.60 -22.52
CA ASN E 298 6.11 -9.96 -23.78
C ASN E 298 7.19 -10.07 -24.84
N MET E 299 8.29 -10.75 -24.56
CA MET E 299 9.40 -10.84 -25.50
C MET E 299 9.21 -11.98 -26.49
N ILE E 300 8.46 -13.01 -26.11
CA ILE E 300 8.36 -14.22 -26.91
C ILE E 300 6.97 -14.42 -27.50
N LYS E 301 5.97 -13.66 -27.06
CA LYS E 301 4.62 -13.85 -27.62
C LYS E 301 4.57 -13.67 -29.12
N PRO E 302 5.25 -12.67 -29.72
CA PRO E 302 5.30 -12.64 -31.19
C PRO E 302 5.95 -13.86 -31.78
N MET E 303 6.95 -14.42 -31.09
CA MET E 303 7.52 -15.69 -31.55
C MET E 303 6.49 -16.79 -31.51
N LEU E 304 5.58 -16.74 -30.54
CA LEU E 304 4.61 -17.83 -30.38
C LEU E 304 3.51 -17.73 -31.44
N ALA E 305 2.89 -16.56 -31.57
CA ALA E 305 1.73 -16.43 -32.45
C ALA E 305 2.16 -16.23 -33.90
N ARG E 306 3.07 -17.06 -34.37
CA ARG E 306 3.40 -17.07 -35.79
C ARG E 306 3.56 -18.47 -36.38
N GLY E 307 3.83 -19.48 -35.57
CA GLY E 307 3.91 -20.84 -36.06
C GLY E 307 5.31 -21.29 -36.41
N GLU E 308 6.26 -21.13 -35.51
CA GLU E 308 7.61 -21.66 -35.74
C GLU E 308 8.14 -22.49 -34.59
N LEU E 309 7.80 -22.18 -33.34
CA LEU E 309 8.28 -22.93 -32.20
C LEU E 309 7.13 -23.70 -31.57
N ARG E 310 7.47 -24.73 -30.81
CA ARG E 310 6.52 -25.50 -30.03
C ARG E 310 7.16 -25.82 -28.69
N LEU E 311 6.65 -25.23 -27.63
CA LEU E 311 7.24 -25.40 -26.30
C LEU E 311 6.41 -26.36 -25.47
N VAL E 312 7.08 -27.14 -24.64
CA VAL E 312 6.46 -27.97 -23.62
C VAL E 312 7.04 -27.54 -22.29
N GLY E 313 6.18 -27.36 -21.29
CA GLY E 313 6.56 -26.74 -20.04
C GLY E 313 6.39 -27.64 -18.83
N ALA E 314 6.55 -27.03 -17.66
CA ALA E 314 6.40 -27.72 -16.39
C ALA E 314 6.35 -26.71 -15.26
N THR E 315 5.44 -26.90 -14.32
CA THR E 315 5.35 -26.06 -13.12
C THR E 315 4.45 -26.75 -12.13
N THR E 316 4.08 -26.05 -11.06
CA THR E 316 3.05 -26.50 -10.13
C THR E 316 1.83 -25.61 -10.23
N LEU E 317 0.75 -26.05 -9.57
CA LEU E 317 -0.53 -25.39 -9.73
C LEU E 317 -0.50 -23.97 -9.19
N ASP E 318 -0.05 -23.78 -7.95
CA ASP E 318 -0.04 -22.45 -7.36
C ASP E 318 0.91 -21.50 -8.07
N GLU E 319 2.08 -21.98 -8.50
CA GLU E 319 2.95 -21.20 -9.36
C GLU E 319 2.25 -20.76 -10.64
N TYR E 320 1.63 -21.70 -11.34
CA TYR E 320 0.89 -21.35 -12.55
C TYR E 320 -0.17 -20.30 -12.25
N ARG E 321 -0.87 -20.42 -11.12
CA ARG E 321 -1.86 -19.42 -10.75
C ARG E 321 -1.22 -18.08 -10.46
N LYS E 322 0.08 -18.04 -10.21
CA LYS E 322 0.74 -16.79 -9.86
C LYS E 322 1.39 -16.15 -11.07
N HIS E 323 2.32 -16.84 -11.71
CA HIS E 323 3.07 -16.27 -12.81
C HIS E 323 2.38 -16.41 -14.15
N ILE E 324 1.35 -17.24 -14.26
CA ILE E 324 0.66 -17.49 -15.52
C ILE E 324 -0.83 -17.13 -15.43
N GLU E 325 -1.22 -16.41 -14.40
CA GLU E 325 -2.64 -16.05 -14.32
C GLU E 325 -2.87 -14.56 -14.09
N LYS E 326 -2.04 -13.91 -13.28
CA LYS E 326 -2.27 -12.50 -12.99
C LYS E 326 -1.84 -11.62 -14.15
N ASP E 327 -0.56 -11.68 -14.52
CA ASP E 327 -0.02 -10.86 -15.59
C ASP E 327 0.13 -11.63 -16.90
N ALA E 328 -0.52 -12.79 -17.03
CA ALA E 328 -0.25 -13.65 -18.17
C ALA E 328 -0.61 -13.07 -19.52
N ALA E 329 -1.91 -12.93 -19.79
CA ALA E 329 -2.46 -12.60 -21.10
C ALA E 329 -2.01 -13.55 -22.20
N LEU E 330 -1.28 -14.62 -21.84
CA LEU E 330 -0.80 -15.63 -22.78
C LEU E 330 -1.47 -16.97 -22.53
N GLU E 331 -2.26 -17.08 -21.45
CA GLU E 331 -3.04 -18.28 -21.17
C GLU E 331 -3.87 -18.74 -22.35
N ARG E 332 -4.03 -17.91 -23.37
CA ARG E 332 -4.78 -18.30 -24.55
C ARG E 332 -3.94 -19.10 -25.54
N ARG E 333 -2.71 -19.47 -25.20
CA ARG E 333 -1.93 -20.33 -26.09
C ARG E 333 -1.20 -21.43 -25.33
N PHE E 334 -1.58 -21.69 -24.09
CA PHE E 334 -1.01 -22.77 -23.28
C PHE E 334 -2.14 -23.68 -22.83
N GLN E 335 -1.97 -24.97 -23.04
CA GLN E 335 -2.95 -25.96 -22.63
C GLN E 335 -2.45 -26.69 -21.40
N GLN E 336 -3.30 -26.78 -20.37
CA GLN E 336 -2.93 -27.41 -19.12
C GLN E 336 -3.10 -28.91 -19.22
N VAL E 337 -2.07 -29.65 -18.80
CA VAL E 337 -2.10 -31.09 -18.73
C VAL E 337 -1.72 -31.49 -17.30
N TYR E 338 -2.50 -32.36 -16.69
CA TYR E 338 -2.38 -32.63 -15.27
C TYR E 338 -1.67 -33.96 -15.02
N VAL E 339 -0.78 -33.96 -14.04
CA VAL E 339 -0.07 -35.16 -13.60
C VAL E 339 -0.18 -35.19 -12.08
N GLY E 340 -1.18 -35.90 -11.57
CA GLY E 340 -1.51 -35.72 -10.16
C GLY E 340 -0.50 -36.29 -9.19
N GLU E 341 -0.49 -37.61 -9.04
CA GLU E 341 0.55 -38.36 -8.33
C GLU E 341 0.20 -39.84 -8.39
N PRO E 342 1.18 -40.74 -8.42
CA PRO E 342 0.86 -42.16 -8.51
C PRO E 342 0.25 -42.68 -7.23
N SER E 343 -0.36 -43.87 -7.35
CA SER E 343 -0.88 -44.57 -6.18
C SER E 343 0.21 -45.48 -5.61
N VAL E 344 -0.07 -46.05 -4.44
CA VAL E 344 0.89 -46.96 -3.83
C VAL E 344 1.10 -48.20 -4.69
N GLU E 345 0.02 -48.87 -5.07
CA GLU E 345 0.11 -50.07 -5.89
C GLU E 345 0.67 -49.79 -7.27
N ASP E 346 0.69 -48.54 -7.71
CA ASP E 346 1.27 -48.20 -9.00
C ASP E 346 2.75 -47.87 -8.90
N THR E 347 3.14 -47.07 -7.90
CA THR E 347 4.55 -46.82 -7.66
C THR E 347 5.27 -48.11 -7.29
N ILE E 348 4.54 -49.10 -6.78
CA ILE E 348 5.17 -50.39 -6.52
C ILE E 348 5.61 -51.04 -7.83
N GLY E 349 4.75 -51.01 -8.84
CA GLY E 349 5.15 -51.52 -10.14
C GLY E 349 6.26 -50.70 -10.75
N ILE E 350 6.20 -49.38 -10.57
CA ILE E 350 7.29 -48.51 -11.05
C ILE E 350 8.62 -48.94 -10.44
N LEU E 351 8.64 -49.07 -9.12
CA LEU E 351 9.86 -49.51 -8.43
C LEU E 351 10.34 -50.85 -8.97
N ARG E 352 9.49 -51.87 -8.94
CA ARG E 352 9.94 -53.18 -9.37
C ARG E 352 10.29 -53.22 -10.85
N GLY E 353 9.92 -52.20 -11.62
CA GLY E 353 10.45 -52.07 -12.96
C GLY E 353 11.83 -51.46 -12.97
N LEU E 354 12.04 -50.49 -12.09
CA LEU E 354 13.34 -49.83 -11.95
C LEU E 354 14.20 -50.51 -10.89
N LYS E 355 14.38 -51.82 -11.02
CA LYS E 355 15.05 -52.60 -9.98
C LYS E 355 16.37 -53.21 -10.42
N ASP E 356 16.39 -53.88 -11.58
CA ASP E 356 17.61 -54.53 -12.05
C ASP E 356 18.77 -53.54 -12.16
N ARG E 357 18.46 -52.28 -12.49
CA ARG E 357 19.50 -51.25 -12.55
C ARG E 357 20.33 -51.25 -11.28
N TYR E 358 19.70 -51.02 -10.14
CA TYR E 358 20.43 -50.97 -8.89
C TYR E 358 20.99 -52.34 -8.52
N GLU E 359 20.34 -53.41 -8.97
CA GLU E 359 20.83 -54.75 -8.71
C GLU E 359 22.18 -55.01 -9.36
N VAL E 360 22.63 -54.13 -10.24
CA VAL E 360 23.95 -54.26 -10.84
C VAL E 360 24.78 -53.06 -10.38
N HIS E 361 24.10 -51.96 -10.04
CA HIS E 361 24.85 -50.79 -9.58
C HIS E 361 25.47 -51.07 -8.22
N HIS E 362 24.66 -51.30 -7.19
CA HIS E 362 25.21 -51.82 -5.94
C HIS E 362 25.28 -53.34 -6.03
N GLY E 363 24.13 -53.99 -6.01
CA GLY E 363 24.00 -55.41 -6.23
C GLY E 363 24.04 -56.16 -4.92
N VAL E 364 22.89 -56.41 -4.31
CA VAL E 364 22.86 -57.36 -3.22
C VAL E 364 21.75 -58.36 -3.48
N ARG E 365 20.51 -57.89 -3.34
CA ARG E 365 19.30 -58.65 -3.59
C ARG E 365 18.13 -57.73 -3.26
N ILE E 366 16.96 -57.96 -3.84
CA ILE E 366 15.82 -57.09 -3.59
C ILE E 366 14.60 -57.96 -3.34
N THR E 367 13.84 -57.64 -2.31
CA THR E 367 12.63 -58.38 -1.97
C THR E 367 11.41 -57.48 -2.15
N ASP E 368 10.37 -58.04 -2.78
CA ASP E 368 9.12 -57.31 -2.93
C ASP E 368 8.61 -56.85 -1.57
N SER E 369 8.93 -57.60 -0.52
CA SER E 369 8.59 -57.17 0.83
C SER E 369 9.27 -55.85 1.16
N ALA E 370 10.57 -55.76 0.90
CA ALA E 370 11.27 -54.50 1.12
C ALA E 370 10.66 -53.39 0.29
N LEU E 371 10.32 -53.68 -0.97
CA LEU E 371 9.78 -52.65 -1.84
C LEU E 371 8.45 -52.10 -1.31
N VAL E 372 7.53 -53.01 -0.98
CA VAL E 372 6.23 -52.56 -0.49
C VAL E 372 6.36 -51.90 0.86
N ALA E 373 7.33 -52.34 1.67
CA ALA E 373 7.56 -51.70 2.96
C ALA E 373 8.01 -50.27 2.78
N ALA E 374 9.00 -50.05 1.91
CA ALA E 374 9.44 -48.70 1.60
C ALA E 374 8.27 -47.85 1.12
N ALA E 375 7.50 -48.38 0.18
CA ALA E 375 6.36 -47.63 -0.34
C ALA E 375 5.42 -47.20 0.78
N THR E 376 4.93 -48.16 1.56
CA THR E 376 3.91 -47.83 2.54
C THR E 376 4.47 -46.95 3.65
N LEU E 377 5.74 -47.13 4.02
CA LEU E 377 6.30 -46.35 5.11
C LEU E 377 6.59 -44.93 4.69
N SER E 378 7.08 -44.74 3.46
CA SER E 378 7.21 -43.39 2.93
C SER E 378 5.85 -42.71 2.86
N ASP E 379 4.86 -43.39 2.28
CA ASP E 379 3.51 -42.85 2.21
C ASP E 379 3.00 -42.46 3.59
N ARG E 380 3.32 -43.26 4.60
CA ARG E 380 2.75 -43.06 5.91
C ARG E 380 3.42 -41.94 6.69
N TYR E 381 4.75 -41.95 6.78
CA TYR E 381 5.45 -41.04 7.67
C TYR E 381 6.21 -39.92 6.97
N ILE E 382 6.54 -40.08 5.69
CA ILE E 382 7.18 -39.02 4.92
C ILE E 382 6.06 -38.23 4.25
N THR E 383 5.67 -37.13 4.89
CA THR E 383 4.60 -36.27 4.38
C THR E 383 5.12 -34.99 3.76
N ALA E 384 6.38 -34.98 3.33
CA ALA E 384 6.99 -33.79 2.74
C ALA E 384 7.14 -33.88 1.23
N ARG E 385 7.64 -35.01 0.73
CA ARG E 385 7.87 -35.20 -0.70
C ARG E 385 6.81 -36.12 -1.27
N PHE E 386 6.96 -36.47 -2.54
CA PHE E 386 5.95 -37.22 -3.27
C PHE E 386 6.54 -38.49 -3.85
N LEU E 387 5.65 -39.33 -4.41
CA LEU E 387 5.88 -40.77 -4.38
C LEU E 387 7.01 -41.25 -5.27
N PRO E 388 6.99 -41.03 -6.59
CA PRO E 388 7.89 -41.80 -7.47
C PRO E 388 9.36 -41.65 -7.11
N ASP E 389 9.77 -40.49 -6.63
CA ASP E 389 11.15 -40.30 -6.19
C ASP E 389 11.31 -40.46 -4.68
N LYS E 390 10.27 -40.15 -3.91
CA LYS E 390 10.35 -40.34 -2.47
C LYS E 390 10.68 -41.79 -2.13
N ALA E 391 10.04 -42.73 -2.81
CA ALA E 391 10.29 -44.14 -2.53
C ALA E 391 11.68 -44.54 -3.00
N ILE E 392 12.06 -44.13 -4.21
CA ILE E 392 13.35 -44.51 -4.78
C ILE E 392 14.49 -43.97 -3.93
N ASP E 393 14.30 -42.80 -3.34
CA ASP E 393 15.30 -42.23 -2.44
C ASP E 393 15.64 -43.20 -1.33
N LEU E 394 14.63 -43.62 -0.57
CA LEU E 394 14.84 -44.57 0.50
C LEU E 394 15.43 -45.89 0.00
N VAL E 395 14.91 -46.40 -1.11
CA VAL E 395 15.41 -47.68 -1.61
C VAL E 395 16.90 -47.61 -1.89
N ASP E 396 17.33 -46.58 -2.63
CA ASP E 396 18.73 -46.52 -3.03
C ASP E 396 19.63 -46.19 -1.85
N GLU E 397 19.18 -45.32 -0.93
CA GLU E 397 19.98 -45.02 0.24
C GLU E 397 20.18 -46.27 1.09
N ALA E 398 19.11 -47.05 1.29
CA ALA E 398 19.24 -48.26 2.10
C ALA E 398 20.14 -49.27 1.43
N ALA E 399 20.01 -49.44 0.11
CA ALA E 399 20.90 -50.36 -0.58
C ALA E 399 22.36 -49.94 -0.44
N SER E 400 22.63 -48.64 -0.50
CA SER E 400 24.00 -48.18 -0.34
C SER E 400 24.49 -48.37 1.08
N ARG E 401 23.62 -48.14 2.08
CA ARG E 401 24.01 -48.40 3.47
C ARG E 401 24.38 -49.86 3.65
N LEU E 402 23.59 -50.76 3.06
CA LEU E 402 23.88 -52.18 3.17
C LEU E 402 25.16 -52.54 2.44
N ARG E 403 25.47 -51.85 1.35
CA ARG E 403 26.75 -52.08 0.69
C ARG E 403 27.90 -51.62 1.58
N MET E 404 27.74 -50.48 2.24
CA MET E 404 28.80 -49.95 3.09
C MET E 404 28.97 -50.78 4.35
N GLU E 405 27.92 -51.50 4.74
CA GLU E 405 27.99 -52.37 5.93
C GLU E 405 29.11 -53.39 5.87
N ILE E 406 29.58 -53.76 4.67
CA ILE E 406 30.46 -54.91 4.52
C ILE E 406 31.93 -54.53 4.71
N ASP E 407 32.20 -53.34 5.24
CA ASP E 407 33.55 -52.95 5.65
C ASP E 407 34.18 -54.02 6.53
N LYS E 530 24.20 -60.79 6.84
CA LYS E 530 23.00 -60.28 6.19
C LYS E 530 23.29 -59.90 4.74
N GLU E 531 23.00 -60.82 3.82
CA GLU E 531 23.24 -60.60 2.40
C GLU E 531 21.95 -60.28 1.65
N GLU E 532 20.99 -59.64 2.31
CA GLU E 532 19.68 -59.38 1.73
C GLU E 532 19.12 -58.09 2.33
N VAL E 533 18.16 -57.51 1.62
CA VAL E 533 17.44 -56.34 2.11
C VAL E 533 16.04 -56.78 2.53
N GLY E 534 15.41 -55.96 3.37
CA GLY E 534 14.13 -56.33 3.93
C GLY E 534 13.36 -55.18 4.54
N PRO E 535 12.15 -55.47 5.03
CA PRO E 535 11.31 -54.40 5.59
C PRO E 535 11.92 -53.72 6.80
N ASP E 536 12.43 -54.47 7.77
CA ASP E 536 13.19 -53.84 8.85
C ASP E 536 14.42 -53.12 8.33
N ASP E 537 15.09 -53.68 7.33
CA ASP E 537 16.20 -53.05 6.66
C ASP E 537 15.84 -51.70 6.05
N ILE E 538 14.56 -51.36 6.01
CA ILE E 538 14.11 -50.05 5.55
C ILE E 538 13.50 -49.22 6.68
N ALA E 539 12.78 -49.85 7.60
CA ALA E 539 12.28 -49.13 8.77
C ALA E 539 13.42 -48.51 9.57
N ASP E 540 14.56 -49.19 9.62
CA ASP E 540 15.73 -48.60 10.26
C ASP E 540 16.13 -47.30 9.59
N VAL E 541 16.10 -47.27 8.25
CA VAL E 541 16.44 -46.06 7.52
C VAL E 541 15.41 -44.97 7.81
N VAL E 542 14.13 -45.33 7.81
CA VAL E 542 13.11 -44.33 8.07
C VAL E 542 13.24 -43.77 9.49
N SER E 543 13.66 -44.62 10.43
CA SER E 543 13.86 -44.17 11.80
C SER E 543 15.08 -43.25 11.90
N ALA E 544 16.17 -43.61 11.24
CA ALA E 544 17.34 -42.74 11.19
C ALA E 544 17.02 -41.45 10.44
N TRP E 545 15.97 -41.45 9.64
CA TRP E 545 15.56 -40.26 8.93
C TRP E 545 14.73 -39.34 9.82
N THR E 546 13.68 -39.87 10.44
CA THR E 546 12.79 -39.07 11.28
C THR E 546 13.33 -38.88 12.69
N GLY E 547 13.48 -39.97 13.44
CA GLY E 547 13.83 -39.90 14.85
C GLY E 547 13.03 -40.89 15.67
N ILE E 548 11.82 -41.20 15.20
CA ILE E 548 10.97 -42.18 15.88
C ILE E 548 11.60 -43.57 15.73
N PRO E 549 11.63 -44.39 16.78
CA PRO E 549 12.39 -45.64 16.70
C PRO E 549 11.70 -46.69 15.84
N ALA E 550 12.53 -47.60 15.31
CA ALA E 550 12.07 -48.58 14.33
C ALA E 550 11.13 -49.61 14.93
N GLY E 551 10.99 -49.63 16.25
CA GLY E 551 10.06 -50.56 16.85
C GLY E 551 8.61 -50.21 16.56
N ARG E 552 8.20 -49.00 16.94
CA ARG E 552 6.82 -48.56 16.77
C ARG E 552 6.41 -48.50 15.30
N LEU E 553 7.35 -48.60 14.37
CA LEU E 553 7.04 -48.51 12.94
C LEU E 553 6.51 -49.83 12.41
N LEU E 554 5.52 -50.35 13.14
CA LEU E 554 4.87 -51.61 12.82
C LEU E 554 3.39 -51.45 13.10
N GLU E 555 2.66 -52.57 13.20
CA GLU E 555 1.20 -52.56 13.30
C GLU E 555 0.70 -51.42 14.19
N GLY E 556 -0.33 -50.73 13.70
CA GLY E 556 -0.84 -49.55 14.38
C GLY E 556 -2.26 -49.66 14.88
N GLU E 557 -2.77 -50.89 15.00
CA GLU E 557 -4.09 -51.11 15.57
C GLU E 557 -4.02 -51.89 16.88
N THR E 558 -3.50 -53.12 16.85
CA THR E 558 -3.36 -53.89 18.08
C THR E 558 -2.19 -53.39 18.91
N ALA E 559 -1.05 -53.16 18.26
CA ALA E 559 0.12 -52.65 18.96
C ALA E 559 -0.13 -51.26 19.55
N LYS E 560 -1.23 -50.61 19.20
CA LYS E 560 -1.64 -49.40 19.88
C LYS E 560 -2.70 -49.64 20.94
N LEU E 561 -3.75 -50.39 20.62
CA LEU E 561 -4.81 -50.59 21.59
C LEU E 561 -4.30 -51.30 22.83
N LEU E 562 -3.31 -52.18 22.67
CA LEU E 562 -2.80 -52.90 23.83
C LEU E 562 -1.86 -52.03 24.66
N ARG E 563 -1.41 -50.90 24.10
CA ARG E 563 -0.59 -49.96 24.84
C ARG E 563 -1.41 -48.97 25.66
N MET E 564 -2.74 -48.99 25.51
CA MET E 564 -3.63 -48.10 26.26
C MET E 564 -3.60 -48.38 27.76
N GLU E 565 -2.76 -49.32 28.18
CA GLU E 565 -2.50 -49.61 29.57
C GLU E 565 -1.57 -48.55 30.14
N ASP E 566 -0.89 -48.88 31.24
CA ASP E 566 -0.20 -47.95 32.12
C ASP E 566 0.61 -46.88 31.38
N GLU E 567 0.91 -47.11 30.10
CA GLU E 567 1.55 -46.04 29.32
C GLU E 567 0.77 -44.74 29.41
N LEU E 568 -0.55 -44.83 29.60
CA LEU E 568 -1.29 -43.67 30.07
C LEU E 568 -0.96 -43.38 31.53
N GLY E 569 -1.07 -44.38 32.40
CA GLY E 569 -0.80 -44.20 33.81
C GLY E 569 0.64 -43.84 34.15
N LYS E 570 1.52 -43.79 33.15
CA LYS E 570 2.85 -43.25 33.41
C LYS E 570 2.78 -41.74 33.67
N ARG E 571 1.93 -41.04 32.93
CA ARG E 571 1.75 -39.61 33.07
C ARG E 571 0.57 -39.24 33.96
N VAL E 572 -0.51 -40.02 33.91
CA VAL E 572 -1.65 -39.83 34.78
C VAL E 572 -1.47 -40.76 35.98
N ILE E 573 -2.18 -40.48 37.06
CA ILE E 573 -2.04 -41.20 38.32
C ILE E 573 -3.42 -41.57 38.84
N GLY E 574 -3.52 -42.78 39.40
CA GLY E 574 -4.77 -43.25 39.95
C GLY E 574 -5.84 -43.28 38.88
N GLN E 575 -7.09 -43.18 39.33
CA GLN E 575 -8.24 -43.06 38.44
C GLN E 575 -8.27 -44.21 37.45
N LYS E 576 -7.91 -45.41 37.92
CA LYS E 576 -7.72 -46.54 37.01
C LYS E 576 -9.03 -46.92 36.36
N ALA E 577 -10.15 -46.80 37.08
CA ALA E 577 -11.45 -46.96 36.44
C ALA E 577 -11.60 -45.97 35.28
N ALA E 578 -11.18 -44.73 35.49
CA ALA E 578 -11.27 -43.72 34.44
C ALA E 578 -10.44 -44.12 33.22
N VAL E 579 -9.19 -44.49 33.45
CA VAL E 579 -8.31 -44.81 32.32
C VAL E 579 -8.81 -46.05 31.60
N THR E 580 -9.26 -47.06 32.33
CA THR E 580 -9.80 -48.24 31.67
C THR E 580 -11.04 -47.90 30.85
N ALA E 581 -11.92 -47.05 31.39
CA ALA E 581 -13.13 -46.68 30.66
C ALA E 581 -12.79 -45.93 29.38
N VAL E 582 -11.88 -44.96 29.47
CA VAL E 582 -11.48 -44.18 28.30
C VAL E 582 -10.82 -45.09 27.27
N SER E 583 -10.04 -46.06 27.73
CA SER E 583 -9.40 -46.98 26.81
C SER E 583 -10.42 -47.86 26.09
N ASP E 584 -11.43 -48.33 26.82
CA ASP E 584 -12.55 -49.01 26.15
C ASP E 584 -13.14 -48.12 25.08
N ALA E 585 -13.44 -46.86 25.44
CA ALA E 585 -14.06 -45.95 24.50
C ALA E 585 -13.25 -45.82 23.22
N VAL E 586 -11.93 -45.61 23.35
CA VAL E 586 -11.11 -45.43 22.17
C VAL E 586 -10.92 -46.72 21.39
N ARG E 587 -10.87 -47.86 22.07
CA ARG E 587 -10.70 -49.14 21.36
C ARG E 587 -11.94 -49.48 20.55
N ARG E 588 -13.08 -49.59 21.21
CA ARG E 588 -14.30 -50.01 20.51
C ARG E 588 -14.78 -48.98 19.50
N SER E 589 -14.29 -47.74 19.56
CA SER E 589 -14.66 -46.77 18.55
C SER E 589 -13.84 -46.90 17.28
N ARG E 590 -12.59 -47.34 17.40
CA ARG E 590 -11.72 -47.53 16.25
C ARG E 590 -11.89 -48.91 15.63
N ALA E 591 -12.88 -49.68 16.08
CA ALA E 591 -13.10 -51.00 15.52
C ALA E 591 -13.47 -50.93 14.05
N GLY E 592 -14.45 -50.10 13.71
CA GLY E 592 -14.82 -49.97 12.32
C GLY E 592 -16.22 -50.44 12.01
N VAL E 593 -17.14 -50.26 12.94
CA VAL E 593 -18.55 -50.59 12.72
C VAL E 593 -19.48 -49.43 13.01
N SER E 594 -19.07 -48.43 13.78
CA SER E 594 -19.94 -47.31 14.08
C SER E 594 -20.05 -46.40 12.85
N ASP E 595 -20.94 -45.42 12.95
CA ASP E 595 -21.14 -44.47 11.88
C ASP E 595 -19.85 -43.72 11.57
N PRO E 596 -19.52 -43.52 10.32
CA PRO E 596 -18.20 -42.96 9.99
C PRO E 596 -18.11 -41.46 10.20
N ASN E 597 -19.25 -40.82 10.50
CA ASN E 597 -19.32 -39.36 10.61
C ASN E 597 -19.76 -39.00 12.03
N ARG E 598 -18.79 -38.90 12.92
CA ARG E 598 -18.99 -38.71 14.35
C ARG E 598 -17.62 -38.49 14.97
N PRO E 599 -17.50 -37.79 16.10
CA PRO E 599 -16.20 -37.73 16.78
C PRO E 599 -15.71 -39.13 17.15
N THR E 600 -14.41 -39.22 17.41
CA THR E 600 -13.85 -40.49 17.86
C THR E 600 -14.05 -40.72 19.35
N GLY E 601 -14.62 -39.74 20.07
CA GLY E 601 -14.94 -39.89 21.48
C GLY E 601 -15.54 -38.62 22.04
N ALA E 602 -16.61 -38.74 22.81
CA ALA E 602 -17.36 -37.57 23.28
C ALA E 602 -17.75 -37.71 24.74
N PHE E 603 -16.79 -38.13 25.57
CA PHE E 603 -17.04 -38.35 26.98
C PHE E 603 -16.69 -37.11 27.79
N MET E 604 -17.27 -37.03 28.99
CA MET E 604 -17.00 -35.94 29.91
C MET E 604 -16.73 -36.53 31.28
N PHE E 605 -16.00 -35.77 32.10
CA PHE E 605 -15.69 -36.23 33.44
C PHE E 605 -15.64 -35.05 34.40
N LEU E 606 -16.15 -35.28 35.60
CA LEU E 606 -16.42 -34.22 36.56
C LEU E 606 -15.96 -34.68 37.94
N GLY E 607 -15.88 -33.73 38.86
CA GLY E 607 -15.47 -34.00 40.22
C GLY E 607 -14.63 -32.88 40.79
N PRO E 608 -13.68 -33.25 41.65
CA PRO E 608 -12.83 -32.23 42.27
C PRO E 608 -11.83 -31.67 41.27
N THR E 609 -11.23 -30.54 41.63
CA THR E 609 -10.27 -29.89 40.76
C THR E 609 -8.87 -30.42 41.00
N GLY E 610 -7.96 -30.06 40.10
CA GLY E 610 -6.54 -30.25 40.29
C GLY E 610 -6.08 -31.66 40.54
N VAL E 611 -6.95 -32.67 40.47
CA VAL E 611 -6.50 -34.04 40.66
C VAL E 611 -5.94 -34.65 39.38
N GLY E 612 -5.87 -33.88 38.30
CA GLY E 612 -5.36 -34.38 37.04
C GLY E 612 -6.40 -34.43 35.96
N LYS E 613 -7.45 -33.61 36.09
CA LYS E 613 -8.52 -33.59 35.10
C LYS E 613 -7.96 -33.30 33.72
N THR E 614 -7.21 -32.22 33.58
CA THR E 614 -6.55 -31.94 32.31
C THR E 614 -5.44 -32.93 31.99
N GLU E 615 -4.78 -33.47 33.02
CA GLU E 615 -3.57 -34.24 32.77
C GLU E 615 -3.87 -35.52 32.01
N LEU E 616 -5.05 -36.11 32.24
CA LEU E 616 -5.43 -37.27 31.45
C LEU E 616 -5.42 -36.94 29.97
N ALA E 617 -5.99 -35.78 29.60
CA ALA E 617 -6.03 -35.40 28.20
C ALA E 617 -4.66 -35.02 27.67
N LYS E 618 -3.88 -34.30 28.48
CA LYS E 618 -2.54 -33.94 28.06
C LYS E 618 -1.69 -35.17 27.81
N ALA E 619 -1.98 -36.27 28.51
CA ALA E 619 -1.26 -37.52 28.26
C ALA E 619 -1.85 -38.26 27.08
N LEU E 620 -3.18 -38.24 26.93
CA LEU E 620 -3.83 -38.96 25.85
C LEU E 620 -3.44 -38.39 24.49
N ALA E 621 -3.26 -37.07 24.41
CA ALA E 621 -2.84 -36.47 23.15
C ALA E 621 -1.46 -36.96 22.73
N ASP E 622 -0.60 -37.28 23.70
CA ASP E 622 0.74 -37.76 23.38
C ASP E 622 0.72 -39.15 22.80
N PHE E 623 -0.15 -40.03 23.31
CA PHE E 623 -0.14 -41.41 22.88
C PHE E 623 -0.75 -41.57 21.50
N LEU E 624 -1.83 -40.85 21.21
CA LEU E 624 -2.56 -41.06 19.97
C LEU E 624 -2.06 -40.13 18.86
N PHE E 625 -2.11 -38.82 19.08
CA PHE E 625 -1.73 -37.85 18.07
C PHE E 625 -0.28 -37.40 18.20
N ASP E 626 0.49 -38.02 19.10
CA ASP E 626 1.95 -37.90 19.12
C ASP E 626 2.41 -36.50 19.53
N ASP E 627 1.64 -35.84 20.39
CA ASP E 627 2.08 -34.54 20.89
C ASP E 627 1.20 -34.15 22.06
N GLU E 628 1.77 -33.38 22.98
CA GLU E 628 0.99 -32.74 24.02
C GLU E 628 0.66 -31.29 23.69
N ARG E 629 1.26 -30.74 22.64
CA ARG E 629 0.81 -29.49 22.05
C ARG E 629 -0.20 -29.76 20.95
N ALA E 630 -1.20 -30.57 21.28
CA ALA E 630 -2.30 -30.90 20.40
C ALA E 630 -3.64 -30.55 20.98
N MET E 631 -3.75 -30.45 22.30
CA MET E 631 -5.02 -30.11 22.89
C MET E 631 -5.33 -28.63 22.65
N VAL E 632 -6.62 -28.32 22.68
CA VAL E 632 -7.11 -26.95 22.65
C VAL E 632 -8.15 -26.80 23.75
N ARG E 633 -8.00 -25.76 24.56
CA ARG E 633 -8.86 -25.52 25.69
C ARG E 633 -9.59 -24.21 25.49
N ILE E 634 -10.91 -24.25 25.53
CA ILE E 634 -11.73 -23.06 25.37
C ILE E 634 -12.68 -22.96 26.55
N ASP E 635 -12.45 -21.96 27.39
CA ASP E 635 -13.24 -21.76 28.60
C ASP E 635 -14.68 -21.45 28.23
N MET E 636 -15.62 -22.10 28.90
CA MET E 636 -17.03 -21.74 28.79
C MET E 636 -17.42 -20.75 29.87
N SER E 637 -16.65 -19.68 30.01
CA SER E 637 -16.98 -18.62 30.96
C SER E 637 -17.25 -17.29 30.30
N GLU E 638 -16.59 -16.97 29.19
CA GLU E 638 -17.04 -15.87 28.37
C GLU E 638 -18.39 -16.18 27.75
N TYR E 639 -18.61 -17.43 27.36
CA TYR E 639 -19.79 -17.80 26.62
C TYR E 639 -20.98 -17.92 27.57
N GLY E 640 -21.30 -16.81 28.23
CA GLY E 640 -22.43 -16.77 29.14
C GLY E 640 -23.50 -15.82 28.68
N GLU E 641 -23.37 -15.32 27.46
CA GLU E 641 -24.35 -14.40 26.89
C GLU E 641 -24.91 -14.97 25.60
N LYS E 642 -26.00 -14.36 25.14
CA LYS E 642 -26.68 -14.86 23.95
C LYS E 642 -25.84 -14.65 22.70
N HIS E 643 -25.19 -13.49 22.58
CA HIS E 643 -24.52 -13.15 21.34
C HIS E 643 -23.17 -13.84 21.21
N THR E 644 -22.41 -13.95 22.30
CA THR E 644 -21.04 -14.45 22.23
C THR E 644 -20.94 -15.89 21.80
N VAL E 645 -22.07 -16.56 21.54
CA VAL E 645 -22.00 -17.93 21.06
C VAL E 645 -21.47 -17.96 19.63
N ALA E 646 -21.72 -16.92 18.86
CA ALA E 646 -21.14 -16.87 17.53
C ALA E 646 -19.72 -16.39 17.52
N ARG E 647 -19.07 -16.20 18.66
CA ARG E 647 -17.67 -15.82 18.62
C ARG E 647 -16.79 -16.98 18.19
N LEU E 648 -17.21 -18.21 18.44
CA LEU E 648 -16.42 -19.37 18.09
C LEU E 648 -16.64 -19.82 16.65
N ILE E 649 -17.29 -19.00 15.83
CA ILE E 649 -17.34 -19.21 14.38
C ILE E 649 -16.84 -17.97 13.66
N GLY E 650 -17.54 -16.86 13.83
CA GLY E 650 -17.13 -15.57 13.29
C GLY E 650 -17.86 -15.35 11.98
N ALA E 651 -19.00 -14.67 12.03
CA ALA E 651 -20.00 -15.08 11.05
C ALA E 651 -19.79 -14.53 9.64
N PRO E 652 -19.86 -13.23 9.42
CA PRO E 652 -20.05 -12.75 8.07
C PRO E 652 -18.75 -12.27 7.45
N PRO E 653 -18.66 -12.27 6.15
CA PRO E 653 -17.54 -11.59 5.50
C PRO E 653 -17.73 -10.09 5.46
N GLY E 654 -17.01 -9.35 6.31
CA GLY E 654 -17.11 -7.91 6.35
C GLY E 654 -17.47 -7.34 7.69
N TYR E 655 -17.38 -8.11 8.77
CA TYR E 655 -17.71 -7.64 10.09
C TYR E 655 -16.49 -7.80 11.00
N VAL E 656 -16.69 -7.55 12.29
CA VAL E 656 -15.55 -7.32 13.19
C VAL E 656 -14.62 -8.53 13.19
N GLY E 657 -15.10 -9.66 13.68
CA GLY E 657 -14.24 -10.82 13.67
C GLY E 657 -14.52 -11.67 12.44
N TYR E 658 -13.78 -11.45 11.40
CA TYR E 658 -13.93 -12.32 10.24
C TYR E 658 -12.65 -13.04 9.90
N GLU E 659 -11.56 -12.31 9.67
CA GLU E 659 -10.29 -12.92 9.35
C GLU E 659 -9.65 -13.56 10.57
N ALA E 660 -10.05 -13.17 11.77
CA ALA E 660 -9.60 -13.85 12.98
C ALA E 660 -10.19 -15.25 13.11
N GLY E 661 -11.21 -15.57 12.32
CA GLY E 661 -11.82 -16.88 12.38
C GLY E 661 -12.52 -17.13 13.70
N GLY E 662 -13.09 -18.32 13.81
CA GLY E 662 -13.73 -18.74 15.03
C GLY E 662 -12.73 -19.29 16.02
N GLN E 663 -13.18 -19.46 17.26
CA GLN E 663 -12.30 -20.02 18.27
C GLN E 663 -12.27 -21.54 18.19
N LEU E 664 -13.42 -22.16 17.92
CA LEU E 664 -13.52 -23.60 17.90
C LEU E 664 -13.15 -24.23 16.56
N THR E 665 -13.37 -23.52 15.46
CA THR E 665 -13.14 -24.08 14.14
C THR E 665 -11.78 -23.74 13.55
N GLU E 666 -11.36 -22.47 13.64
CA GLU E 666 -10.07 -22.09 13.08
C GLU E 666 -8.94 -22.89 13.69
N ALA E 667 -9.13 -23.39 14.90
CA ALA E 667 -8.15 -24.26 15.53
C ALA E 667 -8.33 -25.72 15.16
N VAL E 668 -9.20 -26.04 14.21
CA VAL E 668 -9.46 -27.42 13.82
C VAL E 668 -9.21 -27.63 12.33
N ARG E 669 -9.70 -26.74 11.47
CA ARG E 669 -9.52 -26.94 10.04
C ARG E 669 -8.05 -27.03 9.67
N ARG E 670 -7.18 -26.47 10.49
CA ARG E 670 -5.76 -26.77 10.45
C ARG E 670 -5.45 -27.71 11.61
N ARG E 671 -4.66 -28.74 11.34
CA ARG E 671 -4.38 -29.79 12.31
C ARG E 671 -5.68 -30.38 12.83
N PRO E 672 -6.38 -31.19 12.04
CA PRO E 672 -7.68 -31.76 12.46
C PRO E 672 -7.56 -33.01 13.30
N TYR E 673 -6.64 -33.01 14.26
CA TYR E 673 -6.42 -34.17 15.10
C TYR E 673 -6.24 -33.77 16.56
N THR E 674 -6.92 -32.73 17.00
CA THR E 674 -6.70 -32.17 18.32
C THR E 674 -7.47 -32.95 19.37
N VAL E 675 -7.48 -32.43 20.60
CA VAL E 675 -8.27 -32.96 21.70
C VAL E 675 -8.93 -31.79 22.39
N VAL E 676 -10.20 -31.55 22.10
CA VAL E 676 -10.85 -30.31 22.50
C VAL E 676 -11.33 -30.43 23.94
N LEU E 677 -10.97 -29.46 24.77
CA LEU E 677 -11.45 -29.38 26.14
C LEU E 677 -12.51 -28.30 26.27
N PHE E 678 -13.28 -28.38 27.35
CA PHE E 678 -14.31 -27.39 27.65
C PHE E 678 -14.33 -27.19 29.16
N ASP E 679 -13.60 -26.20 29.64
CA ASP E 679 -13.64 -25.88 31.06
C ASP E 679 -15.05 -25.46 31.46
N GLU E 680 -15.45 -25.90 32.65
CA GLU E 680 -16.68 -25.49 33.32
C GLU E 680 -17.83 -25.29 32.33
N ILE E 681 -18.08 -26.34 31.55
CA ILE E 681 -19.17 -26.35 30.59
C ILE E 681 -20.51 -25.97 31.22
N GLU E 682 -20.73 -26.31 32.48
CA GLU E 682 -22.02 -26.03 33.11
C GLU E 682 -22.33 -24.56 33.24
N LYS E 683 -21.38 -23.68 32.93
CA LYS E 683 -21.61 -22.24 32.96
C LYS E 683 -21.91 -21.65 31.59
N ALA E 684 -21.66 -22.41 30.52
CA ALA E 684 -21.89 -21.91 29.17
C ALA E 684 -23.37 -21.66 28.96
N HIS E 685 -23.68 -20.68 28.13
CA HIS E 685 -25.07 -20.33 27.86
C HIS E 685 -25.76 -21.48 27.13
N PRO E 686 -27.03 -21.74 27.44
CA PRO E 686 -27.72 -22.84 26.76
C PRO E 686 -28.03 -22.53 25.30
N ASP E 687 -27.01 -22.16 24.54
CA ASP E 687 -27.12 -22.06 23.10
C ASP E 687 -25.90 -22.67 22.45
N VAL E 688 -24.80 -22.78 23.21
CA VAL E 688 -23.62 -23.48 22.73
C VAL E 688 -23.93 -24.94 22.51
N PHE E 689 -24.86 -25.49 23.29
CA PHE E 689 -25.22 -26.89 23.17
C PHE E 689 -25.78 -27.20 21.80
N ASP E 690 -26.35 -26.21 21.12
CA ASP E 690 -26.83 -26.44 19.76
C ASP E 690 -25.67 -26.73 18.81
N VAL E 691 -24.64 -25.88 18.85
CA VAL E 691 -23.45 -26.12 18.05
C VAL E 691 -22.81 -27.45 18.43
N LEU E 692 -22.76 -27.72 19.74
CA LEU E 692 -22.10 -28.93 20.21
C LEU E 692 -22.81 -30.18 19.73
N LEU E 693 -24.14 -30.23 19.86
CA LEU E 693 -24.91 -31.34 19.35
C LEU E 693 -24.81 -31.44 17.83
N GLN E 694 -24.74 -30.30 17.13
CA GLN E 694 -24.51 -30.38 15.70
C GLN E 694 -23.17 -31.04 15.38
N VAL E 695 -22.15 -30.77 16.19
CA VAL E 695 -20.86 -31.44 15.99
C VAL E 695 -21.00 -32.93 16.20
N LEU E 696 -21.37 -33.34 17.41
CA LEU E 696 -21.30 -34.75 17.78
C LEU E 696 -22.48 -35.56 17.25
N ASP E 697 -23.27 -34.99 16.36
CA ASP E 697 -24.28 -35.76 15.64
C ASP E 697 -23.98 -35.89 14.16
N GLU E 698 -23.11 -35.04 13.63
CA GLU E 698 -22.60 -35.20 12.27
C GLU E 698 -21.22 -34.59 12.20
N GLY E 699 -20.26 -35.34 11.69
CA GLY E 699 -18.88 -34.89 11.69
C GLY E 699 -18.59 -33.81 10.68
N ARG E 700 -19.19 -32.63 10.85
CA ARG E 700 -18.93 -31.51 9.98
C ARG E 700 -19.48 -30.24 10.61
N LEU E 701 -18.93 -29.11 10.18
CA LEU E 701 -19.36 -27.79 10.64
C LEU E 701 -18.90 -26.77 9.61
N THR E 702 -19.58 -25.64 9.57
CA THR E 702 -19.34 -24.63 8.55
C THR E 702 -18.95 -23.32 9.22
N ASP E 703 -17.74 -22.86 8.97
CA ASP E 703 -17.24 -21.65 9.59
C ASP E 703 -17.80 -20.42 8.87
N GLY E 704 -17.25 -19.26 9.21
CA GLY E 704 -17.75 -18.02 8.64
C GLY E 704 -17.31 -17.80 7.20
N HIS E 705 -16.07 -18.17 6.88
CA HIS E 705 -15.58 -17.94 5.53
C HIS E 705 -16.43 -18.67 4.50
N GLY E 706 -16.81 -19.92 4.80
CA GLY E 706 -17.52 -20.74 3.85
C GLY E 706 -16.89 -22.11 3.73
N ARG E 707 -15.76 -22.30 4.40
CA ARG E 707 -15.12 -23.61 4.42
C ARG E 707 -16.01 -24.64 5.09
N THR E 708 -15.63 -25.91 4.93
CA THR E 708 -16.24 -27.01 5.65
C THR E 708 -15.17 -27.70 6.49
N VAL E 709 -15.41 -27.81 7.79
CA VAL E 709 -14.49 -28.45 8.71
C VAL E 709 -15.11 -29.78 9.13
N ASP E 710 -14.26 -30.74 9.48
CA ASP E 710 -14.70 -32.08 9.83
C ASP E 710 -14.18 -32.46 11.21
N PHE E 711 -15.06 -33.02 12.05
CA PHE E 711 -14.70 -33.44 13.38
C PHE E 711 -14.71 -34.96 13.53
N ARG E 712 -14.54 -35.71 12.46
CA ARG E 712 -14.74 -37.15 12.52
C ARG E 712 -13.53 -37.91 12.98
N ASN E 713 -12.43 -37.24 13.31
CA ASN E 713 -11.32 -37.93 13.95
C ASN E 713 -10.70 -37.07 15.05
N THR E 714 -11.53 -36.47 15.88
CA THR E 714 -11.09 -35.75 17.07
C THR E 714 -11.73 -36.35 18.31
N ILE E 715 -11.38 -35.78 19.47
CA ILE E 715 -11.88 -36.25 20.75
C ILE E 715 -12.37 -35.05 21.55
N LEU E 716 -13.64 -35.04 21.89
CA LEU E 716 -14.20 -34.01 22.74
C LEU E 716 -14.02 -34.40 24.19
N ILE E 717 -13.95 -33.40 25.06
CA ILE E 717 -13.76 -33.60 26.50
C ILE E 717 -14.42 -32.45 27.22
N LEU E 718 -15.31 -32.76 28.16
CA LEU E 718 -16.07 -31.74 28.85
C LEU E 718 -15.84 -31.86 30.35
N THR E 719 -14.95 -31.02 30.87
CA THR E 719 -14.66 -31.00 32.29
C THR E 719 -15.80 -30.29 33.01
N SER E 720 -15.75 -30.33 34.34
CA SER E 720 -16.75 -29.67 35.16
C SER E 720 -16.29 -29.69 36.60
N ASN E 721 -16.77 -28.70 37.36
CA ASN E 721 -16.47 -28.60 38.78
C ASN E 721 -17.68 -28.93 39.65
N LEU E 722 -18.73 -29.48 39.07
CA LEU E 722 -19.83 -29.98 39.86
C LEU E 722 -19.36 -31.13 40.75
N GLY E 723 -20.18 -31.47 41.75
CA GLY E 723 -19.81 -32.52 42.66
C GLY E 723 -19.08 -31.97 43.86
N SER E 724 -19.61 -30.90 44.43
CA SER E 724 -19.00 -30.33 45.63
C SER E 724 -19.13 -31.29 46.81
N GLY E 725 -20.35 -31.63 47.18
CA GLY E 725 -20.58 -32.57 48.26
C GLY E 725 -21.01 -33.93 47.77
N GLY E 726 -21.70 -33.95 46.63
CA GLY E 726 -22.18 -35.21 46.08
C GLY E 726 -21.05 -36.18 45.82
N SER E 727 -21.13 -37.36 46.43
CA SER E 727 -20.12 -38.37 46.19
C SER E 727 -20.41 -39.14 44.91
N ALA E 728 -21.55 -39.84 44.86
CA ALA E 728 -22.03 -40.46 43.63
C ALA E 728 -23.54 -40.44 43.55
N GLU E 729 -24.23 -39.81 44.51
CA GLU E 729 -25.66 -39.98 44.67
C GLU E 729 -26.44 -38.79 44.10
N GLN E 730 -26.14 -37.58 44.57
CA GLN E 730 -26.83 -36.40 44.07
C GLN E 730 -26.06 -35.69 42.96
N VAL E 731 -24.79 -36.03 42.76
CA VAL E 731 -24.03 -35.40 41.70
C VAL E 731 -24.62 -35.77 40.34
N LEU E 732 -25.04 -37.02 40.17
CA LEU E 732 -25.62 -37.43 38.90
C LEU E 732 -27.02 -36.87 38.72
N ALA E 733 -27.78 -36.74 39.82
CA ALA E 733 -29.05 -36.03 39.73
C ALA E 733 -28.82 -34.58 39.28
N ALA E 734 -27.81 -33.93 39.83
CA ALA E 734 -27.52 -32.54 39.47
C ALA E 734 -27.13 -32.43 38.01
N VAL E 735 -26.26 -33.31 37.52
CA VAL E 735 -25.84 -33.25 36.12
C VAL E 735 -26.89 -33.78 35.17
N ARG E 736 -27.91 -34.47 35.67
CA ARG E 736 -29.04 -34.87 34.84
C ARG E 736 -30.12 -33.81 34.81
N ALA E 737 -30.14 -32.93 35.81
CA ALA E 737 -31.11 -31.85 35.85
C ALA E 737 -30.57 -30.53 35.33
N THR E 738 -29.25 -30.36 35.29
CA THR E 738 -28.64 -29.11 34.83
C THR E 738 -28.47 -29.09 33.32
N PHE E 739 -27.97 -30.19 32.74
CA PHE E 739 -27.82 -30.27 31.31
C PHE E 739 -29.07 -30.86 30.67
N LYS E 740 -29.17 -30.71 29.36
CA LYS E 740 -30.32 -31.23 28.64
C LYS E 740 -30.30 -32.75 28.66
N PRO E 741 -31.44 -33.39 28.92
CA PRO E 741 -31.41 -34.84 29.14
C PRO E 741 -31.10 -35.64 27.89
N GLU E 742 -31.58 -35.21 26.73
CA GLU E 742 -31.30 -35.92 25.50
C GLU E 742 -29.92 -35.60 24.93
N PHE E 743 -29.25 -34.57 25.44
CA PHE E 743 -27.86 -34.34 25.06
C PHE E 743 -26.97 -35.45 25.60
N ILE E 744 -27.06 -35.70 26.91
CA ILE E 744 -26.29 -36.76 27.54
C ILE E 744 -26.62 -38.14 27.00
N ASN E 745 -27.72 -38.29 26.28
CA ASN E 745 -27.99 -39.56 25.62
C ASN E 745 -26.96 -39.86 24.53
N ARG E 746 -26.41 -38.81 23.92
CA ARG E 746 -25.44 -38.98 22.84
C ARG E 746 -23.99 -39.05 23.33
N LEU E 747 -23.73 -38.71 24.58
CA LEU E 747 -22.37 -38.80 25.09
C LEU E 747 -21.97 -40.25 25.30
N ASP E 748 -20.70 -40.43 25.64
CA ASP E 748 -20.15 -41.70 26.09
C ASP E 748 -20.19 -41.73 27.62
N ASP E 749 -19.42 -42.62 28.23
CA ASP E 749 -19.34 -42.72 29.68
C ASP E 749 -19.11 -41.35 30.32
N VAL E 750 -19.63 -41.21 31.53
CA VAL E 750 -19.68 -39.90 32.21
C VAL E 750 -18.86 -40.03 33.49
N LEU E 751 -17.79 -40.82 33.42
CA LEU E 751 -17.04 -41.25 34.61
C LEU E 751 -16.72 -40.08 35.53
N ILE E 752 -16.66 -40.38 36.83
CA ILE E 752 -16.45 -39.38 37.88
C ILE E 752 -15.09 -39.63 38.50
N PHE E 753 -14.24 -38.61 38.49
CA PHE E 753 -12.95 -38.73 39.16
C PHE E 753 -13.14 -38.88 40.66
N GLU E 754 -12.38 -39.79 41.26
CA GLU E 754 -12.39 -39.99 42.70
C GLU E 754 -11.26 -39.20 43.34
N GLY E 755 -11.52 -38.66 44.52
CA GLY E 755 -10.55 -37.85 45.23
C GLY E 755 -9.20 -38.51 45.38
N LEU E 756 -8.16 -37.70 45.52
CA LEU E 756 -6.82 -38.24 45.76
C LEU E 756 -6.78 -38.91 47.13
N ASN E 757 -6.55 -40.22 47.12
CA ASN E 757 -6.38 -40.94 48.38
C ASN E 757 -5.28 -40.27 49.20
N PRO E 758 -5.57 -39.81 50.42
CA PRO E 758 -4.57 -39.09 51.21
C PRO E 758 -3.23 -39.82 51.33
N GLU E 759 -3.22 -41.14 51.15
CA GLU E 759 -1.95 -41.82 50.94
C GLU E 759 -1.46 -41.62 49.51
N GLU E 760 -2.36 -41.70 48.54
CA GLU E 760 -1.95 -41.60 47.14
C GLU E 760 -1.78 -40.14 46.73
N LEU E 761 -1.11 -39.37 47.58
CA LEU E 761 -0.38 -38.19 47.15
C LEU E 761 1.07 -38.53 46.88
N VAL E 762 1.52 -39.70 47.34
CA VAL E 762 2.90 -40.10 47.21
C VAL E 762 3.31 -40.28 45.76
N ARG E 763 2.48 -40.90 44.93
CA ARG E 763 2.89 -41.17 43.56
C ARG E 763 3.06 -39.88 42.76
N ILE E 764 2.12 -38.95 42.91
CA ILE E 764 2.21 -37.69 42.17
C ILE E 764 3.42 -36.90 42.62
N VAL E 765 3.65 -36.81 43.93
CA VAL E 765 4.78 -36.04 44.41
C VAL E 765 6.08 -36.74 44.02
N ASP E 766 6.06 -38.06 43.90
CA ASP E 766 7.27 -38.78 43.49
C ASP E 766 7.56 -38.54 42.01
N ILE E 767 6.53 -38.47 41.17
CA ILE E 767 6.73 -38.09 39.78
C ILE E 767 7.27 -36.67 39.70
N GLN E 768 6.65 -35.74 40.43
CA GLN E 768 7.15 -34.37 40.49
C GLN E 768 8.62 -34.33 40.92
N LEU E 769 8.99 -35.14 41.91
CA LEU E 769 10.34 -35.05 42.46
C LEU E 769 11.36 -35.71 41.55
N ALA E 770 11.01 -36.85 40.96
CA ALA E 770 11.88 -37.47 39.97
C ALA E 770 12.03 -36.60 38.73
N GLN E 771 10.99 -35.82 38.41
CA GLN E 771 11.12 -34.83 37.34
C GLN E 771 12.12 -33.75 37.73
N LEU E 772 11.86 -33.07 38.85
CA LEU E 772 12.76 -32.00 39.28
C LEU E 772 14.16 -32.52 39.59
N GLY E 773 14.35 -33.83 39.72
CA GLY E 773 15.70 -34.37 39.74
C GLY E 773 16.49 -34.05 38.50
N LYS E 774 15.82 -33.78 37.38
CA LYS E 774 16.49 -33.32 36.17
C LYS E 774 16.98 -31.88 36.29
N ARG E 775 16.34 -31.07 37.13
CA ARG E 775 16.62 -29.63 37.13
C ARG E 775 18.10 -29.35 37.29
N LEU E 776 18.67 -29.71 38.43
CA LEU E 776 20.08 -29.43 38.67
C LEU E 776 20.98 -30.56 38.21
N ALA E 777 20.78 -30.99 36.96
CA ALA E 777 21.74 -31.85 36.29
C ALA E 777 22.75 -31.05 35.48
N GLN E 778 22.48 -29.77 35.23
CA GLN E 778 23.46 -28.91 34.58
C GLN E 778 24.72 -28.79 35.41
N ARG E 779 24.60 -29.02 36.73
CA ARG E 779 25.74 -29.10 37.63
C ARG E 779 25.90 -30.50 38.22
N ARG E 780 25.01 -31.44 37.87
CA ARG E 780 25.09 -32.84 38.28
C ARG E 780 24.94 -33.01 39.79
N LEU E 781 24.43 -31.99 40.47
CA LEU E 781 24.20 -32.11 41.90
C LEU E 781 23.05 -33.07 42.15
N GLN E 782 23.25 -33.95 43.12
CA GLN E 782 22.27 -34.97 43.47
C GLN E 782 21.37 -34.47 44.61
N LEU E 783 20.23 -35.14 44.77
CA LEU E 783 19.18 -34.67 45.65
C LEU E 783 18.94 -35.70 46.76
N GLN E 784 18.59 -35.20 47.93
CA GLN E 784 18.20 -36.02 49.06
C GLN E 784 16.68 -36.08 49.14
N VAL E 785 16.17 -37.23 49.56
CA VAL E 785 14.76 -37.42 49.83
C VAL E 785 14.61 -37.96 51.25
N SER E 786 13.63 -37.44 51.97
CA SER E 786 13.30 -37.99 53.28
C SER E 786 11.77 -38.01 53.37
N LEU E 787 11.22 -39.21 53.47
CA LEU E 787 9.76 -39.38 53.43
C LEU E 787 9.01 -38.47 54.41
N PRO E 788 9.50 -38.19 55.62
CA PRO E 788 8.81 -37.17 56.43
C PRO E 788 8.79 -35.80 55.78
N ALA E 789 9.92 -35.35 55.23
CA ALA E 789 9.94 -34.06 54.56
C ALA E 789 9.00 -34.02 53.36
N LYS E 790 9.14 -34.99 52.45
CA LYS E 790 8.28 -35.01 51.28
C LYS E 790 6.81 -35.16 51.64
N ARG E 791 6.49 -35.90 52.70
CA ARG E 791 5.12 -35.95 53.18
C ARG E 791 4.70 -34.66 53.86
N TRP E 792 5.66 -33.88 54.36
CA TRP E 792 5.34 -32.60 54.96
C TRP E 792 4.88 -31.59 53.92
N LEU E 793 5.11 -31.88 52.64
CA LEU E 793 4.54 -31.05 51.57
C LEU E 793 3.03 -31.24 51.46
N ALA E 794 2.54 -32.42 51.81
CA ALA E 794 1.15 -32.75 51.58
C ALA E 794 0.21 -31.92 52.46
N GLN E 795 0.31 -32.09 53.77
CA GLN E 795 -0.64 -31.45 54.67
C GLN E 795 -0.59 -29.94 54.63
N ARG E 796 0.43 -29.35 54.01
CA ARG E 796 0.55 -27.90 53.92
C ARG E 796 0.47 -27.39 52.49
N GLY E 797 0.34 -28.28 51.51
CA GLY E 797 0.30 -27.83 50.13
C GLY E 797 -0.79 -28.44 49.28
N PHE E 798 -1.55 -29.39 49.84
CA PHE E 798 -2.62 -30.01 49.08
C PHE E 798 -3.69 -28.99 48.72
N ASP E 799 -4.33 -28.40 49.74
CA ASP E 799 -5.35 -27.37 49.56
C ASP E 799 -6.44 -27.86 48.63
N PRO E 800 -7.33 -28.74 49.10
CA PRO E 800 -8.35 -29.29 48.20
C PRO E 800 -9.44 -28.30 47.82
N VAL E 801 -9.05 -27.09 47.44
CA VAL E 801 -9.95 -26.16 46.78
C VAL E 801 -9.32 -25.85 45.44
N TYR E 802 -8.01 -26.08 45.35
CA TYR E 802 -7.27 -25.98 44.11
C TYR E 802 -6.58 -27.28 43.71
N GLY E 803 -7.05 -28.42 44.20
CA GLY E 803 -6.47 -29.69 43.81
C GLY E 803 -5.05 -29.90 44.28
N ALA E 804 -4.10 -29.85 43.36
CA ALA E 804 -2.68 -29.96 43.68
C ALA E 804 -1.86 -28.97 42.87
N ARG E 805 -2.48 -27.84 42.53
CA ARG E 805 -1.82 -26.86 41.67
C ARG E 805 -0.58 -26.23 42.29
N PRO E 806 -0.57 -25.80 43.55
CA PRO E 806 0.60 -25.06 44.04
C PRO E 806 1.85 -25.89 44.24
N LEU E 807 1.73 -27.22 44.32
CA LEU E 807 2.85 -28.07 44.72
C LEU E 807 4.02 -28.02 43.77
N ARG E 808 3.95 -27.26 42.69
CA ARG E 808 5.11 -27.08 41.83
C ARG E 808 5.89 -25.84 42.23
N ARG E 809 5.22 -24.70 42.32
CA ARG E 809 5.88 -23.49 42.80
C ARG E 809 6.35 -23.66 44.24
N LEU E 810 5.45 -24.17 45.10
CA LEU E 810 5.75 -24.47 46.49
C LEU E 810 7.14 -25.06 46.67
N VAL E 811 7.49 -26.06 45.87
CA VAL E 811 8.74 -26.78 46.05
C VAL E 811 9.86 -26.16 45.23
N GLN E 812 9.58 -25.69 44.01
CA GLN E 812 10.66 -25.16 43.19
C GLN E 812 11.21 -23.87 43.77
N GLN E 813 10.32 -22.93 44.16
CA GLN E 813 10.82 -21.71 44.76
C GLN E 813 11.57 -22.00 46.05
N ALA E 814 10.98 -22.81 46.92
CA ALA E 814 11.61 -23.14 48.20
C ALA E 814 13.01 -23.70 47.98
N ILE E 815 13.10 -24.87 47.35
CA ILE E 815 14.40 -25.52 47.20
C ILE E 815 15.35 -24.66 46.39
N GLY E 816 14.96 -24.31 45.15
CA GLY E 816 15.87 -23.58 44.29
C GLY E 816 16.34 -22.27 44.88
N ASP E 817 15.41 -21.37 45.20
CA ASP E 817 15.80 -20.04 45.66
C ASP E 817 16.12 -19.99 47.15
N GLN E 818 16.07 -21.12 47.85
CA GLN E 818 16.65 -21.19 49.19
C GLN E 818 18.07 -21.69 49.14
N LEU E 819 18.36 -22.62 48.24
CA LEU E 819 19.73 -23.02 47.97
C LEU E 819 20.48 -21.99 47.15
N ALA E 820 19.78 -21.06 46.51
CA ALA E 820 20.42 -20.07 45.65
C ALA E 820 21.56 -19.32 46.34
N LYS E 821 21.64 -19.40 47.67
CA LYS E 821 22.82 -18.88 48.37
C LYS E 821 23.96 -19.89 48.35
N MET E 822 23.68 -21.13 48.73
CA MET E 822 24.69 -22.18 48.73
C MET E 822 25.22 -22.49 47.34
N LEU E 823 24.32 -22.66 46.37
CA LEU E 823 24.70 -22.92 44.98
C LEU E 823 25.64 -21.86 44.42
N LEU E 824 25.84 -20.76 45.14
CA LEU E 824 26.74 -19.69 44.76
C LEU E 824 27.95 -19.60 45.66
N ALA E 825 27.81 -19.95 46.94
CA ALA E 825 28.91 -19.84 47.89
C ALA E 825 29.67 -21.15 48.04
N GLY E 826 28.98 -22.22 48.40
CA GLY E 826 29.57 -23.53 48.56
C GLY E 826 28.57 -24.54 49.07
N GLN E 827 28.97 -25.38 50.02
CA GLN E 827 28.13 -26.34 50.71
C GLN E 827 27.63 -27.45 49.79
N VAL E 828 27.95 -27.41 48.49
CA VAL E 828 27.40 -28.37 47.54
C VAL E 828 28.44 -28.65 46.47
N HIS E 829 28.44 -29.89 45.97
CA HIS E 829 29.09 -30.23 44.72
C HIS E 829 28.32 -31.41 44.10
N ASP E 830 28.79 -31.86 42.93
CA ASP E 830 28.02 -32.86 42.19
C ASP E 830 28.31 -34.26 42.68
N GLY E 831 28.39 -34.43 44.00
CA GLY E 831 28.37 -35.74 44.60
C GLY E 831 27.60 -35.63 45.89
N ASP E 832 27.13 -34.42 46.17
CA ASP E 832 26.43 -34.11 47.40
C ASP E 832 24.93 -34.23 47.18
N THR E 833 24.31 -35.16 47.90
CA THR E 833 22.87 -35.33 47.86
C THR E 833 22.13 -34.12 48.44
N VAL E 834 22.86 -33.14 48.97
CA VAL E 834 22.32 -31.92 49.56
C VAL E 834 21.25 -32.29 50.58
N PRO E 835 21.64 -32.83 51.74
CA PRO E 835 20.63 -33.28 52.71
C PRO E 835 19.80 -32.11 53.21
N VAL E 836 18.52 -32.11 52.83
CA VAL E 836 17.55 -31.15 53.31
C VAL E 836 16.55 -31.89 54.18
N ASN E 837 16.09 -31.23 55.23
CA ASN E 837 15.23 -31.89 56.20
C ASN E 837 14.24 -30.87 56.75
N VAL E 838 13.43 -31.33 57.69
CA VAL E 838 12.35 -30.53 58.26
C VAL E 838 12.88 -29.86 59.51
N SER E 839 13.08 -28.55 59.45
CA SER E 839 13.21 -27.78 60.67
C SER E 839 11.85 -27.76 61.37
N PRO E 840 11.82 -27.64 62.69
CA PRO E 840 10.54 -27.65 63.41
C PRO E 840 9.48 -26.70 62.84
N ASP E 841 9.91 -25.69 62.09
CA ASP E 841 8.99 -24.70 61.53
C ASP E 841 8.91 -24.78 60.00
N ALA E 842 10.06 -24.66 59.33
CA ALA E 842 10.10 -24.62 57.87
C ALA E 842 11.08 -25.65 57.32
N ASP E 843 11.36 -25.58 56.02
CA ASP E 843 12.20 -26.56 55.36
C ASP E 843 13.58 -25.98 55.15
N SER E 844 14.42 -26.08 56.18
CA SER E 844 15.83 -25.73 56.06
C SER E 844 16.59 -26.90 55.46
N LEU E 845 17.91 -26.81 55.41
CA LEU E 845 18.72 -27.93 54.98
C LEU E 845 19.07 -28.81 56.16
N GLN F 159 46.75 -34.39 -16.04
CA GLN F 159 48.05 -34.18 -15.41
C GLN F 159 48.47 -32.71 -15.48
N ALA F 160 47.66 -31.90 -16.14
CA ALA F 160 47.91 -30.46 -16.23
C ALA F 160 47.22 -29.67 -15.14
N LEU F 161 46.77 -30.32 -14.07
CA LEU F 161 46.22 -29.65 -12.91
C LEU F 161 47.16 -29.70 -11.71
N GLN F 162 48.34 -30.29 -11.88
CA GLN F 162 49.30 -30.38 -10.79
C GLN F 162 49.81 -29.01 -10.34
N LYS F 163 49.70 -28.00 -11.19
CA LYS F 163 50.06 -26.63 -10.83
C LYS F 163 48.88 -25.82 -10.31
N TYR F 164 47.74 -25.94 -10.97
CA TYR F 164 46.57 -25.13 -10.65
C TYR F 164 45.83 -25.62 -9.41
N SER F 165 46.17 -26.80 -8.92
CA SER F 165 45.52 -27.36 -7.75
C SER F 165 46.56 -28.05 -6.87
N THR F 166 46.29 -28.09 -5.56
CA THR F 166 47.16 -28.78 -4.63
C THR F 166 46.90 -30.28 -4.77
N ASP F 167 47.43 -31.07 -3.83
CA ASP F 167 47.18 -32.50 -3.86
C ASP F 167 46.95 -33.00 -2.44
N LEU F 168 46.13 -34.04 -2.32
CA LEU F 168 45.92 -34.71 -1.05
C LEU F 168 46.05 -36.22 -1.18
N THR F 169 46.36 -36.73 -2.38
CA THR F 169 46.79 -38.10 -2.55
C THR F 169 48.26 -38.29 -2.17
N ALA F 170 49.08 -37.26 -2.32
CA ALA F 170 50.50 -37.32 -1.99
C ALA F 170 50.82 -36.73 -0.62
N ARG F 171 50.14 -35.65 -0.23
CA ARG F 171 50.31 -35.12 1.12
C ARG F 171 49.92 -36.16 2.15
N ALA F 172 48.97 -37.03 1.82
CA ALA F 172 48.56 -38.07 2.76
C ALA F 172 49.58 -39.20 2.82
N ARG F 173 50.23 -39.52 1.69
CA ARG F 173 51.30 -40.50 1.71
C ARG F 173 52.52 -39.97 2.47
N GLU F 174 52.79 -38.67 2.35
CA GLU F 174 53.90 -38.08 3.08
C GLU F 174 53.57 -37.96 4.57
N GLY F 175 52.31 -37.73 4.88
CA GLY F 175 51.85 -37.86 6.25
C GLY F 175 51.45 -36.58 6.96
N LYS F 176 51.46 -35.45 6.26
CA LYS F 176 51.15 -34.18 6.91
C LYS F 176 49.67 -33.85 6.63
N LEU F 177 48.91 -33.69 7.71
CA LEU F 177 47.48 -33.36 7.67
C LEU F 177 47.10 -32.84 9.05
N ASP F 178 46.08 -31.98 9.09
CA ASP F 178 45.63 -31.42 10.35
C ASP F 178 44.99 -32.51 11.21
N PRO F 179 44.97 -32.33 12.53
CA PRO F 179 44.41 -33.36 13.41
C PRO F 179 42.92 -33.59 13.20
N VAL F 180 42.54 -34.77 12.75
CA VAL F 180 41.15 -35.12 12.52
C VAL F 180 40.77 -36.24 13.49
N ILE F 181 40.00 -35.89 14.51
CA ILE F 181 39.43 -36.86 15.45
C ILE F 181 37.92 -36.65 15.47
N GLY F 182 37.18 -37.74 15.56
CA GLY F 182 35.74 -37.69 15.45
C GLY F 182 35.30 -37.58 14.00
N ARG F 183 34.03 -37.27 13.84
CA ARG F 183 33.40 -37.08 12.52
C ARG F 183 33.50 -38.34 11.65
N ASP F 184 33.78 -39.49 12.25
CA ASP F 184 33.91 -40.72 11.48
C ASP F 184 32.56 -41.17 10.93
N ASN F 185 31.49 -40.96 11.70
CA ASN F 185 30.17 -41.21 11.15
C ASN F 185 29.87 -40.27 9.99
N GLU F 186 30.35 -39.03 10.05
CA GLU F 186 30.18 -38.13 8.93
C GLU F 186 30.93 -38.63 7.70
N ILE F 187 32.16 -39.09 7.87
CA ILE F 187 32.91 -39.67 6.76
C ILE F 187 32.15 -40.85 6.17
N ARG F 188 31.60 -41.70 7.05
CA ARG F 188 30.83 -42.84 6.58
C ARG F 188 29.62 -42.38 5.77
N ARG F 189 28.94 -41.33 6.24
CA ARG F 189 27.81 -40.81 5.50
C ARG F 189 28.24 -40.32 4.13
N VAL F 190 29.39 -39.64 4.05
CA VAL F 190 29.83 -39.08 2.77
C VAL F 190 30.17 -40.20 1.79
N VAL F 191 30.90 -41.21 2.25
CA VAL F 191 31.22 -42.30 1.34
C VAL F 191 29.97 -43.08 0.97
N GLN F 192 29.02 -43.19 1.90
CA GLN F 192 27.77 -43.89 1.61
C GLN F 192 26.99 -43.18 0.52
N VAL F 193 26.90 -41.84 0.61
CA VAL F 193 26.16 -41.12 -0.41
C VAL F 193 26.94 -41.09 -1.72
N LEU F 194 28.26 -41.19 -1.66
CA LEU F 194 29.02 -41.31 -2.89
C LEU F 194 28.78 -42.65 -3.58
N SER F 195 28.56 -43.71 -2.80
CA SER F 195 28.27 -45.02 -3.38
C SER F 195 26.77 -45.14 -3.60
N ARG F 196 26.27 -44.35 -4.54
CA ARG F 196 24.86 -44.35 -4.90
C ARG F 196 24.75 -44.23 -6.41
N ARG F 197 23.52 -44.20 -6.90
CA ARG F 197 23.30 -43.99 -8.33
C ARG F 197 22.88 -42.56 -8.65
N THR F 198 21.95 -42.00 -7.89
CA THR F 198 21.49 -40.63 -8.13
C THR F 198 21.57 -39.85 -6.83
N LYS F 199 21.61 -38.53 -6.97
CA LYS F 199 21.72 -37.62 -5.83
C LYS F 199 22.99 -37.89 -5.01
N ASN F 200 24.01 -38.43 -5.65
CA ASN F 200 25.28 -38.67 -4.97
C ASN F 200 26.03 -37.35 -4.86
N ASN F 201 27.32 -37.42 -4.56
CA ASN F 201 28.24 -36.27 -4.51
C ASN F 201 27.71 -35.18 -3.58
N PRO F 202 27.86 -35.36 -2.28
CA PRO F 202 27.18 -34.50 -1.31
C PRO F 202 27.70 -33.07 -1.24
N VAL F 203 27.13 -32.31 -0.30
CA VAL F 203 27.58 -30.96 0.01
C VAL F 203 27.47 -30.78 1.53
N LEU F 204 28.49 -30.16 2.13
CA LEU F 204 28.53 -30.00 3.57
C LEU F 204 27.85 -28.69 3.95
N ILE F 205 26.97 -28.72 4.94
CA ILE F 205 26.22 -27.55 5.36
C ILE F 205 26.49 -27.28 6.83
N GLY F 206 26.75 -26.02 7.17
CA GLY F 206 27.04 -25.64 8.55
C GLY F 206 27.30 -24.15 8.71
N GLU F 207 28.34 -23.80 9.44
CA GLU F 207 28.77 -22.43 9.66
C GLU F 207 30.28 -22.41 9.72
N PRO F 208 30.91 -21.26 9.50
CA PRO F 208 32.38 -21.21 9.48
C PRO F 208 32.98 -21.61 10.82
N GLY F 209 33.87 -22.59 10.76
CA GLY F 209 34.58 -23.07 11.92
C GLY F 209 34.00 -24.28 12.62
N VAL F 210 33.27 -25.14 11.90
CA VAL F 210 32.70 -26.36 12.44
C VAL F 210 33.63 -27.55 12.26
N GLY F 211 34.38 -27.56 11.16
CA GLY F 211 35.36 -28.60 10.97
C GLY F 211 35.09 -29.46 9.76
N LYS F 212 34.40 -28.92 8.76
CA LYS F 212 34.19 -29.68 7.53
C LYS F 212 35.46 -29.73 6.68
N THR F 213 36.27 -28.68 6.72
CA THR F 213 37.62 -28.76 6.18
C THR F 213 38.35 -29.96 6.79
N ALA F 214 38.32 -30.06 8.12
CA ALA F 214 38.91 -31.22 8.79
C ALA F 214 38.22 -32.52 8.38
N ILE F 215 36.91 -32.47 8.11
CA ILE F 215 36.20 -33.67 7.68
C ILE F 215 36.79 -34.20 6.39
N VAL F 216 36.94 -33.32 5.39
CA VAL F 216 37.48 -33.79 4.13
C VAL F 216 38.93 -34.20 4.29
N GLU F 217 39.67 -33.56 5.19
CA GLU F 217 41.07 -33.95 5.39
C GLU F 217 41.17 -35.34 5.98
N GLY F 218 40.36 -35.64 6.99
CA GLY F 218 40.34 -36.98 7.54
C GLY F 218 39.82 -38.00 6.55
N LEU F 219 38.86 -37.60 5.71
CA LEU F 219 38.44 -38.46 4.61
C LEU F 219 39.61 -38.83 3.73
N ALA F 220 40.46 -37.86 3.41
CA ALA F 220 41.61 -38.13 2.55
C ALA F 220 42.61 -39.06 3.24
N GLN F 221 42.86 -38.84 4.53
CA GLN F 221 43.77 -39.73 5.25
C GLN F 221 43.24 -41.15 5.30
N ARG F 222 41.95 -41.31 5.61
CA ARG F 222 41.34 -42.63 5.60
C ARG F 222 41.40 -43.25 4.21
N ILE F 223 41.28 -42.41 3.18
CA ILE F 223 41.38 -42.90 1.81
C ILE F 223 42.74 -43.50 1.55
N VAL F 224 43.80 -42.77 1.92
CA VAL F 224 45.15 -43.26 1.65
C VAL F 224 45.45 -44.47 2.52
N ALA F 225 44.80 -44.58 3.69
CA ALA F 225 45.00 -45.76 4.51
C ALA F 225 44.33 -46.99 3.90
N GLY F 226 43.05 -46.87 3.57
CA GLY F 226 42.29 -47.94 2.95
C GLY F 226 41.23 -48.52 3.85
N ASP F 227 40.00 -48.00 3.72
CA ASP F 227 38.83 -48.50 4.45
C ASP F 227 37.60 -48.49 3.56
N VAL F 228 37.77 -48.73 2.27
CA VAL F 228 36.82 -48.29 1.25
C VAL F 228 36.08 -49.47 0.63
N PRO F 229 35.02 -49.22 -0.14
CA PRO F 229 34.44 -50.28 -0.98
C PRO F 229 35.26 -50.54 -2.24
N GLU F 230 34.73 -51.37 -3.14
CA GLU F 230 35.46 -51.72 -4.35
C GLU F 230 35.56 -50.55 -5.31
N SER F 231 34.54 -49.70 -5.40
CA SER F 231 34.52 -48.61 -6.37
C SER F 231 35.42 -47.46 -5.98
N LEU F 232 36.29 -47.64 -4.99
CA LEU F 232 37.05 -46.55 -4.38
C LEU F 232 38.54 -46.91 -4.37
N ARG F 233 39.07 -47.27 -5.53
CA ARG F 233 40.48 -47.64 -5.65
C ARG F 233 41.36 -46.42 -5.45
N ASP F 234 41.35 -45.90 -4.23
CA ASP F 234 42.13 -44.77 -3.72
C ASP F 234 41.65 -43.42 -4.24
N LYS F 235 40.86 -43.44 -5.31
CA LYS F 235 39.98 -42.34 -5.73
C LYS F 235 40.69 -41.00 -5.89
N THR F 236 41.98 -40.95 -5.57
CA THR F 236 42.86 -39.80 -5.80
C THR F 236 42.12 -38.47 -5.72
N ILE F 237 41.42 -38.28 -4.60
CA ILE F 237 40.62 -37.06 -4.46
C ILE F 237 41.54 -35.84 -4.47
N VAL F 238 41.13 -34.83 -5.22
CA VAL F 238 41.89 -33.59 -5.35
C VAL F 238 40.96 -32.43 -5.05
N ALA F 239 41.53 -31.23 -5.03
CA ALA F 239 40.75 -30.01 -4.91
C ALA F 239 40.86 -29.19 -6.18
N LEU F 240 40.02 -28.17 -6.31
CA LEU F 240 40.16 -27.18 -7.36
C LEU F 240 40.45 -25.83 -6.72
N ASP F 241 41.72 -25.43 -6.77
CA ASP F 241 42.21 -24.29 -5.99
C ASP F 241 41.48 -23.03 -6.41
N LEU F 242 40.66 -22.51 -5.50
CA LEU F 242 40.09 -21.19 -5.69
C LEU F 242 41.09 -20.08 -5.39
N GLY F 243 42.35 -20.44 -5.15
CA GLY F 243 43.42 -19.47 -5.13
C GLY F 243 44.14 -19.48 -6.46
N SER F 244 43.42 -19.83 -7.53
CA SER F 244 43.97 -19.91 -8.87
C SER F 244 43.30 -18.95 -9.83
N MET F 245 42.80 -17.82 -9.34
CA MET F 245 42.09 -16.87 -10.18
C MET F 245 42.61 -15.45 -9.97
N PHE F 255 40.15 -15.72 -19.01
CA PHE F 255 39.95 -16.47 -17.78
C PHE F 255 39.19 -17.76 -18.06
N GLU F 256 38.05 -17.63 -18.73
CA GLU F 256 37.23 -18.77 -19.09
C GLU F 256 37.87 -19.66 -20.15
N GLU F 257 38.98 -19.22 -20.75
CA GLU F 257 39.73 -20.03 -21.69
C GLU F 257 40.62 -21.04 -21.01
N ARG F 258 41.03 -20.78 -19.76
CA ARG F 258 41.84 -21.70 -18.98
C ARG F 258 41.02 -22.81 -18.36
N LEU F 259 39.75 -22.55 -18.06
CA LEU F 259 38.95 -23.53 -17.35
C LEU F 259 38.65 -24.74 -18.22
N LYS F 260 38.67 -24.59 -19.54
CA LYS F 260 38.63 -25.77 -20.40
C LYS F 260 39.87 -26.62 -20.21
N ALA F 261 41.04 -25.98 -20.09
CA ALA F 261 42.26 -26.70 -19.83
C ALA F 261 42.24 -27.39 -18.48
N VAL F 262 41.57 -26.79 -17.50
CA VAL F 262 41.47 -27.41 -16.18
C VAL F 262 40.48 -28.57 -16.20
N LEU F 263 39.32 -28.37 -16.81
CA LEU F 263 38.26 -29.36 -16.85
C LEU F 263 38.57 -30.54 -17.75
N ASP F 264 39.40 -30.37 -18.76
CA ASP F 264 39.65 -31.46 -19.71
C ASP F 264 40.37 -32.63 -19.04
N ASP F 265 41.29 -32.35 -18.14
CA ASP F 265 41.96 -33.41 -17.40
C ASP F 265 40.98 -34.30 -16.62
N ILE F 266 40.04 -33.70 -15.89
CA ILE F 266 39.07 -34.49 -15.16
C ILE F 266 38.10 -35.15 -16.13
N LYS F 267 37.80 -34.48 -17.24
CA LYS F 267 36.84 -35.00 -18.20
C LYS F 267 37.34 -36.29 -18.83
N ASN F 268 38.62 -36.31 -19.22
CA ASN F 268 39.18 -37.52 -19.82
C ASN F 268 39.31 -38.65 -18.82
N SER F 269 39.38 -38.33 -17.54
CA SER F 269 39.51 -39.36 -16.52
C SER F 269 38.19 -40.12 -16.36
N ALA F 270 38.30 -41.29 -15.73
CA ALA F 270 37.16 -42.17 -15.48
C ALA F 270 36.62 -42.00 -14.07
N GLY F 271 36.64 -40.78 -13.56
CA GLY F 271 36.15 -40.53 -12.22
C GLY F 271 37.08 -40.99 -11.13
N GLN F 272 38.38 -40.78 -11.31
CA GLN F 272 39.36 -41.13 -10.29
C GLN F 272 40.07 -39.92 -9.70
N ILE F 273 39.78 -38.73 -10.19
CA ILE F 273 40.50 -37.53 -9.75
C ILE F 273 39.49 -36.54 -9.18
N ILE F 274 38.43 -37.07 -8.55
CA ILE F 274 37.27 -36.25 -8.18
C ILE F 274 37.71 -35.04 -7.39
N THR F 275 36.97 -33.94 -7.54
CA THR F 275 37.36 -32.64 -7.01
C THR F 275 36.57 -32.29 -5.76
N PHE F 276 37.05 -31.27 -5.05
CA PHE F 276 36.38 -30.72 -3.87
C PHE F 276 36.35 -29.21 -4.01
N ILE F 277 35.23 -28.67 -4.46
CA ILE F 277 35.10 -27.23 -4.65
C ILE F 277 34.83 -26.63 -3.29
N ASP F 278 35.90 -26.26 -2.59
CA ASP F 278 35.76 -25.55 -1.33
C ASP F 278 35.07 -24.22 -1.58
N GLU F 279 33.92 -24.03 -0.93
CA GLU F 279 33.16 -22.79 -1.05
C GLU F 279 32.69 -22.56 -2.49
N LEU F 280 31.87 -23.49 -2.98
CA LEU F 280 31.26 -23.36 -4.31
C LEU F 280 30.02 -22.47 -4.30
N HIS F 281 29.58 -22.03 -3.11
CA HIS F 281 28.42 -21.15 -2.96
C HIS F 281 28.42 -19.98 -3.94
N THR F 282 29.59 -19.52 -4.37
CA THR F 282 29.70 -18.43 -5.33
C THR F 282 29.89 -18.94 -6.76
N ILE F 283 30.40 -20.16 -6.92
CA ILE F 283 30.55 -20.73 -8.27
C ILE F 283 29.19 -20.83 -8.95
N VAL F 284 28.14 -21.04 -8.17
CA VAL F 284 26.79 -21.12 -8.71
C VAL F 284 25.85 -20.24 -7.89
N ASN F 298 26.40 -23.27 -16.51
CA ASN F 298 26.96 -22.82 -17.77
C ASN F 298 28.10 -23.72 -18.20
N MET F 299 29.11 -23.83 -17.33
CA MET F 299 30.27 -24.66 -17.60
C MET F 299 30.31 -25.93 -16.77
N ILE F 300 30.01 -25.86 -15.48
CA ILE F 300 30.00 -27.04 -14.63
C ILE F 300 28.66 -27.76 -14.64
N LYS F 301 27.57 -27.06 -14.91
CA LYS F 301 26.26 -27.72 -14.91
C LYS F 301 26.09 -28.73 -16.04
N PRO F 302 26.38 -28.41 -17.31
CA PRO F 302 26.29 -29.47 -18.33
C PRO F 302 27.30 -30.59 -18.12
N MET F 303 28.48 -30.25 -17.62
CA MET F 303 29.44 -31.29 -17.27
C MET F 303 29.06 -32.02 -15.99
N LEU F 304 27.98 -31.61 -15.34
CA LEU F 304 27.45 -32.38 -14.22
C LEU F 304 26.27 -33.24 -14.65
N ALA F 305 25.50 -32.77 -15.62
CA ALA F 305 24.35 -33.51 -16.12
C ALA F 305 24.74 -34.79 -16.86
N ARG F 306 26.00 -34.93 -17.25
CA ARG F 306 26.47 -36.19 -17.81
C ARG F 306 27.01 -37.11 -16.73
N GLY F 307 27.35 -36.59 -15.56
CA GLY F 307 27.77 -37.41 -14.44
C GLY F 307 29.18 -37.94 -14.54
N GLU F 308 30.17 -37.04 -14.50
CA GLU F 308 31.57 -37.44 -14.57
C GLU F 308 32.43 -36.94 -13.41
N LEU F 309 32.08 -35.83 -12.79
CA LEU F 309 32.83 -35.34 -11.64
C LEU F 309 31.94 -35.37 -10.40
N ARG F 310 32.56 -35.60 -9.25
CA ARG F 310 31.85 -35.64 -7.98
C ARG F 310 31.59 -34.23 -7.43
N LEU F 311 32.61 -33.38 -7.37
CA LEU F 311 32.43 -32.00 -6.99
C LEU F 311 31.82 -31.91 -5.59
N VAL F 312 32.61 -32.36 -4.61
CA VAL F 312 32.17 -32.35 -3.22
C VAL F 312 32.05 -30.93 -2.74
N GLY F 313 30.90 -30.59 -2.15
CA GLY F 313 30.62 -29.23 -1.74
C GLY F 313 30.69 -29.06 -0.23
N ALA F 314 30.88 -27.80 0.18
CA ALA F 314 30.89 -27.44 1.59
C ALA F 314 30.63 -25.95 1.70
N THR F 315 29.44 -25.57 2.18
CA THR F 315 29.07 -24.16 2.35
C THR F 315 28.35 -24.00 3.68
N THR F 316 27.68 -22.87 3.84
CA THR F 316 26.84 -22.59 4.99
C THR F 316 25.37 -22.62 4.59
N LEU F 317 24.51 -22.72 5.60
CA LEU F 317 23.11 -23.04 5.37
C LEU F 317 22.36 -21.88 4.74
N ASP F 318 22.59 -20.66 5.22
CA ASP F 318 21.85 -19.51 4.68
C ASP F 318 22.26 -19.22 3.24
N GLU F 319 23.56 -19.20 2.96
CA GLU F 319 24.00 -19.06 1.57
C GLU F 319 23.51 -20.21 0.70
N TYR F 320 23.42 -21.42 1.26
CA TYR F 320 22.84 -22.53 0.52
C TYR F 320 21.41 -22.22 0.12
N ARG F 321 20.59 -21.84 1.11
CA ARG F 321 19.18 -21.56 0.84
C ARG F 321 19.02 -20.42 -0.16
N LYS F 322 19.92 -19.44 -0.12
CA LYS F 322 19.84 -18.34 -1.07
C LYS F 322 20.22 -18.78 -2.48
N HIS F 323 21.37 -19.46 -2.62
CA HIS F 323 21.87 -19.78 -3.95
C HIS F 323 21.18 -21.01 -4.53
N ILE F 324 21.34 -22.15 -3.87
CA ILE F 324 21.06 -23.44 -4.50
C ILE F 324 19.97 -24.21 -3.77
N GLU F 325 19.01 -23.50 -3.19
CA GLU F 325 17.83 -24.15 -2.67
C GLU F 325 16.64 -24.04 -3.60
N LYS F 326 16.49 -22.92 -4.28
CA LYS F 326 15.34 -22.69 -5.15
C LYS F 326 15.55 -23.21 -6.56
N ASP F 327 16.79 -23.53 -6.92
CA ASP F 327 17.10 -24.01 -8.27
C ASP F 327 17.13 -25.53 -8.23
N ALA F 328 16.00 -26.15 -8.55
CA ALA F 328 15.90 -27.61 -8.62
C ALA F 328 16.57 -28.18 -9.85
N ALA F 329 17.08 -27.34 -10.75
CA ALA F 329 17.79 -27.83 -11.94
C ALA F 329 19.07 -28.53 -11.54
N LEU F 330 19.64 -28.16 -10.39
CA LEU F 330 20.89 -28.75 -9.92
C LEU F 330 20.73 -29.45 -8.58
N GLU F 331 19.55 -29.37 -7.97
CA GLU F 331 19.34 -29.97 -6.66
C GLU F 331 19.08 -31.47 -6.76
N ARG F 332 19.06 -32.03 -7.97
CA ARG F 332 18.97 -33.46 -8.15
C ARG F 332 20.33 -34.16 -8.10
N ARG F 333 21.41 -33.41 -7.88
CA ARG F 333 22.75 -33.97 -7.76
C ARG F 333 23.50 -33.41 -6.57
N PHE F 334 22.80 -33.05 -5.51
CA PHE F 334 23.43 -32.48 -4.32
C PHE F 334 22.63 -32.93 -3.10
N GLN F 335 23.23 -33.77 -2.27
CA GLN F 335 22.60 -34.21 -1.01
C GLN F 335 23.30 -33.53 0.14
N GLN F 336 22.62 -32.59 0.79
CA GLN F 336 23.25 -31.83 1.86
C GLN F 336 23.54 -32.74 3.04
N VAL F 337 24.72 -32.56 3.63
CA VAL F 337 25.16 -33.34 4.78
C VAL F 337 25.34 -32.34 5.91
N TYR F 338 24.48 -32.43 6.92
CA TYR F 338 24.54 -31.55 8.07
C TYR F 338 25.70 -31.96 8.97
N VAL F 339 26.32 -30.99 9.64
CA VAL F 339 27.36 -31.24 10.63
C VAL F 339 27.11 -30.34 11.83
N GLY F 340 27.40 -30.84 13.02
CA GLY F 340 27.34 -30.02 14.22
C GLY F 340 28.71 -29.65 14.74
N GLU F 341 28.78 -28.64 15.59
CA GLU F 341 30.07 -28.22 16.11
C GLU F 341 30.60 -29.08 17.26
N PRO F 342 29.83 -29.31 18.32
CA PRO F 342 30.45 -29.64 19.61
C PRO F 342 30.94 -31.07 19.69
N SER F 343 32.19 -31.21 20.12
CA SER F 343 32.76 -32.51 20.43
C SER F 343 33.64 -32.41 21.66
N VAL F 344 33.14 -31.74 22.71
CA VAL F 344 33.93 -31.13 23.78
C VAL F 344 35.13 -31.97 24.20
N GLU F 345 34.89 -33.26 24.48
CA GLU F 345 35.94 -34.14 24.95
C GLU F 345 37.02 -34.35 23.89
N ASP F 346 36.71 -34.10 22.62
CA ASP F 346 37.71 -34.14 21.57
C ASP F 346 38.11 -32.76 21.09
N THR F 347 37.30 -31.73 21.34
CA THR F 347 37.78 -30.37 21.19
C THR F 347 39.00 -30.15 22.07
N ILE F 348 39.00 -30.73 23.27
CA ILE F 348 40.19 -30.60 24.10
C ILE F 348 41.37 -31.34 23.47
N GLY F 349 41.12 -32.48 22.81
CA GLY F 349 42.20 -33.16 22.11
C GLY F 349 42.70 -32.36 20.93
N ILE F 350 41.81 -31.61 20.28
CA ILE F 350 42.22 -30.75 19.18
C ILE F 350 43.07 -29.60 19.69
N LEU F 351 42.64 -28.97 20.78
CA LEU F 351 43.48 -27.99 21.46
C LEU F 351 44.86 -28.57 21.74
N ARG F 352 44.90 -29.83 22.20
CA ARG F 352 46.18 -30.49 22.43
C ARG F 352 46.99 -30.60 21.15
N GLY F 353 46.36 -31.12 20.08
CA GLY F 353 47.02 -31.22 18.80
C GLY F 353 47.45 -29.89 18.23
N LEU F 354 46.95 -28.79 18.80
CA LEU F 354 47.40 -27.45 18.44
C LEU F 354 48.17 -26.76 19.55
N LYS F 355 48.09 -27.27 20.79
CA LYS F 355 48.81 -26.66 21.89
C LYS F 355 50.30 -26.53 21.60
N ASP F 356 50.86 -27.48 20.88
CA ASP F 356 52.27 -27.40 20.54
C ASP F 356 52.60 -26.20 19.73
N ARG F 357 51.72 -25.86 18.79
CA ARG F 357 51.98 -24.80 17.83
C ARG F 357 51.68 -23.42 18.36
N TYR F 358 51.02 -23.31 19.51
CA TYR F 358 50.75 -21.98 20.06
C TYR F 358 51.72 -21.63 21.17
N GLU F 359 52.48 -22.61 21.66
CA GLU F 359 53.48 -22.33 22.68
C GLU F 359 54.80 -21.86 22.08
N VAL F 360 54.92 -21.82 20.76
CA VAL F 360 56.21 -21.49 20.17
C VAL F 360 56.40 -19.98 20.08
N HIS F 361 55.47 -19.27 19.43
CA HIS F 361 55.55 -17.81 19.40
C HIS F 361 55.42 -17.25 20.80
N HIS F 362 54.27 -17.46 21.43
CA HIS F 362 54.10 -17.03 22.80
C HIS F 362 54.95 -17.90 23.72
N GLY F 363 55.88 -17.27 24.42
CA GLY F 363 56.69 -17.99 25.37
C GLY F 363 55.91 -18.30 26.63
N VAL F 364 54.81 -19.03 26.48
CA VAL F 364 53.90 -19.30 27.59
C VAL F 364 53.60 -20.79 27.64
N ARG F 365 53.02 -21.21 28.77
CA ARG F 365 52.55 -22.58 28.95
C ARG F 365 51.03 -22.58 28.93
N ILE F 366 50.47 -23.36 28.02
CA ILE F 366 49.02 -23.50 27.87
C ILE F 366 48.62 -24.77 28.60
N THR F 367 48.10 -24.62 29.83
CA THR F 367 47.85 -25.77 30.68
C THR F 367 46.53 -26.45 30.35
N ASP F 368 46.46 -27.73 30.70
CA ASP F 368 45.21 -28.48 30.58
C ASP F 368 44.08 -27.86 31.37
N SER F 369 44.37 -27.18 32.48
CA SER F 369 43.33 -26.44 33.17
C SER F 369 42.70 -25.42 32.24
N ALA F 370 43.53 -24.68 31.50
CA ALA F 370 43.00 -23.72 30.54
C ALA F 370 42.26 -24.41 29.41
N LEU F 371 42.83 -25.51 28.89
CA LEU F 371 42.14 -26.27 27.84
C LEU F 371 40.73 -26.64 28.28
N VAL F 372 40.60 -27.24 29.46
CA VAL F 372 39.31 -27.76 29.90
C VAL F 372 38.37 -26.64 30.35
N ALA F 373 38.92 -25.51 30.79
CA ALA F 373 38.05 -24.39 31.16
C ALA F 373 37.48 -23.72 29.92
N ALA F 374 38.34 -23.37 28.96
CA ALA F 374 37.87 -22.78 27.71
C ALA F 374 36.97 -23.73 26.93
N ALA F 375 37.25 -25.02 26.96
CA ALA F 375 36.37 -26.00 26.34
C ALA F 375 35.01 -26.06 27.02
N THR F 376 34.90 -25.53 28.23
CA THR F 376 33.68 -25.67 29.02
C THR F 376 33.00 -24.35 29.35
N LEU F 377 33.69 -23.22 29.21
CA LEU F 377 33.08 -21.99 29.69
C LEU F 377 32.53 -21.13 28.57
N SER F 378 33.34 -20.77 27.57
CA SER F 378 32.89 -19.89 26.51
C SER F 378 31.81 -20.51 25.62
N ASP F 379 31.44 -21.76 25.87
CA ASP F 379 30.48 -22.43 25.01
C ASP F 379 29.08 -21.82 25.15
N ARG F 380 28.53 -21.81 26.36
CA ARG F 380 27.20 -21.28 26.57
C ARG F 380 27.18 -19.76 26.61
N TYR F 381 28.29 -19.14 27.03
CA TYR F 381 28.29 -17.70 27.28
C TYR F 381 28.55 -16.90 26.02
N ILE F 382 29.67 -17.15 25.34
CA ILE F 382 30.01 -16.41 24.13
C ILE F 382 29.34 -17.14 22.97
N THR F 383 28.04 -16.89 22.82
CA THR F 383 27.26 -17.54 21.78
C THR F 383 27.08 -16.61 20.58
N ALA F 384 28.21 -16.28 19.98
CA ALA F 384 28.21 -15.59 18.69
C ALA F 384 28.97 -16.39 17.63
N ARG F 385 30.10 -16.95 18.00
CA ARG F 385 30.83 -17.88 17.16
C ARG F 385 30.68 -19.29 17.71
N PHE F 386 31.40 -20.23 17.11
CA PHE F 386 31.20 -21.64 17.36
C PHE F 386 32.44 -22.27 17.98
N LEU F 387 32.21 -23.33 18.76
CA LEU F 387 33.26 -23.91 19.58
C LEU F 387 34.54 -24.24 18.80
N PRO F 388 34.50 -24.98 17.70
CA PRO F 388 35.75 -25.54 17.16
C PRO F 388 36.77 -24.51 16.71
N ASP F 389 36.42 -23.23 16.62
CA ASP F 389 37.45 -22.21 16.49
C ASP F 389 37.38 -21.12 17.54
N LYS F 390 36.22 -20.94 18.19
CA LYS F 390 36.18 -19.93 19.25
C LYS F 390 36.95 -20.41 20.48
N ALA F 391 36.89 -21.72 20.77
CA ALA F 391 37.75 -22.27 21.80
C ALA F 391 39.21 -22.19 21.41
N ILE F 392 39.49 -21.99 20.12
CA ILE F 392 40.86 -21.77 19.67
C ILE F 392 41.26 -20.31 19.87
N ASP F 393 40.39 -19.38 19.47
CA ASP F 393 40.74 -17.98 19.56
C ASP F 393 40.82 -17.52 21.01
N LEU F 394 40.03 -18.11 21.90
CA LEU F 394 40.17 -17.75 23.30
C LEU F 394 41.57 -18.07 23.81
N VAL F 395 42.08 -19.26 23.50
CA VAL F 395 43.41 -19.59 23.99
C VAL F 395 44.47 -18.78 23.28
N ASP F 396 44.28 -18.47 21.99
CA ASP F 396 45.26 -17.65 21.30
C ASP F 396 45.35 -16.26 21.91
N GLU F 397 44.20 -15.62 22.16
CA GLU F 397 44.22 -14.29 22.74
C GLU F 397 44.69 -14.32 24.19
N ALA F 398 44.35 -15.35 24.95
CA ALA F 398 44.91 -15.46 26.30
C ALA F 398 46.41 -15.56 26.26
N ALA F 399 46.95 -16.33 25.32
CA ALA F 399 48.40 -16.43 25.18
C ALA F 399 49.02 -15.08 24.86
N SER F 400 48.43 -14.35 23.90
CA SER F 400 48.99 -13.05 23.53
C SER F 400 48.91 -12.06 24.68
N ARG F 401 47.80 -12.06 25.41
CA ARG F 401 47.64 -11.15 26.54
C ARG F 401 48.67 -11.45 27.64
N LEU F 402 48.87 -12.74 27.93
CA LEU F 402 49.88 -13.09 28.93
C LEU F 402 51.27 -12.71 28.46
N ARG F 403 51.61 -13.00 27.20
CA ARG F 403 52.92 -12.65 26.68
C ARG F 403 53.16 -11.16 26.77
N MET F 404 52.11 -10.37 26.56
CA MET F 404 52.23 -8.92 26.73
C MET F 404 52.51 -8.57 28.18
N GLU F 405 51.71 -9.11 29.10
CA GLU F 405 51.88 -8.70 30.49
C GLU F 405 53.15 -9.26 31.12
N ILE F 406 53.82 -10.23 30.48
CA ILE F 406 55.11 -10.69 30.99
C ILE F 406 56.13 -9.56 30.96
N ASP F 407 56.00 -8.63 30.01
CA ASP F 407 56.74 -7.38 30.09
C ASP F 407 56.50 -6.74 31.46
N SER F 408 57.52 -6.07 31.98
CA SER F 408 57.66 -5.78 33.41
C SER F 408 56.35 -5.43 34.10
N ARG F 409 55.67 -4.40 33.65
CA ARG F 409 54.46 -4.05 34.38
C ARG F 409 53.26 -4.70 33.71
N PRO F 410 52.51 -5.53 34.43
CA PRO F 410 51.36 -6.22 33.83
C PRO F 410 50.09 -5.37 33.86
N VAL F 411 48.99 -5.99 33.45
CA VAL F 411 47.66 -5.37 33.54
C VAL F 411 47.40 -5.06 35.01
N GLU F 412 46.55 -4.07 35.27
CA GLU F 412 46.14 -3.58 36.59
C GLU F 412 47.34 -3.14 37.41
N ILE F 413 48.51 -3.10 36.78
CA ILE F 413 49.69 -2.45 37.32
C ILE F 413 50.07 -1.39 36.29
N ASP F 414 49.55 -1.57 35.07
CA ASP F 414 49.68 -0.59 34.01
C ASP F 414 48.45 0.30 33.90
N GLU F 415 47.46 0.11 34.75
CA GLU F 415 46.19 0.83 34.64
C GLU F 415 46.06 1.95 35.65
N VAL F 416 46.18 1.66 36.94
CA VAL F 416 46.04 2.72 37.93
C VAL F 416 47.21 3.69 37.84
N GLU F 417 48.36 3.22 37.37
CA GLU F 417 49.47 4.14 37.16
C GLU F 417 49.17 5.15 36.06
N ARG F 418 48.62 4.70 34.94
CA ARG F 418 48.20 5.61 33.88
C ARG F 418 47.04 6.48 34.30
N LEU F 419 46.25 6.03 35.26
CA LEU F 419 45.16 6.83 35.81
C LEU F 419 45.68 7.91 36.74
N VAL F 420 46.59 7.55 37.66
CA VAL F 420 47.04 8.51 38.66
C VAL F 420 47.95 9.55 38.03
N ARG F 421 48.71 9.17 37.01
CA ARG F 421 49.54 10.13 36.32
C ARG F 421 48.66 11.18 35.63
N ARG F 422 47.65 10.71 34.90
CA ARG F 422 46.73 11.63 34.24
C ARG F 422 45.98 12.48 35.27
N LEU F 423 45.51 11.85 36.34
CA LEU F 423 44.75 12.57 37.37
C LEU F 423 45.56 13.73 37.93
N GLU F 424 46.85 13.50 38.20
CA GLU F 424 47.68 14.56 38.75
C GLU F 424 47.69 15.77 37.83
N ILE F 425 47.97 15.57 36.54
CA ILE F 425 48.00 16.68 35.60
C ILE F 425 46.68 17.42 35.58
N GLU F 426 45.59 16.74 35.91
CA GLU F 426 44.30 17.43 36.02
C GLU F 426 44.24 18.26 37.28
N GLU F 427 45.11 18.00 38.26
CA GLU F 427 45.10 18.81 39.47
C GLU F 427 46.03 20.00 39.37
N MET F 428 47.18 19.84 38.73
CA MET F 428 48.16 20.92 38.61
C MET F 428 47.71 21.99 37.63
N ALA F 429 46.54 21.84 37.04
CA ALA F 429 46.02 22.82 36.10
C ALA F 429 44.78 23.50 36.68
N LEU F 430 44.35 23.04 37.85
CA LEU F 430 43.19 23.61 38.51
C LEU F 430 43.53 24.54 39.66
N SER F 431 44.73 24.44 40.24
CA SER F 431 45.14 25.40 41.26
C SER F 431 45.16 26.82 40.70
N LYS F 432 45.67 26.97 39.48
CA LYS F 432 45.73 28.28 38.83
C LYS F 432 44.39 28.63 38.17
N GLU F 433 43.32 28.54 38.94
CA GLU F 433 41.97 28.84 38.48
C GLU F 433 41.37 29.84 39.45
N GLU F 434 41.17 31.07 38.99
CA GLU F 434 40.65 32.13 39.84
C GLU F 434 39.13 32.05 39.93
N ASP F 435 38.61 30.87 40.24
CA ASP F 435 37.17 30.65 40.32
C ASP F 435 36.83 29.98 41.64
N GLU F 436 35.60 30.25 42.09
CA GLU F 436 35.10 29.67 43.31
C GLU F 436 34.21 28.47 42.97
N ALA F 437 33.66 28.47 41.76
CA ALA F 437 32.80 27.37 41.36
C ALA F 437 33.59 26.13 40.99
N SER F 438 34.87 26.30 40.62
CA SER F 438 35.72 25.16 40.31
C SER F 438 36.51 24.69 41.52
N ALA F 439 36.41 25.39 42.65
CA ALA F 439 37.04 24.89 43.87
C ALA F 439 36.45 23.58 44.31
N GLU F 440 35.13 23.46 44.26
CA GLU F 440 34.45 22.21 44.61
C GLU F 440 34.78 21.08 43.65
N ARG F 441 35.21 21.40 42.43
CA ARG F 441 35.74 20.39 41.54
C ARG F 441 37.22 20.14 41.79
N LEU F 442 37.93 21.14 42.30
CA LEU F 442 39.29 20.94 42.79
C LEU F 442 39.32 20.21 44.12
N ALA F 443 38.31 20.42 44.96
CA ALA F 443 38.23 19.76 46.26
C ALA F 443 37.81 18.30 46.17
N LYS F 444 37.46 17.80 44.99
CA LYS F 444 37.12 16.40 44.83
C LYS F 444 38.11 15.64 43.97
N LEU F 445 38.56 16.23 42.87
CA LEU F 445 39.59 15.59 42.06
C LEU F 445 40.82 15.27 42.89
N ARG F 446 41.14 16.16 43.84
CA ARG F 446 42.22 15.87 44.78
C ARG F 446 41.94 14.58 45.54
N SER F 447 40.72 14.43 46.06
CA SER F 447 40.39 13.29 46.91
C SER F 447 40.50 11.99 46.15
N GLU F 448 39.90 11.92 44.95
CA GLU F 448 39.96 10.70 44.17
C GLU F 448 41.39 10.35 43.80
N LEU F 449 42.23 11.36 43.59
CA LEU F 449 43.65 11.10 43.42
C LEU F 449 44.23 10.48 44.68
N ALA F 450 43.88 11.05 45.84
CA ALA F 450 44.37 10.53 47.11
C ALA F 450 43.83 9.13 47.37
N ASP F 451 42.71 8.78 46.75
CA ASP F 451 42.15 7.45 46.95
C ASP F 451 42.76 6.44 45.98
N GLN F 452 43.15 6.91 44.80
CA GLN F 452 43.72 6.00 43.81
C GLN F 452 45.21 5.81 44.02
N LYS F 453 45.89 6.81 44.59
CA LYS F 453 47.32 6.70 44.86
C LYS F 453 47.61 5.51 45.76
N GLU F 454 46.78 5.30 46.78
CA GLU F 454 46.99 4.20 47.71
C GLU F 454 46.89 2.85 47.02
N LYS F 455 45.78 2.64 46.31
CA LYS F 455 45.54 1.34 45.70
C LYS F 455 46.61 1.01 44.67
N LEU F 456 47.32 2.04 44.19
CA LEU F 456 48.53 1.79 43.43
C LEU F 456 49.60 1.18 44.31
N ALA F 457 49.82 1.78 45.49
CA ALA F 457 50.85 1.29 46.40
C ALA F 457 50.56 -0.13 46.86
N GLU F 458 49.33 -0.37 47.31
CA GLU F 458 48.97 -1.67 47.87
C GLU F 458 49.28 -2.80 46.89
N LEU F 459 48.90 -2.62 45.62
CA LEU F 459 49.26 -3.61 44.61
C LEU F 459 50.76 -3.67 44.40
N THR F 460 51.42 -2.51 44.35
CA THR F 460 52.86 -2.48 44.12
C THR F 460 53.62 -3.19 45.23
N THR F 461 53.23 -2.96 46.49
CA THR F 461 53.86 -3.65 47.60
C THR F 461 53.68 -5.16 47.48
N ARG F 462 52.45 -5.61 47.23
CA ARG F 462 52.18 -7.03 47.13
C ARG F 462 52.89 -7.66 45.94
N TRP F 463 53.31 -6.84 44.97
CA TRP F 463 53.99 -7.37 43.79
C TRP F 463 55.31 -8.01 44.16
N GLN F 464 56.13 -7.31 44.94
CA GLN F 464 57.45 -7.84 45.29
C GLN F 464 57.33 -9.16 46.03
N ASN F 465 56.23 -9.37 46.75
CA ASN F 465 55.99 -10.65 47.40
C ASN F 465 56.08 -11.80 46.40
N GLU F 466 55.31 -11.71 45.32
CA GLU F 466 55.38 -12.71 44.28
C GLU F 466 56.66 -12.62 43.47
N LYS F 467 57.42 -11.53 43.60
CA LYS F 467 58.65 -11.36 42.85
C LYS F 467 59.83 -12.09 43.48
N ASN F 468 59.81 -12.34 44.79
CA ASN F 468 60.91 -13.01 45.47
C ASN F 468 60.56 -14.44 45.87
N ALA F 469 59.29 -14.69 46.21
CA ALA F 469 58.86 -16.04 46.53
C ALA F 469 58.89 -16.94 45.30
N LYS F 530 52.54 -13.71 37.39
CA LYS F 530 51.99 -14.83 36.66
C LYS F 530 52.83 -15.11 35.42
N GLU F 531 53.13 -16.40 35.19
CA GLU F 531 54.00 -16.78 34.08
C GLU F 531 53.44 -17.96 33.29
N GLU F 532 52.14 -18.22 33.37
CA GLU F 532 51.56 -19.40 32.74
C GLU F 532 50.07 -19.16 32.53
N VAL F 533 49.50 -19.88 31.57
CA VAL F 533 48.07 -19.73 31.29
C VAL F 533 47.28 -20.58 32.28
N GLY F 534 46.14 -20.06 32.72
CA GLY F 534 45.29 -20.76 33.65
C GLY F 534 43.82 -20.60 33.35
N PRO F 535 42.98 -20.69 34.39
CA PRO F 535 41.54 -20.53 34.20
C PRO F 535 41.01 -19.13 34.45
N ASP F 536 41.83 -18.21 34.96
CA ASP F 536 41.38 -16.86 35.26
C ASP F 536 41.50 -15.94 34.06
N ASP F 537 42.62 -16.01 33.33
CA ASP F 537 42.74 -15.26 32.09
C ASP F 537 41.66 -15.68 31.09
N ILE F 538 41.19 -16.91 31.19
CA ILE F 538 40.08 -17.35 30.35
C ILE F 538 38.86 -16.48 30.59
N ALA F 539 38.36 -16.47 31.82
CA ALA F 539 37.19 -15.65 32.15
C ALA F 539 37.46 -14.18 31.87
N ASP F 540 38.71 -13.75 32.04
CA ASP F 540 39.09 -12.39 31.66
C ASP F 540 38.74 -12.12 30.20
N VAL F 541 39.23 -12.96 29.30
CA VAL F 541 38.97 -12.75 27.88
C VAL F 541 37.48 -12.92 27.58
N VAL F 542 36.78 -13.73 28.39
CA VAL F 542 35.33 -13.83 28.21
C VAL F 542 34.67 -12.49 28.47
N SER F 543 34.95 -11.89 29.62
CA SER F 543 34.34 -10.61 29.98
C SER F 543 34.66 -9.55 28.95
N ALA F 544 35.92 -9.49 28.49
CA ALA F 544 36.29 -8.54 27.46
C ALA F 544 35.70 -8.90 26.11
N TRP F 545 34.90 -9.96 26.02
CA TRP F 545 34.25 -10.33 24.78
C TRP F 545 32.74 -10.17 24.94
N THR F 546 32.13 -9.46 23.98
CA THR F 546 30.69 -9.22 23.92
C THR F 546 30.13 -8.62 25.19
N GLY F 547 30.97 -8.06 26.06
CA GLY F 547 30.53 -7.46 27.30
C GLY F 547 29.91 -8.42 28.29
N ILE F 548 29.70 -9.68 27.92
CA ILE F 548 29.02 -10.64 28.78
C ILE F 548 29.92 -10.98 29.96
N PRO F 549 29.42 -10.92 31.19
CA PRO F 549 30.21 -11.36 32.34
C PRO F 549 30.03 -12.84 32.63
N ALA F 550 31.16 -13.55 32.61
CA ALA F 550 31.20 -14.98 32.86
C ALA F 550 32.53 -15.33 33.52
N GLY F 551 32.54 -15.34 34.85
CA GLY F 551 33.73 -15.76 35.57
C GLY F 551 33.38 -16.74 36.68
N ARG F 552 34.41 -17.15 37.41
CA ARG F 552 34.18 -18.06 38.52
C ARG F 552 33.39 -17.42 39.66
N LEU F 553 33.96 -16.41 40.31
CA LEU F 553 33.23 -15.51 41.19
C LEU F 553 34.06 -14.25 41.33
N LEU F 554 33.60 -13.15 40.75
CA LEU F 554 34.50 -12.09 40.29
C LEU F 554 34.92 -11.10 41.38
N GLU F 555 34.80 -11.46 42.65
CA GLU F 555 35.54 -10.86 43.76
C GLU F 555 35.31 -9.36 43.90
N GLY F 556 34.46 -8.78 43.06
CA GLY F 556 33.99 -7.42 43.24
C GLY F 556 32.50 -7.39 43.05
N GLU F 557 31.98 -8.50 42.54
CA GLU F 557 30.57 -8.67 42.20
C GLU F 557 29.84 -9.52 43.22
N THR F 558 30.49 -9.89 44.32
CA THR F 558 29.97 -10.89 45.24
C THR F 558 28.89 -10.36 46.17
N ALA F 559 29.10 -9.22 46.83
CA ALA F 559 28.15 -8.70 47.79
C ALA F 559 27.07 -7.84 47.16
N LYS F 560 27.27 -7.43 45.91
CA LYS F 560 26.24 -6.68 45.21
C LYS F 560 24.98 -7.51 45.03
N LEU F 561 25.12 -8.73 44.50
CA LEU F 561 23.96 -9.52 44.11
C LEU F 561 23.18 -10.04 45.32
N LEU F 562 23.83 -10.24 46.46
CA LEU F 562 23.09 -10.62 47.66
C LEU F 562 22.40 -9.42 48.28
N ARG F 563 22.83 -8.23 47.90
CA ARG F 563 22.26 -6.96 48.32
C ARG F 563 21.26 -6.41 47.30
N MET F 564 20.91 -7.19 46.28
CA MET F 564 20.14 -6.68 45.15
C MET F 564 18.76 -6.22 45.58
N GLU F 565 18.02 -7.08 46.28
CA GLU F 565 16.68 -6.72 46.74
C GLU F 565 16.72 -5.45 47.58
N ASP F 566 17.82 -5.22 48.29
CA ASP F 566 17.92 -4.03 49.13
C ASP F 566 18.53 -2.87 48.35
N GLU F 567 19.53 -3.15 47.51
CA GLU F 567 20.11 -2.11 46.68
C GLU F 567 19.10 -1.51 45.72
N LEU F 568 18.15 -2.31 45.26
CA LEU F 568 17.11 -1.81 44.37
C LEU F 568 16.06 -1.01 45.12
N GLY F 569 15.93 -1.21 46.43
CA GLY F 569 15.02 -0.44 47.23
C GLY F 569 15.44 0.99 47.47
N LYS F 570 16.53 1.44 46.85
CA LYS F 570 16.90 2.85 46.90
C LYS F 570 16.14 3.66 45.86
N ARG F 571 15.62 3.02 44.82
CA ARG F 571 14.95 3.71 43.73
C ARG F 571 13.50 3.32 43.56
N VAL F 572 13.12 2.08 43.88
CA VAL F 572 11.75 1.62 43.76
C VAL F 572 11.27 1.23 45.14
N ILE F 573 10.05 1.65 45.49
CA ILE F 573 9.53 1.49 46.84
C ILE F 573 8.23 0.70 46.78
N GLY F 574 8.12 -0.30 47.64
CA GLY F 574 6.94 -1.15 47.66
C GLY F 574 7.14 -2.38 46.78
N GLN F 575 6.03 -3.11 46.59
CA GLN F 575 6.02 -4.31 45.77
C GLN F 575 7.15 -5.27 46.17
N LYS F 576 7.14 -5.69 47.43
CA LYS F 576 8.11 -6.69 47.87
C LYS F 576 7.99 -7.96 47.05
N ALA F 577 6.76 -8.38 46.76
CA ALA F 577 6.55 -9.57 45.96
C ALA F 577 7.17 -9.44 44.58
N ALA F 578 7.14 -8.24 43.99
CA ALA F 578 7.71 -8.05 42.66
C ALA F 578 9.23 -7.95 42.69
N VAL F 579 9.79 -7.29 43.71
CA VAL F 579 11.25 -7.19 43.75
C VAL F 579 11.87 -8.54 44.06
N THR F 580 11.25 -9.31 44.96
CA THR F 580 11.73 -10.67 45.21
C THR F 580 11.78 -11.48 43.92
N ALA F 581 10.72 -11.39 43.12
CA ALA F 581 10.64 -12.18 41.91
C ALA F 581 11.64 -11.72 40.86
N VAL F 582 11.71 -10.42 40.59
CA VAL F 582 12.64 -9.93 39.58
C VAL F 582 14.07 -10.19 40.01
N SER F 583 14.31 -10.26 41.33
CA SER F 583 15.66 -10.52 41.82
C SER F 583 16.05 -11.99 41.73
N ASP F 584 15.16 -12.90 42.13
CA ASP F 584 15.52 -14.31 42.16
C ASP F 584 15.83 -14.88 40.79
N ALA F 585 15.74 -14.08 39.73
CA ALA F 585 16.03 -14.54 38.38
C ALA F 585 17.26 -13.93 37.75
N VAL F 586 17.99 -13.08 38.48
CA VAL F 586 19.28 -12.60 37.99
C VAL F 586 20.42 -13.41 38.58
N ARG F 587 20.29 -13.78 39.85
CA ARG F 587 21.24 -14.68 40.46
C ARG F 587 21.23 -16.04 39.77
N ARG F 588 20.03 -16.59 39.52
CA ARG F 588 19.94 -17.89 38.88
C ARG F 588 20.54 -17.91 37.48
N SER F 589 20.84 -16.74 36.92
CA SER F 589 21.63 -16.64 35.71
C SER F 589 23.10 -16.42 35.99
N ARG F 590 23.42 -15.66 37.04
CA ARG F 590 24.82 -15.49 37.42
C ARG F 590 25.34 -16.70 38.18
N ALA F 591 24.45 -17.58 38.61
CA ALA F 591 24.87 -18.82 39.24
C ALA F 591 25.11 -19.95 38.24
N GLY F 592 24.43 -19.93 37.10
CA GLY F 592 24.54 -21.00 36.13
C GLY F 592 23.48 -22.08 36.28
N VAL F 593 22.36 -21.77 36.91
CA VAL F 593 21.32 -22.76 37.16
C VAL F 593 20.20 -22.74 36.12
N SER F 594 19.86 -21.57 35.59
CA SER F 594 18.64 -21.41 34.80
C SER F 594 18.75 -22.16 33.47
N ASP F 595 17.62 -22.23 32.77
CA ASP F 595 17.54 -22.93 31.50
C ASP F 595 18.41 -22.23 30.45
N PRO F 596 19.24 -22.98 29.73
CA PRO F 596 20.23 -22.34 28.85
C PRO F 596 19.68 -21.95 27.49
N ASN F 597 18.49 -22.41 27.12
CA ASN F 597 17.86 -22.01 25.85
C ASN F 597 16.50 -21.39 26.16
N ARG F 598 16.55 -20.12 26.57
CA ARG F 598 15.42 -19.27 26.93
C ARG F 598 16.05 -17.96 27.37
N PRO F 599 15.34 -16.83 27.30
CA PRO F 599 15.93 -15.58 27.82
C PRO F 599 16.30 -15.72 29.28
N THR F 600 17.34 -14.99 29.68
CA THR F 600 17.76 -14.99 31.08
C THR F 600 16.65 -14.51 32.00
N GLY F 601 15.56 -14.02 31.45
CA GLY F 601 14.36 -13.69 32.20
C GLY F 601 13.38 -13.02 31.26
N ALA F 602 12.11 -13.41 31.33
CA ALA F 602 11.09 -12.82 30.46
C ALA F 602 9.75 -13.02 31.16
N PHE F 603 9.19 -11.94 31.68
CA PHE F 603 7.92 -11.99 32.38
C PHE F 603 7.31 -10.60 32.42
N MET F 604 6.03 -10.55 32.78
CA MET F 604 5.24 -9.33 32.68
C MET F 604 4.73 -8.91 34.04
N PHE F 605 4.69 -7.60 34.28
CA PHE F 605 3.93 -7.04 35.39
C PHE F 605 2.96 -6.00 34.87
N LEU F 606 1.81 -5.91 35.54
CA LEU F 606 0.73 -5.04 35.13
C LEU F 606 -0.09 -4.66 36.35
N GLY F 607 -0.78 -3.53 36.25
CA GLY F 607 -1.54 -3.00 37.34
C GLY F 607 -1.90 -1.55 37.11
N PRO F 608 -2.41 -0.86 38.14
CA PRO F 608 -2.83 0.54 37.96
C PRO F 608 -1.67 1.45 37.60
N THR F 609 -1.96 2.68 37.24
CA THR F 609 -0.95 3.61 36.73
C THR F 609 -0.34 4.41 37.88
N GLY F 610 0.89 4.85 37.68
CA GLY F 610 1.60 5.59 38.70
C GLY F 610 2.00 4.76 39.89
N VAL F 611 2.32 3.48 39.67
CA VAL F 611 2.76 2.59 40.72
C VAL F 611 4.25 2.32 40.64
N GLY F 612 4.80 2.25 39.43
CA GLY F 612 6.22 2.09 39.27
C GLY F 612 6.60 1.04 38.25
N LYS F 613 5.62 0.57 37.48
CA LYS F 613 5.91 -0.51 36.55
C LYS F 613 6.87 -0.12 35.45
N THR F 614 7.24 1.15 35.36
CA THR F 614 8.31 1.59 34.48
C THR F 614 9.57 2.00 35.23
N GLU F 615 9.42 2.68 36.36
CA GLU F 615 10.58 3.02 37.17
C GLU F 615 11.32 1.78 37.65
N LEU F 616 10.60 0.66 37.81
CA LEU F 616 11.26 -0.57 38.21
C LEU F 616 12.21 -1.08 37.13
N ALA F 617 11.74 -1.10 35.88
CA ALA F 617 12.61 -1.52 34.78
C ALA F 617 13.76 -0.55 34.60
N LYS F 618 13.50 0.74 34.74
CA LYS F 618 14.58 1.72 34.63
C LYS F 618 15.63 1.51 35.72
N ALA F 619 15.19 1.35 36.97
CA ALA F 619 16.10 1.04 38.05
C ALA F 619 16.89 -0.23 37.79
N LEU F 620 16.26 -1.24 37.19
CA LEU F 620 16.98 -2.46 36.86
C LEU F 620 18.08 -2.19 35.84
N ALA F 621 17.77 -1.43 34.80
CA ALA F 621 18.78 -1.15 33.77
C ALA F 621 19.86 -0.21 34.26
N ASP F 622 19.60 0.55 35.31
CA ASP F 622 20.58 1.51 35.81
C ASP F 622 21.71 0.88 36.59
N PHE F 623 21.47 -0.21 37.32
CA PHE F 623 22.53 -0.79 38.13
C PHE F 623 23.20 -1.99 37.49
N LEU F 624 22.82 -2.37 36.27
CA LEU F 624 23.59 -3.40 35.57
C LEU F 624 24.54 -2.78 34.56
N PHE F 625 24.17 -1.63 33.98
CA PHE F 625 24.99 -0.96 32.98
C PHE F 625 25.55 0.36 33.47
N ASP F 626 25.11 0.85 34.64
CA ASP F 626 25.55 2.10 35.25
C ASP F 626 25.16 3.35 34.47
N ASP F 627 24.34 3.22 33.44
CA ASP F 627 23.74 4.40 32.82
C ASP F 627 22.40 3.99 32.23
N GLU F 628 21.36 4.74 32.58
CA GLU F 628 19.99 4.39 32.24
C GLU F 628 19.72 4.46 30.75
N ARG F 629 20.53 5.19 30.00
CA ARG F 629 20.40 5.28 28.55
C ARG F 629 20.63 3.93 27.86
N ALA F 630 21.13 2.93 28.58
CA ALA F 630 21.54 1.66 27.99
C ALA F 630 20.42 0.62 27.99
N MET F 631 19.17 1.05 27.89
CA MET F 631 18.03 0.16 27.83
C MET F 631 17.36 0.32 26.47
N VAL F 632 17.03 -0.80 25.83
CA VAL F 632 16.31 -0.76 24.56
C VAL F 632 14.82 -0.66 24.86
N ARG F 633 14.23 0.47 24.49
CA ARG F 633 12.84 0.77 24.80
C ARG F 633 12.10 0.97 23.50
N ILE F 634 11.20 0.05 23.18
CA ILE F 634 10.32 0.18 22.02
C ILE F 634 8.89 0.25 22.52
N ASP F 635 8.08 1.04 21.85
CA ASP F 635 6.68 1.27 22.23
C ASP F 635 5.76 0.50 21.30
N MET F 636 4.88 -0.31 21.88
CA MET F 636 3.94 -1.10 21.11
C MET F 636 2.68 -0.33 20.76
N SER F 637 2.64 0.96 21.04
CA SER F 637 1.48 1.77 20.68
C SER F 637 1.56 2.28 19.25
N GLU F 638 2.75 2.35 18.68
CA GLU F 638 2.90 2.69 17.27
C GLU F 638 2.71 1.49 16.36
N TYR F 639 2.79 0.27 16.89
CA TYR F 639 2.62 -0.95 16.11
C TYR F 639 1.18 -1.45 16.19
N GLY F 640 0.27 -0.58 15.76
CA GLY F 640 -1.14 -0.91 15.77
C GLY F 640 -1.62 -1.44 14.43
N GLU F 641 -0.74 -1.49 13.44
CA GLU F 641 -1.04 -1.99 12.11
C GLU F 641 -0.34 -3.31 11.88
N LYS F 642 -0.90 -4.10 10.95
CA LYS F 642 -0.28 -5.37 10.60
C LYS F 642 1.06 -5.14 9.90
N HIS F 643 1.07 -4.28 8.89
CA HIS F 643 2.28 -4.10 8.10
C HIS F 643 3.37 -3.35 8.83
N THR F 644 3.23 -3.10 10.13
CA THR F 644 4.29 -2.53 10.94
C THR F 644 5.14 -3.61 11.63
N VAL F 645 4.93 -4.88 11.28
CA VAL F 645 5.84 -5.92 11.75
C VAL F 645 7.21 -5.77 11.09
N ALA F 646 7.24 -5.33 9.83
CA ALA F 646 8.50 -5.08 9.14
C ALA F 646 9.19 -3.82 9.61
N ARG F 647 8.61 -3.10 10.56
CA ARG F 647 9.27 -1.93 11.12
C ARG F 647 10.42 -2.31 12.04
N LEU F 648 10.26 -3.38 12.82
CA LEU F 648 11.31 -3.88 13.69
C LEU F 648 11.97 -5.15 13.15
N ILE F 649 11.81 -5.43 11.86
CA ILE F 649 12.41 -6.62 11.25
C ILE F 649 13.18 -6.21 10.00
N GLY F 650 12.81 -5.10 9.41
CA GLY F 650 13.42 -4.65 8.18
C GLY F 650 12.57 -4.98 6.97
N ALA F 651 12.90 -4.35 5.85
CA ALA F 651 12.10 -4.71 4.69
C ALA F 651 12.87 -5.64 3.77
N PRO F 652 12.17 -6.52 3.04
CA PRO F 652 12.84 -7.53 2.22
C PRO F 652 13.78 -6.91 1.20
N PRO F 653 14.70 -7.69 0.64
CA PRO F 653 15.66 -7.13 -0.30
C PRO F 653 15.00 -6.67 -1.58
N GLY F 654 15.52 -5.58 -2.15
CA GLY F 654 15.00 -5.02 -3.37
C GLY F 654 13.97 -3.93 -3.20
N TYR F 655 13.67 -3.53 -1.97
CA TYR F 655 12.66 -2.51 -1.68
C TYR F 655 13.37 -1.21 -1.28
N VAL F 656 12.58 -0.24 -0.81
CA VAL F 656 13.13 1.08 -0.54
C VAL F 656 13.97 1.07 0.74
N GLY F 657 13.34 0.81 1.88
CA GLY F 657 14.11 0.80 3.10
C GLY F 657 14.71 -0.57 3.37
N TYR F 658 15.92 -0.78 2.88
CA TYR F 658 16.57 -2.07 2.92
C TYR F 658 17.89 -2.06 3.67
N GLU F 659 18.78 -1.11 3.34
CA GLU F 659 20.04 -0.99 4.06
C GLU F 659 19.85 -0.50 5.48
N ALA F 660 18.70 0.10 5.79
CA ALA F 660 18.47 0.63 7.13
C ALA F 660 18.39 -0.47 8.17
N GLY F 661 18.18 -1.71 7.76
CA GLY F 661 18.06 -2.78 8.72
C GLY F 661 16.85 -2.60 9.62
N GLY F 662 16.72 -3.49 10.58
CA GLY F 662 15.59 -3.48 11.47
C GLY F 662 15.67 -2.34 12.47
N GLN F 663 14.86 -2.47 13.52
CA GLN F 663 14.84 -1.54 14.63
C GLN F 663 14.98 -2.22 15.97
N LEU F 664 14.43 -3.43 16.12
CA LEU F 664 14.68 -4.23 17.31
C LEU F 664 15.82 -5.22 17.08
N THR F 665 15.86 -5.85 15.91
CA THR F 665 16.91 -6.81 15.63
C THR F 665 18.28 -6.16 15.52
N GLU F 666 18.36 -4.97 14.94
CA GLU F 666 19.66 -4.34 14.73
C GLU F 666 20.26 -3.80 16.02
N ALA F 667 19.50 -3.74 17.10
CA ALA F 667 20.06 -3.35 18.39
C ALA F 667 20.55 -4.54 19.19
N VAL F 668 19.92 -5.71 19.04
CA VAL F 668 20.33 -6.90 19.78
C VAL F 668 21.33 -7.73 18.99
N ARG F 669 21.46 -7.50 17.68
CA ARG F 669 22.51 -8.21 16.95
C ARG F 669 23.89 -7.76 17.39
N ARG F 670 24.08 -6.46 17.57
CA ARG F 670 25.34 -5.91 18.03
C ARG F 670 25.25 -5.60 19.52
N ARG F 671 26.15 -6.22 20.30
CA ARG F 671 26.20 -6.09 21.75
C ARG F 671 24.89 -6.57 22.39
N PRO F 672 24.59 -7.86 22.34
CA PRO F 672 23.44 -8.36 23.10
C PRO F 672 23.74 -8.56 24.56
N TYR F 673 23.37 -7.62 25.40
CA TYR F 673 23.29 -7.89 26.83
C TYR F 673 22.18 -7.11 27.51
N THR F 674 21.40 -6.32 26.79
CA THR F 674 20.58 -5.29 27.38
C THR F 674 19.30 -5.87 27.97
N VAL F 675 18.43 -4.98 28.42
CA VAL F 675 17.05 -5.30 28.76
C VAL F 675 16.17 -4.57 27.75
N VAL F 676 15.19 -5.28 27.20
CA VAL F 676 14.32 -4.72 26.17
C VAL F 676 12.96 -4.48 26.80
N LEU F 677 12.47 -3.25 26.67
CA LEU F 677 11.22 -2.85 27.29
C LEU F 677 10.14 -2.74 26.24
N PHE F 678 8.99 -3.37 26.50
CA PHE F 678 7.86 -3.40 25.57
C PHE F 678 6.76 -2.52 26.15
N ASP F 679 6.83 -1.23 25.86
CA ASP F 679 5.86 -0.29 26.41
C ASP F 679 4.46 -0.55 25.87
N GLU F 680 3.52 -0.76 26.78
CA GLU F 680 2.10 -0.88 26.45
C GLU F 680 1.87 -1.98 25.43
N ILE F 681 2.16 -3.20 25.84
CA ILE F 681 2.02 -4.35 24.95
C ILE F 681 0.59 -4.51 24.46
N GLU F 682 -0.41 -4.04 25.23
CA GLU F 682 -1.79 -4.25 24.83
C GLU F 682 -2.15 -3.50 23.55
N LYS F 683 -1.53 -2.34 23.33
CA LYS F 683 -1.90 -1.50 22.20
C LYS F 683 -1.37 -2.02 20.88
N ALA F 684 -0.62 -3.13 20.87
CA ALA F 684 -0.05 -3.59 19.63
C ALA F 684 -1.05 -4.39 18.82
N HIS F 685 -0.73 -4.57 17.54
CA HIS F 685 -1.54 -5.42 16.68
C HIS F 685 -1.37 -6.88 17.10
N PRO F 686 -2.45 -7.62 17.25
CA PRO F 686 -2.31 -9.00 17.74
C PRO F 686 -1.72 -9.93 16.69
N ASP F 687 -0.69 -9.44 16.00
CA ASP F 687 0.12 -10.24 15.10
C ASP F 687 1.60 -10.20 15.43
N VAL F 688 2.11 -9.12 16.03
CA VAL F 688 3.48 -9.12 16.51
C VAL F 688 3.66 -10.13 17.63
N PHE F 689 2.59 -10.45 18.36
CA PHE F 689 2.66 -11.50 19.37
C PHE F 689 3.22 -12.79 18.79
N ASP F 690 2.98 -13.04 17.51
CA ASP F 690 3.49 -14.24 16.87
C ASP F 690 5.00 -14.23 16.70
N VAL F 691 5.64 -13.09 16.88
CA VAL F 691 7.11 -12.99 16.85
C VAL F 691 7.71 -13.28 18.22
N LEU F 692 7.14 -12.66 19.26
CA LEU F 692 7.55 -13.00 20.62
C LEU F 692 7.25 -14.45 20.95
N LEU F 693 6.24 -15.03 20.32
CA LEU F 693 5.98 -16.46 20.49
C LEU F 693 7.15 -17.27 19.96
N GLN F 694 7.82 -16.77 18.91
CA GLN F 694 9.05 -17.40 18.45
C GLN F 694 10.20 -17.17 19.40
N VAL F 695 10.40 -15.92 19.83
CA VAL F 695 11.52 -15.60 20.70
C VAL F 695 11.46 -16.40 21.99
N LEU F 696 10.26 -16.65 22.50
CA LEU F 696 10.10 -17.50 23.67
C LEU F 696 10.40 -18.95 23.31
N ASP F 697 11.26 -19.56 24.12
CA ASP F 697 11.64 -20.97 24.08
C ASP F 697 12.43 -21.37 22.84
N GLU F 698 12.69 -20.46 21.93
CA GLU F 698 13.65 -20.76 20.87
C GLU F 698 14.89 -19.90 20.97
N GLY F 699 14.75 -18.63 21.31
CA GLY F 699 15.88 -17.77 21.55
C GLY F 699 16.43 -17.04 20.35
N ARG F 700 15.64 -16.86 19.30
CA ARG F 700 16.13 -16.13 18.15
C ARG F 700 14.95 -15.76 17.25
N LEU F 701 15.27 -15.07 16.16
CA LEU F 701 14.29 -14.73 15.13
C LEU F 701 15.02 -14.29 13.87
N THR F 702 14.28 -14.27 12.77
CA THR F 702 14.84 -13.97 11.46
C THR F 702 14.39 -12.58 11.00
N ASP F 703 15.19 -11.98 10.12
CA ASP F 703 14.95 -10.64 9.62
C ASP F 703 14.89 -10.65 8.10
N GLY F 704 14.84 -9.47 7.51
CA GLY F 704 14.68 -9.32 6.07
C GLY F 704 15.81 -9.90 5.24
N HIS F 705 17.02 -10.00 5.79
CA HIS F 705 18.13 -10.59 5.06
C HIS F 705 18.19 -12.10 5.24
N GLY F 706 17.53 -12.64 6.26
CA GLY F 706 17.48 -14.07 6.47
C GLY F 706 18.33 -14.59 7.60
N ARG F 707 19.21 -13.78 8.18
CA ARG F 707 20.02 -14.26 9.29
C ARG F 707 19.20 -14.27 10.58
N THR F 708 19.77 -14.89 11.61
CA THR F 708 19.09 -15.08 12.89
C THR F 708 19.93 -14.45 13.99
N VAL F 709 19.38 -13.43 14.65
CA VAL F 709 20.03 -12.88 15.83
C VAL F 709 19.54 -13.62 17.08
N ASP F 710 20.40 -13.65 18.08
CA ASP F 710 20.18 -14.47 19.27
C ASP F 710 19.60 -13.63 20.41
N PHE F 711 18.77 -14.25 21.23
CA PHE F 711 18.05 -13.58 22.32
C PHE F 711 18.14 -14.38 23.60
N ARG F 712 19.31 -14.95 23.91
CA ARG F 712 19.42 -15.87 25.02
C ARG F 712 19.98 -15.26 26.30
N ASN F 713 20.52 -14.03 26.25
CA ASN F 713 21.17 -13.45 27.41
C ASN F 713 20.54 -12.14 27.87
N THR F 714 19.39 -11.77 27.32
CA THR F 714 18.72 -10.53 27.67
C THR F 714 17.56 -10.81 28.60
N ILE F 715 16.95 -9.74 29.11
CA ILE F 715 15.74 -9.83 29.90
C ILE F 715 14.62 -9.18 29.09
N LEU F 716 13.46 -9.81 29.05
CA LEU F 716 12.32 -9.26 28.33
C LEU F 716 11.23 -8.85 29.30
N ILE F 717 10.82 -7.59 29.22
CA ILE F 717 9.84 -7.03 30.12
C ILE F 717 8.60 -6.65 29.34
N LEU F 718 7.44 -6.88 29.95
CA LEU F 718 6.16 -6.49 29.38
C LEU F 718 5.44 -5.61 30.39
N THR F 719 4.92 -4.48 29.93
CA THR F 719 4.14 -3.59 30.77
C THR F 719 2.77 -3.37 30.14
N SER F 720 1.77 -3.17 30.99
CA SER F 720 0.40 -2.99 30.55
C SER F 720 -0.43 -2.51 31.74
N ASN F 721 -1.67 -2.11 31.45
CA ASN F 721 -2.59 -1.69 32.49
C ASN F 721 -3.99 -2.20 32.21
N LEU F 722 -4.10 -3.47 31.81
CA LEU F 722 -5.41 -4.06 31.58
C LEU F 722 -6.21 -4.11 32.88
N GLY F 723 -7.51 -3.88 32.77
CA GLY F 723 -8.38 -3.89 33.91
C GLY F 723 -8.29 -2.61 34.71
N SER F 724 -7.20 -2.47 35.47
CA SER F 724 -6.84 -1.24 36.15
C SER F 724 -7.83 -0.85 37.23
N GLY F 725 -8.92 -1.60 37.38
CA GLY F 725 -9.85 -1.37 38.47
C GLY F 725 -10.25 -2.63 39.21
N GLY F 726 -10.08 -3.78 38.57
CA GLY F 726 -10.53 -5.03 39.16
C GLY F 726 -9.54 -5.57 40.16
N SER F 727 -10.06 -6.35 41.11
CA SER F 727 -9.21 -6.81 42.21
C SER F 727 -8.10 -7.73 41.71
N ALA F 728 -8.47 -8.96 41.35
CA ALA F 728 -7.52 -9.86 40.68
C ALA F 728 -8.14 -10.69 39.58
N GLU F 729 -9.47 -10.83 39.55
CA GLU F 729 -10.12 -11.71 38.60
C GLU F 729 -10.39 -11.05 37.27
N GLN F 730 -10.80 -9.77 37.30
CA GLN F 730 -11.04 -9.04 36.08
C GLN F 730 -9.75 -8.90 35.26
N VAL F 731 -8.64 -8.56 35.92
CA VAL F 731 -7.37 -8.41 35.21
C VAL F 731 -6.86 -9.76 34.73
N LEU F 732 -7.00 -10.80 35.56
CA LEU F 732 -6.60 -12.14 35.13
C LEU F 732 -7.37 -12.57 33.90
N ALA F 733 -8.70 -12.44 33.94
CA ALA F 733 -9.52 -12.81 32.79
C ALA F 733 -9.17 -11.96 31.58
N ALA F 734 -8.91 -10.68 31.79
CA ALA F 734 -8.61 -9.79 30.67
C ALA F 734 -7.31 -10.20 29.98
N VAL F 735 -6.27 -10.49 30.74
CA VAL F 735 -5.02 -10.89 30.11
C VAL F 735 -5.14 -12.28 29.52
N ARG F 736 -5.94 -13.15 30.13
CA ARG F 736 -6.11 -14.50 29.61
C ARG F 736 -6.91 -14.48 28.30
N ALA F 737 -7.80 -13.51 28.13
CA ALA F 737 -8.61 -13.42 26.93
C ALA F 737 -8.01 -12.46 25.92
N THR F 738 -6.94 -11.76 26.28
CA THR F 738 -6.28 -10.86 25.33
C THR F 738 -5.07 -11.50 24.67
N PHE F 739 -4.31 -12.31 25.40
CA PHE F 739 -3.16 -13.02 24.87
C PHE F 739 -3.48 -14.51 24.80
N LYS F 740 -2.85 -15.19 23.85
CA LYS F 740 -2.98 -16.64 23.77
C LYS F 740 -2.45 -17.27 25.06
N PRO F 741 -3.07 -18.35 25.53
CA PRO F 741 -2.53 -19.02 26.71
C PRO F 741 -1.19 -19.69 26.44
N GLU F 742 -0.89 -20.00 25.18
CA GLU F 742 0.39 -20.57 24.80
C GLU F 742 1.44 -19.52 24.54
N PHE F 743 1.08 -18.27 24.76
CA PHE F 743 2.01 -17.15 24.87
C PHE F 743 2.32 -16.81 26.32
N ILE F 744 1.29 -16.76 27.15
CA ILE F 744 1.46 -16.73 28.61
C ILE F 744 2.12 -18.00 29.12
N ASN F 745 2.18 -19.04 28.30
CA ASN F 745 2.77 -20.31 28.73
C ASN F 745 4.26 -20.16 28.99
N ARG F 746 5.01 -19.75 27.97
CA ARG F 746 6.46 -19.63 28.11
C ARG F 746 6.87 -18.53 29.06
N LEU F 747 5.94 -17.69 29.52
CA LEU F 747 6.32 -16.61 30.40
C LEU F 747 6.60 -17.13 31.80
N ASP F 748 7.42 -16.36 32.52
CA ASP F 748 7.70 -16.64 33.92
C ASP F 748 6.51 -16.12 34.74
N ASP F 749 6.69 -16.01 36.05
CA ASP F 749 5.65 -15.51 36.93
C ASP F 749 5.06 -14.22 36.37
N VAL F 750 3.73 -14.11 36.44
CA VAL F 750 3.02 -12.92 36.00
C VAL F 750 2.77 -12.06 37.24
N LEU F 751 3.10 -10.78 37.13
CA LEU F 751 3.10 -9.94 38.32
C LEU F 751 1.98 -8.91 38.26
N ILE F 752 1.38 -8.65 39.42
CA ILE F 752 0.32 -7.68 39.57
C ILE F 752 0.73 -6.73 40.69
N PHE F 753 1.05 -5.49 40.33
CA PHE F 753 1.43 -4.51 41.33
C PHE F 753 0.21 -4.02 42.09
N GLU F 754 0.41 -3.63 43.34
CA GLU F 754 -0.69 -3.29 44.23
C GLU F 754 -1.18 -1.85 44.04
N GLY F 755 -0.32 -0.87 44.22
CA GLY F 755 -0.71 0.52 44.36
C GLY F 755 -0.19 1.05 45.68
N LEU F 756 0.02 2.35 45.73
CA LEU F 756 0.75 2.96 46.83
C LEU F 756 -0.18 3.31 47.98
N ASN F 757 0.43 3.57 49.14
CA ASN F 757 -0.23 3.80 50.41
C ASN F 757 0.45 4.97 51.12
N PRO F 758 -0.16 5.49 52.19
CA PRO F 758 0.48 6.64 52.87
C PRO F 758 1.84 6.34 53.47
N GLU F 759 2.03 5.14 54.02
CA GLU F 759 3.30 4.82 54.66
C GLU F 759 4.46 4.76 53.68
N GLU F 760 4.20 4.44 52.42
CA GLU F 760 5.25 4.37 51.41
C GLU F 760 5.43 5.66 50.65
N LEU F 761 4.67 6.71 50.99
CA LEU F 761 4.70 7.95 50.25
C LEU F 761 5.74 8.94 50.77
N VAL F 762 6.04 8.90 52.07
CA VAL F 762 7.08 9.76 52.60
C VAL F 762 8.44 9.38 52.00
N ARG F 763 8.68 8.08 51.85
CA ARG F 763 9.92 7.62 51.22
C ARG F 763 10.04 8.10 49.78
N ILE F 764 8.92 8.34 49.12
CA ILE F 764 8.95 8.86 47.76
C ILE F 764 9.13 10.37 47.75
N VAL F 765 8.52 11.06 48.71
CA VAL F 765 8.74 12.51 48.82
C VAL F 765 10.22 12.80 49.01
N ASP F 766 10.89 11.97 49.82
CA ASP F 766 12.32 12.16 50.01
C ASP F 766 13.10 11.99 48.72
N ILE F 767 12.73 11.00 47.89
CA ILE F 767 13.43 10.79 46.62
C ILE F 767 13.20 11.97 45.70
N GLN F 768 11.96 12.46 45.64
CA GLN F 768 11.66 13.60 44.80
C GLN F 768 12.48 14.82 45.21
N LEU F 769 12.51 15.12 46.52
CA LEU F 769 13.22 16.32 46.96
C LEU F 769 14.72 16.17 46.77
N ALA F 770 15.24 14.95 46.95
CA ALA F 770 16.67 14.74 46.71
C ALA F 770 17.02 14.94 45.24
N GLN F 771 16.19 14.41 44.34
CA GLN F 771 16.45 14.63 42.92
C GLN F 771 16.34 16.10 42.56
N LEU F 772 15.37 16.80 43.14
CA LEU F 772 15.22 18.22 42.86
C LEU F 772 16.43 19.01 43.32
N GLY F 773 16.96 18.68 44.50
CA GLY F 773 18.18 19.33 44.96
C GLY F 773 19.35 19.04 44.03
N LYS F 774 19.52 17.78 43.65
CA LYS F 774 20.60 17.44 42.73
C LYS F 774 20.47 18.20 41.43
N ARG F 775 19.24 18.46 40.99
CA ARG F 775 19.03 19.22 39.77
C ARG F 775 19.44 20.67 39.97
N LEU F 776 18.81 21.37 40.90
CA LEU F 776 19.24 22.75 41.16
C LEU F 776 20.40 22.79 42.14
N ALA F 777 21.38 21.93 41.89
CA ALA F 777 22.73 22.10 42.40
C ALA F 777 23.66 22.63 41.33
N GLN F 778 23.16 22.90 40.13
CA GLN F 778 23.96 23.49 39.07
C GLN F 778 24.09 24.99 39.21
N ARG F 779 23.29 25.60 40.08
CA ARG F 779 23.44 27.01 40.42
C ARG F 779 23.74 27.18 41.91
N ARG F 780 24.01 26.08 42.60
CA ARG F 780 24.40 26.10 44.01
C ARG F 780 23.35 26.81 44.85
N LEU F 781 22.15 26.23 44.87
CA LEU F 781 21.01 26.79 45.58
C LEU F 781 20.34 25.72 46.43
N GLN F 782 21.14 25.02 47.23
CA GLN F 782 20.64 23.92 48.04
C GLN F 782 19.44 24.34 48.87
N LEU F 783 18.55 23.39 49.13
CA LEU F 783 17.30 23.68 49.80
C LEU F 783 17.33 23.16 51.24
N GLN F 784 16.33 23.55 52.02
CA GLN F 784 16.24 23.14 53.42
C GLN F 784 14.75 22.99 53.77
N VAL F 785 14.29 21.75 53.84
CA VAL F 785 12.88 21.43 54.02
C VAL F 785 12.68 20.86 55.41
N SER F 786 11.56 21.21 56.04
CA SER F 786 11.26 20.79 57.40
C SER F 786 10.42 19.52 57.40
N LEU F 787 10.42 18.84 58.55
CA LEU F 787 9.61 17.64 58.71
C LEU F 787 8.11 17.91 58.63
N PRO F 788 7.58 18.97 59.25
CA PRO F 788 6.16 19.29 59.00
C PRO F 788 5.90 19.57 57.53
N ALA F 789 6.88 20.12 56.81
CA ALA F 789 6.70 20.35 55.38
C ALA F 789 6.60 19.03 54.63
N LYS F 790 7.49 18.10 54.91
CA LYS F 790 7.46 16.82 54.21
C LYS F 790 6.18 16.06 54.54
N ARG F 791 5.69 16.22 55.77
CA ARG F 791 4.43 15.58 56.12
C ARG F 791 3.24 16.23 55.44
N TRP F 792 3.18 17.56 55.41
CA TRP F 792 2.16 18.27 54.64
C TRP F 792 2.15 17.80 53.18
N LEU F 793 3.33 17.73 52.56
CA LEU F 793 3.41 17.22 51.20
C LEU F 793 2.86 15.81 51.09
N ALA F 794 3.47 14.86 51.80
CA ALA F 794 3.07 13.46 51.69
C ALA F 794 1.61 13.23 52.06
N GLN F 795 0.98 14.16 52.77
CA GLN F 795 -0.45 14.07 53.00
C GLN F 795 -1.28 14.68 51.88
N ARG F 796 -0.79 15.76 51.27
CA ARG F 796 -1.60 16.47 50.28
C ARG F 796 -1.92 15.58 49.09
N GLY F 797 -0.89 15.19 48.33
CA GLY F 797 -1.12 14.41 47.13
C GLY F 797 -1.04 12.92 47.38
N PHE F 798 -2.19 12.28 47.55
CA PHE F 798 -2.23 10.87 47.91
C PHE F 798 -3.23 10.04 47.11
N ASP F 799 -4.27 10.66 46.54
CA ASP F 799 -5.46 10.03 45.99
C ASP F 799 -5.16 8.73 45.24
N PRO F 800 -5.76 7.61 45.66
CA PRO F 800 -5.32 6.31 45.16
C PRO F 800 -5.94 5.95 43.82
N VAL F 801 -5.97 6.89 42.88
CA VAL F 801 -6.47 6.60 41.54
C VAL F 801 -5.47 6.95 40.46
N TYR F 802 -4.49 7.80 40.72
CA TYR F 802 -3.51 8.19 39.71
C TYR F 802 -2.10 7.77 40.08
N GLY F 803 -1.88 7.31 41.31
CA GLY F 803 -0.56 6.86 41.70
C GLY F 803 0.31 7.94 42.31
N ALA F 804 1.48 8.17 41.73
CA ALA F 804 2.45 9.09 42.30
C ALA F 804 2.67 10.36 41.48
N ARG F 805 2.29 10.38 40.21
CA ARG F 805 2.53 11.57 39.40
C ARG F 805 1.96 12.85 40.00
N PRO F 806 0.78 12.85 40.63
CA PRO F 806 0.33 14.06 41.32
C PRO F 806 1.34 14.58 42.31
N LEU F 807 2.20 13.74 42.87
CA LEU F 807 3.21 14.24 43.79
C LEU F 807 4.21 15.13 43.05
N ARG F 808 4.67 14.70 41.88
CA ARG F 808 5.59 15.52 41.12
C ARG F 808 4.92 16.81 40.67
N ARG F 809 3.65 16.71 40.27
CA ARG F 809 2.91 17.91 39.89
C ARG F 809 2.83 18.89 41.05
N LEU F 810 2.52 18.39 42.25
CA LEU F 810 2.39 19.27 43.40
C LEU F 810 3.74 19.84 43.81
N VAL F 811 4.79 19.04 43.76
CA VAL F 811 6.13 19.54 44.06
C VAL F 811 6.45 20.74 43.17
N GLN F 812 6.30 20.56 41.87
CA GLN F 812 6.54 21.67 40.95
C GLN F 812 5.67 22.86 41.31
N GLN F 813 4.36 22.67 41.30
CA GLN F 813 3.42 23.78 41.44
C GLN F 813 3.58 24.51 42.77
N ALA F 814 4.07 23.83 43.81
CA ALA F 814 4.10 24.44 45.13
C ALA F 814 5.46 25.01 45.50
N ILE F 815 6.54 24.48 44.91
CA ILE F 815 7.87 24.97 45.25
C ILE F 815 8.51 25.69 44.07
N GLY F 816 8.58 25.02 42.91
CA GLY F 816 9.31 25.59 41.81
C GLY F 816 8.67 26.85 41.28
N ASP F 817 7.35 26.96 41.40
CA ASP F 817 6.67 28.17 40.97
C ASP F 817 7.18 29.38 41.73
N GLN F 818 7.10 29.34 43.06
CA GLN F 818 7.58 30.45 43.86
C GLN F 818 9.06 30.67 43.67
N LEU F 819 9.84 29.59 43.67
CA LEU F 819 11.29 29.74 43.56
C LEU F 819 11.68 30.42 42.26
N ALA F 820 11.03 30.04 41.16
CA ALA F 820 11.34 30.68 39.89
C ALA F 820 10.71 32.05 39.77
N LYS F 821 9.69 32.33 40.58
CA LYS F 821 9.20 33.70 40.67
C LYS F 821 10.25 34.61 41.27
N MET F 822 10.93 34.12 42.31
CA MET F 822 11.93 34.94 42.98
C MET F 822 13.26 34.94 42.25
N LEU F 823 13.69 33.83 41.68
CA LEU F 823 15.02 33.67 41.12
C LEU F 823 15.34 34.68 40.04
N LEU F 824 14.34 35.10 39.25
CA LEU F 824 14.53 36.14 38.26
C LEU F 824 14.07 37.50 38.74
N ALA F 825 13.58 37.60 39.98
CA ALA F 825 13.34 38.88 40.63
C ALA F 825 14.47 39.24 41.58
N GLY F 826 15.69 38.78 41.30
CA GLY F 826 16.80 38.95 42.21
C GLY F 826 16.56 38.23 43.53
N GLN F 827 17.40 38.57 44.50
CA GLN F 827 17.29 38.29 45.92
C GLN F 827 17.49 36.80 46.26
N VAL F 828 17.67 35.91 45.29
CA VAL F 828 17.96 34.52 45.59
C VAL F 828 19.17 34.06 44.76
N HIS F 829 20.10 34.97 44.53
CA HIS F 829 21.24 34.71 43.64
C HIS F 829 22.06 33.50 44.06
N ASP F 830 22.99 33.10 43.20
CA ASP F 830 23.75 31.86 43.37
C ASP F 830 24.42 31.81 44.73
N GLY F 831 24.81 30.60 45.12
CA GLY F 831 25.44 30.39 46.42
C GLY F 831 24.51 30.76 47.56
N ASP F 832 23.45 29.98 47.73
CA ASP F 832 22.44 30.34 48.72
C ASP F 832 21.66 29.10 49.11
N THR F 833 20.95 29.19 50.23
CA THR F 833 20.12 28.10 50.73
C THR F 833 18.90 28.71 51.39
N VAL F 834 17.73 28.45 50.84
CA VAL F 834 16.48 29.06 51.31
C VAL F 834 15.68 28.00 52.05
N PRO F 835 15.17 28.29 53.24
CA PRO F 835 14.40 27.29 53.99
C PRO F 835 12.91 27.38 53.72
N VAL F 836 12.22 26.26 53.84
CA VAL F 836 10.78 26.20 53.63
C VAL F 836 10.14 25.87 54.97
N ASN F 837 8.89 26.27 55.14
CA ASN F 837 8.17 26.02 56.37
C ASN F 837 6.68 25.96 56.09
N VAL F 838 5.97 25.17 56.87
CA VAL F 838 4.53 25.03 56.71
C VAL F 838 3.83 26.31 57.14
N SER F 839 3.01 26.84 56.26
CA SER F 839 2.01 27.85 56.58
C SER F 839 0.64 27.18 56.67
N PRO F 840 -0.36 27.86 57.25
CA PRO F 840 -1.71 27.28 57.35
C PRO F 840 -2.19 26.51 56.13
N ASP F 841 -2.08 27.08 54.92
CA ASP F 841 -2.49 26.36 53.72
C ASP F 841 -1.32 26.08 52.79
N ALA F 842 -0.61 27.10 52.33
CA ALA F 842 0.56 26.90 51.48
C ALA F 842 1.78 26.66 52.37
N ASP F 843 2.97 26.70 51.79
CA ASP F 843 4.20 26.62 52.59
C ASP F 843 5.15 27.68 52.06
N SER F 844 5.26 28.79 52.81
CA SER F 844 6.06 29.92 52.38
C SER F 844 7.54 29.57 52.41
N LEU F 845 8.27 30.08 51.42
CA LEU F 845 9.70 29.87 51.36
C LEU F 845 10.40 30.82 52.32
N UNK G 1 48.04 0.96 -25.55
CA UNK G 1 47.14 0.59 -26.64
C UNK G 1 45.70 0.55 -26.18
N UNK G 2 45.39 -0.38 -25.28
CA UNK G 2 44.03 -0.57 -24.81
C UNK G 2 43.77 0.27 -23.56
N UNK G 3 42.52 0.67 -23.39
CA UNK G 3 42.04 1.39 -22.23
C UNK G 3 41.00 0.55 -21.51
N UNK G 4 40.34 1.13 -20.52
CA UNK G 4 39.29 0.44 -19.79
C UNK G 4 37.89 0.94 -20.13
N UNK G 5 37.71 2.25 -20.29
CA UNK G 5 36.46 2.84 -20.74
C UNK G 5 35.30 2.45 -19.81
N UNK G 6 35.36 3.01 -18.60
CA UNK G 6 34.31 2.79 -17.62
C UNK G 6 32.93 3.09 -18.20
N UNK G 7 31.91 2.44 -17.67
CA UNK G 7 30.53 2.61 -18.11
C UNK G 7 29.61 2.82 -16.91
N UNK G 8 28.52 3.55 -17.14
CA UNK G 8 27.56 3.90 -16.10
C UNK G 8 26.22 3.23 -16.37
N UNK G 9 25.61 2.69 -15.31
CA UNK G 9 24.38 1.92 -15.44
C UNK G 9 23.38 2.37 -14.40
N UNK G 10 22.17 2.73 -14.85
CA UNK G 10 21.14 3.27 -13.98
C UNK G 10 20.42 2.16 -13.23
N UNK G 11 19.79 2.53 -12.11
CA UNK G 11 19.12 1.56 -11.24
C UNK G 11 17.82 2.15 -10.71
N UNK G 12 16.82 1.28 -10.57
CA UNK G 12 15.51 1.68 -10.08
C UNK G 12 15.10 0.73 -8.95
N UNK G 13 13.89 0.89 -8.44
CA UNK G 13 13.41 0.09 -7.32
C UNK G 13 11.89 0.02 -7.38
N UNK G 14 11.31 -0.62 -6.36
CA UNK G 14 9.88 -0.80 -6.26
C UNK G 14 9.43 -0.69 -4.82
N UNK G 15 8.27 -0.08 -4.62
CA UNK G 15 7.69 0.13 -3.29
C UNK G 15 6.29 -0.44 -3.29
N UNK G 16 5.98 -1.23 -2.27
CA UNK G 16 4.65 -1.80 -2.14
C UNK G 16 3.65 -0.73 -1.73
N UNK G 17 2.42 -1.14 -1.48
CA UNK G 17 1.37 -0.22 -1.09
C UNK G 17 0.24 -0.99 -0.44
N UNK G 18 0.07 -0.83 0.85
CA UNK G 18 -0.92 -1.60 1.59
C UNK G 18 -2.33 -1.11 1.29
N UNK G 19 -3.31 -1.71 1.97
CA UNK G 19 -4.71 -1.32 1.86
C UNK G 19 -5.31 -1.28 3.25
N UNK G 20 -6.54 -0.78 3.36
CA UNK G 20 -7.05 -0.45 4.70
C UNK G 20 -8.14 -1.40 5.19
N UNK G 21 -9.09 -1.81 4.34
CA UNK G 21 -10.04 -2.87 4.67
C UNK G 21 -10.87 -2.54 5.92
N UNK G 22 -11.77 -1.57 5.77
CA UNK G 22 -12.68 -1.22 6.85
C UNK G 22 -13.55 -2.42 7.24
N UNK G 23 -14.25 -2.29 8.37
CA UNK G 23 -15.07 -3.36 8.92
C UNK G 23 -16.36 -2.78 9.49
N UNK G 24 -17.46 -3.54 9.33
CA UNK G 24 -18.79 -2.96 9.52
C UNK G 24 -19.19 -2.82 10.98
N UNK G 25 -18.72 -3.70 11.86
CA UNK G 25 -18.88 -3.53 13.32
C UNK G 25 -20.34 -3.47 13.74
N UNK G 26 -21.03 -4.58 13.56
CA UNK G 26 -22.41 -4.70 14.02
C UNK G 26 -22.82 -6.15 14.23
#